data_6W6E
#
_entry.id   6W6E
#
loop_
_entity.id
_entity.type
_entity.pdbx_description
1 polymer 'Chaperone protein ClpB'
2 polymer 'Chaperone protein DnaK'
3 polymer Substrate
4 non-polymer 'PHOSPHOTHIOPHOSPHORIC ACID-ADENYLATE ESTER'
5 non-polymer "ADENOSINE-5'-DIPHOSPHATE"
#
loop_
_entity_poly.entity_id
_entity_poly.type
_entity_poly.pdbx_seq_one_letter_code
_entity_poly.pdbx_strand_id
1 'polypeptide(L)'
;MDSFNPTTKTQAALTAALQAASTAGNPEIRPAHLLMALLTQNDGIAAPLLEAVGVEPATVRAETQRLLDRLPQATGASTQ
PQLSRESLAAITTAQQLATELDDEYVSTEHVMVGLATGDSDVAKLLTGHGASPQALREAFVKVRGSARVTSPEPEATYQA
LQKYSTDLTARAREGKLDPVIGRDNEIRRVVQVLSRRTKNNPVLIGEPGVGKTAIVEGLAQRIVAGDVPESLRDKTIVAL
DLGSMVAGSKYRGEFEERLKAVLDDIKNSAGQIITFIDELHTIVGAGATGEGAMDAGNMIKPMLARGELRLVGATTLDEY
RKHIEKDAALERRFQQVYVGEPSVEDTIGILRGLKDRYEVHHGVRITDSALVAAATLSDRYITARFLPDKAIDLVDEAAS
RLRMEIDSRPVEIDEVERLVRRLEIEEMALSKEEDEASAERLAKLRSELADQKEKLAELTTRWQNEKNAIEIVRDLKEQL
EALRGESERAERDGDLAKAAELRYGRIPEVEKKLDAALPQAQAREQVMLKEEVGPDDIADVVSAWTGIPAGRLLEGETAK
LLRMEDELGKRVIGQKAAVTAVSDAVRRSRAGVSDPNRPTGAFMFLGPTGVGKTELAKALADFLFDDERAMVRIDMSEYG
EKHTVARLIGAPPGYVGYEAGGQLTEAVRRRPYTVVLFDEIEKAHPDVFDVLLQVLDEGRLTDGHGRTVDFRNTILILTS
NLGSGGSAEQVLAAVRATFKPEFINRLDDVLIFEGLNPEELVRIVDIQLAQLGKRLAQRRLQLQVSLPAKRWLAQRGFDP
VYGARPLRRLVQQAIGDQLAKMLLAGQVHDGDTVPVNVSPDADSLILG
;
A,B,C,D,E,F
2 'polypeptide(L)'
;MARAVGIDLGTTNSVVSVLEGGDPVVVANSEGSRTTPSIVAFARNGEVLVGQPAKNQAVTNVDRTVRSVKRHMGSDWSIE
IDGKKYTAPEISARILMKLKRDAEAYLGEDITDAVITTPAYFNDAQRQATKDAGQIAGLNVLRIVNEPTAAALAYGLDKG
EKEQRILVFDLGGGTFDVSLLEIGEGVVEVRATSGDNHLGGDDWDQRVVDWLVDKFKGTSGIDLTKDKMAMQRLREAAEK
AKIELSSSQSTSINLPYITVDADKNPLFLDEQLTRAEFQRITQDLLDRTRKPFQSVIADTGISVSEIDHVVLVGGSTRMP
AVTDLVKELTGGKEPNKGVNPDEVVAVGAALQAGVLKGEVKDVLLLDVTPLSLGIETKGGVMTRLIERNTTIPTKRSETF
TTADDNQPSVQIQVYQGEREIAAHNKLLGSFELTGIPPAPRGIPQIEVTFDIDANGIVHVTAKDKGTGKENTIRIQEGSG
LSKEDIDRMIKDAEAHAEEDRKRREEADVRNQAETLVYQTEKFVKEQREAEGGSKVPEDTLNKVDAAVAEAKAALGGSDI
SAIKSAMEKLGQESQALGQAIYEAAQAASQATGAAHPGGEPGGAHPGSADDVVDAEVVDDGREAK
;
I
3 'polypeptide(L)'
;(UNK)(UNK)(UNK)(UNK)(UNK)(UNK)(UNK)(UNK)(UNK)(UNK)(UNK)(UNK)(UNK)(UNK)(UNK)(UNK)
(UNK)(UNK)(UNK)(UNK)(UNK)(UNK)(UNK)(UNK)(UNK)(UNK)(UNK)(UNK)(UNK)(UNK)(UNK)(UNK)
(UNK)
;
N
#
loop_
_chem_comp.id
_chem_comp.type
_chem_comp.name
_chem_comp.formula
ADP non-polymer ADENOSINE-5'-DIPHOSPHATE 'C10 H15 N5 O10 P2'
AGS non-polymer 'PHOSPHOTHIOPHOSPHORIC ACID-ADENYLATE ESTER' 'C10 H16 N5 O12 P3 S'
#
# COMPACT_ATOMS: atom_id res chain seq x y z
N GLN A 159 50.63 -4.53 12.19
CA GLN A 159 50.70 -3.20 11.61
C GLN A 159 49.45 -2.88 10.81
N ALA A 160 48.79 -3.93 10.32
CA ALA A 160 47.57 -3.75 9.54
C ALA A 160 46.49 -3.05 10.35
N LEU A 161 46.41 -3.33 11.65
CA LEU A 161 45.39 -2.69 12.49
C LEU A 161 45.58 -1.18 12.51
N GLN A 162 46.78 -0.72 12.88
CA GLN A 162 47.04 0.72 12.90
C GLN A 162 47.03 1.29 11.49
N LYS A 163 47.12 0.44 10.46
CA LYS A 163 47.06 0.92 9.09
C LYS A 163 45.62 1.24 8.69
N TYR A 164 44.74 0.25 8.74
CA TYR A 164 43.38 0.41 8.24
C TYR A 164 42.42 0.86 9.35
N SER A 165 42.35 0.12 10.44
CA SER A 165 41.42 0.44 11.51
C SER A 165 41.91 1.66 12.29
N THR A 166 41.11 2.05 13.29
CA THR A 166 41.40 3.19 14.12
C THR A 166 41.08 2.87 15.57
N ASP A 167 41.98 3.26 16.46
CA ASP A 167 41.81 2.99 17.89
C ASP A 167 40.60 3.76 18.43
N LEU A 168 40.11 3.30 19.57
CA LEU A 168 39.06 3.99 20.32
C LEU A 168 39.52 4.40 21.71
N THR A 169 40.22 3.53 22.43
CA THR A 169 40.72 3.90 23.74
C THR A 169 41.76 5.01 23.63
N ALA A 170 42.53 5.04 22.54
CA ALA A 170 43.48 6.11 22.35
C ALA A 170 42.77 7.46 22.25
N ARG A 171 41.65 7.50 21.52
CA ARG A 171 40.86 8.73 21.48
C ARG A 171 40.25 9.02 22.84
N ALA A 172 39.88 7.98 23.58
CA ALA A 172 39.34 8.18 24.92
C ALA A 172 40.37 8.81 25.85
N ARG A 173 41.66 8.50 25.65
CA ARG A 173 42.70 9.05 26.51
C ARG A 173 42.83 10.55 26.34
N GLU A 174 42.54 11.07 25.15
CA GLU A 174 42.58 12.49 24.89
C GLU A 174 41.27 13.19 25.25
N GLY A 175 40.35 12.47 25.88
CA GLY A 175 39.07 13.06 26.24
C GLY A 175 38.27 13.58 25.06
N LYS A 176 38.38 12.93 23.91
CA LYS A 176 37.68 13.38 22.72
C LYS A 176 36.27 12.82 22.59
N LEU A 177 35.82 12.06 23.57
CA LEU A 177 34.47 11.51 23.57
C LEU A 177 33.58 12.33 24.49
N ASP A 178 32.29 12.09 24.39
CA ASP A 178 31.34 12.87 25.15
C ASP A 178 30.89 12.11 26.39
N PRO A 179 30.43 12.82 27.42
CA PRO A 179 29.91 12.14 28.62
C PRO A 179 28.77 11.19 28.28
N VAL A 180 28.64 10.14 29.08
CA VAL A 180 27.81 8.99 28.76
C VAL A 180 26.80 8.79 29.89
N ILE A 181 26.26 9.89 30.42
CA ILE A 181 25.36 9.87 31.57
C ILE A 181 24.29 8.80 31.42
N GLY A 182 24.14 7.97 32.45
CA GLY A 182 23.12 6.94 32.45
C GLY A 182 23.54 5.69 31.72
N ARG A 183 22.56 4.84 31.47
CA ARG A 183 22.75 3.60 30.72
C ARG A 183 23.77 2.68 31.39
N ASP A 184 23.59 2.49 32.71
CA ASP A 184 24.46 1.57 33.43
C ASP A 184 24.04 0.12 33.27
N ASN A 185 22.73 -0.14 33.24
CA ASN A 185 22.24 -1.50 33.07
C ASN A 185 22.75 -2.11 31.77
N GLU A 186 22.73 -1.33 30.69
CA GLU A 186 23.13 -1.86 29.40
C GLU A 186 24.62 -2.14 29.33
N ILE A 187 25.44 -1.27 29.93
CA ILE A 187 26.88 -1.55 29.96
C ILE A 187 27.16 -2.78 30.82
N ARG A 188 26.44 -2.91 31.93
CA ARG A 188 26.57 -4.11 32.75
C ARG A 188 26.28 -5.36 31.94
N ARG A 189 25.16 -5.37 31.21
CA ARG A 189 24.82 -6.51 30.39
C ARG A 189 25.87 -6.76 29.32
N VAL A 190 26.37 -5.69 28.69
CA VAL A 190 27.35 -5.85 27.63
C VAL A 190 28.63 -6.47 28.16
N VAL A 191 29.06 -6.05 29.36
CA VAL A 191 30.26 -6.62 29.94
C VAL A 191 30.04 -8.09 30.30
N GLN A 192 28.94 -8.38 31.00
CA GLN A 192 28.68 -9.75 31.42
C GLN A 192 28.48 -10.68 30.23
N VAL A 193 28.16 -10.14 29.05
CA VAL A 193 28.12 -10.98 27.85
C VAL A 193 29.50 -11.07 27.21
N LEU A 194 30.26 -9.99 27.24
CA LEU A 194 31.54 -9.96 26.55
C LEU A 194 32.57 -10.85 27.22
N SER A 195 32.60 -10.87 28.56
CA SER A 195 33.60 -11.63 29.29
C SER A 195 33.16 -13.07 29.55
N ARG A 196 32.22 -13.56 28.75
CA ARG A 196 31.78 -14.93 28.86
C ARG A 196 32.83 -15.87 28.24
N ARG A 197 32.54 -17.16 28.27
CA ARG A 197 33.43 -18.12 27.64
C ARG A 197 33.06 -18.34 26.17
N THR A 198 31.81 -18.71 25.91
CA THR A 198 31.32 -18.94 24.56
C THR A 198 30.32 -17.86 24.19
N LYS A 199 30.12 -17.70 22.87
CA LYS A 199 29.21 -16.70 22.33
C LYS A 199 29.55 -15.31 22.87
N ASN A 200 30.84 -15.02 22.97
CA ASN A 200 31.30 -13.72 23.47
C ASN A 200 31.23 -12.66 22.37
N ASN A 201 30.04 -12.46 21.81
CA ASN A 201 29.82 -11.50 20.74
C ASN A 201 28.49 -10.81 20.98
N PRO A 202 28.52 -9.58 21.47
CA PRO A 202 27.28 -8.82 21.64
C PRO A 202 26.97 -7.98 20.42
N VAL A 203 25.68 -7.89 20.10
CA VAL A 203 25.19 -7.04 19.03
C VAL A 203 24.07 -6.18 19.57
N LEU A 204 24.19 -4.87 19.40
CA LEU A 204 23.25 -3.93 19.96
C LEU A 204 22.13 -3.69 18.96
N ILE A 205 20.89 -3.80 19.42
CA ILE A 205 19.72 -3.70 18.57
C ILE A 205 18.81 -2.63 19.15
N GLY A 206 18.48 -1.63 18.33
CA GLY A 206 17.60 -0.58 18.77
C GLY A 206 17.27 0.35 17.63
N GLU A 207 16.21 1.12 17.82
CA GLU A 207 15.76 2.04 16.79
C GLU A 207 16.78 3.15 16.58
N PRO A 208 16.74 3.82 15.44
CA PRO A 208 17.76 4.83 15.16
C PRO A 208 17.56 6.09 15.99
N GLY A 209 18.57 6.40 16.80
CA GLY A 209 18.53 7.57 17.65
C GLY A 209 18.46 7.27 19.13
N VAL A 210 18.16 6.04 19.51
CA VAL A 210 18.11 5.67 20.92
C VAL A 210 19.45 5.79 21.60
N GLY A 211 20.54 5.63 20.86
CA GLY A 211 21.86 5.60 21.46
C GLY A 211 22.40 4.19 21.47
N LYS A 212 23.23 3.87 20.51
CA LYS A 212 23.83 2.55 20.39
C LYS A 212 25.33 2.61 20.21
N THR A 213 25.84 3.68 19.61
CA THR A 213 27.28 3.91 19.63
C THR A 213 27.70 4.57 20.94
N ALA A 214 26.79 5.33 21.56
CA ALA A 214 27.10 6.00 22.81
C ALA A 214 27.43 4.99 23.90
N ILE A 215 26.77 3.83 23.89
CA ILE A 215 27.04 2.83 24.91
C ILE A 215 28.45 2.27 24.75
N VAL A 216 28.90 2.08 23.51
CA VAL A 216 30.25 1.56 23.30
C VAL A 216 31.28 2.62 23.66
N GLU A 217 31.00 3.89 23.35
CA GLU A 217 31.89 4.95 23.82
C GLU A 217 31.96 4.97 25.34
N GLY A 218 30.82 4.72 25.99
CA GLY A 218 30.82 4.67 27.44
C GLY A 218 31.65 3.52 27.99
N LEU A 219 31.57 2.36 27.33
CA LEU A 219 32.41 1.23 27.75
C LEU A 219 33.88 1.55 27.58
N ALA A 220 34.24 2.22 26.49
CA ALA A 220 35.63 2.63 26.30
C ALA A 220 36.06 3.60 27.40
N GLN A 221 35.20 4.56 27.74
CA GLN A 221 35.51 5.47 28.84
C GLN A 221 35.69 4.72 30.14
N ARG A 222 34.83 3.73 30.39
CA ARG A 222 34.90 2.97 31.64
C ARG A 222 36.21 2.19 31.71
N ILE A 223 36.65 1.63 30.58
CA ILE A 223 37.93 0.92 30.57
C ILE A 223 39.08 1.87 30.83
N VAL A 224 39.12 3.00 30.11
CA VAL A 224 40.26 3.91 30.25
C VAL A 224 40.27 4.50 31.65
N ALA A 225 39.11 4.59 32.30
CA ALA A 225 39.08 5.08 33.67
C ALA A 225 39.48 4.00 34.67
N GLY A 226 39.14 2.74 34.42
CA GLY A 226 39.45 1.67 35.34
C GLY A 226 38.33 1.35 36.30
N ASP A 227 37.12 1.15 35.78
CA ASP A 227 35.96 0.78 36.57
C ASP A 227 35.32 -0.50 36.05
N VAL A 228 36.12 -1.34 35.40
CA VAL A 228 35.62 -2.55 34.77
C VAL A 228 36.02 -3.74 35.61
N PRO A 229 35.33 -4.87 35.46
CA PRO A 229 35.74 -6.09 36.18
C PRO A 229 37.13 -6.58 35.78
N GLU A 230 37.57 -7.67 36.39
CA GLU A 230 38.98 -8.05 36.37
C GLU A 230 39.50 -8.19 34.94
N SER A 231 38.92 -9.11 34.18
CA SER A 231 39.47 -9.44 32.89
C SER A 231 39.02 -8.48 31.80
N LEU A 232 39.14 -7.17 32.05
CA LEU A 232 38.90 -6.18 31.01
C LEU A 232 39.85 -4.99 31.13
N ARG A 233 41.05 -5.21 31.64
CA ARG A 233 41.99 -4.12 31.87
C ARG A 233 42.91 -3.94 30.67
N ASP A 234 43.00 -2.70 30.17
CA ASP A 234 43.93 -2.31 29.12
C ASP A 234 43.72 -3.16 27.86
N LYS A 235 42.55 -2.98 27.26
CA LYS A 235 42.13 -3.79 26.13
C LYS A 235 42.31 -3.12 24.77
N THR A 236 42.20 -1.79 24.70
CA THR A 236 42.39 -1.04 23.46
C THR A 236 41.41 -1.49 22.37
N ILE A 237 40.12 -1.21 22.65
CA ILE A 237 39.06 -1.49 21.69
C ILE A 237 39.36 -0.81 20.36
N VAL A 238 39.13 -1.53 19.26
CA VAL A 238 39.40 -1.03 17.92
C VAL A 238 38.11 -1.10 17.11
N ALA A 239 37.91 -0.11 16.25
CA ALA A 239 36.73 -0.03 15.39
C ALA A 239 37.15 -0.19 13.95
N LEU A 240 36.71 -1.27 13.32
CA LEU A 240 37.09 -1.58 11.95
C LEU A 240 36.54 -0.53 10.99
N ASP A 241 37.06 -0.55 9.76
CA ASP A 241 36.57 0.32 8.70
C ASP A 241 36.73 -0.44 7.38
N LEU A 242 35.69 -1.16 6.99
CA LEU A 242 35.74 -1.88 5.72
C LEU A 242 35.70 -0.93 4.55
N GLY A 243 35.05 0.23 4.71
CA GLY A 243 35.07 1.23 3.65
C GLY A 243 36.48 1.62 3.26
N SER A 244 37.39 1.68 4.25
CA SER A 244 38.79 1.92 3.95
C SER A 244 39.52 0.64 3.60
N MET A 245 39.04 -0.51 4.08
CA MET A 245 39.72 -1.76 3.76
C MET A 245 39.61 -2.09 2.27
N VAL A 246 38.41 -2.12 1.73
CA VAL A 246 38.19 -2.46 0.32
C VAL A 246 38.19 -1.15 -0.46
N ALA A 247 39.36 -0.76 -0.92
CA ALA A 247 39.52 0.45 -1.73
C ALA A 247 40.83 0.40 -2.49
N GLY A 248 40.77 0.48 -3.81
CA GLY A 248 41.97 0.30 -4.60
C GLY A 248 42.51 -1.12 -4.62
N SER A 249 41.83 -2.06 -3.97
CA SER A 249 42.24 -3.46 -4.00
C SER A 249 41.70 -4.14 -5.26
N LYS A 250 42.11 -3.60 -6.40
CA LYS A 250 41.52 -3.93 -7.68
C LYS A 250 42.14 -5.15 -8.33
N TYR A 251 42.69 -6.08 -7.56
CA TYR A 251 43.19 -7.34 -8.08
C TYR A 251 42.46 -8.51 -7.42
N ARG A 252 42.79 -9.71 -7.87
CA ARG A 252 42.04 -10.89 -7.46
C ARG A 252 42.27 -11.26 -6.01
N GLY A 253 43.47 -11.05 -5.49
CA GLY A 253 43.82 -11.58 -4.18
C GLY A 253 44.27 -10.55 -3.18
N GLU A 254 43.59 -9.40 -3.14
CA GLU A 254 44.00 -8.33 -2.24
C GLU A 254 43.06 -8.15 -1.05
N PHE A 255 41.75 -8.11 -1.29
CA PHE A 255 40.81 -7.82 -0.22
C PHE A 255 40.82 -8.92 0.84
N GLU A 256 40.62 -10.16 0.40
CA GLU A 256 40.63 -11.27 1.35
C GLU A 256 41.99 -11.40 2.03
N GLU A 257 43.06 -11.06 1.32
CA GLU A 257 44.39 -11.09 1.95
C GLU A 257 44.48 -10.06 3.07
N ARG A 258 43.97 -8.86 2.84
CA ARG A 258 43.98 -7.85 3.88
C ARG A 258 43.12 -8.28 5.07
N LEU A 259 41.98 -8.90 4.80
CA LEU A 259 41.14 -9.38 5.89
C LEU A 259 41.86 -10.46 6.69
N LYS A 260 42.57 -11.36 6.00
CA LYS A 260 43.36 -12.38 6.69
C LYS A 260 44.44 -11.74 7.55
N ALA A 261 45.10 -10.71 7.02
CA ALA A 261 46.13 -10.02 7.79
C ALA A 261 45.56 -9.41 9.06
N VAL A 262 44.43 -8.72 8.95
CA VAL A 262 43.81 -8.13 10.13
C VAL A 262 43.42 -9.21 11.12
N LEU A 263 42.83 -10.30 10.64
CA LEU A 263 42.39 -11.36 11.55
C LEU A 263 43.58 -12.01 12.25
N ASP A 264 44.71 -12.14 11.56
CA ASP A 264 45.88 -12.74 12.19
C ASP A 264 46.50 -11.80 13.21
N ASP A 265 46.59 -10.52 12.87
CA ASP A 265 47.10 -9.55 13.85
C ASP A 265 46.21 -9.51 15.08
N ILE A 266 44.92 -9.76 14.93
CA ILE A 266 44.06 -9.87 16.10
C ILE A 266 44.31 -11.18 16.82
N LYS A 267 44.55 -12.26 16.08
CA LYS A 267 44.83 -13.55 16.70
C LYS A 267 46.05 -13.47 17.60
N ASN A 268 47.08 -12.73 17.19
CA ASN A 268 48.32 -12.67 17.96
C ASN A 268 48.06 -12.24 19.39
N SER A 269 47.51 -11.03 19.57
CA SER A 269 47.11 -10.59 20.89
C SER A 269 46.01 -11.49 21.42
N ALA A 270 46.30 -12.19 22.52
CA ALA A 270 45.44 -13.26 23.01
C ALA A 270 44.05 -12.75 23.37
N GLY A 271 43.95 -11.89 24.37
CA GLY A 271 42.65 -11.43 24.82
C GLY A 271 42.60 -9.94 25.07
N GLN A 272 43.54 -9.20 24.49
CA GLN A 272 43.55 -7.76 24.67
C GLN A 272 42.58 -7.07 23.72
N ILE A 273 42.73 -7.32 22.42
CA ILE A 273 41.94 -6.58 21.43
C ILE A 273 40.47 -7.00 21.51
N ILE A 274 39.60 -6.00 21.60
CA ILE A 274 38.15 -6.20 21.59
C ILE A 274 37.64 -5.50 20.34
N THR A 275 37.54 -6.25 19.24
CA THR A 275 37.13 -5.64 17.98
C THR A 275 35.70 -5.11 18.07
N PHE A 276 35.44 -4.04 17.33
CA PHE A 276 34.14 -3.38 17.34
C PHE A 276 33.83 -2.96 15.92
N ILE A 277 32.61 -3.24 15.47
CA ILE A 277 32.16 -2.91 14.13
C ILE A 277 30.84 -2.18 14.24
N ASP A 278 30.81 -0.91 13.84
CA ASP A 278 29.58 -0.15 13.75
C ASP A 278 28.92 -0.44 12.41
N GLU A 279 27.59 -0.41 12.40
CA GLU A 279 26.80 -0.82 11.24
C GLU A 279 27.22 -2.21 10.77
N LEU A 280 26.96 -3.18 11.65
CA LEU A 280 27.44 -4.54 11.43
C LEU A 280 26.91 -5.13 10.14
N HIS A 281 25.73 -4.67 9.69
CA HIS A 281 25.12 -5.25 8.50
C HIS A 281 25.96 -5.08 7.25
N THR A 282 27.00 -4.26 7.29
CA THR A 282 27.82 -4.09 6.10
C THR A 282 28.69 -5.28 5.80
N ILE A 283 28.80 -6.28 6.68
CA ILE A 283 29.67 -7.41 6.43
C ILE A 283 28.95 -8.58 5.77
N VAL A 284 27.68 -8.41 5.40
CA VAL A 284 26.98 -9.51 4.76
C VAL A 284 27.46 -9.71 3.33
N GLY A 285 27.97 -8.67 2.69
CA GLY A 285 28.49 -8.78 1.34
C GLY A 285 29.97 -8.47 1.26
N ALA A 286 30.32 -7.33 0.68
CA ALA A 286 31.69 -6.83 0.60
C ALA A 286 32.59 -7.76 -0.22
N GLY A 287 32.01 -8.74 -0.89
CA GLY A 287 32.82 -9.75 -1.57
C GLY A 287 33.25 -9.39 -2.97
N ALA A 288 32.30 -9.19 -3.88
CA ALA A 288 32.62 -8.94 -5.28
C ALA A 288 31.42 -8.41 -6.04
N ALA A 296 33.20 -13.37 -0.46
CA ALA A 296 33.98 -13.00 0.71
C ALA A 296 33.08 -12.50 1.82
N GLY A 297 33.67 -11.82 2.80
CA GLY A 297 32.94 -11.46 4.00
C GLY A 297 32.48 -12.63 4.84
N ASN A 298 32.83 -13.85 4.43
CA ASN A 298 32.46 -15.06 5.15
C ASN A 298 33.61 -15.63 5.97
N MET A 299 34.74 -14.93 6.04
CA MET A 299 35.85 -15.40 6.86
C MET A 299 35.66 -14.94 8.30
N ILE A 300 34.48 -15.16 8.87
CA ILE A 300 34.19 -14.79 10.25
C ILE A 300 33.60 -16.00 10.97
N LYS A 301 32.97 -16.88 10.20
CA LYS A 301 32.45 -18.12 10.78
C LYS A 301 33.53 -19.01 11.36
N PRO A 302 34.69 -19.22 10.71
CA PRO A 302 35.73 -20.04 11.37
C PRO A 302 36.20 -19.45 12.68
N MET A 303 36.47 -18.14 12.72
CA MET A 303 36.98 -17.53 13.95
C MET A 303 35.93 -17.55 15.04
N LEU A 304 34.66 -17.31 14.69
CA LEU A 304 33.62 -17.36 15.71
C LEU A 304 33.31 -18.80 16.11
N ALA A 305 33.73 -19.78 15.31
CA ALA A 305 33.55 -21.17 15.69
C ALA A 305 34.51 -21.60 16.79
N ARG A 306 35.41 -20.72 17.21
CA ARG A 306 36.35 -21.00 18.29
C ARG A 306 36.26 -19.99 19.42
N GLY A 307 35.41 -18.97 19.29
CA GLY A 307 35.37 -17.90 20.27
C GLY A 307 36.66 -17.11 20.29
N GLU A 308 37.24 -16.89 19.12
CA GLU A 308 38.55 -16.24 19.04
C GLU A 308 38.42 -14.74 18.85
N LEU A 309 37.21 -14.24 18.60
CA LEU A 309 36.96 -12.82 18.45
C LEU A 309 35.94 -12.34 19.47
N ARG A 310 35.76 -11.02 19.54
CA ARG A 310 34.72 -10.45 20.37
C ARG A 310 33.67 -9.72 19.54
N LEU A 311 34.09 -8.74 18.75
CA LEU A 311 33.32 -8.19 17.65
C LEU A 311 31.94 -7.70 18.12
N VAL A 312 31.95 -6.66 18.95
CA VAL A 312 30.71 -6.01 19.35
C VAL A 312 30.21 -5.15 18.20
N GLY A 313 28.89 -5.17 17.97
CA GLY A 313 28.32 -4.50 16.83
C GLY A 313 27.04 -3.77 17.17
N ALA A 314 26.68 -2.82 16.31
CA ALA A 314 25.49 -2.02 16.51
C ALA A 314 24.80 -1.75 15.19
N THR A 315 23.55 -2.20 15.07
CA THR A 315 22.73 -1.94 13.89
C THR A 315 21.36 -1.49 14.36
N THR A 316 20.55 -1.02 13.41
CA THR A 316 19.17 -0.68 13.68
C THR A 316 18.33 -1.95 13.80
N LEU A 317 17.04 -1.77 14.07
CA LEU A 317 16.21 -2.91 14.37
C LEU A 317 15.82 -3.70 13.12
N ASP A 318 15.34 -3.02 12.09
CA ASP A 318 14.87 -3.69 10.89
C ASP A 318 15.98 -4.21 9.99
N GLU A 319 17.11 -3.51 9.89
CA GLU A 319 18.22 -4.02 9.11
C GLU A 319 18.72 -5.35 9.65
N TYR A 320 18.51 -5.62 10.93
CA TYR A 320 18.84 -6.92 11.48
C TYR A 320 18.12 -8.03 10.74
N ARG A 321 16.79 -8.03 10.80
CA ARG A 321 16.02 -9.05 10.10
C ARG A 321 16.04 -8.87 8.59
N LYS A 322 16.60 -7.78 8.09
CA LYS A 322 16.67 -7.59 6.65
C LYS A 322 17.98 -8.09 6.04
N HIS A 323 19.05 -8.18 6.83
CA HIS A 323 20.34 -8.57 6.27
C HIS A 323 21.05 -9.68 7.03
N ILE A 324 20.62 -10.04 8.24
CA ILE A 324 21.29 -11.03 9.05
C ILE A 324 20.41 -12.26 9.27
N GLU A 325 19.16 -12.05 9.68
CA GLU A 325 18.24 -13.17 9.88
C GLU A 325 18.06 -13.98 8.61
N LYS A 326 18.24 -13.36 7.44
CA LYS A 326 18.24 -14.06 6.16
C LYS A 326 19.40 -15.05 6.04
N ASP A 327 20.35 -15.01 6.95
CA ASP A 327 21.55 -15.84 6.97
C ASP A 327 21.68 -16.54 8.32
N ALA A 328 20.61 -17.22 8.73
CA ALA A 328 20.42 -17.70 10.09
C ALA A 328 21.61 -18.44 10.68
N ALA A 329 22.57 -18.84 9.85
CA ALA A 329 23.79 -19.41 10.38
C ALA A 329 24.53 -18.42 11.27
N LEU A 330 24.73 -17.18 10.79
CA LEU A 330 25.46 -16.19 11.57
C LEU A 330 24.70 -15.79 12.82
N GLU A 331 23.40 -15.49 12.69
CA GLU A 331 22.61 -15.02 13.82
C GLU A 331 22.68 -15.98 15.01
N ARG A 332 22.99 -17.25 14.77
CA ARG A 332 23.23 -18.16 15.88
C ARG A 332 24.43 -17.73 16.70
N ARG A 333 25.46 -17.19 16.03
CA ARG A 333 26.72 -16.87 16.69
C ARG A 333 26.73 -15.48 17.32
N PHE A 334 25.57 -14.85 17.51
CA PHE A 334 25.51 -13.52 18.10
C PHE A 334 24.56 -13.53 19.29
N GLN A 335 24.75 -12.58 20.18
CA GLN A 335 23.91 -12.41 21.36
C GLN A 335 23.29 -11.03 21.32
N GLN A 336 21.96 -10.98 21.34
CA GLN A 336 21.25 -9.73 21.12
C GLN A 336 21.13 -8.95 22.43
N VAL A 337 21.18 -7.62 22.30
CA VAL A 337 20.95 -6.71 23.41
C VAL A 337 19.98 -5.64 22.94
N TYR A 338 18.90 -5.44 23.68
CA TYR A 338 17.88 -4.47 23.32
C TYR A 338 18.14 -3.15 24.00
N VAL A 339 17.88 -2.06 23.29
CA VAL A 339 18.13 -0.70 23.80
C VAL A 339 16.87 0.10 23.53
N GLY A 340 16.01 0.22 24.53
CA GLY A 340 14.80 1.00 24.38
C GLY A 340 15.05 2.49 24.59
N GLU A 341 14.14 3.30 24.05
CA GLU A 341 14.30 4.74 24.14
C GLU A 341 14.12 5.21 25.58
N PRO A 342 14.90 6.19 26.01
CA PRO A 342 14.78 6.68 27.39
C PRO A 342 13.58 7.60 27.54
N SER A 343 13.04 7.62 28.75
CA SER A 343 11.88 8.43 29.05
C SER A 343 12.30 9.87 29.30
N VAL A 344 11.33 10.70 29.67
CA VAL A 344 11.56 12.14 29.75
C VAL A 344 12.55 12.50 30.85
N GLU A 345 12.47 11.81 31.99
CA GLU A 345 13.38 12.13 33.09
C GLU A 345 14.81 11.75 32.77
N ASP A 346 15.01 10.54 32.23
CA ASP A 346 16.35 10.16 31.79
C ASP A 346 16.87 11.12 30.73
N THR A 347 16.00 11.59 29.85
CA THR A 347 16.42 12.55 28.83
C THR A 347 16.86 13.87 29.47
N ILE A 348 16.09 14.35 30.45
CA ILE A 348 16.49 15.55 31.18
C ILE A 348 17.84 15.34 31.84
N GLY A 349 18.07 14.15 32.38
CA GLY A 349 19.37 13.88 32.99
C GLY A 349 20.51 13.96 31.99
N ILE A 350 20.34 13.31 30.83
CA ILE A 350 21.38 13.33 29.81
C ILE A 350 21.64 14.76 29.34
N LEU A 351 20.57 15.55 29.21
CA LEU A 351 20.74 16.94 28.78
C LEU A 351 21.49 17.74 29.83
N ARG A 352 21.14 17.58 31.11
CA ARG A 352 21.85 18.28 32.16
C ARG A 352 23.31 17.85 32.22
N GLY A 353 23.61 16.65 31.76
CA GLY A 353 25.00 16.22 31.69
C GLY A 353 25.76 16.82 30.53
N LEU A 354 25.09 16.95 29.38
CA LEU A 354 25.76 17.41 28.17
C LEU A 354 25.75 18.92 27.98
N LYS A 355 24.98 19.65 28.80
CA LYS A 355 24.86 21.11 28.61
C LYS A 355 26.21 21.81 28.48
N ASP A 356 27.22 21.34 29.21
CA ASP A 356 28.49 22.04 29.28
C ASP A 356 29.19 22.08 27.93
N ARG A 357 29.20 20.97 27.21
CA ARG A 357 29.93 20.93 25.94
C ARG A 357 29.39 21.97 24.96
N TYR A 358 28.07 22.12 24.90
CA TYR A 358 27.49 23.11 24.01
C TYR A 358 27.69 24.52 24.54
N GLU A 359 27.62 24.71 25.86
CA GLU A 359 27.96 26.00 26.43
C GLU A 359 29.34 26.45 26.01
N VAL A 360 30.31 25.54 25.98
CA VAL A 360 31.68 25.90 25.63
C VAL A 360 31.87 26.03 24.12
N HIS A 361 31.20 25.19 23.33
CA HIS A 361 31.34 25.33 21.88
C HIS A 361 30.76 26.65 21.40
N HIS A 362 29.52 26.95 21.79
CA HIS A 362 28.94 28.24 21.49
C HIS A 362 29.46 29.27 22.49
N GLY A 363 28.88 30.46 22.49
CA GLY A 363 29.34 31.49 23.39
C GLY A 363 28.25 32.05 24.29
N VAL A 364 27.39 31.19 24.81
CA VAL A 364 26.25 31.66 25.59
C VAL A 364 25.96 30.72 26.75
N ARG A 365 25.18 31.19 27.72
CA ARG A 365 24.72 30.39 28.84
C ARG A 365 23.45 29.64 28.46
N ILE A 366 23.13 28.60 29.23
CA ILE A 366 21.94 27.80 29.01
C ILE A 366 21.29 27.54 30.37
N THR A 367 20.05 27.98 30.53
CA THR A 367 19.34 27.77 31.79
C THR A 367 18.91 26.31 31.91
N ASP A 368 18.19 26.03 33.00
CA ASP A 368 17.69 24.69 33.24
C ASP A 368 16.22 24.52 32.89
N SER A 369 15.42 25.58 33.07
CA SER A 369 14.05 25.52 32.58
C SER A 369 14.01 25.28 31.08
N ALA A 370 15.03 25.78 30.37
CA ALA A 370 15.14 25.48 28.94
C ALA A 370 15.40 24.00 28.71
N LEU A 371 16.32 23.41 29.48
CA LEU A 371 16.59 21.99 29.34
C LEU A 371 15.40 21.13 29.74
N VAL A 372 14.47 21.68 30.51
CA VAL A 372 13.26 20.94 30.83
C VAL A 372 12.23 21.07 29.71
N ALA A 373 12.05 22.28 29.19
CA ALA A 373 11.09 22.49 28.13
C ALA A 373 11.50 21.77 26.85
N ALA A 374 12.79 21.75 26.55
CA ALA A 374 13.29 21.14 25.33
C ALA A 374 13.18 19.63 25.37
N ALA A 375 12.80 19.09 26.52
CA ALA A 375 12.51 17.67 26.64
C ALA A 375 11.03 17.37 26.73
N THR A 376 10.26 18.22 27.41
CA THR A 376 8.82 17.96 27.48
C THR A 376 8.08 18.34 26.20
N LEU A 377 8.64 19.22 25.37
CA LEU A 377 7.98 19.62 24.13
C LEU A 377 8.25 18.64 23.00
N SER A 378 9.52 18.37 22.74
CA SER A 378 10.01 17.55 21.64
C SER A 378 9.59 16.12 21.74
N ASP A 379 8.89 15.75 22.81
CA ASP A 379 8.17 14.49 22.87
C ASP A 379 6.74 14.63 22.43
N ARG A 380 6.15 15.81 22.61
CA ARG A 380 4.76 16.04 22.23
C ARG A 380 4.61 16.44 20.77
N TYR A 381 5.59 17.11 20.18
CA TYR A 381 5.44 17.66 18.84
C TYR A 381 6.13 16.87 17.76
N ILE A 382 7.42 16.55 17.92
CA ILE A 382 8.17 15.83 16.88
C ILE A 382 7.86 14.35 17.07
N THR A 383 6.84 13.89 16.37
CA THR A 383 6.46 12.47 16.47
C THR A 383 7.07 11.64 15.35
N ALA A 384 8.37 11.82 15.11
CA ALA A 384 9.04 11.01 14.09
C ALA A 384 10.42 10.52 14.50
N ARG A 385 10.99 11.00 15.60
CA ARG A 385 12.35 10.66 16.00
C ARG A 385 12.32 10.18 17.46
N PHE A 386 13.50 10.05 18.06
CA PHE A 386 13.61 9.50 19.40
C PHE A 386 14.39 10.44 20.31
N LEU A 387 14.19 10.26 21.62
CA LEU A 387 14.48 11.33 22.58
C LEU A 387 15.92 11.82 22.58
N PRO A 388 16.93 10.96 22.76
CA PRO A 388 18.29 11.49 23.05
C PRO A 388 18.84 12.44 22.00
N ASP A 389 18.23 12.51 20.81
CA ASP A 389 18.62 13.48 19.80
C ASP A 389 17.50 14.43 19.41
N LYS A 390 16.27 13.94 19.37
CA LYS A 390 15.14 14.83 19.12
C LYS A 390 15.00 15.89 20.20
N ALA A 391 15.71 15.73 21.32
CA ALA A 391 15.80 16.78 22.32
C ALA A 391 17.08 17.61 22.20
N ILE A 392 18.19 16.98 21.82
CA ILE A 392 19.45 17.71 21.69
C ILE A 392 19.40 18.73 20.56
N ASP A 393 18.75 18.37 19.45
CA ASP A 393 18.73 19.26 18.28
C ASP A 393 18.15 20.63 18.62
N LEU A 394 17.07 20.69 19.39
CA LEU A 394 16.47 21.96 19.73
C LEU A 394 17.46 22.87 20.44
N VAL A 395 18.13 22.34 21.46
CA VAL A 395 19.08 23.15 22.22
C VAL A 395 20.23 23.59 21.34
N ASP A 396 20.74 22.69 20.50
CA ASP A 396 21.89 23.03 19.68
C ASP A 396 21.53 23.99 18.56
N GLU A 397 20.25 24.12 18.23
CA GLU A 397 19.85 25.17 17.29
C GLU A 397 19.60 26.49 17.99
N ALA A 398 18.96 26.45 19.17
CA ALA A 398 18.70 27.68 19.91
C ALA A 398 20.01 28.36 20.30
N ALA A 399 21.02 27.58 20.66
CA ALA A 399 22.32 28.17 21.01
C ALA A 399 22.91 28.93 19.83
N SER A 400 22.88 28.33 18.63
CA SER A 400 23.44 29.00 17.47
C SER A 400 22.63 30.22 17.09
N ARG A 401 21.30 30.15 17.22
CA ARG A 401 20.49 31.33 16.97
C ARG A 401 20.85 32.45 17.92
N LEU A 402 21.05 32.13 19.20
CA LEU A 402 21.38 33.16 20.16
C LEU A 402 22.75 33.76 19.91
N ARG A 403 23.70 32.93 19.47
CA ARG A 403 25.01 33.46 19.10
C ARG A 403 24.89 34.42 17.92
N MET A 404 24.12 34.03 16.90
CA MET A 404 23.93 34.91 15.75
C MET A 404 23.23 36.20 16.16
N GLU A 405 22.34 36.13 17.14
CA GLU A 405 21.68 37.34 17.63
C GLU A 405 22.67 38.23 18.38
N ILE A 406 23.50 37.63 19.23
CA ILE A 406 24.48 38.41 19.99
C ILE A 406 25.57 38.95 19.08
N ASP A 407 25.63 38.45 17.85
CA ASP A 407 26.35 39.09 16.76
C ASP A 407 25.54 40.27 16.23
N SER A 408 25.80 40.67 15.00
CA SER A 408 25.15 41.83 14.39
C SER A 408 23.64 41.77 14.53
N ARG A 409 22.97 42.90 14.30
CA ARG A 409 21.67 43.30 14.84
C ARG A 409 20.67 42.14 14.96
N PRO A 410 19.88 42.12 16.04
CA PRO A 410 19.05 40.95 16.33
C PRO A 410 17.97 40.73 15.29
N VAL A 411 17.34 39.57 15.41
CA VAL A 411 16.22 39.20 14.54
C VAL A 411 15.04 40.10 14.89
N GLU A 412 14.12 40.26 13.93
CA GLU A 412 12.95 41.15 13.88
C GLU A 412 13.34 42.59 13.58
N ILE A 413 14.63 42.89 13.46
CA ILE A 413 15.11 44.14 12.90
C ILE A 413 15.82 43.80 11.59
N ASP A 414 16.55 42.70 11.60
CA ASP A 414 17.28 42.21 10.45
C ASP A 414 16.36 41.76 9.32
N GLU A 415 15.05 41.75 9.53
CA GLU A 415 14.08 41.48 8.47
C GLU A 415 13.36 42.75 8.03
N VAL A 416 13.00 43.62 8.98
CA VAL A 416 12.34 44.86 8.61
C VAL A 416 13.29 45.75 7.80
N GLU A 417 14.56 45.79 8.16
CA GLU A 417 15.52 46.59 7.40
C GLU A 417 15.61 46.09 5.97
N ARG A 418 15.68 44.77 5.79
CA ARG A 418 15.82 44.20 4.46
C ARG A 418 14.55 44.35 3.64
N LEU A 419 13.38 44.35 4.27
CA LEU A 419 12.16 44.65 3.54
C LEU A 419 12.12 46.11 3.10
N VAL A 420 12.54 47.03 3.98
CA VAL A 420 12.53 48.45 3.62
C VAL A 420 13.48 48.72 2.47
N ARG A 421 14.69 48.16 2.51
CA ARG A 421 15.64 48.40 1.44
C ARG A 421 15.11 47.87 0.10
N ARG A 422 14.57 46.65 0.10
CA ARG A 422 14.02 46.09 -1.13
C ARG A 422 12.88 46.94 -1.68
N LEU A 423 11.99 47.41 -0.80
CA LEU A 423 10.91 48.27 -1.26
C LEU A 423 11.47 49.55 -1.89
N GLU A 424 12.52 50.11 -1.28
CA GLU A 424 13.13 51.30 -1.85
C GLU A 424 13.70 51.04 -3.24
N ILE A 425 14.39 49.91 -3.40
CA ILE A 425 14.93 49.56 -4.71
C ILE A 425 13.81 49.44 -5.74
N GLU A 426 12.76 48.70 -5.41
CA GLU A 426 11.66 48.48 -6.36
C GLU A 426 11.01 49.80 -6.74
N GLU A 427 10.78 50.68 -5.76
CA GLU A 427 10.15 51.96 -6.05
C GLU A 427 11.04 52.84 -6.91
N MET A 428 12.35 52.81 -6.67
CA MET A 428 13.29 53.66 -7.38
C MET A 428 13.25 53.43 -8.89
N ALA A 429 12.81 52.27 -9.35
CA ALA A 429 12.66 52.00 -10.77
C ALA A 429 11.21 51.91 -11.22
N LEU A 430 10.26 51.66 -10.31
CA LEU A 430 8.85 51.70 -10.68
C LEU A 430 8.38 53.13 -10.90
N SER A 431 9.00 54.11 -10.23
CA SER A 431 8.58 55.49 -10.38
C SER A 431 8.67 55.96 -11.83
N LYS A 432 9.77 55.65 -12.51
CA LYS A 432 9.99 56.10 -13.88
C LYS A 432 9.22 55.25 -14.89
N GLU A 433 7.90 55.21 -14.74
CA GLU A 433 7.02 54.44 -15.63
C GLU A 433 6.05 55.40 -16.29
N GLU A 434 5.90 55.26 -17.61
CA GLU A 434 5.04 56.13 -18.41
C GLU A 434 3.69 55.46 -18.68
N ASP A 435 2.96 55.18 -17.60
CA ASP A 435 1.69 54.47 -17.73
C ASP A 435 0.69 55.05 -16.74
N GLU A 436 -0.57 54.65 -16.90
CA GLU A 436 -1.62 54.99 -15.97
C GLU A 436 -1.99 53.85 -15.03
N ALA A 437 -1.97 52.62 -15.51
CA ALA A 437 -2.21 51.48 -14.61
C ALA A 437 -1.11 51.39 -13.56
N SER A 438 0.14 51.58 -13.98
CA SER A 438 1.27 51.60 -13.05
C SER A 438 1.26 52.82 -12.15
N ALA A 439 0.51 53.87 -12.50
CA ALA A 439 0.46 55.06 -11.66
C ALA A 439 -0.38 54.86 -10.42
N GLU A 440 -1.17 53.79 -10.35
CA GLU A 440 -1.94 53.52 -9.15
C GLU A 440 -1.28 52.50 -8.24
N ARG A 441 -0.59 51.50 -8.79
CA ARG A 441 0.19 50.59 -7.96
C ARG A 441 1.41 51.27 -7.35
N LEU A 442 1.85 52.39 -7.91
CA LEU A 442 2.91 53.19 -7.32
C LEU A 442 2.44 53.95 -6.09
N ALA A 443 1.14 54.18 -5.98
CA ALA A 443 0.58 54.92 -4.85
C ALA A 443 0.39 54.08 -3.63
N LYS A 444 0.66 52.77 -3.67
CA LYS A 444 0.54 51.92 -2.49
C LYS A 444 1.93 51.48 -2.04
N LEU A 445 2.83 51.32 -3.01
CA LEU A 445 4.22 51.00 -2.68
C LEU A 445 4.80 52.04 -1.73
N ARG A 446 4.67 53.32 -2.08
CA ARG A 446 5.19 54.39 -1.22
C ARG A 446 4.49 54.38 0.14
N SER A 447 3.18 54.15 0.15
CA SER A 447 2.43 54.12 1.41
C SER A 447 3.00 53.07 2.35
N GLU A 448 3.15 51.83 1.85
CA GLU A 448 3.66 50.77 2.71
C GLU A 448 5.12 51.00 3.09
N LEU A 449 5.91 51.55 2.16
CA LEU A 449 7.31 51.83 2.48
C LEU A 449 7.42 52.82 3.63
N ALA A 450 6.59 53.86 3.62
CA ALA A 450 6.61 54.82 4.72
C ALA A 450 6.07 54.21 6.01
N ASP A 451 4.97 53.46 5.91
CA ASP A 451 4.39 52.85 7.10
C ASP A 451 5.29 51.77 7.70
N GLN A 452 6.30 51.32 6.96
CA GLN A 452 7.28 50.42 7.56
C GLN A 452 8.56 51.13 7.98
N LYS A 453 8.91 52.24 7.32
CA LYS A 453 9.95 53.10 7.85
C LYS A 453 9.61 53.55 9.27
N GLU A 454 8.33 53.88 9.49
CA GLU A 454 7.90 54.29 10.83
C GLU A 454 8.17 53.19 11.85
N LYS A 455 7.84 51.95 11.50
CA LYS A 455 8.04 50.84 12.43
C LYS A 455 9.52 50.57 12.66
N LEU A 456 10.32 50.63 11.60
CA LEU A 456 11.76 50.47 11.76
C LEU A 456 12.32 51.51 12.71
N ALA A 457 11.90 52.76 12.57
CA ALA A 457 12.39 53.82 13.45
C ALA A 457 11.99 53.55 14.89
N GLU A 458 10.73 53.20 15.12
CA GLU A 458 10.27 52.92 16.48
C GLU A 458 11.06 51.76 17.10
N LEU A 459 11.27 50.71 16.32
CA LEU A 459 11.96 49.52 16.84
C LEU A 459 13.42 49.82 17.13
N THR A 460 14.05 50.58 16.21
CA THR A 460 15.50 50.93 16.34
C THR A 460 15.77 51.60 17.69
N THR A 461 15.02 52.67 18.01
CA THR A 461 15.20 53.41 19.29
C THR A 461 15.16 52.45 20.47
N ARG A 462 14.16 51.56 20.51
CA ARG A 462 14.00 50.59 21.63
C ARG A 462 15.31 49.85 21.90
N TRP A 463 15.79 49.08 20.93
CA TRP A 463 17.04 48.27 21.09
C TRP A 463 18.27 49.18 21.30
N GLN A 464 18.27 50.37 20.69
CA GLN A 464 19.41 51.32 20.82
C GLN A 464 19.53 51.80 22.27
N ASN A 465 18.40 51.95 22.97
CA ASN A 465 18.41 52.43 24.38
C ASN A 465 18.94 51.31 25.30
N GLU A 466 18.06 50.39 25.67
CA GLU A 466 18.40 49.29 26.54
C GLU A 466 19.86 48.99 26.47
N LYS A 467 20.44 49.21 25.30
CA LYS A 467 21.84 49.01 25.05
C LYS A 467 22.66 49.93 25.93
N ASN A 468 22.30 51.18 25.91
CA ASN A 468 22.94 52.16 26.70
C ASN A 468 22.78 51.93 28.15
N ALA A 469 21.57 51.45 28.55
CA ALA A 469 21.28 51.21 29.95
C ALA A 469 22.17 50.13 30.51
N ILE A 470 22.44 49.11 29.69
CA ILE A 470 23.27 48.02 30.09
C ILE A 470 24.66 48.49 30.37
N GLU A 471 25.12 49.44 29.58
CA GLU A 471 26.46 49.96 29.75
C GLU A 471 26.57 50.77 31.00
N ILE A 472 25.49 51.44 31.37
CA ILE A 472 25.45 52.24 32.55
C ILE A 472 25.60 51.44 33.73
N VAL A 473 24.92 50.33 33.77
CA VAL A 473 24.95 49.47 34.86
C VAL A 473 26.25 48.96 35.07
N ARG A 474 26.91 48.58 34.01
CA ARG A 474 28.21 48.07 34.07
C ARG A 474 29.16 49.02 34.66
N ASP A 475 29.06 50.30 34.26
CA ASP A 475 29.93 51.33 34.77
C ASP A 475 29.80 51.49 36.23
N LEU A 476 28.55 51.43 36.71
CA LEU A 476 28.25 51.58 38.13
C LEU A 476 28.86 50.42 38.94
N LYS A 477 28.87 49.22 38.36
CA LYS A 477 29.48 48.08 39.01
C LYS A 477 30.94 48.28 39.20
N GLU A 478 31.59 48.83 38.16
CA GLU A 478 33.02 49.05 38.17
C GLU A 478 33.42 50.05 39.18
N GLN A 479 32.62 51.10 39.32
CA GLN A 479 32.89 52.16 40.23
C GLN A 479 32.79 51.68 41.64
N LEU A 480 31.77 50.85 41.88
CA LEU A 480 31.52 50.26 43.19
C LEU A 480 32.65 49.46 43.65
N GLU A 481 33.15 48.66 42.79
CA GLU A 481 34.20 47.80 43.13
C GLU A 481 35.45 48.50 43.39
N ALA A 482 35.70 49.61 42.70
CA ALA A 482 36.88 50.38 42.94
C ALA A 482 36.88 50.91 44.36
N LEU A 483 35.71 51.34 44.82
CA LEU A 483 35.54 51.90 46.15
C LEU A 483 35.71 50.87 47.20
N ARG A 484 35.30 49.66 46.90
CA ARG A 484 35.47 48.59 47.80
C ARG A 484 36.96 48.29 47.99
N GLY A 485 37.72 48.38 46.89
CA GLY A 485 39.14 48.16 46.93
C GLY A 485 39.82 49.27 47.79
N GLU A 486 39.27 50.50 47.70
CA GLU A 486 39.77 51.61 48.47
C GLU A 486 39.47 51.46 49.97
N SER A 487 38.32 50.84 50.31
CA SER A 487 38.00 50.66 51.75
C SER A 487 38.94 49.62 52.36
N GLU A 488 39.38 48.69 51.53
CA GLU A 488 40.32 47.70 51.96
C GLU A 488 41.58 48.36 52.29
N ARG A 489 42.03 49.24 51.39
CA ARG A 489 43.21 49.98 51.56
C ARG A 489 43.16 50.87 52.80
N ALA A 490 42.00 51.53 53.05
CA ALA A 490 41.86 52.42 54.25
C ALA A 490 42.09 51.59 55.48
N GLU A 491 41.58 50.35 55.48
CA GLU A 491 41.79 49.47 56.63
C GLU A 491 43.28 49.03 56.68
N ARG A 492 43.91 48.84 55.49
CA ARG A 492 45.36 48.50 55.45
C ARG A 492 46.23 49.64 56.03
N ASP A 493 45.80 50.87 55.76
CA ASP A 493 46.51 52.06 56.18
C ASP A 493 46.05 52.59 57.51
N GLY A 494 44.95 52.07 58.03
CA GLY A 494 44.44 52.53 59.30
C GLY A 494 43.87 53.96 59.19
N ASP A 495 43.38 54.32 58.03
CA ASP A 495 42.80 55.68 57.83
C ASP A 495 41.33 55.73 58.14
N LEU A 496 40.98 56.15 59.38
CA LEU A 496 39.57 56.16 59.79
C LEU A 496 38.73 57.14 58.99
N ALA A 497 39.32 58.31 58.67
CA ALA A 497 38.61 59.32 57.99
C ALA A 497 38.03 58.80 56.75
N LYS A 498 38.79 57.97 56.06
CA LYS A 498 38.30 57.35 54.87
C LYS A 498 37.75 55.95 55.05
N ALA A 499 38.06 55.31 56.14
CA ALA A 499 37.64 53.99 56.37
C ALA A 499 36.22 53.90 56.32
N ALA A 500 35.48 54.55 57.26
CA ALA A 500 34.08 54.33 57.14
C ALA A 500 33.47 55.27 56.10
N GLU A 501 34.13 56.33 55.76
CA GLU A 501 33.58 57.19 54.72
C GLU A 501 33.31 56.39 53.48
N LEU A 502 34.20 55.44 53.21
CA LEU A 502 34.05 54.49 52.14
C LEU A 502 33.09 53.35 52.51
N ARG A 503 33.25 52.78 53.68
CA ARG A 503 32.50 51.64 54.05
C ARG A 503 30.97 51.89 54.27
N TYR A 504 30.57 53.13 54.62
CA TYR A 504 29.13 53.40 54.71
C TYR A 504 28.74 54.68 54.02
N GLY A 505 29.66 55.24 53.22
CA GLY A 505 29.38 56.47 52.48
C GLY A 505 29.42 56.17 51.00
N ARG A 506 30.66 56.20 50.44
CA ARG A 506 30.90 56.02 48.97
C ARG A 506 30.47 54.67 48.40
N ILE A 507 30.75 53.58 49.11
CA ILE A 507 30.39 52.29 48.60
C ILE A 507 28.94 52.05 48.51
N PRO A 508 28.12 52.26 49.56
CA PRO A 508 26.68 52.11 49.50
C PRO A 508 26.04 53.20 48.62
N GLU A 509 26.70 54.34 48.47
CA GLU A 509 26.21 55.37 47.61
C GLU A 509 26.13 54.88 46.19
N VAL A 510 27.28 54.38 45.68
CA VAL A 510 27.33 53.82 44.31
C VAL A 510 26.51 52.52 44.22
N GLU A 511 26.51 51.74 45.28
CA GLU A 511 25.76 50.52 45.33
C GLU A 511 24.31 50.76 45.09
N LYS A 512 23.76 51.78 45.74
CA LYS A 512 22.38 52.19 45.59
C LYS A 512 22.12 52.69 44.19
N LYS A 513 23.08 53.42 43.60
CA LYS A 513 22.92 53.95 42.27
C LYS A 513 22.84 52.84 41.30
N LEU A 514 23.73 51.82 41.52
CA LEU A 514 23.77 50.59 40.76
C LEU A 514 22.49 49.86 40.85
N ASP A 515 22.00 49.71 42.02
CA ASP A 515 20.79 49.01 42.26
C ASP A 515 19.63 49.70 41.62
N ALA A 516 19.63 51.00 41.58
CA ALA A 516 18.57 51.73 40.96
C ALA A 516 18.55 51.48 39.42
N ALA A 517 19.75 51.41 38.81
CA ALA A 517 19.88 51.11 37.39
C ALA A 517 19.86 49.66 37.08
N LEU A 518 20.12 48.85 38.06
CA LEU A 518 20.23 47.47 37.93
C LEU A 518 19.10 46.70 37.24
N PRO A 519 17.82 47.01 37.43
CA PRO A 519 16.67 46.39 36.79
C PRO A 519 16.73 46.41 35.27
N GLN A 520 17.61 47.28 34.69
CA GLN A 520 17.71 47.45 33.24
C GLN A 520 18.41 46.28 32.58
N VAL A 527 11.76 41.84 27.90
CA VAL A 527 13.13 42.34 27.61
C VAL A 527 13.46 42.06 26.13
N MET A 528 14.74 41.94 25.80
CA MET A 528 15.17 41.68 24.40
C MET A 528 16.65 41.25 24.40
N LEU A 529 16.92 40.03 23.92
CA LEU A 529 18.31 39.48 23.86
C LEU A 529 19.01 39.67 25.19
N LYS A 530 18.48 39.03 26.25
CA LYS A 530 19.09 39.14 27.61
C LYS A 530 20.53 38.61 27.57
N GLU A 531 20.69 37.32 27.28
CA GLU A 531 22.01 36.70 27.20
C GLU A 531 22.00 35.21 27.51
N GLU A 532 20.83 34.56 27.44
CA GLU A 532 20.77 33.13 27.67
C GLU A 532 19.49 32.57 27.06
N VAL A 533 19.56 31.30 26.66
CA VAL A 533 18.43 30.65 26.02
C VAL A 533 17.35 30.34 27.05
N GLY A 534 16.29 31.14 27.05
CA GLY A 534 15.20 30.98 27.98
C GLY A 534 14.37 29.75 27.67
N PRO A 535 13.21 29.62 28.32
CA PRO A 535 12.32 28.50 28.02
C PRO A 535 11.44 28.73 26.80
N ASP A 536 11.56 29.88 26.13
CA ASP A 536 10.74 30.16 24.97
C ASP A 536 11.53 30.20 23.68
N ASP A 537 12.86 30.34 23.72
CA ASP A 537 13.63 30.16 22.51
C ASP A 537 13.50 28.74 21.97
N ILE A 538 13.46 27.76 22.87
CA ILE A 538 13.18 26.39 22.47
C ILE A 538 11.82 26.30 21.79
N ALA A 539 10.81 26.95 22.37
CA ALA A 539 9.49 26.95 21.76
C ALA A 539 9.50 27.58 20.38
N ASP A 540 10.26 28.66 20.22
CA ASP A 540 10.34 29.32 18.91
C ASP A 540 11.02 28.43 17.88
N VAL A 541 12.05 27.69 18.31
CA VAL A 541 12.68 26.73 17.40
C VAL A 541 11.69 25.64 17.01
N VAL A 542 10.91 25.15 17.98
CA VAL A 542 9.92 24.13 17.68
C VAL A 542 8.84 24.67 16.76
N SER A 543 8.53 25.97 16.87
CA SER A 543 7.55 26.60 15.99
C SER A 543 8.05 26.73 14.56
N ALA A 544 9.33 27.13 14.39
CA ALA A 544 9.93 27.08 13.08
C ALA A 544 9.89 25.65 12.53
N TRP A 545 10.16 24.68 13.39
CA TRP A 545 9.96 23.28 13.07
C TRP A 545 8.47 22.98 12.95
N THR A 546 8.11 22.09 12.03
CA THR A 546 6.76 21.53 11.96
C THR A 546 5.68 22.57 11.73
N GLY A 547 6.04 23.85 11.66
CA GLY A 547 5.05 24.89 11.50
C GLY A 547 4.07 25.06 12.63
N ILE A 548 4.08 24.19 13.63
CA ILE A 548 3.12 24.27 14.73
C ILE A 548 3.52 25.42 15.66
N PRO A 549 2.69 26.42 15.83
CA PRO A 549 3.05 27.54 16.72
C PRO A 549 2.71 27.23 18.16
N ALA A 550 3.73 27.18 19.02
CA ALA A 550 3.57 27.01 20.46
C ALA A 550 4.42 28.07 21.15
N GLY A 551 3.85 29.26 21.33
CA GLY A 551 4.59 30.36 21.92
C GLY A 551 3.96 30.88 23.20
N ARG A 552 3.77 32.20 23.27
CA ARG A 552 3.26 32.79 24.51
C ARG A 552 2.25 33.91 24.25
N LEU A 553 1.66 33.98 23.06
CA LEU A 553 0.71 35.04 22.71
C LEU A 553 1.38 36.41 22.86
N LEU A 554 2.35 36.66 21.98
CA LEU A 554 3.28 37.76 22.17
C LEU A 554 2.66 39.12 21.88
N GLU A 555 1.59 39.45 22.61
CA GLU A 555 1.12 40.82 22.79
C GLU A 555 0.58 41.47 21.52
N GLY A 556 0.69 40.80 20.38
CA GLY A 556 0.11 41.32 19.16
C GLY A 556 -0.92 40.37 18.59
N GLU A 557 -0.70 39.07 18.79
CA GLU A 557 -1.66 38.07 18.36
C GLU A 557 -2.83 37.98 19.34
N THR A 558 -2.61 38.37 20.59
CA THR A 558 -3.67 38.34 21.57
C THR A 558 -4.75 39.38 21.30
N ALA A 559 -4.54 40.26 20.32
CA ALA A 559 -5.60 41.17 19.91
C ALA A 559 -6.41 40.59 18.75
N LYS A 560 -5.73 39.94 17.81
CA LYS A 560 -6.44 39.24 16.74
C LYS A 560 -7.28 38.09 17.31
N LEU A 561 -6.75 37.39 18.31
CA LEU A 561 -7.54 36.31 18.91
C LEU A 561 -8.67 36.83 19.76
N LEU A 562 -8.79 38.14 19.93
CA LEU A 562 -9.97 38.74 20.56
C LEU A 562 -10.93 39.33 19.55
N ARG A 563 -10.41 39.84 18.43
CA ARG A 563 -11.25 40.33 17.34
C ARG A 563 -11.61 39.24 16.33
N MET A 564 -11.25 37.99 16.61
CA MET A 564 -11.52 36.89 15.70
C MET A 564 -12.98 36.83 15.27
N GLU A 565 -13.90 37.01 16.22
CA GLU A 565 -15.32 36.89 15.91
C GLU A 565 -15.77 38.00 14.96
N ASP A 566 -15.58 39.25 15.36
CA ASP A 566 -15.89 40.39 14.51
C ASP A 566 -15.19 40.31 13.15
N GLU A 567 -14.01 39.69 13.08
CA GLU A 567 -13.31 39.56 11.80
C GLU A 567 -13.91 38.49 10.92
N LEU A 568 -14.30 37.34 11.49
CA LEU A 568 -15.05 36.36 10.73
C LEU A 568 -16.36 36.95 10.24
N GLY A 569 -16.90 37.94 10.97
CA GLY A 569 -18.08 38.64 10.50
C GLY A 569 -17.88 39.39 9.20
N LYS A 570 -16.67 39.43 8.66
CA LYS A 570 -16.42 40.10 7.38
C LYS A 570 -16.78 39.25 6.18
N ARG A 571 -16.95 37.95 6.35
CA ARG A 571 -17.21 37.06 5.23
C ARG A 571 -18.49 36.27 5.47
N VAL A 572 -18.71 35.88 6.71
CA VAL A 572 -19.92 35.18 7.12
C VAL A 572 -20.81 36.18 7.85
N ILE A 573 -22.12 36.01 7.73
CA ILE A 573 -23.08 36.93 8.31
C ILE A 573 -24.09 36.13 9.13
N GLY A 574 -24.39 36.63 10.33
CA GLY A 574 -25.25 35.87 11.20
C GLY A 574 -24.51 34.65 11.71
N GLN A 575 -25.29 33.70 12.24
CA GLN A 575 -24.74 32.44 12.73
C GLN A 575 -23.70 32.68 13.82
N LYS A 576 -23.95 33.70 14.64
CA LYS A 576 -23.05 33.95 15.78
C LYS A 576 -22.96 32.72 16.68
N ALA A 577 -24.04 31.94 16.77
CA ALA A 577 -24.01 30.72 17.55
C ALA A 577 -22.92 29.76 17.08
N ALA A 578 -22.57 29.80 15.79
CA ALA A 578 -21.48 28.98 15.28
C ALA A 578 -20.15 29.71 15.26
N VAL A 579 -20.14 31.01 15.00
CA VAL A 579 -18.88 31.75 14.97
C VAL A 579 -18.25 31.78 16.37
N THR A 580 -19.08 31.90 17.40
CA THR A 580 -18.57 31.81 18.76
C THR A 580 -17.94 30.45 19.02
N ALA A 581 -18.68 29.37 18.80
CA ALA A 581 -18.18 28.04 19.11
C ALA A 581 -17.00 27.66 18.23
N VAL A 582 -16.80 28.36 17.12
CA VAL A 582 -15.60 28.13 16.30
C VAL A 582 -14.43 28.90 16.89
N SER A 583 -14.67 30.16 17.28
CA SER A 583 -13.61 30.97 17.86
C SER A 583 -13.14 30.42 19.19
N ASP A 584 -14.07 30.02 20.05
CA ASP A 584 -13.72 29.52 21.37
C ASP A 584 -13.03 28.17 21.31
N ALA A 585 -12.74 27.66 20.11
CA ALA A 585 -11.98 26.43 19.97
C ALA A 585 -10.53 26.67 19.60
N VAL A 586 -10.14 27.92 19.35
CA VAL A 586 -8.77 28.26 19.00
C VAL A 586 -8.05 28.91 20.17
N ARG A 587 -8.71 29.84 20.85
CA ARG A 587 -8.11 30.43 22.04
C ARG A 587 -7.95 29.40 23.15
N ARG A 588 -8.87 28.44 23.23
CA ARG A 588 -8.78 27.41 24.25
C ARG A 588 -7.60 26.48 24.00
N SER A 589 -6.99 26.52 22.83
CA SER A 589 -5.75 25.80 22.56
C SER A 589 -4.53 26.69 22.61
N ARG A 590 -4.68 27.97 22.29
CA ARG A 590 -3.57 28.90 22.46
C ARG A 590 -3.22 29.10 23.92
N ALA A 591 -4.21 29.21 24.79
CA ALA A 591 -3.96 29.43 26.20
C ALA A 591 -3.39 28.21 26.91
N GLY A 592 -3.07 27.15 26.17
CA GLY A 592 -2.49 25.96 26.77
C GLY A 592 -3.43 25.29 27.76
N VAL A 593 -4.68 25.11 27.36
CA VAL A 593 -5.69 24.57 28.24
C VAL A 593 -6.34 23.28 27.72
N SER A 594 -6.73 23.24 26.45
CA SER A 594 -7.48 22.09 25.94
C SER A 594 -6.67 20.81 26.02
N ASP A 595 -7.37 19.69 25.91
CA ASP A 595 -6.75 18.39 26.07
C ASP A 595 -5.69 18.17 24.99
N PRO A 596 -4.56 17.55 25.32
CA PRO A 596 -3.51 17.34 24.31
C PRO A 596 -3.65 16.04 23.55
N ASN A 597 -4.56 15.14 23.91
CA ASN A 597 -4.81 13.94 23.12
C ASN A 597 -6.25 13.99 22.64
N ARG A 598 -6.47 14.76 21.60
CA ARG A 598 -7.68 14.87 20.80
C ARG A 598 -7.35 15.92 19.75
N PRO A 599 -7.97 15.90 18.57
CA PRO A 599 -7.75 16.99 17.62
C PRO A 599 -8.07 18.35 18.24
N THR A 600 -7.52 19.42 17.67
CA THR A 600 -7.73 20.76 18.23
C THR A 600 -9.16 21.23 18.09
N GLY A 601 -10.05 20.38 17.62
CA GLY A 601 -11.45 20.70 17.47
C GLY A 601 -12.03 19.98 16.29
N ALA A 602 -13.14 19.27 16.50
CA ALA A 602 -13.74 18.48 15.44
C ALA A 602 -15.24 18.48 15.64
N PHE A 603 -15.95 19.28 14.85
CA PHE A 603 -17.38 19.45 15.03
C PHE A 603 -18.04 19.62 13.68
N MET A 604 -19.33 19.32 13.64
CA MET A 604 -20.08 19.15 12.40
C MET A 604 -21.15 20.22 12.28
N PHE A 605 -21.30 20.77 11.09
CA PHE A 605 -22.36 21.70 10.76
C PHE A 605 -23.46 20.95 10.05
N LEU A 606 -24.70 21.39 10.24
CA LEU A 606 -25.80 20.86 9.44
C LEU A 606 -26.98 21.81 9.53
N GLY A 607 -27.71 21.91 8.42
CA GLY A 607 -28.85 22.79 8.35
C GLY A 607 -29.38 22.89 6.93
N PRO A 608 -30.23 23.88 6.66
CA PRO A 608 -30.76 24.04 5.30
C PRO A 608 -29.67 24.47 4.33
N THR A 609 -29.95 24.39 3.03
CA THR A 609 -28.93 24.65 2.03
C THR A 609 -28.72 26.16 1.84
N GLY A 610 -27.56 26.49 1.28
CA GLY A 610 -27.22 27.87 0.97
C GLY A 610 -27.24 28.81 2.15
N VAL A 611 -26.62 28.41 3.26
CA VAL A 611 -26.60 29.22 4.45
C VAL A 611 -25.19 29.67 4.84
N GLY A 612 -24.18 28.87 4.54
CA GLY A 612 -22.82 29.26 4.87
C GLY A 612 -21.94 28.13 5.35
N LYS A 613 -22.55 26.99 5.67
CA LYS A 613 -21.84 25.87 6.27
C LYS A 613 -20.61 25.43 5.51
N THR A 614 -20.45 25.84 4.25
CA THR A 614 -19.18 25.71 3.55
C THR A 614 -18.39 26.99 3.52
N GLU A 615 -19.04 28.15 3.56
CA GLU A 615 -18.32 29.41 3.50
C GLU A 615 -17.58 29.71 4.79
N LEU A 616 -18.13 29.27 5.93
CA LEU A 616 -17.47 29.54 7.19
C LEU A 616 -16.17 28.77 7.32
N ALA A 617 -16.15 27.51 6.87
CA ALA A 617 -14.91 26.75 6.90
C ALA A 617 -13.83 27.42 6.07
N LYS A 618 -14.21 28.02 4.94
CA LYS A 618 -13.23 28.74 4.14
C LYS A 618 -12.76 30.01 4.84
N ALA A 619 -13.66 30.72 5.53
CA ALA A 619 -13.24 31.92 6.23
C ALA A 619 -12.30 31.59 7.38
N LEU A 620 -12.57 30.51 8.11
CA LEU A 620 -11.68 30.08 9.17
C LEU A 620 -10.33 29.63 8.60
N ALA A 621 -10.34 28.86 7.52
CA ALA A 621 -9.08 28.38 6.96
C ALA A 621 -8.27 29.50 6.31
N ASP A 622 -8.83 30.70 6.20
CA ASP A 622 -8.08 31.85 5.72
C ASP A 622 -7.63 32.77 6.83
N PHE A 623 -8.34 32.76 7.96
CA PHE A 623 -7.95 33.55 9.11
C PHE A 623 -6.60 33.15 9.68
N LEU A 624 -6.15 31.93 9.39
CA LEU A 624 -4.94 31.39 10.00
C LEU A 624 -3.77 31.28 9.03
N PHE A 625 -4.01 31.34 7.73
CA PHE A 625 -2.96 31.14 6.74
C PHE A 625 -2.90 32.20 5.66
N ASP A 626 -3.96 33.00 5.50
CA ASP A 626 -4.05 34.05 4.49
C ASP A 626 -3.92 33.51 3.07
N ASP A 627 -4.40 32.30 2.81
CA ASP A 627 -4.49 31.80 1.44
C ASP A 627 -5.51 30.66 1.43
N GLU A 628 -6.62 30.87 0.72
CA GLU A 628 -7.75 29.94 0.82
C GLU A 628 -7.42 28.54 0.34
N ARG A 629 -6.38 28.38 -0.48
CA ARG A 629 -6.06 27.09 -1.06
C ARG A 629 -5.21 26.20 -0.16
N ALA A 630 -4.96 26.61 1.08
CA ALA A 630 -4.03 25.91 1.97
C ALA A 630 -4.76 24.99 2.95
N MET A 631 -6.00 24.63 2.68
CA MET A 631 -6.75 23.71 3.51
C MET A 631 -6.94 22.40 2.77
N VAL A 632 -6.46 21.31 3.36
CA VAL A 632 -6.66 20.01 2.76
C VAL A 632 -8.17 19.73 2.71
N ARG A 633 -8.64 19.34 1.53
CA ARG A 633 -10.06 19.25 1.26
C ARG A 633 -10.37 17.97 0.52
N ILE A 634 -11.30 17.18 1.05
CA ILE A 634 -11.76 15.98 0.39
C ILE A 634 -13.28 15.97 0.40
N ASP A 635 -13.87 15.58 -0.73
CA ASP A 635 -15.31 15.62 -0.93
C ASP A 635 -15.87 14.22 -0.68
N MET A 636 -16.73 14.10 0.32
CA MET A 636 -17.24 12.78 0.65
C MET A 636 -18.32 12.31 -0.28
N SER A 637 -18.53 12.93 -1.43
CA SER A 637 -19.59 12.51 -2.35
C SER A 637 -19.12 11.43 -3.31
N GLU A 638 -17.83 11.10 -3.32
CA GLU A 638 -17.31 10.04 -4.18
C GLU A 638 -17.12 8.72 -3.45
N TYR A 639 -16.78 8.75 -2.17
CA TYR A 639 -16.50 7.54 -1.41
C TYR A 639 -17.81 6.80 -1.13
N GLY A 640 -18.28 6.10 -2.15
CA GLY A 640 -19.55 5.41 -2.09
C GLY A 640 -19.51 3.95 -1.72
N GLU A 641 -18.33 3.32 -1.73
CA GLU A 641 -18.21 1.91 -1.41
C GLU A 641 -16.97 1.67 -0.57
N LYS A 642 -16.91 0.49 0.05
CA LYS A 642 -15.77 0.14 0.89
C LYS A 642 -14.46 0.35 0.16
N HIS A 643 -14.32 -0.32 -1.00
CA HIS A 643 -13.05 -0.39 -1.69
C HIS A 643 -12.48 0.97 -2.07
N THR A 644 -13.24 2.05 -1.90
CA THR A 644 -12.74 3.39 -2.13
C THR A 644 -12.10 4.00 -0.89
N VAL A 645 -12.23 3.35 0.28
CA VAL A 645 -11.55 3.84 1.48
C VAL A 645 -10.05 3.90 1.25
N ALA A 646 -9.50 2.95 0.51
CA ALA A 646 -8.06 2.92 0.25
C ALA A 646 -7.57 4.12 -0.53
N ARG A 647 -8.46 5.03 -0.92
CA ARG A 647 -8.03 6.22 -1.64
C ARG A 647 -7.41 7.25 -0.72
N LEU A 648 -7.77 7.25 0.57
CA LEU A 648 -7.25 8.22 1.51
C LEU A 648 -6.31 7.58 2.54
N ILE A 649 -5.92 6.34 2.34
CA ILE A 649 -5.08 5.65 3.32
C ILE A 649 -3.91 4.99 2.62
N GLY A 650 -3.95 4.93 1.30
CA GLY A 650 -2.94 4.21 0.54
C GLY A 650 -3.39 2.80 0.22
N ALA A 651 -2.43 1.98 -0.17
CA ALA A 651 -2.73 0.61 -0.52
C ALA A 651 -1.92 -0.35 0.33
N PRO A 652 -2.47 -1.51 0.65
CA PRO A 652 -1.74 -2.52 1.43
C PRO A 652 -0.41 -2.87 0.78
N PRO A 653 0.50 -3.49 1.52
CA PRO A 653 1.85 -3.70 1.00
C PRO A 653 1.89 -4.69 -0.16
N GLY A 654 2.52 -4.27 -1.25
CA GLY A 654 2.75 -5.14 -2.39
C GLY A 654 1.72 -5.08 -3.48
N TYR A 655 1.12 -3.92 -3.73
CA TYR A 655 0.05 -3.80 -4.71
C TYR A 655 0.43 -2.79 -5.79
N VAL A 656 -0.54 -2.44 -6.63
CA VAL A 656 -0.28 -1.64 -7.82
C VAL A 656 0.21 -0.25 -7.43
N GLY A 657 -0.65 0.52 -6.77
CA GLY A 657 -0.22 1.82 -6.31
C GLY A 657 0.25 1.77 -4.88
N TYR A 658 1.54 1.63 -4.68
CA TYR A 658 2.12 1.49 -3.35
C TYR A 658 3.15 2.55 -3.04
N GLU A 659 3.85 3.04 -4.06
CA GLU A 659 4.79 4.14 -3.87
C GLU A 659 4.12 5.50 -3.87
N ALA A 660 2.79 5.53 -3.74
CA ALA A 660 2.05 6.79 -3.72
C ALA A 660 1.47 7.10 -2.35
N GLY A 661 1.24 6.10 -1.52
CA GLY A 661 0.66 6.37 -0.22
C GLY A 661 -0.79 6.81 -0.34
N GLY A 662 -1.29 7.43 0.74
CA GLY A 662 -2.65 7.90 0.78
C GLY A 662 -2.80 9.27 0.15
N GLN A 663 -4.03 9.78 0.25
CA GLN A 663 -4.35 11.12 -0.23
C GLN A 663 -4.67 12.08 0.89
N LEU A 664 -5.33 11.61 1.94
CA LEU A 664 -5.48 12.41 3.15
C LEU A 664 -4.25 12.35 4.04
N THR A 665 -3.81 11.14 4.39
CA THR A 665 -2.71 10.96 5.31
C THR A 665 -1.49 11.79 4.90
N GLU A 666 -1.11 11.71 3.63
CA GLU A 666 0.10 12.38 3.18
C GLU A 666 0.01 13.89 3.23
N ALA A 667 -1.18 14.48 3.23
CA ALA A 667 -1.30 15.92 3.35
C ALA A 667 -1.15 16.42 4.78
N VAL A 668 -1.10 15.51 5.75
CA VAL A 668 -0.93 15.90 7.16
C VAL A 668 0.41 15.45 7.70
N ARG A 669 0.98 14.36 7.19
CA ARG A 669 2.34 13.99 7.57
C ARG A 669 3.36 15.05 7.20
N ARG A 670 2.95 16.03 6.40
CA ARG A 670 3.76 17.20 6.06
C ARG A 670 2.94 18.44 6.38
N ARG A 671 3.56 19.37 7.11
CA ARG A 671 2.85 20.53 7.64
C ARG A 671 1.60 20.11 8.41
N PRO A 672 1.74 19.55 9.62
CA PRO A 672 0.58 19.08 10.38
C PRO A 672 -0.15 20.18 11.15
N TYR A 673 -0.43 21.29 10.48
CA TYR A 673 -1.21 22.37 11.08
C TYR A 673 -2.40 22.77 10.19
N THR A 674 -2.80 21.90 9.26
CA THR A 674 -3.81 22.29 8.28
C THR A 674 -5.20 22.27 8.91
N VAL A 675 -6.20 22.41 8.05
CA VAL A 675 -7.61 22.39 8.45
C VAL A 675 -8.35 21.50 7.48
N VAL A 676 -8.95 20.42 7.97
CA VAL A 676 -9.53 19.39 7.13
C VAL A 676 -11.02 19.67 7.00
N LEU A 677 -11.57 19.44 5.81
CA LEU A 677 -12.97 19.74 5.52
C LEU A 677 -13.61 18.54 4.83
N PHE A 678 -14.59 17.94 5.50
CA PHE A 678 -15.35 16.81 4.94
C PHE A 678 -16.69 17.35 4.44
N ASP A 679 -16.85 17.39 3.13
CA ASP A 679 -18.08 17.92 2.54
C ASP A 679 -19.11 16.82 2.33
N GLU A 680 -20.36 17.11 2.69
CA GLU A 680 -21.49 16.19 2.53
C GLU A 680 -21.16 14.82 3.14
N ILE A 681 -21.01 14.83 4.46
CA ILE A 681 -20.52 13.64 5.14
C ILE A 681 -21.50 12.48 5.00
N GLU A 682 -22.79 12.77 4.81
CA GLU A 682 -23.76 11.68 4.77
C GLU A 682 -23.86 11.00 3.43
N LYS A 683 -23.22 11.54 2.39
CA LYS A 683 -23.21 10.89 1.09
C LYS A 683 -22.22 9.74 1.00
N ALA A 684 -21.43 9.51 2.05
CA ALA A 684 -20.40 8.48 2.01
C ALA A 684 -20.96 7.15 2.47
N HIS A 685 -20.20 6.09 2.28
CA HIS A 685 -20.56 4.73 2.65
C HIS A 685 -20.29 4.53 4.12
N PRO A 686 -21.20 3.92 4.90
CA PRO A 686 -20.98 3.87 6.35
C PRO A 686 -19.87 2.91 6.75
N ASP A 687 -18.75 3.02 6.05
CA ASP A 687 -17.48 2.46 6.48
C ASP A 687 -16.34 3.44 6.36
N VAL A 688 -16.49 4.49 5.56
CA VAL A 688 -15.61 5.65 5.68
C VAL A 688 -15.82 6.30 7.03
N PHE A 689 -17.05 6.22 7.57
CA PHE A 689 -17.29 6.66 8.93
C PHE A 689 -16.46 5.90 9.94
N ASP A 690 -16.14 4.64 9.64
CA ASP A 690 -15.55 3.75 10.63
C ASP A 690 -14.05 3.95 10.80
N VAL A 691 -13.46 4.90 10.10
CA VAL A 691 -12.07 5.26 10.36
C VAL A 691 -11.98 6.59 11.08
N LEU A 692 -12.97 7.46 10.87
CA LEU A 692 -13.07 8.68 11.66
C LEU A 692 -13.35 8.40 13.13
N LEU A 693 -13.80 7.18 13.47
CA LEU A 693 -13.97 6.84 14.87
C LEU A 693 -12.65 6.94 15.62
N GLN A 694 -11.58 6.38 15.06
CA GLN A 694 -10.28 6.49 15.70
C GLN A 694 -9.50 7.72 15.25
N VAL A 695 -9.89 8.36 14.15
CA VAL A 695 -9.37 9.70 13.89
C VAL A 695 -9.75 10.64 15.02
N LEU A 696 -11.06 10.76 15.28
CA LEU A 696 -11.51 11.52 16.44
C LEU A 696 -11.15 10.80 17.73
N ASP A 697 -11.09 11.57 18.81
CA ASP A 697 -10.95 11.06 20.16
C ASP A 697 -9.62 10.36 20.41
N GLU A 698 -8.80 10.20 19.37
CA GLU A 698 -7.43 9.76 19.59
C GLU A 698 -6.40 10.51 18.75
N GLY A 699 -6.77 11.09 17.62
CA GLY A 699 -5.88 11.95 16.88
C GLY A 699 -4.83 11.25 16.04
N ARG A 700 -5.08 10.04 15.57
CA ARG A 700 -4.10 9.33 14.77
C ARG A 700 -4.77 8.19 14.00
N LEU A 701 -4.06 7.73 12.97
CA LEU A 701 -4.44 6.55 12.22
C LEU A 701 -3.20 6.01 11.53
N THR A 702 -3.32 4.80 10.98
CA THR A 702 -2.19 4.12 10.37
C THR A 702 -2.48 3.91 8.88
N ASP A 703 -1.60 4.43 8.04
CA ASP A 703 -1.74 4.27 6.60
C ASP A 703 -1.25 2.88 6.20
N GLY A 704 -1.07 2.67 4.89
CA GLY A 704 -0.66 1.36 4.41
C GLY A 704 0.70 0.93 4.94
N HIS A 705 1.68 1.83 4.91
CA HIS A 705 3.05 1.47 5.24
C HIS A 705 3.27 1.25 6.73
N GLY A 706 2.23 1.28 7.55
CA GLY A 706 2.38 1.12 8.98
C GLY A 706 2.72 2.38 9.73
N ARG A 707 2.90 3.50 9.03
CA ARG A 707 3.15 4.76 9.69
C ARG A 707 1.97 5.15 10.57
N THR A 708 2.18 6.15 11.43
CA THR A 708 1.13 6.69 12.28
C THR A 708 1.25 8.20 12.30
N VAL A 709 0.43 8.86 11.51
CA VAL A 709 0.37 10.32 11.53
C VAL A 709 -0.46 10.75 12.72
N ASP A 710 -0.41 12.04 13.03
CA ASP A 710 -0.97 12.56 14.27
C ASP A 710 -1.82 13.79 13.99
N PHE A 711 -3.09 13.72 14.34
CA PHE A 711 -4.03 14.81 14.10
C PHE A 711 -4.29 15.60 15.37
N ARG A 712 -3.34 15.60 16.30
CA ARG A 712 -3.49 16.32 17.55
C ARG A 712 -3.44 17.83 17.38
N ASN A 713 -3.26 18.31 16.15
CA ASN A 713 -3.20 19.74 15.91
C ASN A 713 -4.11 20.20 14.78
N THR A 714 -4.72 19.30 14.03
CA THR A 714 -5.64 19.67 12.98
C THR A 714 -6.94 20.21 13.57
N ILE A 715 -7.80 20.72 12.70
CA ILE A 715 -9.11 21.20 13.08
C ILE A 715 -10.10 20.61 12.11
N LEU A 716 -10.71 19.48 12.48
CA LEU A 716 -11.62 18.79 11.58
C LEU A 716 -12.95 19.52 11.49
N ILE A 717 -13.50 19.58 10.28
CA ILE A 717 -14.78 20.23 10.04
C ILE A 717 -15.59 19.32 9.13
N LEU A 718 -16.89 19.21 9.39
CA LEU A 718 -17.79 18.34 8.63
C LEU A 718 -19.07 19.10 8.32
N THR A 719 -19.57 18.93 7.09
CA THR A 719 -20.83 19.53 6.67
C THR A 719 -21.79 18.45 6.23
N SER A 720 -23.07 18.82 6.13
CA SER A 720 -24.11 17.89 5.70
C SER A 720 -25.37 18.67 5.40
N ASN A 721 -26.43 17.95 5.04
CA ASN A 721 -27.72 18.56 4.76
C ASN A 721 -28.87 17.72 5.31
N LEU A 722 -28.65 17.05 6.44
CA LEU A 722 -29.64 16.10 6.95
C LEU A 722 -30.94 16.80 7.30
N GLY A 723 -32.05 16.17 6.93
CA GLY A 723 -33.38 16.67 7.26
C GLY A 723 -33.82 17.84 6.40
N SER A 724 -33.21 19.00 6.64
CA SER A 724 -33.44 20.22 5.87
C SER A 724 -34.84 20.80 6.08
N GLY A 725 -35.68 20.12 6.86
CA GLY A 725 -37.03 20.59 7.05
C GLY A 725 -37.48 20.71 8.49
N GLY A 726 -36.81 19.99 9.40
CA GLY A 726 -37.23 19.97 10.78
C GLY A 726 -36.76 21.17 11.56
N SER A 727 -37.52 21.52 12.60
CA SER A 727 -37.14 22.65 13.43
C SER A 727 -35.84 22.38 14.15
N ALA A 728 -35.84 21.47 15.13
CA ALA A 728 -34.62 20.96 15.72
C ALA A 728 -34.66 19.48 16.04
N GLU A 729 -35.84 18.85 16.07
CA GLU A 729 -35.94 17.46 16.51
C GLU A 729 -35.95 16.48 15.35
N GLN A 730 -36.43 16.91 14.18
CA GLN A 730 -36.42 16.02 13.03
C GLN A 730 -35.02 15.87 12.47
N VAL A 731 -34.23 16.95 12.49
CA VAL A 731 -32.84 16.86 12.08
C VAL A 731 -32.06 15.99 13.07
N LEU A 732 -32.37 16.11 14.35
CA LEU A 732 -31.69 15.29 15.35
C LEU A 732 -32.10 13.83 15.22
N ALA A 733 -33.35 13.58 14.85
CA ALA A 733 -33.78 12.20 14.60
C ALA A 733 -33.05 11.62 13.40
N ALA A 734 -32.94 12.41 12.32
CA ALA A 734 -32.19 11.95 11.16
C ALA A 734 -30.74 11.66 11.52
N VAL A 735 -30.15 12.49 12.38
CA VAL A 735 -28.77 12.25 12.79
C VAL A 735 -28.67 10.98 13.62
N ARG A 736 -29.56 10.81 14.60
CA ARG A 736 -29.48 9.63 15.46
C ARG A 736 -29.88 8.36 14.71
N ALA A 737 -30.48 8.50 13.52
CA ALA A 737 -30.80 7.35 12.70
C ALA A 737 -29.74 7.04 11.65
N THR A 738 -29.00 8.04 11.19
CA THR A 738 -28.00 7.81 10.16
C THR A 738 -26.57 7.88 10.68
N PHE A 739 -26.37 8.06 11.98
CA PHE A 739 -25.03 8.11 12.55
C PHE A 739 -24.96 7.19 13.75
N LYS A 740 -23.79 6.74 14.03
CA LYS A 740 -23.62 5.89 15.19
C LYS A 740 -23.64 6.72 16.47
N PRO A 741 -24.19 6.18 17.56
CA PRO A 741 -24.08 6.88 18.84
C PRO A 741 -22.64 7.04 19.28
N GLU A 742 -21.81 6.03 19.06
CA GLU A 742 -20.40 6.13 19.38
C GLU A 742 -19.62 6.98 18.39
N PHE A 743 -20.30 7.60 17.42
CA PHE A 743 -19.64 8.57 16.55
C PHE A 743 -20.16 9.98 16.77
N ILE A 744 -21.45 10.14 17.10
CA ILE A 744 -21.91 11.46 17.54
C ILE A 744 -21.58 11.73 18.99
N ASN A 745 -21.03 10.73 19.69
CA ASN A 745 -20.60 10.91 21.07
C ASN A 745 -19.19 11.50 21.18
N ARG A 746 -18.40 11.43 20.12
CA ARG A 746 -17.02 11.91 20.17
C ARG A 746 -16.91 13.37 19.78
N LEU A 747 -17.81 13.85 18.92
CA LEU A 747 -17.69 15.19 18.36
C LEU A 747 -17.78 16.26 19.46
N ASP A 748 -17.37 17.47 19.09
CA ASP A 748 -17.65 18.65 19.88
C ASP A 748 -19.07 19.11 19.58
N ASP A 749 -19.40 20.34 19.96
CA ASP A 749 -20.76 20.84 19.78
C ASP A 749 -21.21 20.64 18.34
N VAL A 750 -22.45 20.15 18.19
CA VAL A 750 -23.04 19.87 16.88
C VAL A 750 -23.91 21.06 16.52
N LEU A 751 -23.36 21.99 15.75
CA LEU A 751 -23.98 23.28 15.51
C LEU A 751 -25.06 23.17 14.44
N ILE A 752 -26.11 23.97 14.60
CA ILE A 752 -27.23 23.99 13.68
C ILE A 752 -27.41 25.43 13.22
N PHE A 753 -27.54 25.63 11.91
CA PHE A 753 -27.69 26.99 11.40
C PHE A 753 -29.16 27.35 11.30
N GLU A 754 -29.42 28.66 11.21
CA GLU A 754 -30.77 29.18 11.34
C GLU A 754 -31.46 29.40 10.00
N GLY A 755 -30.77 30.03 9.06
CA GLY A 755 -31.41 30.47 7.84
C GLY A 755 -31.41 31.99 7.78
N LEU A 756 -31.56 32.56 6.58
CA LEU A 756 -31.47 34.00 6.43
C LEU A 756 -32.85 34.65 6.55
N ASN A 757 -32.84 35.90 6.96
CA ASN A 757 -34.03 36.72 7.14
C ASN A 757 -34.06 37.85 6.13
N PRO A 758 -35.24 38.39 5.82
CA PRO A 758 -35.31 39.49 4.85
C PRO A 758 -34.46 40.69 5.24
N GLU A 759 -34.12 40.82 6.52
CA GLU A 759 -33.22 41.87 6.95
C GLU A 759 -31.78 41.57 6.58
N GLU A 760 -31.32 40.34 6.84
CA GLU A 760 -29.92 39.99 6.71
C GLU A 760 -29.41 40.00 5.28
N LEU A 761 -30.30 40.10 4.29
CA LEU A 761 -29.88 39.98 2.90
C LEU A 761 -29.19 41.22 2.36
N VAL A 762 -29.39 42.39 2.97
CA VAL A 762 -28.76 43.59 2.43
C VAL A 762 -27.26 43.55 2.69
N ARG A 763 -26.85 43.05 3.86
CA ARG A 763 -25.44 42.92 4.18
C ARG A 763 -24.77 41.83 3.37
N ILE A 764 -25.53 40.94 2.74
CA ILE A 764 -24.97 40.04 1.74
C ILE A 764 -24.94 40.69 0.37
N VAL A 765 -25.96 41.49 0.04
CA VAL A 765 -26.01 42.17 -1.25
C VAL A 765 -24.78 43.05 -1.43
N ASP A 766 -24.47 43.87 -0.41
CA ASP A 766 -23.36 44.79 -0.60
C ASP A 766 -22.03 44.05 -0.61
N ILE A 767 -21.93 42.91 0.08
CA ILE A 767 -20.72 42.09 -0.02
C ILE A 767 -20.56 41.56 -1.43
N GLN A 768 -21.62 41.02 -2.01
CA GLN A 768 -21.53 40.50 -3.37
C GLN A 768 -21.20 41.60 -4.37
N LEU A 769 -21.76 42.80 -4.16
CA LEU A 769 -21.48 43.89 -5.09
C LEU A 769 -20.04 44.38 -4.95
N ALA A 770 -19.51 44.42 -3.72
CA ALA A 770 -18.10 44.72 -3.54
C ALA A 770 -17.23 43.66 -4.21
N GLN A 771 -17.63 42.39 -4.10
CA GLN A 771 -16.92 41.32 -4.78
C GLN A 771 -16.88 41.55 -6.28
N LEU A 772 -18.03 41.91 -6.86
CA LEU A 772 -18.08 42.16 -8.30
C LEU A 772 -17.22 43.35 -8.69
N GLY A 773 -17.30 44.44 -7.92
CA GLY A 773 -16.45 45.58 -8.18
C GLY A 773 -14.97 45.23 -8.13
N LYS A 774 -14.59 44.38 -7.18
CA LYS A 774 -13.20 43.95 -7.09
C LYS A 774 -12.83 43.07 -8.27
N ARG A 775 -13.77 42.26 -8.75
CA ARG A 775 -13.50 41.41 -9.90
C ARG A 775 -13.23 42.24 -11.15
N LEU A 776 -14.19 43.09 -11.53
CA LEU A 776 -13.93 43.98 -12.65
C LEU A 776 -13.19 45.23 -12.21
N ALA A 777 -12.09 45.05 -11.49
CA ALA A 777 -11.22 46.16 -11.10
C ALA A 777 -9.87 46.10 -11.78
N GLN A 778 -9.49 44.97 -12.35
CA GLN A 778 -8.24 44.89 -13.11
C GLN A 778 -8.30 45.67 -14.41
N ARG A 779 -9.47 46.24 -14.74
CA ARG A 779 -9.61 47.08 -15.92
C ARG A 779 -10.19 48.45 -15.56
N ARG A 780 -10.08 48.84 -14.29
CA ARG A 780 -10.46 50.18 -13.83
C ARG A 780 -11.87 50.55 -14.26
N LEU A 781 -12.83 49.81 -13.73
CA LEU A 781 -14.20 49.88 -14.21
C LEU A 781 -15.18 49.89 -13.05
N GLN A 782 -14.87 50.67 -12.01
CA GLN A 782 -15.69 50.63 -10.81
C GLN A 782 -17.13 51.06 -11.10
N LEU A 783 -18.06 50.58 -10.30
CA LEU A 783 -19.47 50.88 -10.49
C LEU A 783 -19.90 52.02 -9.55
N GLN A 784 -21.20 52.28 -9.54
CA GLN A 784 -21.80 53.26 -8.63
C GLN A 784 -23.27 52.88 -8.47
N VAL A 785 -23.59 52.24 -7.35
CA VAL A 785 -24.89 51.65 -7.12
C VAL A 785 -25.73 52.59 -6.26
N SER A 786 -27.04 52.57 -6.47
CA SER A 786 -27.94 53.46 -5.76
C SER A 786 -28.70 52.72 -4.65
N LEU A 787 -29.25 53.48 -3.72
CA LEU A 787 -29.90 52.91 -2.54
C LEU A 787 -31.16 52.13 -2.93
N PRO A 788 -32.08 52.70 -3.72
CA PRO A 788 -33.19 51.87 -4.20
C PRO A 788 -32.74 50.68 -5.01
N ALA A 789 -31.60 50.80 -5.71
CA ALA A 789 -31.07 49.66 -6.44
C ALA A 789 -30.74 48.52 -5.50
N LYS A 790 -30.00 48.82 -4.44
CA LYS A 790 -29.67 47.76 -3.48
C LYS A 790 -30.92 47.23 -2.78
N ARG A 791 -31.86 48.10 -2.46
CA ARG A 791 -33.06 47.65 -1.75
C ARG A 791 -33.90 46.73 -2.63
N TRP A 792 -34.13 47.10 -3.89
CA TRP A 792 -34.85 46.21 -4.79
C TRP A 792 -34.07 44.93 -5.04
N LEU A 793 -32.75 45.03 -5.16
CA LEU A 793 -31.94 43.84 -5.43
C LEU A 793 -31.97 42.87 -4.26
N ALA A 794 -32.22 43.37 -3.06
CA ALA A 794 -32.37 42.51 -1.90
C ALA A 794 -33.80 42.03 -1.69
N GLN A 795 -34.80 42.81 -2.10
CA GLN A 795 -36.19 42.41 -1.93
C GLN A 795 -36.72 41.57 -3.08
N ARG A 796 -35.97 41.44 -4.18
CA ARG A 796 -36.43 40.63 -5.30
C ARG A 796 -36.13 39.16 -5.08
N GLY A 797 -34.85 38.82 -4.93
CA GLY A 797 -34.47 37.43 -4.71
C GLY A 797 -34.29 37.11 -3.25
N PHE A 798 -35.30 36.45 -2.65
CA PHE A 798 -35.25 36.16 -1.22
C PHE A 798 -35.65 34.73 -0.84
N ASP A 799 -36.33 33.99 -1.71
CA ASP A 799 -37.14 32.82 -1.37
C ASP A 799 -36.54 31.95 -0.27
N PRO A 800 -37.31 31.64 0.76
CA PRO A 800 -36.74 30.98 1.94
C PRO A 800 -36.62 29.47 1.79
N VAL A 801 -36.11 29.02 0.65
CA VAL A 801 -35.77 27.61 0.49
C VAL A 801 -34.39 27.39 -0.13
N TYR A 802 -33.81 28.38 -0.82
CA TYR A 802 -32.53 28.20 -1.48
C TYR A 802 -31.46 29.14 -0.93
N GLY A 803 -31.68 29.75 0.22
CA GLY A 803 -30.65 30.56 0.84
C GLY A 803 -30.24 31.79 0.06
N ALA A 804 -28.93 31.96 -0.14
CA ALA A 804 -28.40 33.18 -0.73
C ALA A 804 -27.78 32.96 -2.10
N ARG A 805 -28.08 31.87 -2.77
CA ARG A 805 -27.64 31.63 -4.15
C ARG A 805 -28.52 32.34 -5.18
N PRO A 806 -29.85 32.35 -5.02
CA PRO A 806 -30.68 33.12 -5.96
C PRO A 806 -30.30 34.58 -6.01
N LEU A 807 -29.80 35.13 -4.90
CA LEU A 807 -29.34 36.51 -4.92
C LEU A 807 -28.16 36.68 -5.86
N ARG A 808 -27.21 35.74 -5.83
CA ARG A 808 -26.06 35.81 -6.73
C ARG A 808 -26.50 35.65 -8.18
N ARG A 809 -27.39 34.69 -8.44
CA ARG A 809 -27.89 34.52 -9.80
C ARG A 809 -28.58 35.76 -10.31
N LEU A 810 -29.39 36.40 -9.45
CA LEU A 810 -30.10 37.61 -9.85
C LEU A 810 -29.13 38.75 -10.12
N VAL A 811 -28.14 38.94 -9.26
CA VAL A 811 -27.13 39.96 -9.51
C VAL A 811 -26.50 39.75 -10.87
N GLN A 812 -26.05 38.53 -11.15
CA GLN A 812 -25.44 38.25 -12.44
C GLN A 812 -26.39 38.60 -13.58
N GLN A 813 -27.55 37.96 -13.60
CA GLN A 813 -28.48 38.09 -14.73
C GLN A 813 -28.98 39.52 -14.91
N ALA A 814 -29.00 40.31 -13.84
CA ALA A 814 -29.58 41.65 -13.93
C ALA A 814 -28.54 42.73 -14.19
N ILE A 815 -27.28 42.50 -13.85
CA ILE A 815 -26.28 43.54 -14.05
C ILE A 815 -25.23 43.11 -15.07
N GLY A 816 -24.66 41.91 -14.90
CA GLY A 816 -23.51 41.54 -15.70
C GLY A 816 -23.81 41.42 -17.19
N ASP A 817 -25.00 40.92 -17.53
CA ASP A 817 -25.31 40.74 -18.94
C ASP A 817 -25.49 42.07 -19.64
N GLN A 818 -26.22 43.00 -19.03
CA GLN A 818 -26.35 44.33 -19.61
C GLN A 818 -24.99 45.01 -19.69
N LEU A 819 -24.17 44.83 -18.65
CA LEU A 819 -22.85 45.45 -18.65
C LEU A 819 -22.00 44.91 -19.79
N ALA A 820 -22.05 43.61 -20.04
CA ALA A 820 -21.28 43.04 -21.13
C ALA A 820 -21.81 43.47 -22.49
N LYS A 821 -23.14 43.44 -22.66
CA LYS A 821 -23.77 43.96 -23.87
C LYS A 821 -23.28 45.36 -24.18
N MET A 822 -23.34 46.26 -23.20
CA MET A 822 -22.83 47.61 -23.41
C MET A 822 -21.33 47.64 -23.62
N LEU A 823 -20.59 46.74 -22.99
CA LEU A 823 -19.13 46.85 -22.94
C LEU A 823 -18.49 46.42 -24.25
N LEU A 824 -18.83 45.26 -24.76
CA LEU A 824 -18.23 44.80 -26.01
C LEU A 824 -18.82 45.48 -27.23
N ALA A 825 -19.73 46.43 -27.05
CA ALA A 825 -20.21 47.30 -28.11
C ALA A 825 -19.64 48.71 -27.99
N GLY A 826 -18.40 48.82 -27.51
CA GLY A 826 -17.78 50.11 -27.28
C GLY A 826 -18.49 50.87 -26.17
N GLN A 827 -18.23 52.18 -26.14
CA GLN A 827 -18.98 53.14 -25.34
C GLN A 827 -18.83 52.95 -23.83
N VAL A 828 -18.13 51.89 -23.41
CA VAL A 828 -17.87 51.65 -21.99
C VAL A 828 -16.38 51.44 -21.81
N HIS A 829 -15.58 52.14 -22.59
CA HIS A 829 -14.13 51.97 -22.62
C HIS A 829 -13.50 52.04 -21.23
N ASP A 830 -12.27 51.55 -21.11
CA ASP A 830 -11.60 51.43 -19.82
C ASP A 830 -11.49 52.80 -19.13
N GLY A 831 -11.40 52.74 -17.81
CA GLY A 831 -11.32 53.94 -17.00
C GLY A 831 -12.63 54.69 -16.92
N ASP A 832 -13.72 53.98 -16.65
CA ASP A 832 -15.04 54.58 -16.56
C ASP A 832 -15.68 54.24 -15.22
N THR A 833 -16.89 54.74 -15.03
CA THR A 833 -17.68 54.51 -13.82
C THR A 833 -19.15 54.70 -14.18
N VAL A 834 -19.87 53.62 -14.33
CA VAL A 834 -21.26 53.69 -14.78
C VAL A 834 -22.18 53.73 -13.56
N PRO A 835 -23.24 54.53 -13.59
CA PRO A 835 -24.24 54.51 -12.52
C PRO A 835 -25.39 53.60 -12.85
N VAL A 836 -25.96 53.00 -11.80
CA VAL A 836 -27.11 52.13 -11.93
C VAL A 836 -28.26 52.73 -11.12
N ASN A 837 -29.48 52.59 -11.64
CA ASN A 837 -30.65 53.16 -11.00
C ASN A 837 -31.85 52.30 -11.32
N VAL A 838 -32.94 52.51 -10.57
CA VAL A 838 -34.10 51.64 -10.64
C VAL A 838 -35.05 52.15 -11.72
N SER A 839 -35.48 51.25 -12.58
CA SER A 839 -36.62 51.41 -13.47
C SER A 839 -37.79 50.62 -12.92
N PRO A 840 -39.03 50.81 -13.46
CA PRO A 840 -40.21 50.16 -12.87
C PRO A 840 -40.01 48.72 -12.41
N ASP A 841 -39.51 47.83 -13.26
CA ASP A 841 -39.19 46.47 -12.83
C ASP A 841 -37.70 46.17 -12.91
N ALA A 842 -37.08 46.33 -14.07
CA ALA A 842 -35.65 46.12 -14.19
C ALA A 842 -34.91 47.37 -13.73
N ASP A 843 -33.59 47.38 -13.91
CA ASP A 843 -32.77 48.54 -13.56
C ASP A 843 -31.87 48.87 -14.74
N SER A 844 -31.88 50.14 -15.15
CA SER A 844 -31.04 50.59 -16.25
C SER A 844 -29.61 50.81 -15.79
N LEU A 845 -28.77 51.27 -16.72
CA LEU A 845 -27.38 51.54 -16.41
C LEU A 845 -27.01 52.97 -16.79
N GLN B 159 43.10 17.84 -3.71
CA GLN B 159 43.06 18.31 -5.09
C GLN B 159 42.16 17.42 -5.94
N ALA B 160 41.65 16.34 -5.34
CA ALA B 160 40.72 15.47 -6.04
C ALA B 160 39.39 16.17 -6.34
N LEU B 161 39.04 17.20 -5.57
CA LEU B 161 37.80 17.93 -5.80
C LEU B 161 37.82 18.74 -7.09
N GLN B 162 39.00 19.07 -7.61
CA GLN B 162 39.07 19.77 -8.88
C GLN B 162 38.60 18.89 -10.03
N LYS B 163 38.49 17.58 -9.80
CA LYS B 163 38.11 16.66 -10.87
C LYS B 163 36.65 16.26 -10.79
N TYR B 164 36.08 16.21 -9.58
CA TYR B 164 34.73 15.71 -9.37
C TYR B 164 33.80 16.77 -8.81
N SER B 165 34.08 18.05 -9.05
CA SER B 165 33.26 19.09 -8.45
C SER B 165 33.59 20.44 -9.06
N THR B 166 32.56 21.26 -9.21
CA THR B 166 32.72 22.65 -9.60
C THR B 166 32.54 23.53 -8.36
N ASP B 167 32.79 24.85 -8.49
CA ASP B 167 32.75 25.75 -7.34
C ASP B 167 31.60 26.74 -7.51
N LEU B 168 30.55 26.52 -6.73
CA LEU B 168 29.41 27.44 -6.74
C LEU B 168 29.84 28.84 -6.33
N THR B 169 30.65 28.96 -5.28
CA THR B 169 31.03 30.28 -4.78
C THR B 169 31.90 31.02 -5.77
N ALA B 170 32.87 30.33 -6.38
CA ALA B 170 33.69 30.98 -7.40
C ALA B 170 32.85 31.39 -8.59
N ARG B 171 31.89 30.54 -9.00
CA ARG B 171 31.01 30.95 -10.10
C ARG B 171 30.22 32.20 -9.72
N ALA B 172 29.75 32.28 -8.47
CA ALA B 172 29.03 33.47 -8.04
C ALA B 172 29.93 34.68 -7.91
N ARG B 173 31.24 34.47 -7.75
CA ARG B 173 32.16 35.60 -7.62
C ARG B 173 32.19 36.44 -8.89
N GLU B 174 32.25 35.79 -10.06
CA GLU B 174 32.21 36.50 -11.32
C GLU B 174 30.80 36.95 -11.68
N GLY B 175 29.83 36.79 -10.79
CA GLY B 175 28.46 37.18 -11.08
C GLY B 175 27.87 36.44 -12.24
N LYS B 176 28.03 35.11 -12.26
CA LYS B 176 27.47 34.27 -13.30
C LYS B 176 26.18 33.58 -12.88
N LEU B 177 25.65 33.92 -11.71
CA LEU B 177 24.39 33.37 -11.24
C LEU B 177 23.30 34.43 -11.39
N ASP B 178 22.09 34.06 -11.03
CA ASP B 178 20.97 34.98 -11.14
C ASP B 178 20.64 35.58 -9.78
N PRO B 179 20.05 36.78 -9.76
CA PRO B 179 19.70 37.40 -8.48
C PRO B 179 18.72 36.54 -7.70
N VAL B 180 18.76 36.68 -6.38
CA VAL B 180 17.88 35.96 -5.48
C VAL B 180 17.17 36.98 -4.59
N ILE B 181 15.85 36.91 -4.55
CA ILE B 181 15.04 37.93 -3.90
C ILE B 181 14.10 37.24 -2.91
N GLY B 182 13.80 37.92 -1.81
CA GLY B 182 12.88 37.37 -0.84
C GLY B 182 13.48 36.19 -0.11
N ARG B 183 12.60 35.46 0.58
CA ARG B 183 12.97 34.25 1.31
C ARG B 183 14.05 34.55 2.34
N ASP B 184 13.72 35.38 3.32
CA ASP B 184 14.66 35.69 4.39
C ASP B 184 14.60 34.65 5.50
N ASN B 185 13.38 34.24 5.87
CA ASN B 185 13.24 33.24 6.92
C ASN B 185 13.94 31.95 6.55
N GLU B 186 13.78 31.51 5.30
CA GLU B 186 14.39 30.25 4.89
C GLU B 186 15.91 30.34 4.89
N ILE B 187 16.47 31.45 4.41
CA ILE B 187 17.92 31.58 4.40
C ILE B 187 18.47 31.66 5.83
N ARG B 188 17.81 32.40 6.70
CA ARG B 188 18.27 32.47 8.08
C ARG B 188 18.18 31.12 8.76
N ARG B 189 17.13 30.34 8.47
CA ARG B 189 17.03 29.02 9.06
C ARG B 189 18.11 28.09 8.53
N VAL B 190 18.37 28.14 7.23
CA VAL B 190 19.44 27.32 6.65
C VAL B 190 20.77 27.66 7.29
N VAL B 191 21.04 28.94 7.50
CA VAL B 191 22.31 29.33 8.11
C VAL B 191 22.39 28.84 9.54
N GLN B 192 21.38 29.16 10.36
CA GLN B 192 21.43 28.79 11.76
C GLN B 192 21.41 27.29 11.99
N VAL B 193 20.94 26.51 11.02
CA VAL B 193 21.08 25.05 11.10
C VAL B 193 22.44 24.61 10.57
N LEU B 194 23.00 25.36 9.63
CA LEU B 194 24.28 25.01 9.04
C LEU B 194 25.45 25.30 9.95
N SER B 195 25.27 26.13 10.97
CA SER B 195 26.40 26.52 11.80
C SER B 195 26.31 26.03 13.24
N ARG B 196 25.76 24.86 13.47
CA ARG B 196 25.69 24.29 14.81
C ARG B 196 26.78 23.24 14.99
N ARG B 197 26.87 22.69 16.19
CA ARG B 197 28.03 21.87 16.56
C ARG B 197 28.04 20.55 15.81
N THR B 198 27.05 19.71 16.06
CA THR B 198 26.99 18.38 15.48
C THR B 198 25.71 18.24 14.66
N LYS B 199 25.76 17.33 13.67
CA LYS B 199 24.58 17.03 12.87
C LYS B 199 24.10 18.29 12.15
N ASN B 200 25.05 19.08 11.67
CA ASN B 200 24.77 20.39 11.11
C ASN B 200 24.73 20.32 9.59
N ASN B 201 23.60 19.87 9.07
CA ASN B 201 23.43 19.73 7.63
C ASN B 201 21.97 19.76 7.23
N PRO B 202 21.53 20.81 6.54
CA PRO B 202 20.11 20.94 6.19
C PRO B 202 19.80 20.28 4.87
N VAL B 203 18.51 19.96 4.70
CA VAL B 203 17.99 19.45 3.44
C VAL B 203 16.73 20.24 3.11
N LEU B 204 16.73 20.92 1.98
CA LEU B 204 15.56 21.66 1.55
C LEU B 204 14.55 20.69 0.95
N ILE B 205 13.29 21.11 0.92
CA ILE B 205 12.21 20.19 0.59
C ILE B 205 11.00 21.00 0.17
N GLY B 206 10.16 20.42 -0.68
CA GLY B 206 9.02 21.12 -1.21
C GLY B 206 8.82 20.80 -2.68
N GLU B 207 7.62 21.09 -3.17
CA GLU B 207 7.24 20.74 -4.53
C GLU B 207 8.18 21.37 -5.54
N PRO B 208 8.38 20.72 -6.68
CA PRO B 208 9.36 21.23 -7.66
C PRO B 208 8.84 22.48 -8.36
N GLY B 209 9.66 23.51 -8.35
CA GLY B 209 9.33 24.78 -8.96
C GLY B 209 9.24 25.94 -7.98
N VAL B 210 9.12 25.66 -6.69
CA VAL B 210 8.90 26.73 -5.71
C VAL B 210 10.16 27.50 -5.39
N GLY B 211 11.32 26.99 -5.79
CA GLY B 211 12.58 27.63 -5.46
C GLY B 211 13.29 26.92 -4.33
N LYS B 212 14.22 26.04 -4.67
CA LYS B 212 15.01 25.32 -3.68
C LYS B 212 16.49 25.30 -4.00
N THR B 213 16.89 25.49 -5.26
CA THR B 213 18.29 25.72 -5.58
C THR B 213 18.61 27.20 -5.58
N ALA B 214 17.61 28.03 -5.87
CA ALA B 214 17.81 29.47 -5.81
C ALA B 214 18.18 29.92 -4.40
N ILE B 215 17.73 29.20 -3.37
CA ILE B 215 18.08 29.58 -2.01
C ILE B 215 19.54 29.28 -1.72
N VAL B 216 20.05 28.15 -2.20
CA VAL B 216 21.48 27.87 -2.01
C VAL B 216 22.32 28.86 -2.80
N GLU B 217 21.90 29.19 -4.02
CA GLU B 217 22.65 30.19 -4.77
C GLU B 217 22.60 31.56 -4.11
N GLY B 218 21.46 31.90 -3.50
CA GLY B 218 21.39 33.15 -2.76
C GLY B 218 22.30 33.14 -1.55
N LEU B 219 22.41 32.00 -0.87
CA LEU B 219 23.35 31.90 0.23
C LEU B 219 24.78 32.06 -0.25
N ALA B 220 25.08 31.53 -1.45
CA ALA B 220 26.42 31.72 -2.01
C ALA B 220 26.70 33.19 -2.27
N GLN B 221 25.78 33.88 -2.93
CA GLN B 221 25.95 35.31 -3.18
C GLN B 221 26.07 36.07 -1.87
N ARG B 222 25.32 35.66 -0.86
CA ARG B 222 25.35 36.33 0.43
C ARG B 222 26.68 36.13 1.12
N ILE B 223 27.30 34.96 0.96
CA ILE B 223 28.64 34.76 1.50
C ILE B 223 29.65 35.62 0.77
N VAL B 224 29.56 35.66 -0.57
CA VAL B 224 30.49 36.49 -1.34
C VAL B 224 30.34 37.95 -0.92
N ALA B 225 29.13 38.38 -0.60
CA ALA B 225 28.93 39.75 -0.11
C ALA B 225 29.51 39.93 1.27
N GLY B 226 29.20 39.03 2.19
CA GLY B 226 29.72 39.10 3.54
C GLY B 226 28.65 39.34 4.60
N ASP B 227 27.39 39.11 4.25
CA ASP B 227 26.28 39.34 5.16
C ASP B 227 26.11 38.24 6.20
N VAL B 228 26.91 37.18 6.15
CA VAL B 228 26.76 36.08 7.09
C VAL B 228 27.68 36.33 8.28
N PRO B 229 27.41 35.75 9.44
CA PRO B 229 28.24 36.03 10.62
C PRO B 229 29.67 35.50 10.50
N GLU B 230 30.49 35.82 11.51
CA GLU B 230 31.89 35.41 11.50
C GLU B 230 32.03 33.90 11.41
N SER B 231 31.07 33.15 11.97
CA SER B 231 31.10 31.70 11.93
C SER B 231 31.04 31.15 10.51
N LEU B 232 30.64 31.95 9.53
CA LEU B 232 30.53 31.48 8.15
C LEU B 232 31.30 32.33 7.14
N ARG B 233 31.72 33.53 7.50
CA ARG B 233 32.46 34.37 6.57
C ARG B 233 33.67 33.64 6.00
N ASP B 234 33.99 33.95 4.75
CA ASP B 234 35.20 33.45 4.09
C ASP B 234 35.24 31.92 4.06
N LYS B 235 34.25 31.35 3.38
CA LYS B 235 34.17 29.91 3.19
C LYS B 235 33.62 29.63 1.79
N THR B 236 34.14 28.58 1.16
CA THR B 236 33.77 28.24 -0.20
C THR B 236 32.80 27.07 -0.21
N ILE B 237 31.76 27.19 -1.04
CA ILE B 237 30.79 26.14 -1.24
C ILE B 237 31.19 25.35 -2.48
N VAL B 238 31.39 24.06 -2.33
CA VAL B 238 31.76 23.19 -3.44
C VAL B 238 30.53 22.40 -3.84
N ALA B 239 30.40 22.12 -5.13
CA ALA B 239 29.24 21.41 -5.66
C ALA B 239 29.67 20.00 -6.01
N LEU B 240 29.30 19.04 -5.17
CA LEU B 240 29.63 17.65 -5.43
C LEU B 240 28.75 17.12 -6.56
N ASP B 241 29.23 16.07 -7.21
CA ASP B 241 28.58 15.51 -8.40
C ASP B 241 28.81 14.01 -8.38
N LEU B 242 27.82 13.25 -7.92
CA LEU B 242 27.94 11.80 -7.87
C LEU B 242 28.00 11.18 -9.25
N GLY B 243 27.54 11.89 -10.28
CA GLY B 243 27.58 11.32 -11.62
C GLY B 243 28.99 11.13 -12.13
N SER B 244 29.80 12.18 -12.05
CA SER B 244 31.15 12.15 -12.60
C SER B 244 32.14 11.39 -11.73
N MET B 245 31.66 10.65 -10.73
CA MET B 245 32.54 9.83 -9.91
C MET B 245 32.43 8.35 -10.20
N VAL B 246 31.29 7.90 -10.73
CA VAL B 246 31.10 6.48 -11.04
C VAL B 246 31.31 6.26 -12.53
N ALA B 247 31.97 7.20 -13.20
CA ALA B 247 32.12 7.11 -14.64
C ALA B 247 32.90 5.85 -15.03
N GLY B 248 34.18 5.79 -14.68
CA GLY B 248 34.89 4.54 -14.83
C GLY B 248 35.24 3.94 -13.49
N SER B 249 34.45 2.96 -13.04
CA SER B 249 34.73 2.29 -11.78
C SER B 249 34.42 0.81 -11.90
N LYS B 250 34.82 0.19 -13.01
CA LYS B 250 34.49 -1.21 -13.20
C LYS B 250 35.31 -2.13 -12.31
N TYR B 251 36.44 -1.66 -11.79
CA TYR B 251 37.24 -2.47 -10.90
C TYR B 251 36.72 -2.37 -9.47
N ARG B 252 36.98 -3.41 -8.69
CA ARG B 252 36.23 -3.69 -7.47
C ARG B 252 36.47 -2.67 -6.36
N GLY B 253 37.27 -1.63 -6.58
CA GLY B 253 37.47 -0.66 -5.51
C GLY B 253 37.60 0.77 -5.96
N GLU B 254 37.36 1.03 -7.25
CA GLU B 254 37.64 2.36 -7.79
C GLU B 254 36.73 3.42 -7.18
N PHE B 255 35.43 3.14 -7.12
CA PHE B 255 34.50 4.15 -6.61
C PHE B 255 34.73 4.40 -5.12
N GLU B 256 34.95 3.34 -4.35
CA GLU B 256 35.26 3.51 -2.94
C GLU B 256 36.51 4.34 -2.76
N GLU B 257 37.54 4.09 -3.56
CA GLU B 257 38.76 4.88 -3.47
C GLU B 257 38.50 6.35 -3.77
N ARG B 258 37.74 6.62 -4.82
CA ARG B 258 37.46 8.01 -5.20
C ARG B 258 36.69 8.73 -4.11
N LEU B 259 35.61 8.13 -3.63
CA LEU B 259 34.80 8.76 -2.60
C LEU B 259 35.61 8.94 -1.31
N LYS B 260 36.48 7.98 -0.99
CA LYS B 260 37.31 8.13 0.19
C LYS B 260 38.28 9.30 0.06
N ALA B 261 38.90 9.44 -1.11
CA ALA B 261 39.80 10.56 -1.32
C ALA B 261 39.05 11.89 -1.18
N VAL B 262 37.85 11.97 -1.75
CA VAL B 262 37.08 13.21 -1.66
C VAL B 262 36.72 13.50 -0.20
N LEU B 263 36.27 12.47 0.53
CA LEU B 263 35.88 12.65 1.91
C LEU B 263 37.06 13.10 2.76
N ASP B 264 38.23 12.48 2.56
CA ASP B 264 39.39 12.84 3.37
C ASP B 264 39.88 14.23 3.03
N ASP B 265 39.78 14.63 1.75
CA ASP B 265 40.21 15.99 1.41
C ASP B 265 39.26 17.04 1.94
N ILE B 266 37.97 16.72 2.05
CA ILE B 266 37.07 17.66 2.72
C ILE B 266 37.36 17.72 4.21
N LYS B 267 37.52 16.56 4.84
CA LYS B 267 37.83 16.53 6.27
C LYS B 267 39.13 17.25 6.61
N ASN B 268 40.12 17.17 5.73
CA ASN B 268 41.43 17.75 6.03
C ASN B 268 41.36 19.26 6.20
N SER B 269 40.42 19.92 5.52
CA SER B 269 40.22 21.34 5.75
C SER B 269 39.62 21.57 7.13
N ALA B 270 39.59 22.84 7.53
CA ALA B 270 39.05 23.24 8.83
C ALA B 270 37.68 23.88 8.69
N GLY B 271 36.85 23.36 7.78
CA GLY B 271 35.57 23.97 7.51
C GLY B 271 35.60 25.03 6.44
N GLN B 272 36.66 25.08 5.63
CA GLN B 272 36.73 26.00 4.50
C GLN B 272 35.91 25.50 3.31
N ILE B 273 35.21 24.39 3.45
CA ILE B 273 34.50 23.74 2.35
C ILE B 273 33.15 23.28 2.85
N ILE B 274 32.11 23.59 2.08
CA ILE B 274 30.74 23.14 2.36
C ILE B 274 30.29 22.38 1.12
N THR B 275 30.12 21.07 1.26
CA THR B 275 29.69 20.26 0.13
C THR B 275 28.20 20.41 -0.09
N PHE B 276 27.82 20.77 -1.32
CA PHE B 276 26.42 21.00 -1.68
C PHE B 276 26.03 19.99 -2.74
N ILE B 277 25.29 18.97 -2.35
CA ILE B 277 24.77 17.98 -3.28
C ILE B 277 23.42 18.47 -3.76
N ASP B 278 23.22 18.47 -5.06
CA ASP B 278 21.90 18.70 -5.63
C ASP B 278 21.30 17.35 -6.00
N GLU B 279 19.99 17.22 -5.82
CA GLU B 279 19.29 15.95 -6.02
C GLU B 279 19.98 14.84 -5.23
N LEU B 280 19.98 15.00 -3.90
CA LEU B 280 20.71 14.05 -3.07
C LEU B 280 19.98 12.72 -2.95
N HIS B 281 18.72 12.64 -3.35
CA HIS B 281 18.05 11.34 -3.35
C HIS B 281 18.75 10.34 -4.24
N THR B 282 19.69 10.78 -5.07
CA THR B 282 20.52 9.89 -5.87
C THR B 282 21.68 9.30 -5.08
N ILE B 283 21.84 9.67 -3.81
CA ILE B 283 22.97 9.17 -3.02
C ILE B 283 22.75 7.77 -2.48
N VAL B 284 21.53 7.23 -2.62
CA VAL B 284 21.25 5.92 -2.06
C VAL B 284 21.88 4.82 -2.91
N GLY B 285 22.17 5.12 -4.18
CA GLY B 285 22.71 4.11 -5.06
C GLY B 285 24.22 4.05 -5.06
N ALA B 286 24.80 3.97 -6.26
CA ALA B 286 26.24 3.92 -6.51
C ALA B 286 26.88 2.61 -6.06
N GLY B 287 26.11 1.67 -5.51
CA GLY B 287 26.71 0.46 -4.97
C GLY B 287 27.19 -0.54 -5.98
N ALA B 288 26.25 -1.18 -6.68
CA ALA B 288 26.58 -2.24 -7.63
C ALA B 288 25.33 -2.67 -8.39
N ASP B 295 26.58 -1.04 0.28
CA ASP B 295 27.90 -0.52 0.59
C ASP B 295 28.26 0.66 -0.33
N ALA B 296 27.44 1.70 -0.27
CA ALA B 296 27.67 2.94 -0.99
C ALA B 296 26.73 3.99 -0.46
N GLY B 297 27.20 5.23 -0.39
CA GLY B 297 26.49 6.27 0.35
C GLY B 297 26.26 5.82 1.76
N ASN B 298 27.18 4.98 2.26
CA ASN B 298 27.08 4.37 3.58
C ASN B 298 28.36 4.65 4.34
N MET B 299 29.47 4.79 3.63
CA MET B 299 30.70 5.23 4.26
C MET B 299 30.63 6.67 4.71
N ILE B 300 29.53 7.37 4.43
CA ILE B 300 29.39 8.76 4.85
C ILE B 300 28.58 8.90 6.13
N LYS B 301 27.91 7.84 6.56
CA LYS B 301 27.23 7.86 7.85
C LYS B 301 28.15 8.22 9.00
N PRO B 302 29.41 7.73 9.08
CA PRO B 302 30.27 8.15 10.20
C PRO B 302 30.54 9.64 10.21
N MET B 303 30.98 10.19 9.09
CA MET B 303 31.34 11.59 9.05
C MET B 303 30.14 12.51 9.18
N LEU B 304 28.95 12.07 8.79
CA LEU B 304 27.77 12.92 8.90
C LEU B 304 27.44 13.23 10.35
N ALA B 305 27.27 12.18 11.16
CA ALA B 305 26.85 12.34 12.55
C ALA B 305 27.81 13.18 13.38
N ARG B 306 29.00 13.47 12.87
CA ARG B 306 29.98 14.26 13.61
C ARG B 306 30.11 15.68 13.08
N GLY B 307 29.40 16.02 12.02
CA GLY B 307 29.40 17.38 11.52
C GLY B 307 30.65 17.80 10.79
N GLU B 308 31.53 16.85 10.45
CA GLU B 308 32.77 17.21 9.76
C GLU B 308 32.49 17.85 8.42
N LEU B 309 31.88 17.12 7.50
CA LEU B 309 31.50 17.64 6.20
C LEU B 309 30.10 18.21 6.29
N ARG B 310 29.97 19.49 5.96
CA ARG B 310 28.66 20.14 5.90
C ARG B 310 27.99 19.70 4.62
N LEU B 311 26.71 19.36 4.69
CA LEU B 311 25.96 18.87 3.54
C LEU B 311 24.72 19.72 3.34
N VAL B 312 24.46 20.10 2.10
CA VAL B 312 23.32 20.94 1.74
C VAL B 312 22.65 20.29 0.54
N GLY B 313 21.40 19.90 0.68
CA GLY B 313 20.73 19.20 -0.39
C GLY B 313 19.42 19.81 -0.86
N ALA B 314 18.82 19.18 -1.88
CA ALA B 314 17.54 19.65 -2.40
C ALA B 314 16.90 18.49 -3.16
N THR B 315 15.78 17.98 -2.65
CA THR B 315 15.02 16.94 -3.31
C THR B 315 13.55 17.29 -3.27
N THR B 316 12.84 16.96 -4.35
CA THR B 316 11.41 17.24 -4.39
C THR B 316 10.69 16.50 -3.28
N LEU B 317 9.49 16.96 -2.96
CA LEU B 317 8.85 16.58 -1.71
C LEU B 317 8.40 15.12 -1.72
N ASP B 318 8.12 14.56 -2.90
CA ASP B 318 7.57 13.21 -2.96
C ASP B 318 8.52 12.19 -3.55
N GLU B 319 9.81 12.50 -3.66
CA GLU B 319 10.80 11.44 -3.81
C GLU B 319 11.59 11.25 -2.53
N TYR B 320 11.52 12.21 -1.61
CA TYR B 320 12.06 12.04 -0.28
C TYR B 320 11.48 10.82 0.40
N ARG B 321 10.16 10.79 0.56
CA ARG B 321 9.49 9.67 1.20
C ARG B 321 9.60 8.38 0.41
N LYS B 322 10.18 8.42 -0.78
CA LYS B 322 10.28 7.23 -1.61
C LYS B 322 11.69 6.66 -1.66
N HIS B 323 12.71 7.48 -1.48
CA HIS B 323 14.09 7.03 -1.59
C HIS B 323 14.91 7.24 -0.33
N ILE B 324 14.42 7.98 0.65
CA ILE B 324 15.21 8.28 1.84
C ILE B 324 14.51 7.76 3.08
N GLU B 325 13.24 8.14 3.25
CA GLU B 325 12.50 7.71 4.43
C GLU B 325 12.38 6.19 4.52
N LYS B 326 12.72 5.47 3.46
CA LYS B 326 12.89 4.03 3.53
C LYS B 326 14.05 3.63 4.43
N ASP B 327 15.00 4.54 4.66
CA ASP B 327 16.29 4.25 5.28
C ASP B 327 16.50 5.14 6.51
N ALA B 328 15.52 5.12 7.42
CA ALA B 328 15.48 6.01 8.57
C ALA B 328 16.80 6.05 9.35
N ALA B 329 17.64 5.02 9.18
CA ALA B 329 18.98 5.09 9.73
C ALA B 329 19.76 6.25 9.15
N LEU B 330 19.40 6.70 7.95
CA LEU B 330 20.06 7.82 7.29
C LEU B 330 19.34 9.14 7.49
N GLU B 331 18.03 9.19 7.29
CA GLU B 331 17.32 10.45 7.40
C GLU B 331 17.27 10.98 8.81
N ARG B 332 17.83 10.27 9.79
CA ARG B 332 18.00 10.86 11.11
C ARG B 332 19.02 11.98 11.07
N ARG B 333 20.09 11.82 10.29
CA ARG B 333 21.19 12.78 10.25
C ARG B 333 20.83 14.06 9.53
N PHE B 334 19.59 14.27 9.11
CA PHE B 334 19.26 15.38 8.24
C PHE B 334 18.22 16.28 8.90
N GLN B 335 18.37 17.58 8.69
CA GLN B 335 17.45 18.58 9.22
C GLN B 335 16.59 19.11 8.08
N GLN B 336 15.27 19.05 8.25
CA GLN B 336 14.36 19.41 7.17
C GLN B 336 14.04 20.89 7.20
N VAL B 337 13.88 21.47 6.01
CA VAL B 337 13.53 22.88 5.87
C VAL B 337 12.42 22.97 4.83
N TYR B 338 11.18 23.05 5.28
CA TYR B 338 10.04 23.09 4.37
C TYR B 338 10.01 24.42 3.64
N VAL B 339 9.81 24.36 2.33
CA VAL B 339 9.85 25.53 1.47
C VAL B 339 8.47 25.66 0.84
N GLY B 340 7.61 26.48 1.43
CA GLY B 340 6.30 26.69 0.87
C GLY B 340 6.31 27.59 -0.34
N GLU B 341 5.32 27.42 -1.21
CA GLU B 341 5.31 28.20 -2.43
C GLU B 341 4.86 29.63 -2.14
N PRO B 342 5.33 30.60 -2.91
CA PRO B 342 4.97 31.99 -2.68
C PRO B 342 3.57 32.27 -3.21
N SER B 343 3.13 33.52 -3.05
CA SER B 343 1.85 33.98 -3.55
C SER B 343 2.07 34.98 -4.68
N VAL B 344 0.97 35.50 -5.22
CA VAL B 344 1.06 36.42 -6.35
C VAL B 344 1.74 37.71 -5.94
N GLU B 345 1.48 38.18 -4.71
CA GLU B 345 1.99 39.49 -4.30
C GLU B 345 3.51 39.49 -4.23
N ASP B 346 4.11 38.33 -3.97
CA ASP B 346 5.57 38.26 -3.92
C ASP B 346 6.16 37.76 -5.23
N THR B 347 5.38 37.00 -6.01
CA THR B 347 5.81 36.68 -7.36
C THR B 347 5.95 37.94 -8.19
N ILE B 348 5.09 38.93 -7.94
CA ILE B 348 5.25 40.23 -8.58
C ILE B 348 6.62 40.80 -8.30
N GLY B 349 7.05 40.76 -7.04
CA GLY B 349 8.36 41.30 -6.69
C GLY B 349 9.50 40.52 -7.32
N ILE B 350 9.40 39.19 -7.32
CA ILE B 350 10.43 38.38 -7.94
C ILE B 350 10.57 38.74 -9.42
N LEU B 351 9.44 38.90 -10.11
CA LEU B 351 9.50 39.26 -11.52
C LEU B 351 10.07 40.67 -11.71
N ARG B 352 9.68 41.60 -10.84
CA ARG B 352 10.22 42.96 -10.93
C ARG B 352 11.73 42.95 -10.78
N GLY B 353 12.26 42.03 -9.98
CA GLY B 353 13.69 41.94 -9.83
C GLY B 353 14.38 41.23 -10.98
N LEU B 354 13.72 40.24 -11.57
CA LEU B 354 14.34 39.47 -12.64
C LEU B 354 14.22 40.12 -14.01
N LYS B 355 13.35 41.11 -14.18
CA LYS B 355 13.10 41.69 -15.50
C LYS B 355 14.37 42.00 -16.27
N ASP B 356 15.32 42.66 -15.62
CA ASP B 356 16.51 43.15 -16.33
C ASP B 356 17.38 42.03 -16.86
N ARG B 357 17.33 40.84 -16.27
CA ARG B 357 18.12 39.73 -16.76
C ARG B 357 17.68 39.24 -18.13
N TYR B 358 16.39 39.37 -18.44
CA TYR B 358 15.87 39.00 -19.76
C TYR B 358 15.85 40.18 -20.72
N GLU B 359 15.68 41.39 -20.18
CA GLU B 359 15.78 42.59 -21.02
C GLU B 359 17.08 42.62 -21.81
N VAL B 360 18.18 42.16 -21.21
CA VAL B 360 19.47 42.18 -21.90
C VAL B 360 19.59 41.00 -22.86
N HIS B 361 19.04 39.84 -22.50
CA HIS B 361 19.15 38.68 -23.39
C HIS B 361 18.37 38.91 -24.68
N HIS B 362 17.08 39.21 -24.57
CA HIS B 362 16.29 39.56 -25.74
C HIS B 362 16.27 41.08 -25.87
N GLY B 363 16.71 41.57 -27.03
CA GLY B 363 16.87 43.01 -27.16
C GLY B 363 15.53 43.71 -27.23
N VAL B 364 14.78 43.66 -26.14
CA VAL B 364 13.45 44.25 -26.04
C VAL B 364 13.32 44.90 -24.67
N ARG B 365 12.14 45.43 -24.39
CA ARG B 365 11.82 46.05 -23.12
C ARG B 365 10.51 45.47 -22.61
N ILE B 366 10.36 45.44 -21.28
CA ILE B 366 9.25 44.73 -20.66
C ILE B 366 8.53 45.70 -19.72
N THR B 367 7.21 45.74 -19.84
CA THR B 367 6.37 46.63 -19.06
C THR B 367 6.04 46.01 -17.71
N ASP B 368 6.00 46.85 -16.67
CA ASP B 368 5.59 46.36 -15.36
C ASP B 368 4.11 46.02 -15.34
N SER B 369 3.30 46.74 -16.11
CA SER B 369 1.91 46.35 -16.29
C SER B 369 1.78 45.00 -16.98
N ALA B 370 2.87 44.51 -17.56
CA ALA B 370 2.88 43.16 -18.11
C ALA B 370 3.45 42.16 -17.11
N LEU B 371 4.42 42.58 -16.29
CA LEU B 371 4.92 41.69 -15.25
C LEU B 371 3.86 41.40 -14.21
N VAL B 372 2.90 42.31 -14.02
CA VAL B 372 1.80 42.04 -13.10
C VAL B 372 0.82 41.05 -13.72
N ALA B 373 0.53 41.19 -15.01
CA ALA B 373 -0.42 40.29 -15.65
C ALA B 373 0.17 38.89 -15.78
N ALA B 374 1.47 38.77 -16.03
CA ALA B 374 2.10 37.47 -16.17
C ALA B 374 2.07 36.66 -14.88
N ALA B 375 1.63 37.25 -13.77
CA ALA B 375 1.44 36.53 -12.53
C ALA B 375 0.00 36.44 -12.10
N THR B 376 -0.77 37.52 -12.24
CA THR B 376 -2.19 37.46 -11.92
C THR B 376 -2.92 36.49 -12.84
N LEU B 377 -2.53 36.45 -14.11
CA LEU B 377 -3.25 35.66 -15.10
C LEU B 377 -2.86 34.19 -15.02
N SER B 378 -1.58 33.90 -14.82
CA SER B 378 -1.09 32.53 -14.84
C SER B 378 -1.29 31.80 -13.54
N ASP B 379 -2.19 32.28 -12.68
CA ASP B 379 -2.51 31.59 -11.45
C ASP B 379 -3.91 31.00 -11.44
N ARG B 380 -4.81 31.49 -12.29
CA ARG B 380 -6.16 30.96 -12.38
C ARG B 380 -6.38 30.11 -13.62
N TYR B 381 -5.38 29.96 -14.47
CA TYR B 381 -5.53 29.16 -15.69
C TYR B 381 -4.65 27.91 -15.69
N ILE B 382 -3.34 28.07 -15.51
CA ILE B 382 -2.40 26.97 -15.57
C ILE B 382 -2.27 26.42 -14.16
N THR B 383 -3.18 25.54 -13.77
CA THR B 383 -3.22 25.04 -12.40
C THR B 383 -2.45 23.75 -12.19
N ALA B 384 -1.76 23.25 -13.21
CA ALA B 384 -1.01 22.02 -13.05
C ALA B 384 0.33 22.23 -12.37
N ARG B 385 1.00 23.34 -12.64
CA ARG B 385 2.35 23.59 -12.13
C ARG B 385 2.31 24.66 -11.06
N PHE B 386 3.47 24.89 -10.45
CA PHE B 386 3.58 25.79 -9.32
C PHE B 386 4.15 27.14 -9.76
N LEU B 387 4.27 28.04 -8.80
CA LEU B 387 4.61 29.45 -8.95
C LEU B 387 6.10 29.58 -9.27
N PRO B 388 6.73 30.73 -9.05
CA PRO B 388 7.34 31.51 -10.13
C PRO B 388 7.60 30.78 -11.44
N ASP B 389 8.06 29.53 -11.42
CA ASP B 389 8.37 28.85 -12.67
C ASP B 389 7.24 28.98 -13.70
N LYS B 390 5.98 28.94 -13.26
CA LYS B 390 4.89 29.11 -14.21
C LYS B 390 4.51 30.56 -14.44
N ALA B 391 5.29 31.51 -13.92
CA ALA B 391 5.09 32.91 -14.21
C ALA B 391 6.27 33.53 -14.93
N ILE B 392 7.43 32.87 -14.95
CA ILE B 392 8.61 33.39 -15.63
C ILE B 392 8.55 32.94 -17.08
N ASP B 393 7.96 31.77 -17.31
CA ASP B 393 7.93 31.20 -18.66
C ASP B 393 7.11 32.06 -19.61
N LEU B 394 5.98 32.58 -19.14
CA LEU B 394 5.20 33.47 -19.99
C LEU B 394 6.01 34.69 -20.40
N VAL B 395 6.72 35.30 -19.45
CA VAL B 395 7.54 36.47 -19.75
C VAL B 395 8.59 36.12 -20.78
N ASP B 396 9.33 35.03 -20.56
CA ASP B 396 10.40 34.68 -21.46
C ASP B 396 9.88 34.39 -22.87
N GLU B 397 8.84 33.57 -22.98
CA GLU B 397 8.31 33.22 -24.28
C GLU B 397 7.74 34.44 -25.00
N ALA B 398 7.08 35.34 -24.26
CA ALA B 398 6.54 36.53 -24.89
C ALA B 398 7.66 37.41 -25.43
N ALA B 399 8.74 37.57 -24.66
CA ALA B 399 9.87 38.34 -25.16
C ALA B 399 10.45 37.70 -26.42
N SER B 400 10.59 36.37 -26.42
CA SER B 400 11.15 35.71 -27.59
C SER B 400 10.25 35.88 -28.82
N ARG B 401 8.94 35.81 -28.61
CA ARG B 401 8.02 36.00 -29.73
C ARG B 401 8.09 37.42 -30.27
N LEU B 402 8.20 38.40 -29.37
CA LEU B 402 8.33 39.77 -29.83
C LEU B 402 9.62 39.98 -30.60
N ARG B 403 10.70 39.33 -30.17
CA ARG B 403 11.95 39.46 -30.92
C ARG B 403 11.83 38.83 -32.31
N MET B 404 11.18 37.67 -32.40
CA MET B 404 10.89 37.09 -33.71
C MET B 404 10.10 38.06 -34.58
N GLU B 405 9.09 38.69 -34.00
CA GLU B 405 8.30 39.67 -34.76
C GLU B 405 9.17 40.84 -35.23
N ILE B 406 10.09 41.28 -34.39
CA ILE B 406 10.94 42.42 -34.73
C ILE B 406 11.86 42.07 -35.89
N ASP B 407 12.46 40.88 -35.86
CA ASP B 407 13.46 40.54 -36.86
C ASP B 407 12.83 40.43 -38.25
N SER B 408 11.94 39.46 -38.42
CA SER B 408 11.34 39.19 -39.72
C SER B 408 10.02 39.96 -39.84
N ARG B 409 9.22 39.65 -40.85
CA ARG B 409 7.88 40.20 -40.94
C ARG B 409 7.04 39.73 -39.76
N PRO B 410 6.08 40.54 -39.33
CA PRO B 410 5.22 40.15 -38.21
C PRO B 410 4.32 38.98 -38.57
N VAL B 411 3.78 38.33 -37.54
CA VAL B 411 2.79 37.29 -37.74
C VAL B 411 1.53 37.94 -38.28
N GLU B 412 0.58 37.13 -38.74
CA GLU B 412 -0.64 37.50 -39.46
C GLU B 412 -0.33 38.23 -40.77
N ILE B 413 0.95 38.38 -41.10
CA ILE B 413 1.42 38.79 -42.41
C ILE B 413 2.30 37.65 -42.89
N ASP B 414 2.54 36.70 -41.99
CA ASP B 414 3.38 35.55 -42.31
C ASP B 414 2.53 34.33 -42.62
N GLU B 415 1.49 34.08 -41.83
CA GLU B 415 0.64 32.91 -42.08
C GLU B 415 -0.11 33.04 -43.40
N VAL B 416 -0.68 34.21 -43.67
CA VAL B 416 -1.42 34.42 -44.91
C VAL B 416 -0.49 34.24 -46.11
N GLU B 417 0.71 34.81 -46.05
CA GLU B 417 1.64 34.70 -47.16
C GLU B 417 2.08 33.24 -47.36
N ARG B 418 2.37 32.53 -46.26
CA ARG B 418 2.75 31.12 -46.37
C ARG B 418 1.64 30.31 -47.02
N LEU B 419 0.39 30.47 -46.56
CA LEU B 419 -0.69 29.64 -47.08
C LEU B 419 -1.02 30.00 -48.53
N VAL B 420 -0.88 31.26 -48.92
CA VAL B 420 -1.08 31.62 -50.32
C VAL B 420 0.01 30.98 -51.18
N ARG B 421 1.25 30.98 -50.68
CA ARG B 421 2.35 30.33 -51.38
C ARG B 421 2.17 28.84 -51.51
N ARG B 422 1.10 28.27 -50.94
CA ARG B 422 0.77 26.86 -51.07
C ARG B 422 -0.48 26.63 -51.89
N LEU B 423 -1.51 27.45 -51.68
CA LEU B 423 -2.68 27.41 -52.55
C LEU B 423 -2.29 27.62 -54.01
N GLU B 424 -1.30 28.48 -54.26
CA GLU B 424 -0.84 28.70 -55.64
C GLU B 424 -0.35 27.39 -56.26
N ILE B 425 0.55 26.70 -55.56
CA ILE B 425 1.08 25.44 -56.08
C ILE B 425 -0.04 24.42 -56.25
N GLU B 426 -0.98 24.39 -55.31
CA GLU B 426 -2.07 23.43 -55.39
C GLU B 426 -2.92 23.65 -56.64
N GLU B 427 -3.28 24.90 -56.91
CA GLU B 427 -4.10 25.15 -58.09
C GLU B 427 -3.29 24.97 -59.37
N MET B 428 -1.98 25.25 -59.34
CA MET B 428 -1.14 24.99 -60.50
C MET B 428 -1.16 23.51 -60.87
N ALA B 429 -0.92 22.65 -59.88
CA ALA B 429 -0.94 21.21 -60.11
C ALA B 429 -2.35 20.68 -60.39
N LEU B 430 -3.39 21.39 -59.94
CA LEU B 430 -4.75 20.96 -60.21
C LEU B 430 -5.23 21.35 -61.60
N SER B 431 -4.59 22.36 -62.21
CA SER B 431 -5.00 22.78 -63.54
C SER B 431 -4.73 21.75 -64.61
N LYS B 432 -3.81 20.81 -64.38
CA LYS B 432 -3.40 19.85 -65.40
C LYS B 432 -4.08 18.50 -65.26
N GLU B 433 -5.34 18.47 -64.82
CA GLU B 433 -6.08 17.22 -64.64
C GLU B 433 -7.09 17.07 -65.77
N GLU B 434 -7.19 15.87 -66.32
CA GLU B 434 -8.06 15.60 -67.47
C GLU B 434 -9.41 15.04 -67.04
N ASP B 435 -10.15 15.77 -66.21
CA ASP B 435 -11.42 15.26 -65.72
C ASP B 435 -12.40 16.41 -65.55
N GLU B 436 -13.68 16.04 -65.44
CA GLU B 436 -14.76 16.97 -65.16
C GLU B 436 -15.04 17.13 -63.68
N ALA B 437 -14.77 16.10 -62.88
CA ALA B 437 -14.94 16.22 -61.43
C ALA B 437 -13.99 17.25 -60.83
N SER B 438 -12.75 17.31 -61.32
CA SER B 438 -11.80 18.31 -60.86
C SER B 438 -12.11 19.71 -61.37
N ALA B 439 -12.96 19.83 -62.40
CA ALA B 439 -13.27 21.14 -62.95
C ALA B 439 -14.05 22.01 -61.97
N GLU B 440 -14.90 21.41 -61.14
CA GLU B 440 -15.57 22.17 -60.10
C GLU B 440 -14.69 22.34 -58.86
N ARG B 441 -13.63 21.54 -58.73
CA ARG B 441 -12.70 21.71 -57.63
C ARG B 441 -11.70 22.82 -57.93
N LEU B 442 -11.24 22.91 -59.19
CA LEU B 442 -10.39 24.02 -59.59
C LEU B 442 -11.16 25.34 -59.59
N ALA B 443 -12.48 25.27 -59.76
CA ALA B 443 -13.31 26.46 -59.82
C ALA B 443 -13.75 26.95 -58.45
N LYS B 444 -13.31 26.30 -57.37
CA LYS B 444 -13.57 26.77 -56.01
C LYS B 444 -12.31 27.21 -55.30
N LEU B 445 -11.21 26.46 -55.45
CA LEU B 445 -9.93 26.88 -54.91
C LEU B 445 -9.48 28.21 -55.53
N ARG B 446 -9.81 28.42 -56.80
CA ARG B 446 -9.48 29.65 -57.50
C ARG B 446 -10.23 30.86 -56.96
N SER B 447 -11.27 30.64 -56.15
CA SER B 447 -11.97 31.75 -55.52
C SER B 447 -11.36 32.10 -54.16
N GLU B 448 -11.03 31.08 -53.36
CA GLU B 448 -10.36 31.34 -52.10
C GLU B 448 -8.98 31.92 -52.31
N LEU B 449 -8.31 31.56 -53.41
CA LEU B 449 -7.01 32.15 -53.69
C LEU B 449 -7.12 33.66 -53.83
N ALA B 450 -8.15 34.13 -54.55
CA ALA B 450 -8.38 35.57 -54.68
C ALA B 450 -8.81 36.19 -53.36
N ASP B 451 -9.71 35.52 -52.64
CA ASP B 451 -10.16 36.05 -51.35
C ASP B 451 -9.00 36.25 -50.39
N GLN B 452 -7.98 35.40 -50.46
CA GLN B 452 -6.85 35.53 -49.53
C GLN B 452 -5.79 36.50 -50.06
N LYS B 453 -5.55 36.49 -51.36
CA LYS B 453 -4.65 37.48 -51.95
C LYS B 453 -5.16 38.90 -51.75
N GLU B 454 -6.47 39.10 -51.64
CA GLU B 454 -7.00 40.41 -51.31
C GLU B 454 -6.57 40.85 -49.92
N LYS B 455 -6.77 39.99 -48.93
CA LYS B 455 -6.45 40.34 -47.55
C LYS B 455 -4.95 40.48 -47.33
N LEU B 456 -4.12 39.72 -48.05
CA LEU B 456 -2.68 39.90 -47.93
C LEU B 456 -2.30 41.34 -48.23
N ALA B 457 -2.68 41.84 -49.41
CA ALA B 457 -2.35 43.21 -49.79
C ALA B 457 -3.04 44.24 -48.91
N GLU B 458 -4.28 43.98 -48.48
CA GLU B 458 -4.95 44.93 -47.59
C GLU B 458 -4.19 45.12 -46.30
N LEU B 459 -3.82 44.02 -45.63
CA LEU B 459 -3.06 44.13 -44.39
C LEU B 459 -1.65 44.62 -44.65
N THR B 460 -1.10 44.35 -45.83
CA THR B 460 0.23 44.88 -46.14
C THR B 460 0.20 46.40 -46.27
N THR B 461 -0.86 46.95 -46.84
CA THR B 461 -1.02 48.40 -46.88
C THR B 461 -1.26 48.97 -45.48
N ARG B 462 -2.11 48.30 -44.70
CA ARG B 462 -2.31 48.68 -43.31
C ARG B 462 -1.02 48.63 -42.51
N TRP B 463 -0.05 47.82 -42.93
CA TRP B 463 1.25 47.79 -42.26
C TRP B 463 2.04 49.05 -42.52
N GLN B 464 2.14 49.50 -43.77
CA GLN B 464 2.83 50.76 -44.05
C GLN B 464 2.11 51.95 -43.44
N ASN B 465 0.77 51.90 -43.39
CA ASN B 465 0.01 52.98 -42.79
C ASN B 465 0.44 53.27 -41.36
N GLU B 466 0.99 52.27 -40.66
CA GLU B 466 1.53 52.46 -39.32
C GLU B 466 3.04 52.55 -39.30
N LYS B 467 3.72 51.90 -40.23
CA LYS B 467 5.17 51.93 -40.30
C LYS B 467 5.72 53.30 -40.72
N ASN B 468 4.89 54.12 -41.38
CA ASN B 468 5.36 55.44 -41.77
C ASN B 468 5.33 56.43 -40.61
N ALA B 469 4.17 56.65 -40.01
CA ALA B 469 4.02 57.60 -38.92
C ALA B 469 4.90 57.25 -37.73
N LYS B 530 4.45 48.13 -30.92
CA LYS B 530 5.01 46.80 -31.05
C LYS B 530 6.53 46.83 -30.92
N GLU B 531 7.00 47.41 -29.81
CA GLU B 531 8.42 47.43 -29.50
C GLU B 531 8.72 47.00 -28.07
N GLU B 532 7.73 46.52 -27.33
CA GLU B 532 7.91 46.04 -25.97
C GLU B 532 6.73 45.14 -25.62
N VAL B 533 7.00 44.10 -24.83
CA VAL B 533 5.94 43.19 -24.45
C VAL B 533 4.95 43.90 -23.53
N GLY B 534 3.70 43.47 -23.58
CA GLY B 534 2.66 44.16 -22.86
C GLY B 534 1.66 43.23 -22.21
N PRO B 535 0.60 43.79 -21.66
CA PRO B 535 -0.37 42.96 -20.93
C PRO B 535 -1.29 42.19 -21.85
N ASP B 536 -0.96 42.12 -23.14
CA ASP B 536 -1.72 41.33 -24.11
C ASP B 536 -0.91 40.20 -24.72
N ASP B 537 0.40 40.36 -24.84
CA ASP B 537 1.22 39.24 -25.30
C ASP B 537 1.20 38.11 -24.29
N ILE B 538 1.11 38.44 -23.01
CA ILE B 538 0.97 37.42 -21.97
C ILE B 538 -0.31 36.62 -22.21
N ALA B 539 -1.41 37.32 -22.46
CA ALA B 539 -2.66 36.63 -22.74
C ALA B 539 -2.55 35.80 -24.02
N ASP B 540 -1.84 36.30 -25.01
CA ASP B 540 -1.65 35.54 -26.24
C ASP B 540 -0.91 34.24 -25.98
N VAL B 541 0.12 34.27 -25.13
CA VAL B 541 0.87 33.05 -24.84
C VAL B 541 0.03 32.09 -24.02
N VAL B 542 -0.69 32.59 -23.01
CA VAL B 542 -1.51 31.71 -22.20
C VAL B 542 -2.75 31.26 -22.95
N SER B 543 -3.00 31.80 -24.14
CA SER B 543 -4.06 31.26 -24.99
C SER B 543 -3.53 30.22 -25.96
N ALA B 544 -2.37 30.47 -26.57
CA ALA B 544 -1.75 29.45 -27.41
C ALA B 544 -1.45 28.19 -26.63
N TRP B 545 -0.88 28.36 -25.43
CA TRP B 545 -0.73 27.25 -24.50
C TRP B 545 -2.02 27.13 -23.68
N THR B 546 -2.41 25.89 -23.39
CA THR B 546 -3.61 25.52 -22.64
C THR B 546 -4.91 25.80 -23.39
N GLY B 547 -4.86 26.43 -24.55
CA GLY B 547 -6.03 26.49 -25.41
C GLY B 547 -7.18 27.36 -24.94
N ILE B 548 -7.17 27.79 -23.69
CA ILE B 548 -8.26 28.61 -23.16
C ILE B 548 -8.17 30.01 -23.73
N PRO B 549 -9.24 30.55 -24.31
CA PRO B 549 -9.18 31.89 -24.91
C PRO B 549 -9.37 32.97 -23.86
N ALA B 550 -8.33 33.75 -23.63
CA ALA B 550 -8.37 34.90 -22.72
C ALA B 550 -7.69 36.06 -23.44
N GLY B 551 -8.49 36.93 -24.06
CA GLY B 551 -7.95 38.04 -24.82
C GLY B 551 -8.71 39.33 -24.66
N ARG B 552 -8.92 40.03 -25.77
CA ARG B 552 -9.63 41.31 -25.72
C ARG B 552 -10.69 41.43 -26.82
N LEU B 553 -11.16 40.31 -27.38
CA LEU B 553 -12.14 40.34 -28.46
C LEU B 553 -11.61 41.13 -29.65
N LEU B 554 -10.59 40.56 -30.28
CA LEU B 554 -9.74 41.33 -31.18
C LEU B 554 -10.43 41.69 -32.50
N GLU B 555 -11.55 42.43 -32.39
CA GLU B 555 -12.13 43.20 -33.47
C GLU B 555 -12.76 42.32 -34.55
N GLY B 556 -12.55 41.01 -34.45
CA GLY B 556 -13.21 40.08 -35.36
C GLY B 556 -14.13 39.17 -34.59
N GLU B 557 -13.72 38.84 -33.36
CA GLU B 557 -14.55 38.02 -32.50
C GLU B 557 -15.76 38.79 -31.98
N THR B 558 -15.64 40.11 -31.84
CA THR B 558 -16.75 40.89 -31.27
C THR B 558 -17.95 40.90 -32.21
N ALA B 559 -17.72 41.19 -33.49
CA ALA B 559 -18.82 41.19 -34.46
C ALA B 559 -19.51 39.85 -34.50
N LYS B 560 -18.73 38.76 -34.48
CA LYS B 560 -19.32 37.42 -34.54
C LYS B 560 -20.10 37.10 -33.27
N LEU B 561 -19.53 37.39 -32.10
CA LEU B 561 -20.24 37.16 -30.86
C LEU B 561 -21.49 38.02 -30.75
N LEU B 562 -21.54 39.14 -31.47
CA LEU B 562 -22.69 40.03 -31.34
C LEU B 562 -23.91 39.48 -32.07
N ARG B 563 -23.71 38.69 -33.11
CA ARG B 563 -24.81 38.02 -33.80
C ARG B 563 -24.59 36.51 -33.67
N MET B 564 -25.05 35.94 -32.57
CA MET B 564 -24.97 34.50 -32.36
C MET B 564 -26.33 33.84 -32.49
N GLU B 565 -27.37 34.43 -31.90
CA GLU B 565 -28.72 33.92 -32.08
C GLU B 565 -29.20 33.96 -33.52
N ASP B 566 -28.41 34.54 -34.42
CA ASP B 566 -28.62 34.39 -35.85
C ASP B 566 -27.72 33.33 -36.45
N GLU B 567 -26.60 33.04 -35.81
CA GLU B 567 -25.71 31.96 -36.25
C GLU B 567 -26.13 30.60 -35.72
N LEU B 568 -26.74 30.55 -34.53
CA LEU B 568 -27.32 29.31 -34.04
C LEU B 568 -28.65 29.01 -34.72
N GLY B 569 -29.36 30.04 -35.15
CA GLY B 569 -30.65 29.85 -35.79
C GLY B 569 -30.59 29.11 -37.12
N LYS B 570 -29.40 28.90 -37.67
CA LYS B 570 -29.28 28.16 -38.91
C LYS B 570 -29.34 26.66 -38.71
N ARG B 571 -29.38 26.18 -37.47
CA ARG B 571 -29.49 24.75 -37.21
C ARG B 571 -30.64 24.45 -36.27
N VAL B 572 -30.95 25.38 -35.37
CA VAL B 572 -32.09 25.26 -34.48
C VAL B 572 -33.12 26.30 -34.90
N ILE B 573 -34.40 25.95 -34.75
CA ILE B 573 -35.50 26.79 -35.21
C ILE B 573 -36.46 26.98 -34.05
N GLY B 574 -36.64 28.23 -33.63
CA GLY B 574 -37.38 28.49 -32.42
C GLY B 574 -36.46 28.43 -31.22
N GLN B 575 -37.07 28.15 -30.06
CA GLN B 575 -36.34 27.99 -28.80
C GLN B 575 -35.51 29.23 -28.48
N LYS B 576 -36.08 30.40 -28.81
CA LYS B 576 -35.45 31.65 -28.41
C LYS B 576 -35.29 31.74 -26.90
N ALA B 577 -36.13 31.04 -26.15
CA ALA B 577 -35.94 30.94 -24.71
C ALA B 577 -34.55 30.44 -24.36
N ALA B 578 -34.10 29.38 -25.04
CA ALA B 578 -32.79 28.80 -24.76
C ALA B 578 -31.65 29.54 -25.46
N VAL B 579 -31.82 29.89 -26.73
CA VAL B 579 -30.72 30.52 -27.46
C VAL B 579 -30.38 31.88 -26.87
N THR B 580 -31.31 32.50 -26.15
CA THR B 580 -31.06 33.78 -25.51
C THR B 580 -30.42 33.62 -24.13
N ALA B 581 -30.15 32.40 -23.71
CA ALA B 581 -29.49 32.13 -22.43
C ALA B 581 -28.23 31.31 -22.58
N VAL B 582 -28.21 30.36 -23.52
CA VAL B 582 -26.98 29.65 -23.82
C VAL B 582 -25.95 30.60 -24.41
N SER B 583 -26.39 31.47 -25.32
CA SER B 583 -25.50 32.46 -25.91
C SER B 583 -25.32 33.69 -25.04
N ASP B 584 -25.89 33.70 -23.84
CA ASP B 584 -25.68 34.81 -22.92
C ASP B 584 -24.50 34.60 -22.00
N ALA B 585 -24.32 33.38 -21.49
CA ALA B 585 -23.19 33.06 -20.63
C ALA B 585 -21.89 32.90 -21.40
N VAL B 586 -21.90 33.19 -22.69
CA VAL B 586 -20.68 33.23 -23.48
C VAL B 586 -20.20 34.66 -23.66
N ARG B 587 -21.11 35.59 -23.96
CA ARG B 587 -20.73 36.99 -24.07
C ARG B 587 -20.22 37.53 -22.74
N ARG B 588 -20.99 37.32 -21.67
CA ARG B 588 -20.54 37.83 -20.38
C ARG B 588 -19.40 37.03 -19.79
N SER B 589 -18.91 36.02 -20.49
CA SER B 589 -17.69 35.34 -20.10
C SER B 589 -16.49 35.77 -20.92
N ARG B 590 -16.67 36.10 -22.20
CA ARG B 590 -15.61 36.68 -22.99
C ARG B 590 -15.35 38.14 -22.63
N ALA B 591 -16.35 38.85 -22.13
CA ALA B 591 -16.20 40.24 -21.76
C ALA B 591 -15.56 40.43 -20.40
N GLY B 592 -15.02 39.38 -19.80
CA GLY B 592 -14.35 39.49 -18.51
C GLY B 592 -15.24 39.97 -17.39
N VAL B 593 -16.42 39.37 -17.24
CA VAL B 593 -17.36 39.80 -16.21
C VAL B 593 -17.83 38.65 -15.32
N SER B 594 -17.71 37.40 -15.73
CA SER B 594 -18.28 36.30 -14.96
C SER B 594 -17.45 36.00 -13.71
N ASP B 595 -17.95 35.07 -12.93
CA ASP B 595 -17.27 34.68 -11.70
C ASP B 595 -16.00 33.90 -12.04
N PRO B 596 -14.89 34.14 -11.36
CA PRO B 596 -13.62 33.55 -11.79
C PRO B 596 -13.47 32.08 -11.46
N ASN B 597 -14.20 31.56 -10.47
CA ASN B 597 -14.12 30.15 -10.09
C ASN B 597 -15.52 29.56 -10.05
N ARG B 598 -16.03 29.19 -11.22
CA ARG B 598 -17.30 28.51 -11.41
C ARG B 598 -17.41 28.22 -12.90
N PRO B 599 -18.08 27.14 -13.31
CA PRO B 599 -18.21 26.86 -14.74
C PRO B 599 -18.80 28.05 -15.50
N THR B 600 -18.38 28.17 -16.76
CA THR B 600 -18.88 29.25 -17.60
C THR B 600 -20.39 29.22 -17.69
N GLY B 601 -20.98 28.04 -17.54
CA GLY B 601 -22.42 27.90 -17.53
C GLY B 601 -22.83 26.45 -17.33
N ALA B 602 -23.77 26.22 -16.42
CA ALA B 602 -24.23 24.86 -16.11
C ALA B 602 -25.74 24.93 -15.90
N PHE B 603 -26.50 24.57 -16.93
CA PHE B 603 -27.95 24.65 -16.88
C PHE B 603 -28.56 23.45 -17.59
N MET B 604 -29.69 23.00 -17.05
CA MET B 604 -30.41 21.85 -17.57
C MET B 604 -31.70 22.32 -18.20
N PHE B 605 -31.88 21.98 -19.48
CA PHE B 605 -33.12 22.28 -20.18
C PHE B 605 -33.82 20.99 -20.58
N LEU B 606 -35.13 20.96 -20.35
CA LEU B 606 -35.94 19.76 -20.48
C LEU B 606 -37.31 20.11 -21.02
N GLY B 607 -37.89 19.17 -21.76
CA GLY B 607 -39.18 19.36 -22.38
C GLY B 607 -39.60 18.14 -23.17
N PRO B 608 -40.72 18.23 -23.89
CA PRO B 608 -41.16 17.09 -24.71
C PRO B 608 -40.14 16.69 -25.75
N THR B 609 -40.25 15.48 -26.27
CA THR B 609 -39.23 14.92 -27.14
C THR B 609 -39.32 15.51 -28.55
N GLY B 610 -38.25 15.33 -29.30
CA GLY B 610 -38.20 15.77 -30.69
C GLY B 610 -38.17 17.27 -30.87
N VAL B 611 -37.93 18.03 -29.82
CA VAL B 611 -37.93 19.49 -29.94
C VAL B 611 -36.56 20.02 -30.35
N GLY B 612 -35.48 19.38 -29.91
CA GLY B 612 -34.15 19.80 -30.30
C GLY B 612 -33.20 20.02 -29.14
N LYS B 613 -33.54 19.50 -27.97
CA LYS B 613 -32.74 19.71 -26.77
C LYS B 613 -31.37 19.05 -26.85
N THR B 614 -31.18 18.06 -27.73
CA THR B 614 -29.85 17.56 -28.05
C THR B 614 -29.22 18.32 -29.21
N GLU B 615 -30.03 18.79 -30.16
CA GLU B 615 -29.49 19.48 -31.33
C GLU B 615 -28.92 20.84 -30.96
N LEU B 616 -29.43 21.46 -29.89
CA LEU B 616 -28.88 22.74 -29.46
C LEU B 616 -27.48 22.57 -28.90
N ALA B 617 -27.27 21.56 -28.06
CA ALA B 617 -25.95 21.33 -27.51
C ALA B 617 -24.98 20.77 -28.53
N LYS B 618 -25.44 20.43 -29.73
CA LYS B 618 -24.55 20.09 -30.83
C LYS B 618 -24.37 21.24 -31.81
N ALA B 619 -25.38 22.09 -31.99
CA ALA B 619 -25.21 23.29 -32.77
C ALA B 619 -24.27 24.27 -32.08
N LEU B 620 -24.29 24.33 -30.76
CA LEU B 620 -23.42 25.23 -30.02
C LEU B 620 -21.96 24.80 -30.11
N ALA B 621 -21.66 23.55 -29.79
CA ALA B 621 -20.29 23.05 -29.88
C ALA B 621 -19.68 23.27 -31.25
N ASP B 622 -20.49 23.28 -32.30
CA ASP B 622 -20.01 23.62 -33.63
C ASP B 622 -19.57 25.06 -33.72
N PHE B 623 -20.30 25.97 -33.07
CA PHE B 623 -20.03 27.40 -33.21
C PHE B 623 -18.68 27.78 -32.62
N LEU B 624 -18.15 26.98 -31.69
CA LEU B 624 -16.87 27.30 -31.07
C LEU B 624 -15.69 26.62 -31.74
N PHE B 625 -15.65 25.29 -31.77
CA PHE B 625 -14.50 24.56 -32.29
C PHE B 625 -14.64 24.16 -33.75
N ASP B 626 -15.73 24.50 -34.41
CA ASP B 626 -15.96 24.14 -35.80
C ASP B 626 -15.94 22.63 -36.02
N ASP B 627 -16.25 21.86 -34.97
CA ASP B 627 -16.27 20.40 -35.08
C ASP B 627 -17.22 19.85 -34.05
N GLU B 628 -18.31 19.23 -34.50
CA GLU B 628 -19.35 18.73 -33.62
C GLU B 628 -18.91 17.55 -32.77
N ARG B 629 -17.66 17.13 -32.87
CA ARG B 629 -17.18 15.91 -32.20
C ARG B 629 -16.03 16.18 -31.25
N ALA B 630 -15.63 17.45 -31.13
CA ALA B 630 -14.54 17.82 -30.23
C ALA B 630 -15.02 18.04 -28.80
N MET B 631 -16.30 17.81 -28.53
CA MET B 631 -16.85 17.92 -27.19
C MET B 631 -16.91 16.55 -26.53
N VAL B 632 -16.92 16.55 -25.21
CA VAL B 632 -16.97 15.34 -24.42
C VAL B 632 -18.44 15.02 -24.19
N ARG B 633 -18.92 13.96 -24.81
CA ARG B 633 -20.31 13.52 -24.68
C ARG B 633 -20.33 12.20 -23.95
N ILE B 634 -21.08 12.14 -22.85
CA ILE B 634 -21.22 10.91 -22.07
C ILE B 634 -22.69 10.59 -21.93
N ASP B 635 -23.05 9.33 -22.13
CA ASP B 635 -24.44 8.89 -22.16
C ASP B 635 -24.84 8.45 -20.76
N MET B 636 -25.70 9.21 -20.11
CA MET B 636 -26.04 8.88 -18.73
C MET B 636 -27.18 7.91 -18.63
N SER B 637 -27.51 7.12 -19.65
CA SER B 637 -28.49 6.05 -19.50
C SER B 637 -27.85 4.72 -19.17
N GLU B 638 -26.52 4.63 -19.19
CA GLU B 638 -25.81 3.42 -18.82
C GLU B 638 -25.51 3.34 -17.34
N TYR B 639 -25.60 4.46 -16.62
CA TYR B 639 -25.30 4.48 -15.19
C TYR B 639 -26.54 4.11 -14.38
N GLY B 640 -26.97 2.87 -14.56
CA GLY B 640 -28.16 2.39 -13.88
C GLY B 640 -27.91 1.85 -12.49
N GLU B 641 -26.65 1.65 -12.13
CA GLU B 641 -26.28 1.16 -10.81
C GLU B 641 -25.34 2.14 -10.14
N LYS B 642 -25.41 2.19 -8.81
CA LYS B 642 -24.57 3.13 -8.06
C LYS B 642 -23.09 2.78 -8.18
N HIS B 643 -22.77 1.52 -8.46
CA HIS B 643 -21.36 1.14 -8.51
C HIS B 643 -20.72 1.49 -9.84
N THR B 644 -21.50 1.91 -10.83
CA THR B 644 -20.96 2.27 -12.14
C THR B 644 -20.41 3.69 -12.17
N VAL B 645 -20.28 4.35 -11.03
CA VAL B 645 -19.71 5.69 -10.99
C VAL B 645 -18.23 5.63 -11.30
N ALA B 646 -17.54 4.61 -10.82
CA ALA B 646 -16.09 4.51 -10.97
C ALA B 646 -15.64 4.54 -12.42
N ARG B 647 -16.56 4.43 -13.37
CA ARG B 647 -16.18 4.49 -14.77
C ARG B 647 -15.68 5.87 -15.17
N LEU B 648 -16.19 6.92 -14.54
CA LEU B 648 -15.83 8.29 -14.89
C LEU B 648 -14.96 8.96 -13.84
N ILE B 649 -14.55 8.25 -12.80
CA ILE B 649 -13.79 8.87 -11.73
C ILE B 649 -12.55 8.02 -11.43
N GLY B 650 -12.38 6.94 -12.18
CA GLY B 650 -11.26 6.04 -11.97
C GLY B 650 -11.46 5.17 -10.75
N ALA B 651 -10.65 4.13 -10.66
CA ALA B 651 -10.74 3.17 -9.58
C ALA B 651 -9.68 3.45 -8.52
N PRO B 652 -9.99 3.23 -7.26
CA PRO B 652 -9.04 3.54 -6.18
C PRO B 652 -7.78 2.71 -6.32
N PRO B 653 -6.66 3.15 -5.73
CA PRO B 653 -5.38 2.51 -6.02
C PRO B 653 -5.28 1.13 -5.41
N GLY B 654 -4.54 0.25 -6.07
CA GLY B 654 -4.46 -1.13 -5.67
C GLY B 654 -5.57 -2.00 -6.18
N TYR B 655 -6.16 -1.65 -7.33
CA TYR B 655 -7.25 -2.41 -7.92
C TYR B 655 -6.97 -2.59 -9.40
N VAL B 656 -7.87 -3.30 -10.09
CA VAL B 656 -7.58 -3.82 -11.42
C VAL B 656 -7.28 -2.71 -12.40
N GLY B 657 -8.25 -1.86 -12.68
CA GLY B 657 -7.98 -0.74 -13.56
C GLY B 657 -7.68 0.51 -12.79
N TYR B 658 -6.40 0.79 -12.56
CA TYR B 658 -6.02 1.95 -11.79
C TYR B 658 -5.04 2.85 -12.53
N GLU B 659 -4.12 2.28 -13.30
CA GLU B 659 -3.26 3.10 -14.13
C GLU B 659 -3.99 3.42 -15.44
N ALA B 660 -5.24 3.84 -15.30
CA ALA B 660 -6.02 4.35 -16.42
C ALA B 660 -6.83 5.58 -16.08
N GLY B 661 -6.91 5.96 -14.81
CA GLY B 661 -7.61 7.14 -14.38
C GLY B 661 -9.09 7.08 -14.73
N GLY B 662 -9.72 8.24 -14.58
CA GLY B 662 -11.11 8.36 -14.94
C GLY B 662 -11.29 8.31 -16.45
N GLN B 663 -12.52 8.57 -16.85
CA GLN B 663 -12.86 8.70 -18.26
C GLN B 663 -13.44 10.06 -18.59
N LEU B 664 -14.28 10.60 -17.72
CA LEU B 664 -14.63 12.01 -17.80
C LEU B 664 -13.47 12.89 -17.40
N THR B 665 -12.80 12.54 -16.29
CA THR B 665 -11.70 13.36 -15.79
C THR B 665 -10.55 13.41 -16.79
N GLU B 666 -9.95 12.26 -17.09
CA GLU B 666 -8.75 12.26 -17.92
C GLU B 666 -9.02 12.69 -19.35
N ALA B 667 -10.25 13.08 -19.68
CA ALA B 667 -10.51 13.63 -21.00
C ALA B 667 -10.54 15.14 -20.99
N VAL B 668 -10.74 15.75 -19.81
CA VAL B 668 -10.76 17.20 -19.71
C VAL B 668 -9.40 17.75 -19.28
N ARG B 669 -8.52 16.90 -18.75
CA ARG B 669 -7.23 17.37 -18.29
C ARG B 669 -6.30 17.79 -19.43
N ARG B 670 -6.69 17.54 -20.68
CA ARG B 670 -5.85 17.89 -21.81
C ARG B 670 -6.36 19.10 -22.59
N ARG B 671 -7.68 19.31 -22.63
CA ARG B 671 -8.25 20.45 -23.35
C ARG B 671 -9.35 21.04 -22.49
N PRO B 672 -9.01 21.90 -21.55
CA PRO B 672 -10.02 22.41 -20.61
C PRO B 672 -10.91 23.48 -21.22
N TYR B 673 -11.44 23.23 -22.41
CA TYR B 673 -12.31 24.18 -23.08
C TYR B 673 -13.57 23.55 -23.65
N THR B 674 -13.64 22.22 -23.73
CA THR B 674 -14.75 21.54 -24.37
C THR B 674 -16.05 21.81 -23.62
N VAL B 675 -17.17 21.43 -24.25
CA VAL B 675 -18.51 21.61 -23.69
C VAL B 675 -19.06 20.23 -23.35
N VAL B 676 -18.98 19.85 -22.09
CA VAL B 676 -19.43 18.54 -21.66
C VAL B 676 -20.95 18.46 -21.78
N LEU B 677 -21.45 17.28 -22.13
CA LEU B 677 -22.88 17.09 -22.36
C LEU B 677 -23.32 15.82 -21.64
N PHE B 678 -24.08 15.97 -20.55
CA PHE B 678 -24.65 14.85 -19.82
C PHE B 678 -26.01 14.55 -20.44
N ASP B 679 -26.09 13.50 -21.23
CA ASP B 679 -27.31 13.22 -22.00
C ASP B 679 -28.24 12.31 -21.22
N GLU B 680 -29.53 12.65 -21.24
CA GLU B 680 -30.58 11.84 -20.63
C GLU B 680 -30.27 11.57 -19.15
N ILE B 681 -30.29 12.63 -18.36
CA ILE B 681 -29.75 12.52 -17.01
C ILE B 681 -30.71 11.79 -16.07
N GLU B 682 -32.02 11.84 -16.32
CA GLU B 682 -32.93 11.28 -15.33
C GLU B 682 -32.91 9.77 -15.28
N LYS B 683 -32.19 9.11 -16.18
CA LYS B 683 -32.12 7.66 -16.18
C LYS B 683 -31.07 7.12 -15.23
N ALA B 684 -30.06 7.91 -14.88
CA ALA B 684 -28.93 7.44 -14.09
C ALA B 684 -29.35 7.23 -12.63
N HIS B 685 -28.68 6.31 -11.95
CA HIS B 685 -29.06 6.04 -10.58
C HIS B 685 -28.70 7.22 -9.68
N PRO B 686 -29.58 7.59 -8.76
CA PRO B 686 -29.40 8.86 -8.04
C PRO B 686 -28.22 8.87 -7.08
N ASP B 687 -27.03 8.54 -7.58
CA ASP B 687 -25.81 8.80 -6.82
C ASP B 687 -24.78 9.43 -7.74
N VAL B 688 -24.93 9.19 -9.04
CA VAL B 688 -24.19 9.97 -10.01
C VAL B 688 -24.53 11.45 -9.85
N PHE B 689 -25.76 11.74 -9.42
CA PHE B 689 -26.12 13.12 -9.08
C PHE B 689 -25.21 13.66 -7.99
N ASP B 690 -25.09 12.93 -6.88
CA ASP B 690 -24.25 13.38 -5.78
C ASP B 690 -22.78 13.51 -6.18
N VAL B 691 -22.30 12.66 -7.09
CA VAL B 691 -20.95 12.84 -7.59
C VAL B 691 -20.85 14.14 -8.38
N LEU B 692 -21.87 14.41 -9.19
CA LEU B 692 -21.93 15.67 -9.95
C LEU B 692 -22.05 16.88 -9.04
N LEU B 693 -22.49 16.70 -7.80
CA LEU B 693 -22.90 17.83 -6.98
C LEU B 693 -21.79 18.85 -6.76
N GLN B 694 -20.53 18.42 -6.68
CA GLN B 694 -19.45 19.37 -6.48
C GLN B 694 -18.74 19.75 -7.77
N VAL B 695 -19.07 19.12 -8.89
CA VAL B 695 -18.59 19.59 -10.17
C VAL B 695 -19.13 20.98 -10.45
N LEU B 696 -20.44 21.14 -10.31
CA LEU B 696 -21.03 22.47 -10.29
C LEU B 696 -20.57 23.23 -9.05
N ASP B 697 -20.60 24.55 -9.14
CA ASP B 697 -20.43 25.46 -8.01
C ASP B 697 -18.97 25.50 -7.50
N GLU B 698 -18.13 24.58 -7.96
CA GLU B 698 -16.69 24.72 -7.74
C GLU B 698 -15.84 24.33 -8.92
N GLY B 699 -16.30 23.49 -9.83
CA GLY B 699 -15.48 23.01 -10.92
C GLY B 699 -14.25 22.27 -10.45
N ARG B 700 -14.44 21.18 -9.71
CA ARG B 700 -13.30 20.38 -9.27
C ARG B 700 -13.77 18.98 -8.91
N LEU B 701 -12.96 17.99 -9.26
CA LEU B 701 -13.12 16.63 -8.78
C LEU B 701 -11.76 15.95 -8.92
N THR B 702 -11.59 14.81 -8.26
CA THR B 702 -10.31 14.13 -8.20
C THR B 702 -10.44 12.67 -8.54
N ASP B 703 -9.61 12.18 -9.46
CA ASP B 703 -9.61 10.79 -9.85
C ASP B 703 -8.83 9.99 -8.81
N GLY B 704 -8.51 8.73 -9.13
CA GLY B 704 -7.86 7.87 -8.15
C GLY B 704 -6.46 8.35 -7.79
N HIS B 705 -5.71 8.83 -8.78
CA HIS B 705 -4.33 9.24 -8.57
C HIS B 705 -4.24 10.41 -7.59
N GLY B 706 -5.35 11.10 -7.35
CA GLY B 706 -5.32 12.27 -6.51
C GLY B 706 -4.99 13.55 -7.24
N ARG B 707 -5.50 13.71 -8.46
CA ARG B 707 -5.28 14.89 -9.27
C ARG B 707 -6.57 15.69 -9.33
N THR B 708 -6.54 16.92 -8.84
CA THR B 708 -7.67 17.82 -9.01
C THR B 708 -7.71 18.31 -10.44
N VAL B 709 -8.90 18.27 -11.05
CA VAL B 709 -9.11 18.75 -12.41
C VAL B 709 -10.08 19.93 -12.37
N ASP B 710 -9.73 20.98 -13.07
CA ASP B 710 -10.46 22.24 -13.02
C ASP B 710 -11.51 22.31 -14.12
N PHE B 711 -12.77 22.37 -13.71
CA PHE B 711 -13.89 22.53 -14.63
C PHE B 711 -14.40 23.96 -14.69
N ARG B 712 -13.54 24.95 -14.47
CA ARG B 712 -14.04 26.31 -14.40
C ARG B 712 -14.09 26.99 -15.74
N ASN B 713 -13.98 26.28 -16.86
CA ASN B 713 -14.06 26.92 -18.16
C ASN B 713 -15.05 26.23 -19.09
N THR B 714 -15.50 25.03 -18.77
CA THR B 714 -16.40 24.28 -19.63
C THR B 714 -17.80 24.87 -19.59
N ILE B 715 -18.72 24.22 -20.29
CA ILE B 715 -20.13 24.56 -20.26
C ILE B 715 -20.90 23.27 -20.04
N LEU B 716 -21.33 23.03 -18.82
CA LEU B 716 -22.03 21.80 -18.48
C LEU B 716 -23.49 21.89 -18.90
N ILE B 717 -23.94 20.91 -19.68
CA ILE B 717 -25.28 20.93 -20.26
C ILE B 717 -25.96 19.61 -19.93
N LEU B 718 -27.19 19.68 -19.44
CA LEU B 718 -27.89 18.50 -18.93
C LEU B 718 -29.22 18.36 -19.66
N THR B 719 -29.30 17.39 -20.57
CA THR B 719 -30.58 17.10 -21.22
C THR B 719 -31.46 16.30 -20.28
N SER B 720 -32.74 16.17 -20.63
CA SER B 720 -33.69 15.44 -19.81
C SER B 720 -34.99 15.28 -20.59
N ASN B 721 -35.91 14.49 -20.03
CA ASN B 721 -37.23 14.33 -20.60
C ASN B 721 -38.31 14.26 -19.51
N LEU B 722 -38.08 14.91 -18.38
CA LEU B 722 -39.03 14.83 -17.28
C LEU B 722 -40.34 15.52 -17.66
N GLY B 723 -41.37 15.24 -16.87
CA GLY B 723 -42.67 15.85 -17.09
C GLY B 723 -43.39 15.25 -18.28
N SER B 724 -42.89 15.54 -19.48
CA SER B 724 -43.40 14.97 -20.74
C SER B 724 -44.88 15.30 -20.93
N GLY B 725 -45.14 16.61 -21.07
CA GLY B 725 -46.45 17.10 -21.48
C GLY B 725 -47.04 18.15 -20.57
N GLY B 726 -46.69 18.17 -19.29
CA GLY B 726 -47.24 19.18 -18.40
C GLY B 726 -46.93 20.58 -18.88
N SER B 727 -47.89 21.49 -18.67
CA SER B 727 -47.73 22.84 -19.22
C SER B 727 -46.55 23.55 -18.60
N ALA B 728 -46.66 23.93 -17.33
CA ALA B 728 -45.49 24.40 -16.58
C ALA B 728 -45.43 23.93 -15.14
N GLU B 729 -46.55 23.59 -14.51
CA GLU B 729 -46.58 23.16 -13.13
C GLU B 729 -46.80 21.67 -12.98
N GLN B 730 -46.99 20.95 -14.08
CA GLN B 730 -46.97 19.51 -14.03
C GLN B 730 -45.58 18.95 -14.33
N VAL B 731 -44.64 19.82 -14.64
CA VAL B 731 -43.25 19.43 -14.85
C VAL B 731 -42.33 20.08 -13.82
N LEU B 732 -42.54 21.35 -13.52
CA LEU B 732 -41.74 22.02 -12.50
C LEU B 732 -42.06 21.51 -11.11
N ALA B 733 -43.18 20.80 -10.95
CA ALA B 733 -43.47 20.08 -9.73
C ALA B 733 -43.08 18.61 -9.81
N ALA B 734 -42.60 18.16 -10.97
CA ALA B 734 -42.08 16.81 -11.11
C ALA B 734 -40.57 16.76 -10.99
N VAL B 735 -39.86 17.80 -11.45
CA VAL B 735 -38.41 17.83 -11.28
C VAL B 735 -38.06 18.07 -9.83
N ARG B 736 -38.90 18.83 -9.11
CA ARG B 736 -38.69 19.04 -7.69
C ARG B 736 -38.81 17.75 -6.90
N ALA B 737 -39.68 16.83 -7.32
CA ALA B 737 -39.85 15.57 -6.64
C ALA B 737 -38.96 14.48 -7.19
N THR B 738 -38.02 14.82 -8.08
CA THR B 738 -37.04 13.87 -8.56
C THR B 738 -35.60 14.23 -8.19
N PHE B 739 -35.29 15.52 -8.12
CA PHE B 739 -33.98 15.98 -7.69
C PHE B 739 -34.07 16.56 -6.28
N LYS B 740 -32.94 16.73 -5.68
CA LYS B 740 -32.97 17.29 -4.34
C LYS B 740 -32.75 18.79 -4.39
N PRO B 741 -33.16 19.53 -3.35
CA PRO B 741 -32.93 20.98 -3.36
C PRO B 741 -31.46 21.34 -3.41
N GLU B 742 -30.63 20.61 -2.68
CA GLU B 742 -29.19 20.87 -2.69
C GLU B 742 -28.59 20.72 -4.08
N PHE B 743 -29.25 20.00 -4.99
CA PHE B 743 -28.79 19.87 -6.35
C PHE B 743 -29.43 20.89 -7.28
N ILE B 744 -30.76 21.05 -7.20
CA ILE B 744 -31.44 22.03 -8.03
C ILE B 744 -30.89 23.43 -7.78
N ASN B 745 -30.42 23.70 -6.56
CA ASN B 745 -29.95 25.05 -6.24
C ASN B 745 -28.64 25.39 -6.94
N ARG B 746 -27.85 24.39 -7.32
CA ARG B 746 -26.56 24.68 -7.93
C ARG B 746 -26.71 25.27 -9.33
N LEU B 747 -27.63 24.74 -10.12
CA LEU B 747 -27.71 25.08 -11.54
C LEU B 747 -28.02 26.56 -11.73
N ASP B 748 -27.86 27.01 -12.98
CA ASP B 748 -28.44 28.28 -13.40
C ASP B 748 -29.91 28.06 -13.71
N ASP B 749 -30.56 29.01 -14.36
CA ASP B 749 -31.98 28.85 -14.65
C ASP B 749 -32.23 27.58 -15.44
N VAL B 750 -33.25 26.83 -15.01
CA VAL B 750 -33.68 25.60 -15.68
C VAL B 750 -34.59 26.02 -16.82
N LEU B 751 -34.15 25.78 -18.06
CA LEU B 751 -34.91 26.20 -19.21
C LEU B 751 -36.01 25.18 -19.50
N ILE B 752 -37.14 25.68 -20.00
CA ILE B 752 -38.26 24.85 -20.39
C ILE B 752 -38.47 25.01 -21.88
N PHE B 753 -38.35 23.92 -22.62
CA PHE B 753 -38.61 23.97 -24.05
C PHE B 753 -40.11 23.83 -24.30
N GLU B 754 -40.52 24.27 -25.49
CA GLU B 754 -41.92 24.25 -25.85
C GLU B 754 -42.09 23.52 -27.18
N GLY B 755 -43.29 23.01 -27.42
CA GLY B 755 -43.55 22.22 -28.60
C GLY B 755 -43.39 23.01 -29.88
N LEU B 756 -43.76 22.37 -30.98
CA LEU B 756 -43.56 22.94 -32.31
C LEU B 756 -44.89 23.34 -32.92
N ASN B 757 -45.00 24.60 -33.32
CA ASN B 757 -46.17 25.07 -34.04
C ASN B 757 -46.07 24.69 -35.51
N PRO B 758 -47.21 24.54 -36.19
CA PRO B 758 -47.15 24.18 -37.62
C PRO B 758 -46.42 25.20 -38.46
N GLU B 759 -46.40 26.47 -38.05
CA GLU B 759 -45.69 27.48 -38.83
C GLU B 759 -44.20 27.18 -38.87
N GLU B 760 -43.61 26.88 -37.72
CA GLU B 760 -42.17 26.72 -37.57
C GLU B 760 -41.66 25.36 -37.97
N LEU B 761 -42.44 24.62 -38.77
CA LEU B 761 -42.00 23.38 -39.37
C LEU B 761 -41.66 23.51 -40.85
N VAL B 762 -42.26 24.48 -41.53
CA VAL B 762 -41.97 24.73 -42.94
C VAL B 762 -40.52 25.12 -43.16
N ARG B 763 -39.81 25.57 -42.12
CA ARG B 763 -38.39 25.87 -42.22
C ARG B 763 -37.52 24.67 -41.90
N ILE B 764 -37.94 23.83 -40.95
CA ILE B 764 -37.26 22.57 -40.76
C ILE B 764 -37.31 21.76 -42.05
N VAL B 765 -38.41 21.86 -42.80
CA VAL B 765 -38.49 21.19 -44.10
C VAL B 765 -37.36 21.67 -45.00
N ASP B 766 -37.16 22.99 -45.06
CA ASP B 766 -36.09 23.53 -45.88
C ASP B 766 -34.73 23.02 -45.44
N ILE B 767 -34.50 22.96 -44.13
CA ILE B 767 -33.21 22.52 -43.63
C ILE B 767 -32.97 21.06 -43.97
N GLN B 768 -33.99 20.23 -43.81
CA GLN B 768 -33.87 18.82 -44.15
C GLN B 768 -33.55 18.64 -45.63
N LEU B 769 -34.27 19.36 -46.50
CA LEU B 769 -34.01 19.24 -47.93
C LEU B 769 -32.64 19.75 -48.29
N ALA B 770 -32.16 20.79 -47.58
CA ALA B 770 -30.81 21.28 -47.82
C ALA B 770 -29.78 20.23 -47.46
N GLN B 771 -29.96 19.56 -46.32
CA GLN B 771 -29.03 18.50 -45.93
C GLN B 771 -29.06 17.35 -46.93
N LEU B 772 -30.27 17.00 -47.41
CA LEU B 772 -30.37 15.91 -48.37
C LEU B 772 -29.65 16.27 -49.68
N GLY B 773 -29.87 17.49 -50.17
CA GLY B 773 -29.18 17.91 -51.37
C GLY B 773 -27.68 17.96 -51.18
N LYS B 774 -27.23 18.41 -50.01
CA LYS B 774 -25.81 18.41 -49.71
C LYS B 774 -25.23 17.01 -49.74
N ARG B 775 -25.96 16.03 -49.19
CA ARG B 775 -25.48 14.66 -49.22
C ARG B 775 -25.53 14.09 -50.63
N LEU B 776 -26.40 14.61 -51.49
CA LEU B 776 -26.44 14.16 -52.87
C LEU B 776 -25.44 14.90 -53.75
N ALA B 777 -24.70 15.85 -53.19
CA ALA B 777 -23.69 16.56 -53.97
C ALA B 777 -22.48 15.67 -54.20
N GLN B 778 -22.40 14.56 -53.48
CA GLN B 778 -21.29 13.63 -53.65
C GLN B 778 -21.30 12.95 -55.01
N ARG B 779 -22.42 13.01 -55.74
CA ARG B 779 -22.53 12.46 -57.07
C ARG B 779 -22.71 13.53 -58.13
N ARG B 780 -22.48 14.80 -57.79
CA ARG B 780 -22.78 15.92 -58.68
C ARG B 780 -24.24 15.89 -59.10
N LEU B 781 -25.11 15.50 -58.19
CA LEU B 781 -26.52 15.26 -58.47
C LEU B 781 -27.37 16.20 -57.63
N GLN B 782 -28.03 17.14 -58.29
CA GLN B 782 -28.94 18.07 -57.64
C GLN B 782 -30.36 17.50 -57.67
N LEU B 783 -31.32 18.33 -57.27
CA LEU B 783 -32.74 18.05 -57.46
C LEU B 783 -33.52 19.31 -57.18
N GLN B 784 -34.52 19.57 -58.01
CA GLN B 784 -35.42 20.71 -57.84
C GLN B 784 -36.59 20.31 -56.96
N VAL B 785 -37.16 21.28 -56.27
CA VAL B 785 -38.32 21.06 -55.40
C VAL B 785 -39.33 22.16 -55.68
N SER B 786 -40.62 21.79 -55.67
CA SER B 786 -41.69 22.76 -55.87
C SER B 786 -42.30 23.13 -54.53
N LEU B 787 -42.64 24.41 -54.38
CA LEU B 787 -43.29 24.88 -53.15
C LEU B 787 -44.54 24.10 -52.77
N PRO B 788 -45.40 23.64 -53.69
CA PRO B 788 -46.52 22.79 -53.26
C PRO B 788 -46.08 21.58 -52.45
N ALA B 789 -45.11 20.81 -52.94
CA ALA B 789 -44.64 19.65 -52.19
C ALA B 789 -43.85 20.09 -50.96
N LYS B 790 -43.09 21.17 -51.08
CA LYS B 790 -42.29 21.64 -49.95
C LYS B 790 -43.17 22.08 -48.78
N ARG B 791 -44.42 22.43 -49.05
CA ARG B 791 -45.36 22.72 -47.97
C ARG B 791 -46.29 21.54 -47.68
N TRP B 792 -46.48 20.62 -48.62
CA TRP B 792 -47.24 19.42 -48.33
C TRP B 792 -46.52 18.54 -47.34
N LEU B 793 -45.18 18.47 -47.44
CA LEU B 793 -44.39 17.78 -46.43
C LEU B 793 -44.70 18.32 -45.05
N ALA B 794 -44.71 19.65 -44.89
CA ALA B 794 -45.03 20.24 -43.61
C ALA B 794 -46.46 19.93 -43.19
N GLN B 795 -47.41 20.00 -44.14
CA GLN B 795 -48.79 19.67 -43.83
C GLN B 795 -48.97 18.23 -43.37
N ARG B 796 -48.06 17.34 -43.77
CA ARG B 796 -48.02 16.01 -43.19
C ARG B 796 -46.99 15.88 -42.07
N GLY B 797 -46.39 16.99 -41.65
CA GLY B 797 -45.67 17.02 -40.41
C GLY B 797 -46.68 17.14 -39.29
N PHE B 798 -46.89 16.04 -38.57
CA PHE B 798 -48.10 15.86 -37.80
C PHE B 798 -47.81 15.75 -36.30
N ASP B 799 -48.84 15.34 -35.55
CA ASP B 799 -48.82 14.80 -34.19
C ASP B 799 -47.84 15.52 -33.28
N PRO B 800 -48.18 16.69 -32.78
CA PRO B 800 -47.27 17.40 -31.88
C PRO B 800 -47.08 16.66 -30.57
N VAL B 801 -46.73 15.39 -30.70
CA VAL B 801 -46.31 14.56 -29.56
C VAL B 801 -45.03 13.80 -29.83
N TYR B 802 -44.57 13.72 -31.08
CA TYR B 802 -43.29 13.13 -31.42
C TYR B 802 -42.31 14.15 -31.97
N GLY B 803 -42.63 15.43 -31.89
CA GLY B 803 -41.70 16.45 -32.33
C GLY B 803 -41.49 16.43 -33.82
N ALA B 804 -40.31 16.84 -34.26
CA ALA B 804 -39.98 16.94 -35.68
C ALA B 804 -39.15 15.76 -36.18
N ARG B 805 -39.26 14.61 -35.52
CA ARG B 805 -38.60 13.40 -35.97
C ARG B 805 -39.37 12.70 -37.09
N PRO B 806 -40.69 12.49 -36.98
CA PRO B 806 -41.40 11.76 -38.04
C PRO B 806 -41.20 12.34 -39.41
N LEU B 807 -40.95 13.64 -39.51
CA LEU B 807 -40.67 14.24 -40.81
C LEU B 807 -39.43 13.62 -41.43
N ARG B 808 -38.42 13.29 -40.61
CA ARG B 808 -37.22 12.67 -41.13
C ARG B 808 -37.49 11.29 -41.72
N ARG B 809 -38.47 10.57 -41.19
CA ARG B 809 -38.82 9.30 -41.78
C ARG B 809 -39.69 9.47 -43.02
N LEU B 810 -40.59 10.47 -42.99
CA LEU B 810 -41.46 10.72 -44.13
C LEU B 810 -40.66 11.15 -45.35
N VAL B 811 -39.62 11.97 -45.15
CA VAL B 811 -38.82 12.43 -46.27
C VAL B 811 -38.20 11.25 -47.01
N GLN B 812 -37.63 10.30 -46.28
CA GLN B 812 -36.95 9.21 -46.96
C GLN B 812 -37.92 8.08 -47.32
N GLN B 813 -39.15 8.11 -46.80
CA GLN B 813 -40.18 7.22 -47.31
C GLN B 813 -40.72 7.71 -48.65
N ALA B 814 -40.81 9.03 -48.82
CA ALA B 814 -41.43 9.57 -50.02
C ALA B 814 -40.41 9.83 -51.12
N ILE B 815 -39.42 10.67 -50.86
CA ILE B 815 -38.49 11.08 -51.91
C ILE B 815 -37.38 10.05 -52.10
N GLY B 816 -36.58 9.84 -51.05
CA GLY B 816 -35.38 9.04 -51.18
C GLY B 816 -35.66 7.62 -51.62
N ASP B 817 -36.80 7.07 -51.23
CA ASP B 817 -37.13 5.71 -51.59
C ASP B 817 -37.13 5.53 -53.10
N GLN B 818 -38.03 6.23 -53.80
CA GLN B 818 -38.10 6.08 -55.25
C GLN B 818 -36.86 6.68 -55.92
N LEU B 819 -36.23 7.66 -55.30
CA LEU B 819 -34.98 8.17 -55.87
C LEU B 819 -33.92 7.08 -55.93
N ALA B 820 -33.81 6.27 -54.88
CA ALA B 820 -32.84 5.20 -54.88
C ALA B 820 -33.28 4.03 -55.75
N LYS B 821 -34.59 3.78 -55.82
CA LYS B 821 -35.07 2.73 -56.71
C LYS B 821 -34.78 3.08 -58.17
N MET B 822 -34.78 4.37 -58.49
CA MET B 822 -34.44 4.81 -59.84
C MET B 822 -32.94 4.88 -60.08
N LEU B 823 -32.17 5.41 -59.12
CA LEU B 823 -30.77 5.70 -59.32
C LEU B 823 -29.97 4.46 -59.68
N LEU B 824 -30.40 3.29 -59.23
CA LEU B 824 -29.72 2.04 -59.57
C LEU B 824 -30.41 1.29 -60.70
N ALA B 825 -31.46 1.85 -61.28
CA ALA B 825 -32.14 1.26 -62.42
C ALA B 825 -31.94 2.09 -63.69
N GLY B 826 -30.74 2.64 -63.87
CA GLY B 826 -30.51 3.52 -64.99
C GLY B 826 -31.32 4.80 -64.85
N GLN B 827 -31.53 5.45 -66.00
CA GLN B 827 -32.43 6.57 -66.20
C GLN B 827 -32.15 7.75 -65.29
N VAL B 828 -31.12 7.65 -64.43
CA VAL B 828 -30.63 8.77 -63.63
C VAL B 828 -29.13 8.60 -63.48
N HIS B 829 -28.37 9.66 -63.75
CA HIS B 829 -26.92 9.60 -63.65
C HIS B 829 -26.39 10.87 -62.99
N ASP B 830 -25.08 11.00 -63.00
CA ASP B 830 -24.43 12.17 -62.43
C ASP B 830 -24.75 13.40 -63.28
N GLY B 831 -24.64 14.57 -62.65
CA GLY B 831 -24.94 15.82 -63.29
C GLY B 831 -26.41 16.07 -63.58
N ASP B 832 -27.27 15.08 -63.34
CA ASP B 832 -28.68 15.23 -63.65
C ASP B 832 -29.38 16.05 -62.57
N THR B 833 -30.71 16.13 -62.69
CA THR B 833 -31.54 16.83 -61.72
C THR B 833 -32.98 16.42 -61.99
N VAL B 834 -33.68 16.03 -60.94
CA VAL B 834 -35.08 15.60 -61.06
C VAL B 834 -35.94 16.48 -60.15
N PRO B 835 -37.00 17.07 -60.68
CA PRO B 835 -37.86 17.89 -59.83
C PRO B 835 -38.99 17.08 -59.21
N VAL B 836 -39.29 17.34 -57.96
CA VAL B 836 -40.43 16.72 -57.30
C VAL B 836 -41.65 17.58 -57.54
N ASN B 837 -42.81 16.93 -57.69
CA ASN B 837 -44.05 17.65 -57.90
C ASN B 837 -45.19 16.83 -57.31
N VAL B 838 -46.13 17.51 -56.67
CA VAL B 838 -47.15 16.85 -55.86
C VAL B 838 -48.18 16.24 -56.80
N SER B 839 -48.13 14.92 -56.95
CA SER B 839 -49.26 14.19 -57.52
C SER B 839 -50.45 14.35 -56.57
N PRO B 840 -51.70 14.18 -57.08
CA PRO B 840 -52.89 14.39 -56.23
C PRO B 840 -52.80 13.96 -54.77
N ASP B 841 -52.13 12.85 -54.48
CA ASP B 841 -51.94 12.43 -53.09
C ASP B 841 -50.48 12.32 -52.68
N ALA B 842 -49.66 11.64 -53.48
CA ALA B 842 -48.28 11.40 -53.10
C ALA B 842 -47.34 12.18 -54.01
N ASP B 843 -46.04 11.96 -53.86
CA ASP B 843 -45.02 12.64 -54.64
C ASP B 843 -44.58 11.76 -55.80
N SER B 844 -44.57 12.35 -56.99
CA SER B 844 -44.14 11.67 -58.21
C SER B 844 -43.03 12.46 -58.88
N LEU B 845 -41.93 11.78 -59.20
CA LEU B 845 -40.80 12.45 -59.82
C LEU B 845 -41.06 12.72 -61.30
N GLN C 159 33.41 13.75 -30.97
CA GLN C 159 33.22 12.72 -31.97
C GLN C 159 32.31 11.61 -31.46
N ALA C 160 32.16 11.54 -30.14
CA ALA C 160 31.28 10.53 -29.54
C ALA C 160 29.87 10.65 -30.09
N LEU C 161 29.44 11.86 -30.42
CA LEU C 161 28.17 12.05 -31.09
C LEU C 161 28.08 11.21 -32.35
N GLN C 162 29.11 11.29 -33.20
CA GLN C 162 29.09 10.58 -34.47
C GLN C 162 29.11 9.07 -34.27
N LYS C 163 29.29 8.61 -33.04
CA LYS C 163 29.30 7.19 -32.74
C LYS C 163 28.02 6.72 -32.06
N TYR C 164 27.36 7.59 -31.29
CA TYR C 164 26.15 7.22 -30.57
C TYR C 164 24.90 7.89 -31.10
N SER C 165 24.98 8.52 -32.27
CA SER C 165 23.81 9.20 -32.80
C SER C 165 23.93 9.33 -34.32
N THR C 166 22.79 9.50 -34.97
CA THR C 166 22.71 9.78 -36.39
C THR C 166 22.76 11.28 -36.61
N ASP C 167 22.46 11.70 -37.83
CA ASP C 167 22.35 13.11 -38.18
C ASP C 167 21.02 13.31 -38.89
N LEU C 168 20.47 14.53 -38.79
CA LEU C 168 19.19 14.80 -39.42
C LEU C 168 19.30 15.90 -40.46
N THR C 169 19.99 16.99 -40.12
CA THR C 169 20.15 18.08 -41.07
C THR C 169 20.83 17.61 -42.35
N ALA C 170 21.78 16.68 -42.23
CA ALA C 170 22.41 16.10 -43.42
C ALA C 170 21.38 15.41 -44.29
N ARG C 171 20.60 14.49 -43.71
CA ARG C 171 19.56 13.81 -44.45
C ARG C 171 18.63 14.81 -45.13
N ALA C 172 18.32 15.91 -44.44
CA ALA C 172 17.48 16.94 -45.05
C ALA C 172 18.16 17.57 -46.26
N ARG C 173 19.46 17.88 -46.13
CA ARG C 173 20.18 18.52 -47.23
C ARG C 173 20.23 17.60 -48.44
N GLU C 174 20.44 16.31 -48.23
CA GLU C 174 20.37 15.38 -49.35
C GLU C 174 18.94 14.99 -49.71
N GLY C 175 17.95 15.52 -49.00
CA GLY C 175 16.56 15.36 -49.37
C GLY C 175 16.04 13.94 -49.36
N LYS C 176 16.11 13.27 -48.22
CA LYS C 176 15.49 11.96 -48.06
C LYS C 176 14.23 12.01 -47.22
N LEU C 177 13.84 13.17 -46.71
CA LEU C 177 12.70 13.32 -45.84
C LEU C 177 11.46 13.68 -46.66
N ASP C 178 10.35 13.01 -46.37
CA ASP C 178 9.11 13.34 -47.04
C ASP C 178 8.73 14.79 -46.75
N PRO C 179 8.29 15.54 -47.77
CA PRO C 179 7.94 16.94 -47.55
C PRO C 179 6.89 17.09 -46.47
N VAL C 180 6.82 18.28 -45.90
CA VAL C 180 5.90 18.60 -44.82
C VAL C 180 5.05 19.78 -45.26
N ILE C 181 3.76 19.71 -44.95
CA ILE C 181 2.78 20.67 -45.46
C ILE C 181 1.86 21.10 -44.33
N GLY C 182 1.53 22.39 -44.30
CA GLY C 182 0.67 22.88 -43.25
C GLY C 182 1.40 22.89 -41.91
N ARG C 183 0.60 22.93 -40.84
CA ARG C 183 1.11 22.95 -39.48
C ARG C 183 2.07 24.11 -39.29
N ASP C 184 1.54 25.33 -39.45
CA ASP C 184 2.37 26.52 -39.33
C ASP C 184 2.44 27.01 -37.89
N ASN C 185 1.29 27.05 -37.20
CA ASN C 185 1.29 27.53 -35.82
C ASN C 185 2.12 26.62 -34.93
N GLU C 186 2.05 25.31 -35.15
CA GLU C 186 2.81 24.38 -34.33
C GLU C 186 4.31 24.60 -34.51
N ILE C 187 4.77 24.78 -35.75
CA ILE C 187 6.19 24.97 -35.97
C ILE C 187 6.64 26.33 -35.44
N ARG C 188 5.79 27.35 -35.57
CA ARG C 188 6.16 28.65 -35.02
C ARG C 188 6.29 28.60 -33.51
N ARG C 189 5.36 27.91 -32.85
CA ARG C 189 5.44 27.77 -31.39
C ARG C 189 6.67 26.95 -30.99
N VAL C 190 6.95 25.88 -31.73
CA VAL C 190 8.15 25.09 -31.46
C VAL C 190 9.40 25.95 -31.58
N VAL C 191 9.46 26.81 -32.59
CA VAL C 191 10.65 27.64 -32.79
C VAL C 191 10.79 28.64 -31.65
N GLN C 192 9.71 29.36 -31.35
CA GLN C 192 9.83 30.39 -30.33
C GLN C 192 10.10 29.80 -28.96
N VAL C 193 9.74 28.53 -28.75
CA VAL C 193 10.16 27.87 -27.51
C VAL C 193 11.63 27.46 -27.60
N LEU C 194 12.04 26.92 -28.74
CA LEU C 194 13.41 26.47 -28.94
C LEU C 194 14.41 27.60 -28.93
N SER C 195 13.96 28.85 -28.92
CA SER C 195 14.87 30.00 -28.90
C SER C 195 14.58 30.92 -27.73
N ARG C 196 14.49 30.37 -26.52
CA ARG C 196 14.33 31.18 -25.32
C ARG C 196 15.57 31.02 -24.43
N ARG C 197 15.55 31.70 -23.29
CA ARG C 197 16.77 31.81 -22.48
C ARG C 197 16.99 30.57 -21.63
N THR C 198 16.07 30.28 -20.71
CA THR C 198 16.21 29.16 -19.81
C THR C 198 15.05 28.18 -20.00
N LYS C 199 15.35 26.90 -19.88
CA LYS C 199 14.37 25.83 -20.02
C LYS C 199 13.72 25.91 -21.40
N ASN C 200 14.55 25.73 -22.43
CA ASN C 200 14.11 25.74 -23.82
C ASN C 200 14.02 24.30 -24.29
N ASN C 201 12.87 23.67 -24.03
CA ASN C 201 12.67 22.27 -24.39
C ASN C 201 11.22 22.08 -24.77
N PRO C 202 10.92 22.00 -26.07
CA PRO C 202 9.56 21.66 -26.49
C PRO C 202 9.39 20.16 -26.58
N VAL C 203 8.24 19.68 -26.13
CA VAL C 203 7.90 18.27 -26.18
C VAL C 203 6.56 18.16 -26.90
N LEU C 204 6.59 17.63 -28.12
CA LEU C 204 5.39 17.51 -28.92
C LEU C 204 4.53 16.38 -28.35
N ILE C 205 3.26 16.66 -28.15
CA ILE C 205 2.33 15.74 -27.51
C ILE C 205 1.09 15.65 -28.38
N GLY C 206 0.35 14.58 -28.23
CA GLY C 206 -0.85 14.38 -29.01
C GLY C 206 -1.04 12.94 -29.40
N GLU C 207 -2.25 12.64 -29.87
CA GLU C 207 -2.63 11.28 -30.19
C GLU C 207 -1.71 10.69 -31.26
N PRO C 208 -1.59 9.36 -31.32
CA PRO C 208 -0.62 8.74 -32.22
C PRO C 208 -1.09 8.75 -33.66
N GLY C 209 -0.24 9.27 -34.54
CA GLY C 209 -0.48 9.27 -35.97
C GLY C 209 -0.71 10.65 -36.56
N VAL C 210 -1.12 11.62 -35.76
CA VAL C 210 -1.50 12.93 -36.29
C VAL C 210 -0.32 13.75 -36.77
N GLY C 211 0.90 13.24 -36.64
CA GLY C 211 2.07 13.97 -37.08
C GLY C 211 2.79 14.62 -35.93
N LYS C 212 3.85 13.98 -35.44
CA LYS C 212 4.62 14.53 -34.34
C LYS C 212 6.09 14.45 -34.67
N THR C 213 6.43 13.63 -35.66
CA THR C 213 7.79 13.64 -36.21
C THR C 213 7.85 14.44 -37.50
N ALA C 214 6.74 14.46 -38.25
CA ALA C 214 6.70 15.26 -39.46
C ALA C 214 6.94 16.74 -39.15
N ILE C 215 6.52 17.21 -37.99
CA ILE C 215 6.81 18.58 -37.59
C ILE C 215 8.31 18.80 -37.46
N VAL C 216 9.01 17.86 -36.82
CA VAL C 216 10.45 18.01 -36.65
C VAL C 216 11.16 17.96 -37.99
N GLU C 217 10.74 17.08 -38.89
CA GLU C 217 11.39 17.03 -40.19
C GLU C 217 11.07 18.27 -41.03
N GLY C 218 9.88 18.85 -40.83
CA GLY C 218 9.61 20.13 -41.44
C GLY C 218 10.51 21.22 -40.91
N LEU C 219 10.79 21.19 -39.60
CA LEU C 219 11.72 22.15 -39.02
C LEU C 219 13.12 21.97 -39.60
N ALA C 220 13.53 20.73 -39.83
CA ALA C 220 14.84 20.48 -40.43
C ALA C 220 14.90 21.03 -41.85
N GLN C 221 13.85 20.79 -42.64
CA GLN C 221 13.79 21.36 -43.97
C GLN C 221 13.83 22.89 -43.91
N ARG C 222 13.13 23.48 -42.96
CA ARG C 222 13.09 24.94 -42.86
C ARG C 222 14.44 25.50 -42.46
N ILE C 223 15.20 24.78 -41.63
CA ILE C 223 16.56 25.21 -41.30
C ILE C 223 17.45 25.12 -42.52
N VAL C 224 17.35 24.03 -43.28
CA VAL C 224 18.17 23.89 -44.48
C VAL C 224 17.86 25.01 -45.46
N ALA C 225 16.59 25.36 -45.61
CA ALA C 225 16.22 26.43 -46.54
C ALA C 225 16.70 27.78 -46.04
N GLY C 226 16.24 28.19 -44.86
CA GLY C 226 16.68 29.45 -44.29
C GLY C 226 15.55 30.38 -43.89
N ASP C 227 14.34 29.84 -43.71
CA ASP C 227 13.19 30.64 -43.33
C ASP C 227 13.00 30.74 -41.83
N VAL C 228 14.01 30.42 -41.03
CA VAL C 228 13.90 30.47 -39.57
C VAL C 228 14.37 31.84 -39.09
N PRO C 229 14.15 32.20 -37.83
CA PRO C 229 14.69 33.48 -37.34
C PRO C 229 16.21 33.49 -37.28
N GLU C 230 16.78 34.60 -36.81
CA GLU C 230 18.23 34.76 -36.85
C GLU C 230 18.93 33.77 -35.94
N SER C 231 18.44 33.60 -34.70
CA SER C 231 19.19 32.83 -33.72
C SER C 231 19.11 31.33 -33.94
N LEU C 232 18.61 30.88 -35.09
CA LEU C 232 18.53 29.46 -35.41
C LEU C 232 19.22 29.15 -36.74
N ARG C 233 20.37 29.76 -36.99
CA ARG C 233 21.07 29.61 -38.25
C ARG C 233 22.11 28.50 -38.14
N ASP C 234 21.99 27.49 -39.01
CA ASP C 234 23.05 26.50 -39.23
C ASP C 234 23.36 25.74 -37.94
N LYS C 235 22.34 25.01 -37.46
CA LYS C 235 22.42 24.40 -36.14
C LYS C 235 22.67 22.91 -36.14
N THR C 236 22.42 22.20 -37.25
CA THR C 236 22.77 20.78 -37.39
C THR C 236 22.07 19.94 -36.32
N ILE C 237 20.75 19.87 -36.44
CA ILE C 237 19.95 19.02 -35.56
C ILE C 237 20.50 17.59 -35.55
N VAL C 238 20.49 16.96 -34.38
CA VAL C 238 21.01 15.62 -34.20
C VAL C 238 19.96 14.77 -33.49
N ALA C 239 19.88 13.50 -33.85
CA ALA C 239 18.91 12.57 -33.25
C ALA C 239 19.68 11.56 -32.40
N LEU C 240 19.38 11.54 -31.11
CA LEU C 240 20.06 10.63 -30.20
C LEU C 240 19.54 9.21 -30.37
N ASP C 241 20.13 8.29 -29.60
CA ASP C 241 19.75 6.88 -29.66
C ASP C 241 20.04 6.28 -28.29
N LEU C 242 19.04 6.21 -27.43
CA LEU C 242 19.21 5.61 -26.12
C LEU C 242 19.29 4.09 -26.16
N GLY C 243 19.14 3.49 -27.33
CA GLY C 243 19.29 2.06 -27.46
C GLY C 243 20.75 1.66 -27.51
N SER C 244 21.47 2.21 -28.49
CA SER C 244 22.87 1.90 -28.67
C SER C 244 23.76 2.58 -27.65
N MET C 245 23.18 3.22 -26.64
CA MET C 245 23.96 3.76 -25.54
C MET C 245 24.09 2.77 -24.39
N VAL C 246 23.28 1.72 -24.38
CA VAL C 246 23.35 0.69 -23.37
C VAL C 246 23.70 -0.68 -23.99
N ALA C 247 24.46 -0.67 -25.08
CA ALA C 247 24.77 -1.91 -25.79
C ALA C 247 25.53 -2.89 -24.90
N GLY C 248 26.74 -2.52 -24.50
CA GLY C 248 27.43 -3.30 -23.49
C GLY C 248 27.82 -2.45 -22.31
N SER C 249 27.11 -2.62 -21.20
CA SER C 249 27.42 -1.91 -19.97
C SER C 249 27.26 -2.84 -18.78
N LYS C 250 27.63 -4.11 -18.94
CA LYS C 250 27.51 -5.06 -17.84
C LYS C 250 28.38 -4.67 -16.65
N TYR C 251 29.37 -3.82 -16.84
CA TYR C 251 30.20 -3.33 -15.75
C TYR C 251 29.49 -2.16 -15.07
N ARG C 252 30.20 -1.42 -14.23
CA ARG C 252 29.51 -0.51 -13.33
C ARG C 252 29.26 0.87 -13.94
N GLY C 253 30.20 1.42 -14.68
CA GLY C 253 30.04 2.79 -15.13
C GLY C 253 30.07 2.98 -16.63
N GLU C 254 30.05 1.87 -17.36
CA GLU C 254 30.20 1.95 -18.82
C GLU C 254 29.04 2.64 -19.50
N PHE C 255 27.99 3.02 -18.75
CA PHE C 255 26.92 3.80 -19.34
C PHE C 255 26.99 5.28 -18.96
N GLU C 256 27.22 5.55 -17.67
CA GLU C 256 27.39 6.93 -17.25
C GLU C 256 28.56 7.58 -17.97
N GLU C 257 29.60 6.80 -18.30
CA GLU C 257 30.72 7.37 -19.03
C GLU C 257 30.29 7.85 -20.41
N ARG C 258 29.55 7.02 -21.15
CA ARG C 258 29.08 7.42 -22.46
C ARG C 258 28.14 8.62 -22.38
N LEU C 259 27.24 8.62 -21.39
CA LEU C 259 26.31 9.73 -21.27
C LEU C 259 27.05 11.03 -20.96
N LYS C 260 28.04 10.98 -20.08
CA LYS C 260 28.82 12.17 -19.79
C LYS C 260 29.61 12.63 -21.01
N ALA C 261 30.13 11.68 -21.78
CA ALA C 261 30.83 12.04 -23.02
C ALA C 261 29.91 12.81 -23.96
N VAL C 262 28.72 12.27 -24.21
CA VAL C 262 27.79 12.93 -25.11
C VAL C 262 27.40 14.30 -24.56
N LEU C 263 27.17 14.39 -23.25
CA LEU C 263 26.73 15.65 -22.68
C LEU C 263 27.81 16.72 -22.80
N ASP C 264 29.05 16.40 -22.42
CA ASP C 264 30.08 17.42 -22.49
C ASP C 264 30.41 17.76 -23.93
N ASP C 265 30.22 16.81 -24.86
CA ASP C 265 30.42 17.14 -26.25
C ASP C 265 29.34 18.08 -26.77
N ILE C 266 28.09 17.92 -26.32
CA ILE C 266 27.06 18.89 -26.66
C ILE C 266 27.41 20.25 -26.06
N LYS C 267 27.90 20.27 -24.83
CA LYS C 267 28.17 21.54 -24.16
C LYS C 267 29.36 22.28 -24.77
N ASN C 268 30.37 21.55 -25.23
CA ASN C 268 31.53 22.22 -25.82
C ASN C 268 31.17 22.87 -27.16
N SER C 269 30.10 22.42 -27.78
CA SER C 269 29.54 23.14 -28.92
C SER C 269 28.74 24.33 -28.42
N ALA C 270 29.11 25.52 -28.89
CA ALA C 270 28.56 26.77 -28.37
C ALA C 270 27.12 26.94 -28.86
N GLY C 271 26.22 26.17 -28.25
CA GLY C 271 24.80 26.30 -28.55
C GLY C 271 24.43 25.98 -29.97
N GLN C 272 25.26 25.25 -30.71
CA GLN C 272 24.92 24.89 -32.07
C GLN C 272 23.92 23.75 -32.10
N ILE C 273 24.17 22.71 -31.32
CA ILE C 273 23.42 21.46 -31.48
C ILE C 273 22.03 21.59 -30.87
N ILE C 274 21.06 20.97 -31.52
CA ILE C 274 19.67 20.92 -31.04
C ILE C 274 19.28 19.45 -31.04
N THR C 275 19.48 18.77 -29.92
CA THR C 275 19.25 17.33 -29.87
C THR C 275 17.76 17.02 -30.07
N PHE C 276 17.50 15.84 -30.61
CA PHE C 276 16.12 15.42 -30.89
C PHE C 276 15.98 13.96 -30.50
N ILE C 277 15.41 13.72 -29.32
CA ILE C 277 15.15 12.37 -28.83
C ILE C 277 13.73 12.01 -29.24
N ASP C 278 13.60 11.02 -30.12
CA ASP C 278 12.28 10.54 -30.50
C ASP C 278 11.78 9.55 -29.45
N GLU C 279 10.51 9.68 -29.09
CA GLU C 279 9.90 8.86 -28.04
C GLU C 279 10.66 9.01 -26.73
N LEU C 280 10.69 10.24 -26.23
CA LEU C 280 11.53 10.52 -25.07
C LEU C 280 10.97 9.95 -23.77
N HIS C 281 9.82 9.27 -23.80
CA HIS C 281 9.36 8.62 -22.58
C HIS C 281 10.14 7.37 -22.24
N THR C 282 11.11 6.99 -23.06
CA THR C 282 12.03 5.91 -22.75
C THR C 282 13.30 6.40 -22.07
N ILE C 283 13.37 7.69 -21.74
CA ILE C 283 14.55 8.25 -21.09
C ILE C 283 14.53 8.06 -19.58
N VAL C 284 13.42 7.62 -19.01
CA VAL C 284 13.29 7.55 -17.56
C VAL C 284 14.22 6.49 -17.00
N GLY C 285 14.04 5.24 -17.40
CA GLY C 285 14.86 4.16 -16.90
C GLY C 285 16.03 3.82 -17.80
N ALA C 286 16.97 4.75 -17.96
CA ALA C 286 18.12 4.48 -18.82
C ALA C 286 18.94 3.31 -18.28
N GLY C 287 19.58 3.50 -17.14
CA GLY C 287 20.27 2.42 -16.47
C GLY C 287 20.01 2.40 -14.99
N ALA C 288 19.41 1.35 -14.48
CA ALA C 288 19.10 1.25 -13.07
C ALA C 288 19.77 0.03 -12.45
N THR C 289 19.44 -0.21 -11.18
CA THR C 289 19.96 -1.36 -10.47
C THR C 289 18.90 -1.94 -9.54
N ALA C 293 16.33 3.28 -5.77
CA ALA C 293 17.63 3.02 -6.38
C ALA C 293 17.77 3.72 -7.72
N MET C 294 17.34 4.98 -7.78
CA MET C 294 17.40 5.75 -9.02
C MET C 294 18.75 6.44 -9.12
N ASP C 295 19.48 6.17 -10.19
CA ASP C 295 20.76 6.84 -10.40
C ASP C 295 20.88 7.49 -11.78
N ALA C 296 20.31 6.89 -12.82
CA ALA C 296 20.50 7.38 -14.17
C ALA C 296 19.18 7.85 -14.77
N GLY C 297 19.29 8.54 -15.92
CA GLY C 297 18.16 9.17 -16.55
C GLY C 297 17.84 10.56 -16.05
N ASN C 298 18.39 10.96 -14.91
CA ASN C 298 18.25 12.32 -14.41
C ASN C 298 19.59 13.04 -14.31
N MET C 299 20.63 12.52 -14.96
CA MET C 299 21.88 13.26 -15.07
C MET C 299 21.76 14.48 -15.95
N ILE C 300 20.76 14.52 -16.83
CA ILE C 300 20.51 15.71 -17.64
C ILE C 300 19.52 16.64 -16.98
N LYS C 301 18.95 16.26 -15.84
CA LYS C 301 18.08 17.15 -15.11
C LYS C 301 18.76 18.45 -14.68
N PRO C 302 20.05 18.49 -14.31
CA PRO C 302 20.67 19.79 -14.05
C PRO C 302 20.90 20.62 -15.29
N MET C 303 21.38 20.00 -16.37
CA MET C 303 21.67 20.75 -17.59
C MET C 303 20.41 21.27 -18.28
N LEU C 304 19.26 20.61 -18.08
CA LEU C 304 18.04 21.10 -18.71
C LEU C 304 17.69 22.50 -18.24
N ALA C 305 17.77 22.75 -16.93
CA ALA C 305 17.29 24.01 -16.38
C ALA C 305 18.03 25.20 -16.96
N ARG C 306 19.36 25.13 -17.01
CA ARG C 306 20.13 26.23 -17.55
C ARG C 306 20.05 26.32 -19.07
N GLY C 307 19.29 25.46 -19.72
CA GLY C 307 19.15 25.53 -21.16
C GLY C 307 20.44 25.26 -21.90
N GLU C 308 21.26 24.34 -21.41
CA GLU C 308 22.47 23.97 -22.13
C GLU C 308 22.14 23.25 -23.42
N LEU C 309 21.36 22.18 -23.33
CA LEU C 309 20.87 21.45 -24.49
C LEU C 309 19.39 21.75 -24.69
N ARG C 310 18.92 21.54 -25.91
CA ARG C 310 17.59 22.01 -26.31
C ARG C 310 16.54 20.90 -26.32
N LEU C 311 16.88 19.73 -26.86
CA LEU C 311 16.16 18.49 -26.61
C LEU C 311 14.67 18.60 -27.01
N VAL C 312 14.46 18.74 -28.32
CA VAL C 312 13.12 18.62 -28.86
C VAL C 312 12.78 17.13 -28.93
N GLY C 313 11.57 16.77 -28.48
CA GLY C 313 11.16 15.38 -28.49
C GLY C 313 9.66 15.26 -28.72
N ALA C 314 9.26 14.07 -29.14
CA ALA C 314 7.87 13.80 -29.47
C ALA C 314 7.47 12.45 -28.91
N THR C 315 6.46 12.43 -28.06
CA THR C 315 5.96 11.19 -27.48
C THR C 315 4.44 11.19 -27.53
N THR C 316 3.87 9.99 -27.48
CA THR C 316 2.43 9.86 -27.56
C THR C 316 1.77 10.49 -26.33
N LEU C 317 0.44 10.49 -26.35
CA LEU C 317 -0.30 11.25 -25.35
C LEU C 317 -0.71 10.41 -24.15
N ASP C 318 -1.02 9.13 -24.35
CA ASP C 318 -1.41 8.26 -23.25
C ASP C 318 -0.22 7.55 -22.62
N GLU C 319 0.98 8.11 -22.74
CA GLU C 319 2.14 7.64 -22.01
C GLU C 319 2.87 8.77 -21.31
N TYR C 320 2.67 10.00 -21.76
CA TYR C 320 3.19 11.17 -21.05
C TYR C 320 2.62 11.30 -19.66
N ARG C 321 1.47 10.67 -19.39
CA ARG C 321 0.91 10.63 -18.05
C ARG C 321 1.02 9.24 -17.44
N LYS C 322 1.72 8.33 -18.10
CA LYS C 322 1.98 7.01 -17.53
C LYS C 322 3.41 6.84 -17.07
N HIS C 323 4.35 7.53 -17.68
CA HIS C 323 5.75 7.43 -17.30
C HIS C 323 6.33 8.73 -16.77
N ILE C 324 6.20 9.83 -17.50
CA ILE C 324 6.82 11.09 -17.13
C ILE C 324 6.05 11.80 -16.02
N GLU C 325 4.74 11.99 -16.21
CA GLU C 325 3.94 12.75 -15.26
C GLU C 325 4.07 12.21 -13.84
N LYS C 326 4.42 10.93 -13.69
CA LYS C 326 4.69 10.31 -12.40
C LYS C 326 5.92 10.91 -11.71
N ASP C 327 6.77 11.63 -12.45
CA ASP C 327 8.06 12.11 -11.98
C ASP C 327 8.14 13.62 -12.10
N ALA C 328 7.14 14.30 -11.55
CA ALA C 328 6.93 15.73 -11.81
C ALA C 328 8.14 16.59 -11.52
N ALA C 329 9.19 16.05 -10.90
CA ALA C 329 10.41 16.82 -10.77
C ALA C 329 11.07 17.05 -12.11
N LEU C 330 10.98 16.09 -13.02
CA LEU C 330 11.57 16.19 -14.34
C LEU C 330 10.62 16.77 -15.37
N GLU C 331 9.34 16.43 -15.30
CA GLU C 331 8.36 16.97 -16.24
C GLU C 331 8.35 18.49 -16.24
N ARG C 332 8.70 19.11 -15.11
CA ARG C 332 8.64 20.56 -15.01
C ARG C 332 9.52 21.24 -16.05
N ARG C 333 10.58 20.58 -16.49
CA ARG C 333 11.50 21.18 -17.45
C ARG C 333 11.03 21.04 -18.90
N PHE C 334 9.79 20.65 -19.13
CA PHE C 334 9.30 20.40 -20.48
C PHE C 334 8.07 21.27 -20.76
N GLN C 335 8.03 21.87 -21.95
CA GLN C 335 6.87 22.60 -22.41
C GLN C 335 6.12 21.74 -23.41
N GLN C 336 4.79 21.72 -23.28
CA GLN C 336 3.95 20.86 -24.11
C GLN C 336 3.35 21.65 -25.27
N VAL C 337 3.34 21.03 -26.44
CA VAL C 337 2.78 21.61 -27.65
C VAL C 337 1.73 20.63 -28.17
N TYR C 338 0.49 20.83 -27.75
CA TYR C 338 -0.58 19.91 -28.14
C TYR C 338 -0.78 19.94 -29.64
N VAL C 339 -0.94 18.78 -30.24
CA VAL C 339 -1.08 18.65 -31.69
C VAL C 339 -2.41 17.96 -31.94
N GLY C 340 -3.41 18.72 -32.38
CA GLY C 340 -4.69 18.14 -32.70
C GLY C 340 -4.73 17.54 -34.08
N GLU C 341 -5.70 16.63 -34.29
CA GLU C 341 -5.82 15.98 -35.57
C GLU C 341 -6.43 16.93 -36.60
N PRO C 342 -5.97 16.87 -37.84
CA PRO C 342 -6.49 17.75 -38.88
C PRO C 342 -7.82 17.23 -39.41
N SER C 343 -8.50 18.10 -40.17
CA SER C 343 -9.77 17.74 -40.75
C SER C 343 -9.57 17.25 -42.19
N VAL C 344 -10.68 16.94 -42.85
CA VAL C 344 -10.60 16.39 -44.19
C VAL C 344 -10.06 17.44 -45.17
N GLU C 345 -10.43 18.70 -44.95
CA GLU C 345 -10.00 19.75 -45.87
C GLU C 345 -8.49 19.91 -45.87
N ASP C 346 -7.85 19.65 -44.73
CA ASP C 346 -6.39 19.76 -44.65
C ASP C 346 -5.72 18.46 -45.04
N THR C 347 -6.35 17.33 -44.75
CA THR C 347 -5.82 16.06 -45.20
C THR C 347 -5.78 15.99 -46.72
N ILE C 348 -6.76 16.58 -47.38
CA ILE C 348 -6.76 16.63 -48.83
C ILE C 348 -5.52 17.35 -49.33
N GLY C 349 -5.17 18.47 -48.69
CA GLY C 349 -3.97 19.19 -49.08
C GLY C 349 -2.71 18.41 -48.82
N ILE C 350 -2.62 17.78 -47.64
CA ILE C 350 -1.46 16.95 -47.33
C ILE C 350 -1.28 15.88 -48.39
N LEU C 351 -2.37 15.27 -48.82
CA LEU C 351 -2.29 14.25 -49.86
C LEU C 351 -1.87 14.86 -51.19
N ARG C 352 -2.50 15.97 -51.59
CA ARG C 352 -2.16 16.60 -52.85
C ARG C 352 -0.69 16.96 -52.92
N GLY C 353 -0.08 17.24 -51.79
CA GLY C 353 1.34 17.52 -51.79
C GLY C 353 2.18 16.26 -51.79
N LEU C 354 1.72 15.24 -51.06
CA LEU C 354 2.43 13.97 -51.01
C LEU C 354 2.16 13.08 -52.22
N LYS C 355 1.32 13.51 -53.14
CA LYS C 355 0.93 12.63 -54.25
C LYS C 355 1.99 12.66 -55.34
N ASP C 356 3.24 12.53 -54.97
CA ASP C 356 4.32 12.34 -55.94
C ASP C 356 5.25 11.21 -55.57
N ARG C 357 5.53 11.04 -54.28
CA ARG C 357 6.48 10.00 -53.87
C ARG C 357 5.94 8.62 -54.17
N TYR C 358 4.66 8.39 -53.91
CA TYR C 358 4.07 7.09 -54.22
C TYR C 358 3.91 6.92 -55.73
N GLU C 359 3.40 7.95 -56.40
CA GLU C 359 3.31 7.96 -57.86
C GLU C 359 4.63 7.66 -58.53
N VAL C 360 5.75 7.91 -57.86
CA VAL C 360 7.05 7.60 -58.44
C VAL C 360 7.53 6.21 -58.02
N HIS C 361 7.48 5.91 -56.72
CA HIS C 361 7.94 4.61 -56.23
C HIS C 361 7.23 3.47 -56.95
N HIS C 362 5.92 3.57 -57.10
CA HIS C 362 5.20 2.67 -58.00
C HIS C 362 5.09 3.34 -59.35
N GLY C 363 5.36 2.60 -60.42
CA GLY C 363 5.31 3.18 -61.74
C GLY C 363 3.89 3.39 -62.23
N VAL C 364 3.13 4.23 -61.54
CA VAL C 364 1.74 4.48 -61.88
C VAL C 364 1.43 5.96 -61.76
N ARG C 365 0.19 6.33 -62.03
CA ARG C 365 -0.30 7.69 -61.87
C ARG C 365 -1.52 7.66 -60.95
N ILE C 366 -1.85 8.80 -60.36
CA ILE C 366 -2.91 8.89 -59.38
C ILE C 366 -3.79 10.10 -59.71
N THR C 367 -5.11 9.91 -59.66
CA THR C 367 -6.04 10.96 -59.97
C THR C 367 -6.52 11.64 -58.68
N ASP C 368 -6.82 12.94 -58.79
CA ASP C 368 -7.22 13.71 -57.61
C ASP C 368 -8.54 13.24 -57.04
N SER C 369 -9.41 12.67 -57.87
CA SER C 369 -10.63 12.07 -57.37
C SER C 369 -10.32 10.98 -56.36
N ALA C 370 -9.26 10.22 -56.59
CA ALA C 370 -8.85 9.20 -55.63
C ALA C 370 -8.46 9.83 -54.31
N LEU C 371 -7.72 10.94 -54.34
CA LEU C 371 -7.33 11.60 -53.11
C LEU C 371 -8.56 12.04 -52.32
N VAL C 372 -9.51 12.69 -52.99
CA VAL C 372 -10.69 13.19 -52.29
C VAL C 372 -11.50 12.03 -51.72
N ALA C 373 -11.74 11.00 -52.53
CA ALA C 373 -12.54 9.87 -52.06
C ALA C 373 -11.87 9.15 -50.91
N ALA C 374 -10.54 9.03 -50.93
CA ALA C 374 -9.83 8.40 -49.82
C ALA C 374 -9.95 9.25 -48.56
N ALA C 375 -9.71 10.55 -48.68
CA ALA C 375 -9.80 11.42 -47.52
C ALA C 375 -11.21 11.47 -46.95
N THR C 376 -12.22 11.11 -47.74
CA THR C 376 -13.58 11.07 -47.18
C THR C 376 -13.91 9.71 -46.56
N LEU C 377 -13.64 8.63 -47.28
CA LEU C 377 -13.99 7.31 -46.77
C LEU C 377 -13.15 6.92 -45.56
N SER C 378 -11.87 7.29 -45.54
CA SER C 378 -11.04 6.98 -44.39
C SER C 378 -11.51 7.64 -43.12
N ASP C 379 -12.27 8.74 -43.21
CA ASP C 379 -12.87 9.35 -42.04
C ASP C 379 -14.25 8.79 -41.76
N ARG C 380 -14.97 8.38 -42.80
CA ARG C 380 -16.32 7.86 -42.57
C ARG C 380 -16.32 6.47 -41.98
N TYR C 381 -15.43 5.59 -42.43
CA TYR C 381 -15.56 4.16 -42.15
C TYR C 381 -14.55 3.62 -41.14
N ILE C 382 -13.26 3.87 -41.34
CA ILE C 382 -12.24 3.32 -40.46
C ILE C 382 -12.21 4.20 -39.23
N THR C 383 -13.07 3.88 -38.26
CA THR C 383 -13.19 4.66 -37.04
C THR C 383 -12.33 4.10 -35.91
N ALA C 384 -11.05 3.87 -36.19
CA ALA C 384 -10.13 3.38 -35.17
C ALA C 384 -8.81 4.12 -35.14
N ARG C 385 -8.41 4.79 -36.22
CA ARG C 385 -7.13 5.48 -36.28
C ARG C 385 -7.39 6.94 -36.63
N PHE C 386 -6.32 7.72 -36.73
CA PHE C 386 -6.44 9.16 -36.88
C PHE C 386 -6.08 9.59 -38.28
N LEU C 387 -6.51 10.80 -38.64
CA LEU C 387 -6.79 11.14 -40.02
C LEU C 387 -5.59 11.23 -40.97
N PRO C 388 -4.46 11.84 -40.60
CA PRO C 388 -3.39 12.01 -41.60
C PRO C 388 -2.78 10.73 -42.08
N ASP C 389 -3.07 9.59 -41.45
CA ASP C 389 -2.40 8.33 -41.75
C ASP C 389 -3.32 7.29 -42.36
N LYS C 390 -4.48 7.06 -41.74
CA LYS C 390 -5.44 6.12 -42.30
C LYS C 390 -5.94 6.55 -43.67
N ALA C 391 -5.75 7.81 -44.05
CA ALA C 391 -6.02 8.23 -45.42
C ALA C 391 -4.90 7.88 -46.37
N ILE C 392 -3.65 8.14 -45.99
CA ILE C 392 -2.52 7.82 -46.86
C ILE C 392 -2.43 6.32 -47.09
N ASP C 393 -2.81 5.52 -46.10
CA ASP C 393 -2.68 4.07 -46.27
C ASP C 393 -3.55 3.56 -47.42
N LEU C 394 -4.76 4.10 -47.56
CA LEU C 394 -5.64 3.66 -48.63
C LEU C 394 -5.03 3.95 -50.00
N VAL C 395 -4.56 5.18 -50.19
CA VAL C 395 -3.93 5.55 -51.46
C VAL C 395 -2.73 4.64 -51.75
N ASP C 396 -1.91 4.39 -50.73
CA ASP C 396 -0.73 3.57 -50.93
C ASP C 396 -1.11 2.16 -51.36
N GLU C 397 -2.06 1.55 -50.66
CA GLU C 397 -2.46 0.18 -51.00
C GLU C 397 -3.09 0.12 -52.39
N ALA C 398 -3.89 1.13 -52.75
CA ALA C 398 -4.48 1.16 -54.07
C ALA C 398 -3.41 1.19 -55.15
N ALA C 399 -2.42 2.07 -55.00
CA ALA C 399 -1.34 2.14 -55.98
C ALA C 399 -0.58 0.83 -56.04
N SER C 400 -0.33 0.20 -54.88
CA SER C 400 0.37 -1.07 -54.87
C SER C 400 -0.39 -2.13 -55.65
N ARG C 401 -1.70 -2.21 -55.43
CA ARG C 401 -2.51 -3.20 -56.15
C ARG C 401 -2.48 -2.93 -57.65
N LEU C 402 -2.61 -1.66 -58.04
CA LEU C 402 -2.60 -1.34 -59.46
C LEU C 402 -1.29 -1.75 -60.11
N ARG C 403 -0.16 -1.46 -59.45
CA ARG C 403 1.13 -1.91 -59.97
C ARG C 403 1.17 -3.43 -60.04
N MET C 404 0.59 -4.12 -59.06
CA MET C 404 0.59 -5.57 -59.10
C MET C 404 -0.29 -6.11 -60.24
N GLU C 405 -1.20 -5.28 -60.75
CA GLU C 405 -2.06 -5.70 -61.86
C GLU C 405 -1.43 -5.46 -63.22
N ILE C 406 -0.57 -4.43 -63.36
CA ILE C 406 0.20 -4.27 -64.59
C ILE C 406 1.18 -5.41 -64.78
N ASP C 407 1.36 -6.25 -63.75
CA ASP C 407 2.01 -7.55 -63.90
C ASP C 407 1.18 -8.41 -64.84
N SER C 408 1.62 -9.65 -65.09
CA SER C 408 1.12 -10.49 -66.16
C SER C 408 -0.40 -10.37 -66.36
N ARG C 409 -1.17 -10.66 -65.32
CA ARG C 409 -2.62 -10.67 -65.50
C ARG C 409 -3.30 -9.86 -64.41
N PRO C 410 -4.46 -9.29 -64.70
CA PRO C 410 -5.22 -8.57 -63.68
C PRO C 410 -5.97 -9.54 -62.77
N VAL C 411 -6.55 -9.00 -61.71
CA VAL C 411 -7.33 -9.78 -60.76
C VAL C 411 -8.62 -10.23 -61.43
N GLU C 412 -9.35 -11.13 -60.77
CA GLU C 412 -10.62 -11.72 -61.19
C GLU C 412 -10.47 -12.67 -62.38
N ILE C 413 -9.26 -12.83 -62.91
CA ILE C 413 -8.96 -13.86 -63.89
C ILE C 413 -7.91 -14.84 -63.38
N ASP C 414 -6.87 -14.33 -62.71
CA ASP C 414 -5.89 -15.19 -62.07
C ASP C 414 -6.54 -16.11 -61.04
N GLU C 415 -7.47 -15.57 -60.24
CA GLU C 415 -8.16 -16.42 -59.26
C GLU C 415 -8.98 -17.50 -59.94
N VAL C 416 -9.66 -17.16 -61.04
CA VAL C 416 -10.49 -18.14 -61.72
C VAL C 416 -9.63 -19.23 -62.35
N GLU C 417 -8.45 -18.85 -62.87
CA GLU C 417 -7.60 -19.88 -63.48
C GLU C 417 -6.96 -20.76 -62.42
N ARG C 418 -6.60 -20.19 -61.27
CA ARG C 418 -6.13 -21.01 -60.16
C ARG C 418 -7.22 -21.98 -59.70
N LEU C 419 -8.46 -21.49 -59.60
CA LEU C 419 -9.57 -22.34 -59.19
C LEU C 419 -9.81 -23.45 -60.21
N VAL C 420 -9.70 -23.14 -61.49
CA VAL C 420 -9.88 -24.15 -62.53
C VAL C 420 -8.80 -25.21 -62.41
N ARG C 421 -7.54 -24.80 -62.21
CA ARG C 421 -6.47 -25.78 -62.04
C ARG C 421 -6.70 -26.64 -60.80
N ARG C 422 -7.21 -26.03 -59.73
CA ARG C 422 -7.53 -26.81 -58.53
C ARG C 422 -8.60 -27.86 -58.81
N LEU C 423 -9.72 -27.44 -59.40
CA LEU C 423 -10.80 -28.37 -59.69
C LEU C 423 -10.33 -29.45 -60.66
N GLU C 424 -9.39 -29.12 -61.54
CA GLU C 424 -8.83 -30.11 -62.46
C GLU C 424 -8.02 -31.15 -61.71
N ILE C 425 -7.05 -30.70 -60.91
CA ILE C 425 -6.24 -31.63 -60.13
C ILE C 425 -7.09 -32.42 -59.15
N GLU C 426 -8.30 -31.94 -58.86
CA GLU C 426 -9.15 -32.67 -57.94
C GLU C 426 -10.01 -33.72 -58.65
N GLU C 427 -10.62 -33.34 -59.78
CA GLU C 427 -11.40 -34.28 -60.57
C GLU C 427 -10.52 -35.38 -61.15
N MET C 428 -9.25 -35.09 -61.45
CA MET C 428 -8.36 -36.13 -61.95
C MET C 428 -8.07 -37.20 -60.91
N ALA C 429 -7.86 -36.81 -59.65
CA ALA C 429 -7.52 -37.76 -58.60
C ALA C 429 -8.73 -38.34 -57.89
N LEU C 430 -9.92 -37.77 -58.08
CA LEU C 430 -11.13 -38.37 -57.54
C LEU C 430 -11.76 -39.37 -58.52
N SER C 431 -11.33 -39.36 -59.78
CA SER C 431 -11.96 -40.24 -60.76
C SER C 431 -11.65 -41.72 -60.47
N LYS C 432 -10.40 -42.02 -60.12
CA LYS C 432 -10.02 -43.41 -59.85
C LYS C 432 -10.48 -43.85 -58.47
N GLU C 433 -11.81 -43.87 -58.30
CA GLU C 433 -12.46 -44.27 -57.06
C GLU C 433 -13.15 -45.60 -57.29
N GLU C 434 -12.57 -46.68 -56.74
CA GLU C 434 -13.21 -47.99 -56.75
C GLU C 434 -14.26 -48.03 -55.64
N ASP C 435 -15.27 -47.18 -55.81
CA ASP C 435 -16.31 -46.99 -54.81
C ASP C 435 -17.59 -46.59 -55.52
N GLU C 436 -18.69 -46.59 -54.77
CA GLU C 436 -19.98 -46.19 -55.29
C GLU C 436 -20.43 -44.83 -54.78
N ALA C 437 -20.03 -44.44 -53.57
CA ALA C 437 -20.40 -43.14 -53.04
C ALA C 437 -19.75 -41.99 -53.79
N SER C 438 -18.85 -42.29 -54.72
CA SER C 438 -18.20 -41.27 -55.52
C SER C 438 -18.92 -41.00 -56.83
N ALA C 439 -19.98 -41.75 -57.12
CA ALA C 439 -20.70 -41.55 -58.39
C ALA C 439 -21.38 -40.19 -58.43
N GLU C 440 -22.24 -39.92 -57.45
CA GLU C 440 -22.99 -38.67 -57.47
C GLU C 440 -22.17 -37.50 -56.97
N ARG C 441 -21.03 -37.76 -56.32
CA ARG C 441 -20.15 -36.68 -55.90
C ARG C 441 -19.28 -36.17 -57.03
N LEU C 442 -18.93 -37.02 -58.00
CA LEU C 442 -18.11 -36.60 -59.13
C LEU C 442 -18.92 -36.03 -60.27
N ALA C 443 -20.19 -36.41 -60.39
CA ALA C 443 -21.02 -35.92 -61.49
C ALA C 443 -21.23 -34.41 -61.42
N LYS C 444 -21.18 -33.82 -60.25
CA LYS C 444 -21.33 -32.37 -60.13
C LYS C 444 -20.00 -31.64 -60.27
N LEU C 445 -18.89 -32.28 -59.90
CA LEU C 445 -17.59 -31.64 -60.04
C LEU C 445 -17.26 -31.38 -61.51
N ARG C 446 -17.66 -32.29 -62.39
CA ARG C 446 -17.50 -32.06 -63.83
C ARG C 446 -18.27 -30.84 -64.27
N SER C 447 -19.53 -30.73 -63.85
CA SER C 447 -20.34 -29.56 -64.18
C SER C 447 -19.69 -28.29 -63.70
N GLU C 448 -19.20 -28.27 -62.46
CA GLU C 448 -18.59 -27.06 -61.92
C GLU C 448 -17.32 -26.70 -62.68
N LEU C 449 -16.47 -27.69 -62.98
CA LEU C 449 -15.26 -27.41 -63.74
C LEU C 449 -15.59 -26.83 -65.11
N ALA C 450 -16.58 -27.40 -65.80
CA ALA C 450 -16.94 -26.90 -67.12
C ALA C 450 -17.51 -25.49 -67.04
N ASP C 451 -18.37 -25.23 -66.05
CA ASP C 451 -19.04 -23.94 -65.99
C ASP C 451 -18.15 -22.85 -65.41
N GLN C 452 -17.03 -23.21 -64.78
CA GLN C 452 -16.03 -22.21 -64.45
C GLN C 452 -15.04 -21.99 -65.59
N LYS C 453 -14.73 -23.04 -66.36
CA LYS C 453 -13.87 -22.86 -67.51
C LYS C 453 -14.53 -22.00 -68.58
N GLU C 454 -15.85 -22.12 -68.73
CA GLU C 454 -16.58 -21.23 -69.63
C GLU C 454 -16.35 -19.77 -69.25
N LYS C 455 -16.52 -19.44 -67.97
CA LYS C 455 -16.32 -18.07 -67.52
C LYS C 455 -14.86 -17.65 -67.69
N LEU C 456 -13.93 -18.57 -67.48
CA LEU C 456 -12.53 -18.28 -67.75
C LEU C 456 -12.33 -17.83 -69.19
N ALA C 457 -12.86 -18.62 -70.13
CA ALA C 457 -12.70 -18.29 -71.55
C ALA C 457 -13.38 -16.97 -71.89
N GLU C 458 -14.53 -16.71 -71.28
CA GLU C 458 -15.26 -15.46 -71.59
C GLU C 458 -14.49 -14.25 -71.08
N LEU C 459 -14.00 -14.31 -69.83
CA LEU C 459 -13.17 -13.24 -69.32
C LEU C 459 -11.92 -13.05 -70.17
N THR C 460 -11.32 -14.16 -70.61
CA THR C 460 -10.16 -14.06 -71.49
C THR C 460 -10.48 -13.31 -72.76
N THR C 461 -11.60 -13.66 -73.42
CA THR C 461 -11.96 -13.00 -74.66
C THR C 461 -12.24 -11.52 -74.45
N ARG C 462 -12.94 -11.17 -73.36
CA ARG C 462 -13.21 -9.77 -73.10
C ARG C 462 -11.92 -9.00 -72.83
N TRP C 463 -10.96 -9.63 -72.14
CA TRP C 463 -9.68 -8.97 -71.90
C TRP C 463 -8.91 -8.77 -73.21
N GLN C 464 -8.93 -9.76 -74.11
CA GLN C 464 -8.26 -9.59 -75.39
C GLN C 464 -8.91 -8.49 -76.21
N ASN C 465 -10.24 -8.37 -76.15
CA ASN C 465 -10.92 -7.28 -76.83
C ASN C 465 -10.46 -5.93 -76.28
N GLU C 466 -10.51 -5.77 -74.96
CA GLU C 466 -10.13 -4.49 -74.36
C GLU C 466 -8.65 -4.18 -74.58
N LYS C 467 -7.83 -5.21 -74.78
CA LYS C 467 -6.41 -5.01 -75.04
C LYS C 467 -6.13 -4.66 -76.50
N ASN C 468 -6.91 -5.21 -77.43
CA ASN C 468 -6.76 -4.87 -78.84
C ASN C 468 -7.33 -3.50 -79.16
N ALA C 469 -8.42 -3.10 -78.50
CA ALA C 469 -9.01 -1.80 -78.73
C ALA C 469 -8.34 -0.74 -77.86
N LYS C 530 -6.95 1.35 -67.79
CA LYS C 530 -6.61 0.87 -66.46
C LYS C 530 -5.13 1.12 -66.17
N GLU C 531 -4.71 2.38 -66.25
CA GLU C 531 -3.32 2.72 -65.98
C GLU C 531 -3.14 3.65 -64.80
N GLU C 532 -4.22 4.17 -64.20
CA GLU C 532 -4.08 4.99 -63.02
C GLU C 532 -5.26 4.74 -62.10
N VAL C 533 -5.02 4.88 -60.80
CA VAL C 533 -6.02 4.58 -59.79
C VAL C 533 -7.22 5.51 -59.94
N GLY C 534 -8.37 5.06 -59.45
CA GLY C 534 -9.57 5.84 -59.54
C GLY C 534 -10.28 5.92 -58.20
N PRO C 535 -11.37 6.66 -58.14
CA PRO C 535 -12.07 6.86 -56.87
C PRO C 535 -12.90 5.66 -56.43
N ASP C 536 -12.69 4.51 -57.06
CA ASP C 536 -13.39 3.29 -56.66
C ASP C 536 -12.48 2.18 -56.21
N ASP C 537 -11.20 2.17 -56.61
CA ASP C 537 -10.25 1.23 -56.02
C ASP C 537 -10.08 1.52 -54.53
N ILE C 538 -10.19 2.78 -54.14
CA ILE C 538 -10.24 3.13 -52.72
C ILE C 538 -11.40 2.42 -52.05
N ALA C 539 -12.57 2.44 -52.70
CA ALA C 539 -13.73 1.74 -52.14
C ALA C 539 -13.47 0.24 -52.06
N ASP C 540 -12.78 -0.32 -53.04
CA ASP C 540 -12.49 -1.75 -52.99
C ASP C 540 -11.56 -2.09 -51.84
N VAL C 541 -10.61 -1.20 -51.54
CA VAL C 541 -9.72 -1.43 -50.40
C VAL C 541 -10.49 -1.32 -49.09
N VAL C 542 -11.33 -0.29 -48.95
CA VAL C 542 -12.11 -0.13 -47.73
C VAL C 542 -13.16 -1.22 -47.62
N SER C 543 -13.46 -1.93 -48.69
CA SER C 543 -14.34 -3.08 -48.58
C SER C 543 -13.58 -4.34 -48.20
N ALA C 544 -12.36 -4.50 -48.71
CA ALA C 544 -11.57 -5.66 -48.35
C ALA C 544 -11.05 -5.59 -46.92
N TRP C 545 -10.95 -4.38 -46.38
CA TRP C 545 -10.48 -4.16 -45.02
C TRP C 545 -11.57 -3.40 -44.29
N THR C 546 -11.96 -3.89 -43.10
CA THR C 546 -13.19 -3.43 -42.46
C THR C 546 -14.37 -3.73 -43.36
N GLY C 547 -14.73 -5.00 -43.48
CA GLY C 547 -15.44 -5.55 -44.63
C GLY C 547 -16.77 -4.95 -45.02
N ILE C 548 -17.13 -3.81 -44.44
CA ILE C 548 -18.24 -3.00 -44.91
C ILE C 548 -18.16 -2.85 -46.43
N PRO C 549 -19.21 -3.17 -47.17
CA PRO C 549 -19.17 -3.00 -48.64
C PRO C 549 -19.58 -1.59 -49.02
N ALA C 550 -18.69 -0.89 -49.75
CA ALA C 550 -18.94 0.47 -50.16
C ALA C 550 -18.51 0.76 -51.60
N GLY C 551 -18.70 -0.21 -52.50
CA GLY C 551 -18.33 0.00 -53.89
C GLY C 551 -19.29 0.90 -54.64
N ARG C 552 -19.47 0.66 -55.93
CA ARG C 552 -20.44 1.40 -56.73
C ARG C 552 -21.35 0.47 -57.51
N LEU C 553 -21.68 -0.70 -56.94
CA LEU C 553 -22.66 -1.61 -57.51
C LEU C 553 -22.27 -2.02 -58.93
N LEU C 554 -21.17 -2.77 -59.02
CA LEU C 554 -20.53 -2.98 -60.31
C LEU C 554 -21.25 -4.03 -61.16
N GLU C 555 -22.57 -3.87 -61.29
CA GLU C 555 -23.37 -4.57 -62.29
C GLU C 555 -23.41 -6.08 -62.06
N GLY C 556 -22.65 -6.57 -61.09
CA GLY C 556 -22.68 -7.99 -60.80
C GLY C 556 -23.79 -8.38 -59.86
N GLU C 557 -24.34 -7.41 -59.12
CA GLU C 557 -25.33 -7.69 -58.10
C GLU C 557 -26.53 -6.76 -58.12
N THR C 558 -26.52 -5.72 -58.97
CA THR C 558 -27.68 -4.83 -59.03
C THR C 558 -28.94 -5.59 -59.39
N ALA C 559 -28.82 -6.62 -60.22
CA ALA C 559 -29.95 -7.51 -60.46
C ALA C 559 -30.39 -8.19 -59.17
N LYS C 560 -29.42 -8.63 -58.36
CA LYS C 560 -29.76 -9.26 -57.09
C LYS C 560 -30.51 -8.30 -56.17
N LEU C 561 -30.06 -7.04 -56.11
CA LEU C 561 -30.76 -6.07 -55.29
C LEU C 561 -32.16 -5.78 -55.80
N LEU C 562 -32.34 -5.64 -57.12
CA LEU C 562 -33.68 -5.44 -57.66
C LEU C 562 -34.54 -6.68 -57.53
N ARG C 563 -33.94 -7.84 -57.29
CA ARG C 563 -34.66 -9.10 -57.10
C ARG C 563 -34.89 -9.44 -55.63
N MET C 564 -34.26 -8.71 -54.72
CA MET C 564 -34.27 -9.04 -53.30
C MET C 564 -35.63 -9.50 -52.78
N GLU C 565 -36.71 -8.87 -53.22
CA GLU C 565 -38.04 -9.26 -52.74
C GLU C 565 -38.34 -10.72 -53.06
N ASP C 566 -38.39 -11.05 -54.35
CA ASP C 566 -38.70 -12.43 -54.74
C ASP C 566 -37.56 -13.38 -54.44
N GLU C 567 -36.41 -12.87 -54.03
CA GLU C 567 -35.33 -13.75 -53.60
C GLU C 567 -35.48 -14.15 -52.14
N LEU C 568 -35.97 -13.22 -51.31
CA LEU C 568 -36.34 -13.54 -49.94
C LEU C 568 -37.64 -14.32 -49.85
N GLY C 569 -38.54 -14.17 -50.83
CA GLY C 569 -39.78 -14.93 -50.81
C GLY C 569 -39.60 -16.43 -50.81
N LYS C 570 -38.39 -16.92 -51.10
CA LYS C 570 -38.16 -18.36 -51.10
C LYS C 570 -38.16 -18.94 -49.70
N ARG C 571 -37.91 -18.12 -48.69
CA ARG C 571 -37.87 -18.58 -47.31
C ARG C 571 -39.00 -18.03 -46.45
N VAL C 572 -39.69 -17.00 -46.91
CA VAL C 572 -40.84 -16.46 -46.21
C VAL C 572 -41.99 -16.34 -47.21
N ILE C 573 -43.18 -16.69 -46.74
CA ILE C 573 -44.38 -16.70 -47.58
C ILE C 573 -45.39 -15.72 -47.01
N GLY C 574 -45.81 -14.77 -47.83
CA GLY C 574 -46.62 -13.69 -47.34
C GLY C 574 -45.75 -12.60 -46.77
N GLN C 575 -46.37 -11.73 -45.96
CA GLN C 575 -45.68 -10.64 -45.29
C GLN C 575 -44.93 -9.77 -46.30
N LYS C 576 -45.55 -9.57 -47.46
CA LYS C 576 -44.96 -8.69 -48.47
C LYS C 576 -44.76 -7.29 -47.93
N ALA C 577 -45.63 -6.85 -47.02
CA ALA C 577 -45.45 -5.55 -46.39
C ALA C 577 -44.09 -5.45 -45.72
N ALA C 578 -43.75 -6.40 -44.86
CA ALA C 578 -42.47 -6.40 -44.16
C ALA C 578 -41.29 -6.63 -45.09
N VAL C 579 -41.43 -7.54 -46.05
CA VAL C 579 -40.33 -7.75 -47.00
C VAL C 579 -40.05 -6.48 -47.77
N THR C 580 -41.09 -5.73 -48.13
CA THR C 580 -40.88 -4.47 -48.85
C THR C 580 -40.13 -3.47 -48.01
N ALA C 581 -40.51 -3.34 -46.73
CA ALA C 581 -39.82 -2.39 -45.87
C ALA C 581 -38.35 -2.75 -45.70
N VAL C 582 -38.06 -4.02 -45.40
CA VAL C 582 -36.68 -4.43 -45.22
C VAL C 582 -35.88 -4.24 -46.51
N SER C 583 -36.46 -4.64 -47.64
CA SER C 583 -35.78 -4.49 -48.92
C SER C 583 -35.49 -3.03 -49.22
N ASP C 584 -36.45 -2.15 -48.93
CA ASP C 584 -36.22 -0.73 -49.16
C ASP C 584 -35.09 -0.20 -48.29
N ALA C 585 -35.09 -0.59 -47.01
CA ALA C 585 -34.07 -0.05 -46.11
C ALA C 585 -32.70 -0.60 -46.43
N VAL C 586 -32.63 -1.77 -47.09
CA VAL C 586 -31.32 -2.25 -47.52
C VAL C 586 -30.92 -1.61 -48.83
N ARG C 587 -31.88 -1.39 -49.74
CA ARG C 587 -31.57 -0.85 -51.05
C ARG C 587 -31.12 0.60 -50.95
N ARG C 588 -31.92 1.45 -50.31
CA ARG C 588 -31.64 2.88 -50.29
C ARG C 588 -30.44 3.24 -49.43
N SER C 589 -29.70 2.25 -48.96
CA SER C 589 -28.43 2.51 -48.30
C SER C 589 -27.23 2.24 -49.20
N ARG C 590 -27.36 1.33 -50.16
CA ARG C 590 -26.27 1.11 -51.10
C ARG C 590 -26.13 2.26 -52.09
N ALA C 591 -27.24 2.89 -52.46
CA ALA C 591 -27.21 4.00 -53.41
C ALA C 591 -26.82 5.32 -52.76
N GLY C 592 -26.33 5.31 -51.53
CA GLY C 592 -25.85 6.51 -50.89
C GLY C 592 -26.91 7.59 -50.75
N VAL C 593 -28.04 7.24 -50.14
CA VAL C 593 -29.14 8.18 -49.96
C VAL C 593 -29.51 8.17 -48.47
N SER C 594 -28.91 7.26 -47.72
CA SER C 594 -29.29 7.08 -46.33
C SER C 594 -28.63 8.13 -45.45
N ASP C 595 -29.01 8.13 -44.18
CA ASP C 595 -28.48 9.07 -43.22
C ASP C 595 -27.08 8.62 -42.81
N PRO C 596 -26.04 9.40 -43.09
CA PRO C 596 -24.67 8.88 -42.94
C PRO C 596 -24.27 8.61 -41.51
N ASN C 597 -24.83 9.32 -40.53
CA ASN C 597 -24.60 9.02 -39.12
C ASN C 597 -25.94 8.70 -38.48
N ARG C 598 -26.36 7.46 -38.65
CA ARG C 598 -27.59 6.86 -38.13
C ARG C 598 -27.54 5.41 -38.58
N PRO C 599 -28.01 4.46 -37.78
CA PRO C 599 -27.93 3.05 -38.22
C PRO C 599 -28.70 2.83 -39.51
N THR C 600 -28.42 1.69 -40.13
CA THR C 600 -29.02 1.39 -41.42
C THR C 600 -30.50 1.08 -41.33
N GLY C 601 -31.12 1.29 -40.17
CA GLY C 601 -32.53 1.01 -39.96
C GLY C 601 -32.74 0.24 -38.68
N ALA C 602 -33.81 0.53 -37.96
CA ALA C 602 -34.07 -0.08 -36.65
C ALA C 602 -35.53 -0.48 -36.57
N PHE C 603 -35.81 -1.72 -36.98
CA PHE C 603 -37.17 -2.21 -37.10
C PHE C 603 -37.55 -3.01 -35.87
N MET C 604 -38.81 -2.87 -35.46
CA MET C 604 -39.42 -3.74 -34.45
C MET C 604 -40.71 -4.24 -35.07
N PHE C 605 -40.71 -5.47 -35.56
CA PHE C 605 -41.91 -6.08 -36.12
C PHE C 605 -42.48 -7.13 -35.18
N LEU C 606 -43.77 -7.02 -34.93
CA LEU C 606 -44.46 -7.78 -33.90
C LEU C 606 -45.75 -8.35 -34.45
N GLY C 607 -46.25 -9.39 -33.79
CA GLY C 607 -47.49 -10.02 -34.18
C GLY C 607 -47.74 -11.31 -33.42
N PRO C 608 -48.68 -12.11 -33.91
CA PRO C 608 -48.99 -13.37 -33.23
C PRO C 608 -47.87 -14.38 -33.43
N THR C 609 -47.98 -15.55 -32.79
CA THR C 609 -46.90 -16.51 -32.84
C THR C 609 -46.97 -17.36 -34.10
N GLY C 610 -45.85 -18.03 -34.41
CA GLY C 610 -45.79 -18.95 -35.53
C GLY C 610 -46.04 -18.30 -36.87
N VAL C 611 -45.66 -17.03 -37.03
CA VAL C 611 -45.99 -16.28 -38.22
C VAL C 611 -44.78 -16.11 -39.13
N GLY C 612 -43.58 -16.03 -38.57
CA GLY C 612 -42.39 -16.02 -39.39
C GLY C 612 -41.43 -14.87 -39.20
N LYS C 613 -41.47 -14.22 -38.04
CA LYS C 613 -40.63 -13.05 -37.81
C LYS C 613 -39.16 -13.45 -37.61
N THR C 614 -38.90 -14.35 -36.66
CA THR C 614 -37.55 -14.86 -36.50
C THR C 614 -37.04 -15.50 -37.78
N GLU C 615 -37.90 -16.23 -38.49
CA GLU C 615 -37.51 -16.85 -39.75
C GLU C 615 -37.13 -15.80 -40.79
N LEU C 616 -37.89 -14.71 -40.87
CA LEU C 616 -37.56 -13.65 -41.80
C LEU C 616 -36.21 -13.02 -41.47
N ALA C 617 -35.96 -12.79 -40.18
CA ALA C 617 -34.67 -12.22 -39.81
C ALA C 617 -33.53 -13.14 -40.19
N LYS C 618 -33.64 -14.43 -39.89
CA LYS C 618 -32.59 -15.36 -40.25
C LYS C 618 -32.45 -15.47 -41.77
N ALA C 619 -33.55 -15.40 -42.51
CA ALA C 619 -33.47 -15.46 -43.96
C ALA C 619 -32.77 -14.23 -44.54
N LEU C 620 -33.00 -13.06 -43.93
CA LEU C 620 -32.32 -11.86 -44.38
C LEU C 620 -30.82 -11.97 -44.12
N ALA C 621 -30.45 -12.41 -42.93
CA ALA C 621 -29.03 -12.62 -42.65
C ALA C 621 -28.42 -13.63 -43.61
N ASP C 622 -29.18 -14.67 -43.96
CA ASP C 622 -28.71 -15.66 -44.93
C ASP C 622 -28.46 -15.01 -46.28
N PHE C 623 -29.46 -14.30 -46.81
CA PHE C 623 -29.30 -13.66 -48.11
C PHE C 623 -28.13 -12.70 -48.12
N LEU C 624 -27.87 -12.03 -46.99
CA LEU C 624 -26.82 -11.02 -47.00
C LEU C 624 -25.43 -11.62 -46.88
N PHE C 625 -25.24 -12.63 -46.02
CA PHE C 625 -23.90 -13.09 -45.69
C PHE C 625 -23.56 -14.48 -46.21
N ASP C 626 -24.56 -15.26 -46.64
CA ASP C 626 -24.40 -16.67 -47.04
C ASP C 626 -24.07 -17.58 -45.87
N ASP C 627 -24.07 -17.05 -44.65
CA ASP C 627 -23.77 -17.86 -43.47
C ASP C 627 -24.62 -17.33 -42.31
N GLU C 628 -25.68 -18.05 -41.98
CA GLU C 628 -26.58 -17.61 -40.92
C GLU C 628 -25.88 -17.46 -39.58
N ARG C 629 -24.75 -18.15 -39.39
CA ARG C 629 -24.02 -18.10 -38.13
C ARG C 629 -23.04 -16.94 -38.09
N ALA C 630 -23.29 -15.88 -38.85
CA ALA C 630 -22.44 -14.69 -38.82
C ALA C 630 -23.18 -13.44 -38.36
N MET C 631 -24.36 -13.58 -37.77
CA MET C 631 -25.03 -12.44 -37.17
C MET C 631 -24.94 -12.53 -35.65
N VAL C 632 -25.26 -11.40 -35.00
CA VAL C 632 -25.26 -11.31 -33.55
C VAL C 632 -26.70 -11.48 -33.06
N ARG C 633 -26.93 -12.49 -32.23
CA ARG C 633 -28.25 -12.79 -31.70
C ARG C 633 -28.18 -12.84 -30.19
N ILE C 634 -28.93 -11.97 -29.52
CA ILE C 634 -29.01 -11.95 -28.07
C ILE C 634 -30.45 -12.20 -27.64
N ASP C 635 -30.63 -13.15 -26.72
CA ASP C 635 -31.95 -13.54 -26.24
C ASP C 635 -32.33 -12.61 -25.11
N MET C 636 -33.18 -11.63 -25.39
CA MET C 636 -33.61 -10.69 -24.37
C MET C 636 -34.67 -11.28 -23.46
N SER C 637 -34.88 -12.58 -23.50
CA SER C 637 -35.75 -13.24 -22.55
C SER C 637 -35.02 -13.58 -21.25
N GLU C 638 -33.71 -13.52 -21.25
CA GLU C 638 -32.93 -13.79 -20.04
C GLU C 638 -32.68 -12.52 -19.24
N TYR C 639 -32.81 -11.35 -19.86
CA TYR C 639 -32.54 -10.09 -19.19
C TYR C 639 -33.76 -9.64 -18.40
N GLY C 640 -34.29 -10.53 -17.55
CA GLY C 640 -35.43 -10.16 -16.75
C GLY C 640 -35.05 -9.33 -15.54
N GLU C 641 -33.80 -9.38 -15.14
CA GLU C 641 -33.30 -8.63 -14.00
C GLU C 641 -32.54 -7.41 -14.49
N LYS C 642 -32.72 -6.29 -13.79
CA LYS C 642 -32.09 -5.04 -14.21
C LYS C 642 -30.57 -5.19 -14.27
N HIS C 643 -29.96 -5.70 -13.20
CA HIS C 643 -28.51 -5.74 -13.13
C HIS C 643 -27.88 -6.62 -14.18
N THR C 644 -28.66 -7.40 -14.92
CA THR C 644 -28.07 -8.22 -15.97
C THR C 644 -27.75 -7.45 -17.20
N VAL C 645 -27.97 -6.13 -17.21
CA VAL C 645 -27.64 -5.36 -18.40
C VAL C 645 -26.13 -5.23 -18.55
N ALA C 646 -25.38 -5.40 -17.46
CA ALA C 646 -23.93 -5.33 -17.54
C ALA C 646 -23.36 -6.42 -18.42
N ARG C 647 -24.16 -7.42 -18.78
CA ARG C 647 -23.69 -8.50 -19.63
C ARG C 647 -23.34 -8.02 -21.03
N LEU C 648 -23.96 -6.95 -21.52
CA LEU C 648 -23.72 -6.47 -22.87
C LEU C 648 -22.94 -5.16 -22.90
N ILE C 649 -22.52 -4.65 -21.75
CA ILE C 649 -21.84 -3.36 -21.68
C ILE C 649 -20.55 -3.42 -20.88
N GLY C 650 -20.19 -4.57 -20.34
CA GLY C 650 -18.97 -4.67 -19.56
C GLY C 650 -19.09 -4.02 -18.20
N ALA C 651 -18.20 -4.44 -17.30
CA ALA C 651 -18.22 -3.99 -15.92
C ALA C 651 -17.22 -2.87 -15.70
N PRO C 652 -17.52 -1.93 -14.81
CA PRO C 652 -16.67 -0.75 -14.65
C PRO C 652 -15.27 -1.13 -14.18
N PRO C 653 -14.32 -0.19 -14.20
CA PRO C 653 -12.95 -0.55 -13.87
C PRO C 653 -12.76 -0.76 -12.38
N GLY C 654 -12.06 -1.85 -12.03
CA GLY C 654 -11.87 -2.23 -10.66
C GLY C 654 -12.80 -3.33 -10.18
N TYR C 655 -13.38 -4.11 -11.08
CA TYR C 655 -14.31 -5.17 -10.71
C TYR C 655 -13.89 -6.48 -11.38
N VAL C 656 -14.73 -7.51 -11.21
CA VAL C 656 -14.34 -8.88 -11.53
C VAL C 656 -14.11 -9.05 -13.03
N GLY C 657 -15.16 -8.91 -13.82
CA GLY C 657 -14.99 -9.06 -15.25
C GLY C 657 -14.78 -7.73 -15.93
N TYR C 658 -13.53 -7.36 -16.13
CA TYR C 658 -13.19 -6.07 -16.70
C TYR C 658 -12.22 -6.17 -17.86
N GLU C 659 -11.28 -7.11 -17.81
CA GLU C 659 -10.34 -7.27 -18.91
C GLU C 659 -11.01 -7.81 -20.16
N ALA C 660 -12.12 -8.53 -20.01
CA ALA C 660 -12.82 -9.06 -21.17
C ALA C 660 -13.76 -8.04 -21.80
N GLY C 661 -13.93 -6.88 -21.18
CA GLY C 661 -14.76 -5.83 -21.75
C GLY C 661 -16.20 -6.29 -21.92
N GLY C 662 -16.89 -5.59 -22.82
CA GLY C 662 -18.27 -5.92 -23.13
C GLY C 662 -18.35 -7.20 -23.93
N GLN C 663 -19.59 -7.60 -24.23
CA GLN C 663 -19.84 -8.77 -25.05
C GLN C 663 -20.48 -8.43 -26.38
N LEU C 664 -21.65 -7.79 -26.37
CA LEU C 664 -22.20 -7.24 -27.60
C LEU C 664 -21.25 -6.23 -28.21
N THR C 665 -20.60 -5.43 -27.36
CA THR C 665 -19.70 -4.40 -27.86
C THR C 665 -18.47 -5.00 -28.53
N GLU C 666 -17.81 -5.95 -27.87
CA GLU C 666 -16.66 -6.59 -28.48
C GLU C 666 -17.05 -7.61 -29.54
N ALA C 667 -18.35 -7.83 -29.75
CA ALA C 667 -18.79 -8.59 -30.91
C ALA C 667 -18.99 -7.70 -32.12
N VAL C 668 -19.54 -6.49 -31.91
CA VAL C 668 -19.73 -5.56 -33.00
C VAL C 668 -18.42 -4.91 -33.43
N ARG C 669 -17.53 -4.58 -32.48
CA ARG C 669 -16.26 -3.94 -32.80
C ARG C 669 -15.45 -4.73 -33.81
N ARG C 670 -15.77 -6.00 -34.00
CA ARG C 670 -15.14 -6.82 -35.02
C ARG C 670 -16.16 -7.17 -36.09
N ARG C 671 -15.81 -6.92 -37.34
CA ARG C 671 -16.70 -7.13 -38.48
C ARG C 671 -17.98 -6.33 -38.29
N PRO C 672 -17.92 -5.00 -38.41
CA PRO C 672 -19.09 -4.18 -38.13
C PRO C 672 -20.06 -4.10 -39.30
N TYR C 673 -20.34 -5.24 -39.92
CA TYR C 673 -21.36 -5.32 -40.97
C TYR C 673 -22.44 -6.32 -40.62
N THR C 674 -22.33 -6.98 -39.48
CA THR C 674 -23.25 -8.03 -39.10
C THR C 674 -24.65 -7.48 -38.87
N VAL C 675 -25.62 -8.36 -38.65
CA VAL C 675 -26.99 -8.00 -38.36
C VAL C 675 -27.25 -8.30 -36.89
N VAL C 676 -27.91 -7.39 -36.21
CA VAL C 676 -28.18 -7.52 -34.78
C VAL C 676 -29.65 -7.92 -34.62
N LEU C 677 -29.95 -8.75 -33.62
CA LEU C 677 -31.27 -9.32 -33.47
C LEU C 677 -31.63 -9.38 -31.99
N PHE C 678 -32.84 -8.91 -31.66
CA PHE C 678 -33.32 -8.83 -30.29
C PHE C 678 -34.58 -9.67 -30.14
N ASP C 679 -34.42 -10.94 -29.75
CA ASP C 679 -35.58 -11.78 -29.48
C ASP C 679 -36.37 -11.23 -28.29
N GLU C 680 -37.69 -11.36 -28.37
CA GLU C 680 -38.60 -11.11 -27.26
C GLU C 680 -38.23 -9.86 -26.47
N ILE C 681 -38.33 -8.71 -27.16
CA ILE C 681 -37.94 -7.45 -26.53
C ILE C 681 -38.81 -7.14 -25.32
N GLU C 682 -40.04 -7.62 -25.28
CA GLU C 682 -40.97 -7.21 -24.24
C GLU C 682 -40.80 -7.97 -22.93
N LYS C 683 -39.95 -9.01 -22.90
CA LYS C 683 -39.71 -9.76 -21.68
C LYS C 683 -38.74 -9.08 -20.74
N ALA C 684 -37.92 -8.16 -21.23
CA ALA C 684 -36.86 -7.60 -20.41
C ALA C 684 -37.41 -6.59 -19.41
N HIS C 685 -36.64 -6.37 -18.36
CA HIS C 685 -36.99 -5.37 -17.36
C HIS C 685 -37.05 -4.00 -18.02
N PRO C 686 -38.02 -3.16 -17.67
CA PRO C 686 -38.14 -1.86 -18.33
C PRO C 686 -37.07 -0.87 -17.89
N ASP C 687 -35.83 -1.35 -17.81
CA ASP C 687 -34.67 -0.49 -17.69
C ASP C 687 -33.54 -0.91 -18.62
N VAL C 688 -33.58 -2.12 -19.15
CA VAL C 688 -32.74 -2.47 -20.28
C VAL C 688 -33.08 -1.63 -21.50
N PHE C 689 -34.35 -1.26 -21.66
CA PHE C 689 -34.78 -0.48 -22.81
C PHE C 689 -34.02 0.84 -22.96
N ASP C 690 -33.46 1.35 -21.87
CA ASP C 690 -32.87 2.68 -21.90
C ASP C 690 -31.42 2.67 -22.35
N VAL C 691 -30.79 1.50 -22.45
CA VAL C 691 -29.45 1.41 -23.02
C VAL C 691 -29.46 1.53 -24.53
N LEU C 692 -30.59 1.20 -25.16
CA LEU C 692 -30.69 1.19 -26.62
C LEU C 692 -31.05 2.54 -27.20
N LEU C 693 -31.39 3.53 -26.37
CA LEU C 693 -31.78 4.83 -26.90
C LEU C 693 -30.68 5.41 -27.78
N GLN C 694 -29.45 5.44 -27.29
CA GLN C 694 -28.36 5.95 -28.10
C GLN C 694 -28.08 5.03 -29.29
N VAL C 695 -28.19 3.72 -29.09
CA VAL C 695 -27.90 2.77 -30.17
C VAL C 695 -28.82 3.02 -31.35
N LEU C 696 -30.05 3.46 -31.09
CA LEU C 696 -30.99 3.69 -32.18
C LEU C 696 -30.92 5.12 -32.68
N ASP C 697 -30.59 6.08 -31.80
CA ASP C 697 -30.50 7.47 -32.24
C ASP C 697 -29.31 7.67 -33.17
N GLU C 698 -28.14 7.19 -32.78
CA GLU C 698 -26.98 7.12 -33.66
C GLU C 698 -26.28 5.80 -33.42
N GLY C 699 -25.07 5.67 -33.93
CA GLY C 699 -24.43 4.37 -33.85
C GLY C 699 -23.44 4.20 -32.72
N ARG C 700 -23.64 4.87 -31.59
CA ARG C 700 -22.65 4.89 -30.54
C ARG C 700 -23.12 4.13 -29.30
N LEU C 701 -22.22 3.32 -28.76
CA LEU C 701 -22.37 2.68 -27.46
C LEU C 701 -20.99 2.65 -26.83
N THR C 702 -20.92 2.76 -25.50
CA THR C 702 -19.65 2.88 -24.80
C THR C 702 -19.56 1.83 -23.70
N ASP C 703 -18.58 0.93 -23.83
CA ASP C 703 -18.38 -0.16 -22.88
C ASP C 703 -17.60 0.37 -21.67
N GLY C 704 -17.09 -0.54 -20.84
CA GLY C 704 -16.46 -0.12 -19.60
C GLY C 704 -15.20 0.69 -19.81
N HIS C 705 -14.38 0.31 -20.77
CA HIS C 705 -13.12 1.01 -21.00
C HIS C 705 -13.29 2.42 -21.56
N GLY C 706 -14.53 2.88 -21.73
CA GLY C 706 -14.75 4.22 -22.23
C GLY C 706 -14.73 4.37 -23.73
N ARG C 707 -14.17 3.40 -24.45
CA ARG C 707 -14.11 3.49 -25.91
C ARG C 707 -15.50 3.38 -26.50
N THR C 708 -15.63 3.80 -27.75
CA THR C 708 -16.92 3.89 -28.42
C THR C 708 -16.90 3.09 -29.71
N VAL C 709 -17.89 2.23 -29.88
CA VAL C 709 -18.02 1.42 -31.08
C VAL C 709 -19.03 2.09 -32.00
N ASP C 710 -19.05 1.66 -33.26
CA ASP C 710 -19.89 2.27 -34.27
C ASP C 710 -20.96 1.29 -34.75
N PHE C 711 -22.22 1.69 -34.64
CA PHE C 711 -23.34 0.90 -35.10
C PHE C 711 -23.99 1.49 -36.35
N ARG C 712 -23.28 2.37 -37.06
CA ARG C 712 -23.90 3.13 -38.14
C ARG C 712 -24.34 2.26 -39.31
N ASN C 713 -23.80 1.06 -39.45
CA ASN C 713 -24.11 0.24 -40.63
C ASN C 713 -24.43 -1.19 -40.23
N THR C 714 -25.30 -1.36 -39.23
CA THR C 714 -25.85 -2.64 -38.86
C THR C 714 -27.37 -2.54 -38.73
N ILE C 715 -28.06 -3.58 -39.17
CA ILE C 715 -29.52 -3.56 -39.31
C ILE C 715 -30.09 -4.13 -38.02
N LEU C 716 -30.62 -3.26 -37.16
CA LEU C 716 -31.21 -3.75 -35.93
C LEU C 716 -32.60 -4.31 -36.18
N ILE C 717 -33.00 -5.25 -35.33
CA ILE C 717 -34.28 -5.93 -35.45
C ILE C 717 -34.75 -6.31 -34.05
N LEU C 718 -35.98 -5.93 -33.71
CA LEU C 718 -36.53 -6.17 -32.38
C LEU C 718 -37.84 -6.93 -32.52
N THR C 719 -37.78 -8.26 -32.50
CA THR C 719 -38.99 -9.07 -32.52
C THR C 719 -39.76 -8.89 -31.22
N SER C 720 -41.00 -9.35 -31.19
CA SER C 720 -41.83 -9.21 -30.01
C SER C 720 -43.07 -10.08 -30.16
N ASN C 721 -43.96 -10.01 -29.17
CA ASN C 721 -45.23 -10.71 -29.23
C ASN C 721 -46.37 -9.89 -28.63
N LEU C 722 -46.15 -8.60 -28.39
CA LEU C 722 -47.17 -7.76 -27.78
C LEU C 722 -48.47 -7.82 -28.58
N GLY C 723 -49.59 -7.72 -27.86
CA GLY C 723 -50.90 -7.77 -28.48
C GLY C 723 -51.09 -9.00 -29.34
N SER C 724 -51.22 -10.16 -28.71
CA SER C 724 -51.24 -11.44 -29.40
C SER C 724 -52.13 -11.45 -30.63
N GLY C 725 -53.43 -11.25 -30.44
CA GLY C 725 -54.36 -11.28 -31.56
C GLY C 725 -55.54 -10.35 -31.46
N GLY C 726 -55.39 -9.26 -30.70
CA GLY C 726 -56.49 -8.34 -30.50
C GLY C 726 -57.05 -7.77 -31.79
N SER C 727 -56.25 -6.96 -32.48
CA SER C 727 -56.63 -6.35 -33.75
C SER C 727 -55.40 -5.64 -34.29
N ALA C 728 -55.50 -5.16 -35.53
CA ALA C 728 -54.43 -4.38 -36.12
C ALA C 728 -54.31 -2.98 -35.50
N GLU C 729 -55.13 -2.65 -34.51
CA GLU C 729 -55.06 -1.37 -33.84
C GLU C 729 -54.91 -1.47 -32.33
N GLN C 730 -55.55 -2.46 -31.69
CA GLN C 730 -55.37 -2.64 -30.25
C GLN C 730 -53.90 -2.82 -29.89
N VAL C 731 -53.14 -3.50 -30.75
CA VAL C 731 -51.73 -3.69 -30.45
C VAL C 731 -50.97 -2.36 -30.55
N LEU C 732 -51.44 -1.44 -31.39
CA LEU C 732 -50.86 -0.11 -31.42
C LEU C 732 -51.32 0.76 -30.27
N ALA C 733 -52.12 0.21 -29.36
CA ALA C 733 -52.37 0.84 -28.07
C ALA C 733 -51.75 0.08 -26.92
N ALA C 734 -51.39 -1.18 -27.13
CA ALA C 734 -50.65 -1.95 -26.14
C ALA C 734 -49.17 -1.63 -26.19
N VAL C 735 -48.60 -1.43 -27.38
CA VAL C 735 -47.18 -1.10 -27.49
C VAL C 735 -46.92 0.27 -26.88
N ARG C 736 -47.78 1.24 -27.18
CA ARG C 736 -47.61 2.57 -26.63
C ARG C 736 -47.78 2.60 -25.12
N ALA C 737 -48.40 1.58 -24.54
CA ALA C 737 -48.53 1.48 -23.09
C ALA C 737 -47.43 0.65 -22.46
N THR C 738 -46.77 -0.23 -23.23
CA THR C 738 -45.66 -1.01 -22.71
C THR C 738 -44.31 -0.36 -22.98
N PHE C 739 -44.27 0.73 -23.73
CA PHE C 739 -43.04 1.46 -23.98
C PHE C 739 -43.18 2.92 -23.57
N LYS C 740 -42.13 3.66 -23.78
CA LYS C 740 -42.05 5.09 -23.53
C LYS C 740 -42.37 5.88 -24.79
N PRO C 741 -42.73 7.16 -24.67
CA PRO C 741 -42.97 7.95 -25.87
C PRO C 741 -41.71 8.23 -26.67
N GLU C 742 -40.54 8.30 -26.04
CA GLU C 742 -39.33 8.62 -26.78
C GLU C 742 -38.57 7.38 -27.23
N PHE C 743 -39.09 6.18 -26.98
CA PHE C 743 -38.45 4.99 -27.54
C PHE C 743 -39.04 4.59 -28.88
N ILE C 744 -40.38 4.63 -28.98
CA ILE C 744 -41.03 4.39 -30.26
C ILE C 744 -40.54 5.38 -31.30
N ASN C 745 -40.16 6.59 -30.87
CA ASN C 745 -39.77 7.64 -31.79
C ASN C 745 -38.47 7.31 -32.52
N ARG C 746 -37.62 6.45 -31.96
CA ARG C 746 -36.37 6.12 -32.61
C ARG C 746 -36.54 5.17 -33.77
N LEU C 747 -37.41 4.17 -33.62
CA LEU C 747 -37.56 3.10 -34.59
C LEU C 747 -38.01 3.62 -35.94
N ASP C 748 -37.75 2.82 -36.97
CA ASP C 748 -38.43 2.99 -38.25
C ASP C 748 -39.81 2.38 -38.13
N ASP C 749 -40.49 2.16 -39.26
CA ASP C 749 -41.86 1.66 -39.23
C ASP C 749 -41.99 0.42 -38.35
N VAL C 750 -43.01 0.43 -37.51
CA VAL C 750 -43.30 -0.67 -36.60
C VAL C 750 -44.17 -1.65 -37.37
N LEU C 751 -43.55 -2.61 -38.03
CA LEU C 751 -44.26 -3.54 -38.89
C LEU C 751 -45.11 -4.48 -38.06
N ILE C 752 -46.34 -4.69 -38.51
CA ILE C 752 -47.26 -5.62 -37.87
C ILE C 752 -47.48 -6.80 -38.80
N PHE C 753 -47.13 -7.99 -38.33
CA PHE C 753 -47.37 -9.20 -39.10
C PHE C 753 -48.83 -9.61 -38.97
N GLU C 754 -49.25 -10.52 -39.84
CA GLU C 754 -50.62 -11.01 -39.85
C GLU C 754 -50.60 -12.52 -39.99
N GLY C 755 -51.67 -13.15 -39.50
CA GLY C 755 -51.76 -14.60 -39.53
C GLY C 755 -51.77 -15.14 -40.94
N LEU C 756 -51.85 -16.46 -41.04
CA LEU C 756 -51.74 -17.14 -42.31
C LEU C 756 -53.12 -17.58 -42.82
N ASN C 757 -53.22 -17.72 -44.12
CA ASN C 757 -54.42 -18.15 -44.82
C ASN C 757 -54.24 -19.58 -45.31
N PRO C 758 -55.32 -20.37 -45.31
CA PRO C 758 -55.21 -21.75 -45.80
C PRO C 758 -54.65 -21.86 -47.21
N GLU C 759 -54.77 -20.81 -48.01
CA GLU C 759 -54.15 -20.80 -49.33
C GLU C 759 -52.66 -20.61 -49.27
N GLU C 760 -52.14 -20.08 -48.16
CA GLU C 760 -50.71 -19.81 -48.03
C GLU C 760 -49.94 -20.96 -47.40
N LEU C 761 -50.63 -21.92 -46.77
CA LEU C 761 -49.95 -23.03 -46.14
C LEU C 761 -49.49 -24.09 -47.13
N VAL C 762 -50.03 -24.09 -48.36
CA VAL C 762 -49.59 -25.07 -49.34
C VAL C 762 -48.12 -24.86 -49.69
N ARG C 763 -47.73 -23.60 -49.92
CA ARG C 763 -46.33 -23.32 -50.19
C ARG C 763 -45.45 -23.62 -48.99
N ILE C 764 -45.97 -23.43 -47.78
CA ILE C 764 -45.23 -23.82 -46.58
C ILE C 764 -45.01 -25.33 -46.57
N VAL C 765 -46.03 -26.09 -46.94
CA VAL C 765 -45.87 -27.55 -47.04
C VAL C 765 -44.78 -27.89 -48.05
N ASP C 766 -44.79 -27.19 -49.19
CA ASP C 766 -43.75 -27.39 -50.19
C ASP C 766 -42.37 -27.13 -49.61
N ILE C 767 -42.23 -26.06 -48.82
CA ILE C 767 -40.94 -25.71 -48.25
C ILE C 767 -40.48 -26.77 -47.25
N GLN C 768 -41.40 -27.22 -46.40
CA GLN C 768 -41.05 -28.24 -45.42
C GLN C 768 -40.62 -29.53 -46.10
N LEU C 769 -41.30 -29.89 -47.19
CA LEU C 769 -40.93 -31.11 -47.89
C LEU C 769 -39.59 -30.95 -48.59
N ALA C 770 -39.31 -29.76 -49.13
CA ALA C 770 -37.99 -29.50 -49.69
C ALA C 770 -36.90 -29.66 -48.63
N GLN C 771 -37.13 -29.09 -47.46
CA GLN C 771 -36.19 -29.25 -46.35
C GLN C 771 -35.98 -30.72 -46.02
N LEU C 772 -37.07 -31.48 -45.89
CA LEU C 772 -36.94 -32.87 -45.48
C LEU C 772 -36.20 -33.68 -46.54
N GLY C 773 -36.45 -33.39 -47.81
CA GLY C 773 -35.72 -34.07 -48.87
C GLY C 773 -34.23 -33.72 -48.87
N LYS C 774 -33.91 -32.44 -48.64
CA LYS C 774 -32.51 -32.05 -48.59
C LYS C 774 -31.80 -32.70 -47.41
N ARG C 775 -32.51 -32.89 -46.31
CA ARG C 775 -31.90 -33.55 -45.15
C ARG C 775 -31.80 -35.06 -45.37
N LEU C 776 -32.70 -35.63 -46.16
CA LEU C 776 -32.63 -37.05 -46.47
C LEU C 776 -31.57 -37.37 -47.50
N ALA C 777 -31.21 -36.39 -48.33
CA ALA C 777 -30.23 -36.63 -49.38
C ALA C 777 -28.86 -37.00 -48.82
N GLN C 778 -28.72 -37.00 -47.50
CA GLN C 778 -27.48 -37.48 -46.90
C GLN C 778 -27.37 -38.99 -46.95
N ARG C 779 -28.51 -39.69 -46.97
CA ARG C 779 -28.55 -41.13 -47.16
C ARG C 779 -29.00 -41.52 -48.55
N ARG C 780 -28.81 -40.63 -49.53
CA ARG C 780 -29.21 -40.80 -50.93
C ARG C 780 -30.60 -41.44 -51.05
N LEU C 781 -31.56 -40.82 -50.36
CA LEU C 781 -32.97 -41.05 -50.58
C LEU C 781 -33.62 -39.78 -51.08
N GLN C 782 -34.83 -39.93 -51.61
CA GLN C 782 -35.71 -38.81 -51.91
C GLN C 782 -37.11 -39.36 -52.06
N LEU C 783 -38.09 -38.47 -51.98
CA LEU C 783 -39.48 -38.87 -51.99
C LEU C 783 -40.17 -38.39 -53.26
N GLN C 784 -41.33 -38.97 -53.53
CA GLN C 784 -42.21 -38.52 -54.60
C GLN C 784 -43.61 -38.39 -53.99
N VAL C 785 -44.00 -37.17 -53.67
CA VAL C 785 -45.24 -36.91 -52.96
C VAL C 785 -46.32 -36.60 -53.97
N SER C 786 -47.49 -37.21 -53.80
CA SER C 786 -48.62 -36.96 -54.67
C SER C 786 -49.43 -35.76 -54.19
N LEU C 787 -50.03 -35.04 -55.14
CA LEU C 787 -50.86 -33.90 -54.78
C LEU C 787 -51.97 -34.22 -53.79
N PRO C 788 -52.59 -35.40 -53.80
CA PRO C 788 -53.50 -35.74 -52.69
C PRO C 788 -52.88 -35.50 -51.33
N ALA C 789 -51.72 -36.09 -51.05
CA ALA C 789 -51.09 -35.88 -49.74
C ALA C 789 -50.60 -34.45 -49.58
N LYS C 790 -50.09 -33.86 -50.66
CA LYS C 790 -49.58 -32.49 -50.58
C LYS C 790 -50.66 -31.53 -50.13
N ARG C 791 -51.90 -31.71 -50.60
CA ARG C 791 -52.97 -30.83 -50.14
C ARG C 791 -53.63 -31.33 -48.88
N TRP C 792 -53.53 -32.64 -48.58
CA TRP C 792 -54.04 -33.15 -47.31
C TRP C 792 -53.28 -32.54 -46.14
N LEU C 793 -51.95 -32.50 -46.24
CA LEU C 793 -51.13 -31.91 -45.19
C LEU C 793 -51.56 -30.48 -44.88
N ALA C 794 -51.69 -29.66 -45.93
CA ALA C 794 -52.15 -28.28 -45.73
C ALA C 794 -53.58 -28.24 -45.21
N GLN C 795 -54.42 -29.21 -45.57
CA GLN C 795 -55.75 -29.27 -45.02
C GLN C 795 -55.71 -29.60 -43.53
N ARG C 796 -54.60 -30.16 -43.05
CA ARG C 796 -54.41 -30.36 -41.63
C ARG C 796 -53.62 -29.23 -40.98
N GLY C 797 -53.48 -28.08 -41.65
CA GLY C 797 -52.95 -26.89 -41.02
C GLY C 797 -54.05 -26.09 -40.37
N PHE C 798 -54.63 -26.65 -39.32
CA PHE C 798 -55.84 -26.13 -38.69
C PHE C 798 -55.53 -25.00 -37.71
N ASP C 799 -56.51 -24.70 -36.85
CA ASP C 799 -56.46 -23.86 -35.65
C ASP C 799 -55.67 -22.57 -35.87
N PRO C 800 -56.25 -21.58 -36.56
CA PRO C 800 -55.50 -20.36 -36.83
C PRO C 800 -55.22 -19.56 -35.56
N VAL C 801 -54.63 -20.22 -34.58
CA VAL C 801 -54.09 -19.56 -33.39
C VAL C 801 -52.65 -19.94 -33.12
N TYR C 802 -52.17 -21.09 -33.59
CA TYR C 802 -50.80 -21.54 -33.33
C TYR C 802 -49.91 -21.42 -34.55
N GLY C 803 -50.25 -20.53 -35.48
CA GLY C 803 -49.33 -20.22 -36.56
C GLY C 803 -49.14 -21.38 -37.51
N ALA C 804 -47.89 -21.85 -37.63
CA ALA C 804 -47.55 -22.85 -38.63
C ALA C 804 -46.61 -23.93 -38.09
N ARG C 805 -46.43 -24.00 -36.77
CA ARG C 805 -45.62 -25.07 -36.19
C ARG C 805 -46.40 -26.39 -36.16
N PRO C 806 -47.69 -26.39 -35.79
CA PRO C 806 -48.47 -27.63 -35.92
C PRO C 806 -48.25 -28.36 -37.24
N LEU C 807 -48.03 -27.62 -38.34
CA LEU C 807 -47.75 -28.28 -39.60
C LEU C 807 -46.43 -29.04 -39.55
N ARG C 808 -45.43 -28.47 -38.87
CA ARG C 808 -44.14 -29.15 -38.76
C ARG C 808 -44.26 -30.41 -37.90
N ARG C 809 -44.94 -30.28 -36.75
CA ARG C 809 -45.13 -31.46 -35.91
C ARG C 809 -45.98 -32.51 -36.63
N LEU C 810 -46.91 -32.08 -37.47
CA LEU C 810 -47.69 -33.02 -38.26
C LEU C 810 -46.83 -33.75 -39.27
N VAL C 811 -45.98 -33.03 -40.00
CA VAL C 811 -45.09 -33.68 -40.94
C VAL C 811 -44.25 -34.73 -40.22
N GLN C 812 -43.70 -34.37 -39.06
CA GLN C 812 -42.94 -35.34 -38.27
C GLN C 812 -43.79 -36.56 -37.97
N GLN C 813 -44.86 -36.36 -37.21
CA GLN C 813 -45.71 -37.45 -36.72
C GLN C 813 -46.28 -38.31 -37.84
N ALA C 814 -46.45 -37.77 -39.04
CA ALA C 814 -47.11 -38.50 -40.12
C ALA C 814 -46.16 -39.14 -41.10
N ILE C 815 -44.92 -38.66 -41.24
CA ILE C 815 -43.98 -39.21 -42.20
C ILE C 815 -42.73 -39.76 -41.52
N GLY C 816 -42.14 -39.00 -40.60
CA GLY C 816 -40.83 -39.36 -40.08
C GLY C 816 -40.84 -40.65 -39.27
N ASP C 817 -41.86 -40.84 -38.44
CA ASP C 817 -41.90 -42.04 -37.62
C ASP C 817 -41.98 -43.30 -38.47
N GLN C 818 -42.91 -43.33 -39.43
CA GLN C 818 -43.03 -44.49 -40.30
C GLN C 818 -41.79 -44.66 -41.16
N LEU C 819 -41.22 -43.55 -41.62
CA LEU C 819 -40.02 -43.64 -42.45
C LEU C 819 -38.86 -44.25 -41.68
N ALA C 820 -38.67 -43.82 -40.43
CA ALA C 820 -37.61 -44.40 -39.60
C ALA C 820 -37.91 -45.86 -39.30
N LYS C 821 -39.16 -46.17 -38.97
CA LYS C 821 -39.55 -47.55 -38.65
C LYS C 821 -39.20 -48.47 -39.80
N MET C 822 -39.54 -48.06 -41.02
CA MET C 822 -39.12 -48.84 -42.19
C MET C 822 -37.60 -48.84 -42.36
N LEU C 823 -36.96 -47.68 -42.21
CA LEU C 823 -35.55 -47.53 -42.57
C LEU C 823 -34.65 -48.41 -41.71
N LEU C 824 -34.95 -48.52 -40.42
CA LEU C 824 -34.13 -49.35 -39.55
C LEU C 824 -34.63 -50.79 -39.44
N ALA C 825 -35.59 -51.16 -40.28
CA ALA C 825 -36.09 -52.53 -40.31
C ALA C 825 -35.82 -53.15 -41.68
N GLY C 826 -34.72 -52.76 -42.31
CA GLY C 826 -34.45 -53.25 -43.64
C GLY C 826 -35.42 -52.67 -44.66
N GLN C 827 -35.45 -53.34 -45.81
CA GLN C 827 -36.45 -53.21 -46.87
C GLN C 827 -36.48 -51.82 -47.49
N VAL C 828 -35.69 -50.88 -46.96
CA VAL C 828 -35.62 -49.53 -47.51
C VAL C 828 -34.16 -49.16 -47.73
N HIS C 829 -33.35 -50.17 -48.11
CA HIS C 829 -31.92 -50.00 -48.26
C HIS C 829 -31.59 -48.74 -49.06
N ASP C 830 -30.40 -48.19 -48.79
CA ASP C 830 -29.98 -46.92 -49.37
C ASP C 830 -30.18 -46.90 -50.88
N GLY C 831 -30.47 -45.72 -51.40
CA GLY C 831 -30.76 -45.61 -52.81
C GLY C 831 -32.21 -45.36 -53.14
N ASP C 832 -32.92 -46.42 -53.54
CA ASP C 832 -34.24 -46.30 -54.14
C ASP C 832 -35.15 -45.33 -53.40
N THR C 833 -35.87 -44.53 -54.18
CA THR C 833 -36.82 -43.56 -53.65
C THR C 833 -38.12 -44.26 -53.27
N VAL C 834 -38.84 -43.69 -52.31
CA VAL C 834 -40.12 -44.23 -51.90
C VAL C 834 -41.21 -43.21 -52.18
N PRO C 835 -42.31 -43.62 -52.80
CA PRO C 835 -43.42 -42.68 -53.01
C PRO C 835 -44.43 -42.74 -51.88
N VAL C 836 -44.91 -41.59 -51.45
CA VAL C 836 -45.92 -41.50 -50.39
C VAL C 836 -47.27 -41.24 -51.03
N ASN C 837 -48.26 -42.03 -50.63
CA ASN C 837 -49.59 -41.93 -51.21
C ASN C 837 -50.62 -41.91 -50.10
N VAL C 838 -51.62 -41.05 -50.28
CA VAL C 838 -52.62 -40.83 -49.24
C VAL C 838 -53.49 -42.08 -49.07
N SER C 839 -54.16 -42.17 -47.93
CA SER C 839 -55.12 -43.21 -47.62
C SER C 839 -56.35 -42.53 -47.04
N PRO C 840 -57.45 -43.26 -46.73
CA PRO C 840 -58.62 -42.62 -46.11
C PRO C 840 -58.32 -41.62 -45.01
N ASP C 841 -57.51 -41.98 -44.00
CA ASP C 841 -57.22 -41.08 -42.90
C ASP C 841 -55.74 -40.73 -42.83
N ALA C 842 -54.86 -41.73 -42.79
CA ALA C 842 -53.42 -41.48 -42.78
C ALA C 842 -52.89 -41.60 -44.20
N ASP C 843 -51.56 -41.65 -44.34
CA ASP C 843 -50.94 -41.90 -45.64
C ASP C 843 -49.81 -42.90 -45.49
N SER C 844 -49.80 -43.88 -46.38
CA SER C 844 -48.85 -44.98 -46.34
C SER C 844 -47.74 -44.76 -47.36
N LEU C 845 -46.70 -45.58 -47.26
CA LEU C 845 -45.54 -45.46 -48.12
C LEU C 845 -45.40 -46.66 -49.04
N GLN D 159 27.03 -13.02 -39.25
CA GLN D 159 26.85 -14.07 -38.26
C GLN D 159 25.95 -13.60 -37.12
N ALA D 160 25.14 -12.58 -37.39
CA ALA D 160 24.22 -12.07 -36.39
C ALA D 160 22.88 -12.79 -36.39
N LEU D 161 22.15 -12.75 -37.51
CA LEU D 161 20.93 -13.54 -37.60
C LEU D 161 21.21 -14.92 -38.16
N GLN D 162 22.23 -15.58 -37.60
CA GLN D 162 22.54 -16.96 -37.94
C GLN D 162 22.33 -17.92 -36.80
N LYS D 163 22.37 -17.46 -35.55
CA LYS D 163 22.07 -18.27 -34.39
C LYS D 163 20.82 -17.82 -33.67
N TYR D 164 20.08 -16.85 -34.20
CA TYR D 164 18.77 -16.47 -33.70
C TYR D 164 17.69 -16.57 -34.77
N SER D 165 17.91 -17.38 -35.81
CA SER D 165 16.93 -17.44 -36.88
C SER D 165 17.28 -18.62 -37.79
N THR D 166 16.24 -19.14 -38.44
CA THR D 166 16.37 -20.16 -39.47
C THR D 166 15.98 -19.54 -40.81
N ASP D 167 15.87 -20.37 -41.85
CA ASP D 167 15.49 -19.90 -43.18
C ASP D 167 14.27 -20.72 -43.64
N LEU D 168 13.09 -20.12 -43.48
CA LEU D 168 11.86 -20.78 -43.90
C LEU D 168 11.85 -20.99 -45.41
N THR D 169 12.46 -20.08 -46.16
CA THR D 169 12.50 -20.23 -47.61
C THR D 169 13.34 -21.45 -48.01
N ALA D 170 14.52 -21.60 -47.42
CA ALA D 170 15.34 -22.78 -47.70
C ALA D 170 14.65 -24.05 -47.23
N ARG D 171 13.94 -23.97 -46.10
CA ARG D 171 13.15 -25.12 -45.66
C ARG D 171 12.14 -25.53 -46.70
N ALA D 172 11.40 -24.57 -47.27
CA ALA D 172 10.43 -24.88 -48.32
C ALA D 172 11.12 -25.39 -49.57
N ARG D 173 12.33 -24.90 -49.86
CA ARG D 173 13.09 -25.42 -51.00
C ARG D 173 13.42 -26.89 -50.80
N GLU D 174 13.71 -27.28 -49.56
CA GLU D 174 13.95 -28.69 -49.27
C GLU D 174 12.67 -29.52 -49.22
N GLY D 175 11.55 -28.95 -49.66
CA GLY D 175 10.31 -29.69 -49.79
C GLY D 175 9.68 -30.16 -48.50
N LYS D 176 10.23 -29.77 -47.36
CA LYS D 176 9.71 -30.25 -46.08
C LYS D 176 8.67 -29.29 -45.50
N LEU D 177 7.63 -28.99 -46.28
CA LEU D 177 6.52 -28.18 -45.80
C LEU D 177 5.23 -28.75 -46.36
N ASP D 178 4.11 -28.28 -45.81
CA ASP D 178 2.89 -28.94 -46.26
C ASP D 178 2.23 -28.15 -47.39
N PRO D 179 1.61 -28.86 -48.32
CA PRO D 179 1.07 -28.21 -49.53
C PRO D 179 -0.24 -27.48 -49.28
N VAL D 180 -0.15 -26.22 -48.85
CA VAL D 180 -1.31 -25.37 -48.67
C VAL D 180 -2.22 -25.45 -49.90
N ILE D 181 -3.52 -25.48 -49.69
CA ILE D 181 -4.49 -25.60 -50.76
C ILE D 181 -5.54 -24.51 -50.58
N GLY D 182 -5.63 -23.60 -51.54
CA GLY D 182 -6.64 -22.56 -51.49
C GLY D 182 -6.15 -21.30 -50.82
N ARG D 183 -7.08 -20.46 -50.38
CA ARG D 183 -6.77 -19.20 -49.72
C ARG D 183 -5.85 -18.34 -50.58
N ASP D 184 -6.35 -17.99 -51.77
CA ASP D 184 -5.60 -17.10 -52.65
C ASP D 184 -5.91 -15.64 -52.34
N ASN D 185 -7.12 -15.35 -51.88
CA ASN D 185 -7.47 -13.99 -51.48
C ASN D 185 -6.51 -13.48 -50.41
N GLU D 186 -6.24 -14.28 -49.38
CA GLU D 186 -5.43 -13.80 -48.28
C GLU D 186 -3.96 -13.70 -48.68
N ILE D 187 -3.48 -14.62 -49.51
CA ILE D 187 -2.11 -14.50 -49.98
C ILE D 187 -1.96 -13.25 -50.84
N ARG D 188 -2.95 -12.95 -51.68
CA ARG D 188 -2.88 -11.75 -52.50
C ARG D 188 -2.93 -10.50 -51.64
N ARG D 189 -3.77 -10.50 -50.59
CA ARG D 189 -3.81 -9.36 -49.69
C ARG D 189 -2.48 -9.18 -48.96
N VAL D 190 -1.90 -10.28 -48.47
CA VAL D 190 -0.62 -10.19 -47.78
C VAL D 190 0.44 -9.64 -48.72
N VAL D 191 0.41 -10.04 -49.99
CA VAL D 191 1.42 -9.56 -50.93
C VAL D 191 1.23 -8.07 -51.21
N GLN D 192 -0.01 -7.67 -51.53
CA GLN D 192 -0.23 -6.26 -51.85
C GLN D 192 -0.13 -5.37 -50.63
N VAL D 193 -0.01 -5.94 -49.44
CA VAL D 193 0.36 -5.14 -48.27
C VAL D 193 1.87 -5.11 -48.10
N LEU D 194 2.51 -6.27 -48.20
CA LEU D 194 3.96 -6.38 -48.04
C LEU D 194 4.73 -5.66 -49.14
N SER D 195 4.06 -5.22 -50.20
CA SER D 195 4.73 -4.53 -51.29
C SER D 195 4.53 -3.02 -51.23
N ARG D 196 4.10 -2.49 -50.09
CA ARG D 196 3.84 -1.07 -49.94
C ARG D 196 5.14 -0.30 -49.89
N ARG D 197 5.05 1.02 -49.68
CA ARG D 197 6.22 1.87 -49.59
C ARG D 197 6.68 2.09 -48.15
N THR D 198 5.77 2.51 -47.28
CA THR D 198 6.08 2.72 -45.87
C THR D 198 5.07 1.98 -45.02
N LYS D 199 5.52 1.50 -43.85
CA LYS D 199 4.67 0.76 -42.93
C LYS D 199 4.08 -0.48 -43.60
N ASN D 200 4.97 -1.36 -44.05
CA ASN D 200 4.56 -2.59 -44.73
C ASN D 200 4.78 -3.77 -43.79
N ASN D 201 3.78 -4.02 -42.95
CA ASN D 201 3.84 -5.11 -41.96
C ASN D 201 2.44 -5.68 -41.77
N PRO D 202 2.12 -6.79 -42.42
CA PRO D 202 0.82 -7.42 -42.19
C PRO D 202 0.84 -8.33 -40.98
N VAL D 203 -0.33 -8.46 -40.35
CA VAL D 203 -0.48 -9.28 -39.16
C VAL D 203 -1.73 -10.12 -39.31
N LEU D 204 -1.57 -11.43 -39.37
CA LEU D 204 -2.66 -12.35 -39.62
C LEU D 204 -3.44 -12.57 -38.33
N ILE D 205 -4.73 -12.24 -38.35
CA ILE D 205 -5.57 -12.24 -37.16
C ILE D 205 -6.76 -13.17 -37.40
N GLY D 206 -7.11 -13.96 -36.38
CA GLY D 206 -8.24 -14.85 -36.48
C GLY D 206 -8.27 -15.87 -35.36
N GLU D 207 -9.45 -16.41 -35.05
CA GLU D 207 -9.60 -17.36 -33.96
C GLU D 207 -8.68 -18.56 -34.16
N PRO D 208 -8.25 -19.21 -33.08
CA PRO D 208 -7.10 -20.12 -33.16
C PRO D 208 -7.46 -21.45 -33.81
N GLY D 209 -6.62 -21.89 -34.74
CA GLY D 209 -6.79 -23.16 -35.40
C GLY D 209 -7.14 -23.08 -36.87
N VAL D 210 -7.45 -21.89 -37.38
CA VAL D 210 -7.98 -21.76 -38.73
C VAL D 210 -6.91 -21.67 -39.80
N GLY D 211 -5.64 -21.73 -39.43
CA GLY D 211 -4.58 -21.75 -40.44
C GLY D 211 -3.85 -20.45 -40.62
N LYS D 212 -3.57 -19.74 -39.53
CA LYS D 212 -2.90 -18.45 -39.62
C LYS D 212 -1.43 -18.54 -40.00
N THR D 213 -0.80 -19.69 -39.78
CA THR D 213 0.57 -19.86 -40.24
C THR D 213 0.60 -20.44 -41.65
N ALA D 214 -0.34 -21.33 -41.94
CA ALA D 214 -0.41 -21.96 -43.26
C ALA D 214 -0.34 -20.95 -44.38
N ILE D 215 -0.89 -19.75 -44.17
CA ILE D 215 -0.79 -18.71 -45.18
C ILE D 215 0.66 -18.28 -45.38
N VAL D 216 1.43 -18.21 -44.30
CA VAL D 216 2.83 -17.82 -44.42
C VAL D 216 3.64 -18.91 -45.11
N GLU D 217 3.39 -20.18 -44.76
CA GLU D 217 4.05 -21.23 -45.53
C GLU D 217 3.65 -21.19 -47.00
N GLY D 218 2.40 -20.83 -47.29
CA GLY D 218 1.98 -20.72 -48.68
C GLY D 218 2.74 -19.63 -49.40
N LEU D 219 2.90 -18.47 -48.76
CA LEU D 219 3.67 -17.39 -49.36
C LEU D 219 5.12 -17.82 -49.59
N ALA D 220 5.70 -18.57 -48.66
CA ALA D 220 7.07 -19.04 -48.84
C ALA D 220 7.16 -19.98 -50.04
N GLN D 221 6.24 -20.93 -50.13
CA GLN D 221 6.23 -21.85 -51.27
C GLN D 221 6.07 -21.09 -52.58
N ARG D 222 5.20 -20.09 -52.60
CA ARG D 222 4.98 -19.32 -53.83
C ARG D 222 6.23 -18.54 -54.22
N ILE D 223 6.93 -17.96 -53.24
CA ILE D 223 8.18 -17.27 -53.53
C ILE D 223 9.20 -18.25 -54.11
N VAL D 224 9.32 -19.43 -53.51
CA VAL D 224 10.30 -20.40 -53.99
C VAL D 224 9.98 -20.83 -55.42
N ALA D 225 8.69 -20.99 -55.71
CA ALA D 225 8.29 -21.42 -57.05
C ALA D 225 8.39 -20.29 -58.06
N GLY D 226 8.37 -19.03 -57.63
CA GLY D 226 8.49 -17.92 -58.54
C GLY D 226 7.19 -17.46 -59.16
N ASP D 227 6.14 -17.26 -58.36
CA ASP D 227 4.84 -16.85 -58.85
C ASP D 227 4.40 -15.50 -58.25
N VAL D 228 5.37 -14.66 -57.91
CA VAL D 228 5.08 -13.41 -57.20
C VAL D 228 5.44 -12.23 -58.09
N PRO D 229 4.98 -11.00 -57.78
CA PRO D 229 5.30 -9.87 -58.65
C PRO D 229 6.78 -9.54 -58.74
N GLU D 230 7.09 -8.50 -59.52
CA GLU D 230 8.48 -8.21 -59.87
C GLU D 230 9.32 -7.93 -58.64
N SER D 231 8.86 -7.05 -57.76
CA SER D 231 9.64 -6.68 -56.59
C SER D 231 9.33 -7.56 -55.39
N LEU D 232 9.31 -8.88 -55.63
CA LEU D 232 9.21 -9.81 -54.52
C LEU D 232 10.02 -11.08 -54.74
N ARG D 233 10.85 -11.16 -55.76
CA ARG D 233 11.58 -12.38 -56.07
C ARG D 233 12.85 -12.49 -55.23
N ASP D 234 13.12 -13.68 -54.73
CA ASP D 234 14.34 -13.99 -54.00
C ASP D 234 14.49 -13.08 -52.78
N LYS D 235 13.55 -13.24 -51.84
CA LYS D 235 13.56 -12.45 -50.63
C LYS D 235 13.87 -13.26 -49.37
N THR D 236 13.70 -14.58 -49.40
CA THR D 236 14.20 -15.46 -48.36
C THR D 236 13.66 -15.05 -46.98
N ILE D 237 12.35 -15.23 -46.82
CA ILE D 237 11.73 -14.84 -45.55
C ILE D 237 12.37 -15.64 -44.41
N VAL D 238 12.49 -14.97 -43.26
CA VAL D 238 13.26 -15.48 -42.14
C VAL D 238 12.33 -15.69 -40.95
N ALA D 239 12.53 -16.80 -40.25
CA ALA D 239 11.74 -17.14 -39.07
C ALA D 239 12.50 -16.66 -37.83
N LEU D 240 12.24 -15.42 -37.44
CA LEU D 240 12.88 -14.85 -36.26
C LEU D 240 12.27 -15.46 -35.00
N ASP D 241 13.00 -15.33 -33.90
CA ASP D 241 12.51 -15.83 -32.62
C ASP D 241 13.11 -15.02 -31.49
N LEU D 242 12.30 -14.79 -30.46
CA LEU D 242 12.74 -14.06 -29.29
C LEU D 242 12.89 -14.93 -28.06
N GLY D 243 12.38 -16.16 -28.08
CA GLY D 243 12.59 -17.06 -26.96
C GLY D 243 14.06 -17.38 -26.74
N SER D 244 14.89 -17.23 -27.77
CA SER D 244 16.31 -17.51 -27.65
C SER D 244 17.16 -16.24 -27.71
N MET D 245 16.56 -15.08 -27.52
CA MET D 245 17.31 -13.83 -27.40
C MET D 245 17.23 -13.25 -26.00
N VAL D 246 16.08 -13.33 -25.35
CA VAL D 246 15.90 -12.79 -24.02
C VAL D 246 16.19 -13.88 -22.99
N ALA D 247 16.49 -15.08 -23.47
CA ALA D 247 16.59 -16.23 -22.58
C ALA D 247 17.85 -16.16 -21.72
N GLY D 248 19.02 -16.25 -22.33
CA GLY D 248 20.24 -16.18 -21.55
C GLY D 248 20.78 -14.77 -21.49
N SER D 249 20.42 -14.04 -20.45
CA SER D 249 20.93 -12.68 -20.24
C SER D 249 20.67 -12.31 -18.79
N LYS D 250 21.73 -12.21 -18.00
CA LYS D 250 21.63 -11.73 -16.61
C LYS D 250 22.69 -10.66 -16.42
N TYR D 251 22.37 -9.44 -16.85
CA TYR D 251 23.21 -8.26 -16.67
C TYR D 251 22.41 -7.06 -17.14
N ARG D 252 22.98 -5.88 -16.96
CA ARG D 252 22.37 -4.67 -17.47
C ARG D 252 22.71 -4.50 -18.94
N GLY D 253 21.69 -4.26 -19.76
CA GLY D 253 21.91 -4.04 -21.17
C GLY D 253 22.67 -5.14 -21.86
N GLU D 254 22.07 -6.31 -21.92
CA GLU D 254 22.65 -7.41 -22.70
C GLU D 254 21.73 -7.89 -23.80
N PHE D 255 20.42 -7.94 -23.55
CA PHE D 255 19.48 -8.22 -24.63
C PHE D 255 19.53 -7.15 -25.71
N GLU D 256 19.88 -5.91 -25.33
CA GLU D 256 19.93 -4.83 -26.29
C GLU D 256 21.02 -5.04 -27.32
N GLU D 257 22.18 -5.57 -26.91
CA GLU D 257 23.24 -5.79 -27.88
C GLU D 257 22.83 -6.83 -28.92
N ARG D 258 22.10 -7.86 -28.51
CA ARG D 258 21.66 -8.89 -29.45
C ARG D 258 20.61 -8.33 -30.40
N LEU D 259 19.61 -7.64 -29.85
CA LEU D 259 18.58 -7.07 -30.71
C LEU D 259 19.17 -6.07 -31.69
N LYS D 260 20.12 -5.26 -31.24
CA LYS D 260 20.72 -4.27 -32.13
C LYS D 260 21.60 -4.95 -33.16
N ALA D 261 22.28 -6.04 -32.81
CA ALA D 261 23.05 -6.77 -33.80
C ALA D 261 22.14 -7.34 -34.89
N VAL D 262 20.98 -7.87 -34.49
CA VAL D 262 20.04 -8.42 -35.47
C VAL D 262 19.53 -7.32 -36.38
N LEU D 263 19.08 -6.21 -35.80
CA LEU D 263 18.58 -5.10 -36.60
C LEU D 263 19.66 -4.56 -37.53
N ASP D 264 20.89 -4.46 -37.04
CA ASP D 264 21.98 -3.96 -37.87
C ASP D 264 22.25 -4.89 -39.04
N ASP D 265 22.25 -6.20 -38.77
CA ASP D 265 22.47 -7.15 -39.86
C ASP D 265 21.34 -7.11 -40.88
N ILE D 266 20.11 -6.85 -40.42
CA ILE D 266 19.02 -6.68 -41.37
C ILE D 266 19.26 -5.45 -42.25
N LYS D 267 19.45 -4.29 -41.63
CA LYS D 267 19.50 -3.04 -42.38
C LYS D 267 20.79 -2.84 -43.15
N ASN D 268 21.84 -3.64 -42.90
CA ASN D 268 22.99 -3.55 -43.80
C ASN D 268 22.67 -4.13 -45.17
N SER D 269 22.12 -5.33 -45.22
CA SER D 269 21.69 -5.90 -46.48
C SER D 269 20.53 -5.09 -47.05
N ALA D 270 20.34 -5.20 -48.35
CA ALA D 270 19.24 -4.51 -49.02
C ALA D 270 17.90 -5.04 -48.48
N GLY D 271 16.82 -4.40 -48.91
CA GLY D 271 15.51 -4.78 -48.43
C GLY D 271 15.06 -6.11 -48.99
N GLN D 272 15.75 -7.19 -48.61
CA GLN D 272 15.44 -8.52 -49.09
C GLN D 272 15.55 -9.56 -48.00
N ILE D 273 15.23 -9.19 -46.76
CA ILE D 273 15.29 -10.10 -45.63
C ILE D 273 13.95 -10.12 -44.91
N ILE D 274 12.85 -10.14 -45.67
CA ILE D 274 11.50 -10.14 -45.12
C ILE D 274 11.43 -11.05 -43.91
N THR D 275 10.95 -10.54 -42.78
CA THR D 275 11.04 -11.24 -41.52
C THR D 275 9.68 -11.78 -41.10
N PHE D 276 9.71 -12.79 -40.22
CA PHE D 276 8.47 -13.44 -39.78
C PHE D 276 8.63 -13.80 -38.30
N ILE D 277 7.92 -13.07 -37.44
CA ILE D 277 7.78 -13.44 -36.03
C ILE D 277 6.40 -14.05 -35.84
N ASP D 278 6.36 -15.29 -35.39
CA ASP D 278 5.11 -15.93 -35.04
C ASP D 278 4.74 -15.54 -33.62
N GLU D 279 3.44 -15.60 -33.31
CA GLU D 279 2.88 -15.27 -32.01
C GLU D 279 3.55 -14.03 -31.42
N LEU D 280 3.44 -12.92 -32.15
CA LEU D 280 4.15 -11.71 -31.77
C LEU D 280 3.53 -11.00 -30.57
N HIS D 281 2.57 -11.61 -29.87
CA HIS D 281 2.18 -11.05 -28.59
C HIS D 281 3.28 -11.21 -27.54
N THR D 282 4.37 -11.89 -27.89
CA THR D 282 5.57 -11.95 -27.05
C THR D 282 6.59 -10.89 -27.42
N ILE D 283 6.14 -9.76 -27.97
CA ILE D 283 7.04 -8.69 -28.39
C ILE D 283 7.00 -7.49 -27.46
N VAL D 284 5.99 -7.39 -26.59
CA VAL D 284 5.86 -6.21 -25.74
C VAL D 284 6.64 -6.33 -24.44
N GLY D 285 7.07 -7.54 -24.07
CA GLY D 285 7.82 -7.72 -22.84
C GLY D 285 9.31 -7.48 -23.02
N ALA D 286 10.12 -8.35 -22.41
CA ALA D 286 11.58 -8.30 -22.50
C ALA D 286 12.16 -7.02 -21.89
N GLY D 287 11.32 -6.21 -21.25
CA GLY D 287 11.73 -4.90 -20.80
C GLY D 287 12.63 -4.89 -19.59
N ALA D 288 12.12 -5.33 -18.44
CA ALA D 288 12.90 -5.34 -17.22
C ALA D 288 12.29 -6.32 -16.20
N ASP D 295 11.19 -0.48 -22.51
CA ASP D 295 12.44 -0.26 -23.23
C ASP D 295 12.92 -1.53 -23.91
N ALA D 296 11.99 -2.30 -24.46
CA ALA D 296 12.29 -3.51 -25.21
C ALA D 296 11.09 -3.87 -26.04
N GLY D 297 11.32 -4.46 -27.20
CA GLY D 297 10.27 -4.52 -28.20
C GLY D 297 9.71 -3.16 -28.53
N ASN D 298 10.47 -2.11 -28.22
CA ASN D 298 10.07 -0.73 -28.43
C ASN D 298 11.14 0.09 -29.13
N MET D 299 12.40 -0.36 -29.13
CA MET D 299 13.41 0.24 -29.98
C MET D 299 13.21 -0.14 -31.43
N ILE D 300 12.31 -1.08 -31.70
CA ILE D 300 12.07 -1.56 -33.07
C ILE D 300 11.16 -0.64 -33.86
N LYS D 301 10.38 0.22 -33.19
CA LYS D 301 9.42 1.06 -33.92
C LYS D 301 10.07 1.98 -34.93
N PRO D 302 11.21 2.65 -34.65
CA PRO D 302 11.80 3.52 -35.68
C PRO D 302 12.13 2.79 -36.97
N MET D 303 12.44 1.50 -36.90
CA MET D 303 12.64 0.75 -38.13
C MET D 303 11.35 0.17 -38.68
N LEU D 304 10.37 -0.11 -37.83
CA LEU D 304 9.08 -0.58 -38.32
C LEU D 304 8.42 0.49 -39.19
N ALA D 305 8.16 1.66 -38.65
CA ALA D 305 7.38 2.61 -39.43
C ALA D 305 8.25 3.37 -40.42
N ARG D 306 9.11 2.66 -41.13
CA ARG D 306 9.82 3.24 -42.26
C ARG D 306 10.05 2.25 -43.40
N GLY D 307 9.55 1.02 -43.28
CA GLY D 307 9.76 0.02 -44.30
C GLY D 307 11.19 -0.47 -44.38
N GLU D 308 11.78 -0.80 -43.24
CA GLU D 308 13.12 -1.39 -43.21
C GLU D 308 13.07 -2.91 -43.08
N LEU D 309 12.23 -3.43 -42.19
CA LEU D 309 11.94 -4.85 -42.09
C LEU D 309 10.44 -5.05 -42.28
N ARG D 310 10.05 -6.26 -42.63
CA ARG D 310 8.68 -6.48 -43.08
C ARG D 310 7.81 -7.12 -41.99
N LEU D 311 8.33 -8.09 -41.27
CA LEU D 311 7.74 -8.56 -40.02
C LEU D 311 6.32 -9.08 -40.22
N VAL D 312 6.20 -10.18 -40.96
CA VAL D 312 4.92 -10.87 -41.06
C VAL D 312 4.64 -11.56 -39.73
N GLY D 313 3.44 -11.32 -39.16
CA GLY D 313 3.10 -11.84 -37.86
C GLY D 313 1.88 -12.74 -37.91
N ALA D 314 1.53 -13.27 -36.73
CA ALA D 314 0.35 -14.12 -36.61
C ALA D 314 -0.02 -14.20 -35.14
N THR D 315 -1.23 -13.75 -34.80
CA THR D 315 -1.66 -13.73 -33.41
C THR D 315 -3.17 -13.95 -33.33
N THR D 316 -3.59 -14.54 -32.22
CA THR D 316 -4.99 -14.80 -31.98
C THR D 316 -5.73 -13.52 -31.63
N LEU D 317 -7.05 -13.54 -31.81
CA LEU D 317 -7.87 -12.39 -31.47
C LEU D 317 -7.67 -11.98 -30.01
N ASP D 318 -7.81 -12.93 -29.09
CA ASP D 318 -7.74 -12.63 -27.67
C ASP D 318 -6.39 -12.04 -27.29
N GLU D 319 -5.31 -12.73 -27.66
CA GLU D 319 -3.99 -12.24 -27.31
C GLU D 319 -3.72 -10.88 -27.94
N TYR D 320 -4.16 -10.69 -29.19
CA TYR D 320 -4.01 -9.39 -29.83
C TYR D 320 -4.65 -8.30 -28.99
N ARG D 321 -5.94 -8.43 -28.72
CA ARG D 321 -6.65 -7.40 -27.96
C ARG D 321 -6.02 -7.18 -26.60
N LYS D 322 -5.59 -8.26 -25.95
CA LYS D 322 -5.14 -8.13 -24.56
C LYS D 322 -3.74 -7.53 -24.47
N HIS D 323 -2.86 -7.83 -25.43
CA HIS D 323 -1.44 -7.48 -25.30
C HIS D 323 -1.03 -6.29 -26.14
N ILE D 324 -1.68 -6.05 -27.28
CA ILE D 324 -1.19 -5.00 -28.18
C ILE D 324 -2.04 -3.74 -28.05
N GLU D 325 -3.37 -3.89 -28.06
CA GLU D 325 -4.24 -2.74 -28.09
C GLU D 325 -4.13 -1.88 -26.83
N LYS D 326 -3.34 -2.33 -25.87
CA LYS D 326 -2.97 -1.48 -24.74
C LYS D 326 -1.76 -0.62 -25.04
N ASP D 327 -1.21 -0.69 -26.25
CA ASP D 327 0.01 -0.02 -26.64
C ASP D 327 -0.17 0.68 -27.99
N ALA D 328 -1.25 1.45 -28.10
CA ALA D 328 -1.76 2.00 -29.35
C ALA D 328 -0.69 2.53 -30.29
N ALA D 329 0.28 3.27 -29.77
CA ALA D 329 1.30 3.86 -30.63
C ALA D 329 2.15 2.81 -31.34
N LEU D 330 2.07 1.56 -30.94
CA LEU D 330 2.74 0.46 -31.64
C LEU D 330 1.81 -0.27 -32.59
N GLU D 331 0.56 -0.46 -32.21
CA GLU D 331 -0.44 -1.06 -33.08
C GLU D 331 -0.60 -0.31 -34.40
N ARG D 332 -0.27 0.99 -34.43
CA ARG D 332 -0.42 1.75 -35.67
C ARG D 332 0.51 1.22 -36.76
N ARG D 333 1.66 0.65 -36.40
CA ARG D 333 2.63 0.19 -37.37
C ARG D 333 2.25 -1.15 -38.00
N PHE D 334 1.03 -1.63 -37.77
CA PHE D 334 0.62 -2.95 -38.21
C PHE D 334 -0.62 -2.87 -39.09
N GLN D 335 -0.86 -3.92 -39.85
CA GLN D 335 -2.05 -4.06 -40.68
C GLN D 335 -2.69 -5.41 -40.39
N GLN D 336 -4.01 -5.44 -40.30
CA GLN D 336 -4.73 -6.65 -39.92
C GLN D 336 -5.27 -7.33 -41.17
N VAL D 337 -5.17 -8.65 -41.21
CA VAL D 337 -5.74 -9.47 -42.27
C VAL D 337 -6.61 -10.53 -41.60
N TYR D 338 -7.90 -10.25 -41.50
CA TYR D 338 -8.83 -11.13 -40.79
C TYR D 338 -8.94 -12.46 -41.52
N VAL D 339 -8.34 -13.51 -40.95
CA VAL D 339 -8.33 -14.83 -41.55
C VAL D 339 -9.47 -15.62 -40.94
N GLY D 340 -10.65 -15.53 -41.55
CA GLY D 340 -11.82 -16.23 -41.08
C GLY D 340 -11.72 -17.72 -41.34
N GLU D 341 -12.45 -18.49 -40.55
CA GLU D 341 -12.44 -19.94 -40.72
C GLU D 341 -13.13 -20.31 -42.03
N PRO D 342 -12.73 -21.43 -42.63
CA PRO D 342 -13.34 -21.85 -43.89
C PRO D 342 -14.62 -22.63 -43.66
N SER D 343 -15.36 -22.81 -44.76
CA SER D 343 -16.60 -23.55 -44.72
C SER D 343 -16.35 -25.03 -44.99
N VAL D 344 -17.43 -25.81 -45.00
CA VAL D 344 -17.33 -27.26 -45.13
C VAL D 344 -16.74 -27.67 -46.46
N GLU D 345 -17.13 -26.99 -47.55
CA GLU D 345 -16.62 -27.37 -48.87
C GLU D 345 -15.13 -27.11 -48.97
N ASP D 346 -14.67 -25.95 -48.52
CA ASP D 346 -13.24 -25.68 -48.52
C ASP D 346 -12.50 -26.65 -47.61
N THR D 347 -13.13 -27.06 -46.50
CA THR D 347 -12.50 -28.03 -45.63
C THR D 347 -12.32 -29.37 -46.33
N ILE D 348 -13.35 -29.79 -47.08
CA ILE D 348 -13.24 -31.03 -47.84
C ILE D 348 -12.10 -30.92 -48.86
N GLY D 349 -12.01 -29.77 -49.53
CA GLY D 349 -10.92 -29.57 -50.46
C GLY D 349 -9.56 -29.71 -49.81
N ILE D 350 -9.37 -29.02 -48.67
CA ILE D 350 -8.08 -29.09 -47.98
C ILE D 350 -7.77 -30.51 -47.54
N LEU D 351 -8.77 -31.21 -47.00
CA LEU D 351 -8.55 -32.58 -46.56
C LEU D 351 -8.13 -33.47 -47.71
N ARG D 352 -8.83 -33.36 -48.84
CA ARG D 352 -8.46 -34.15 -50.02
C ARG D 352 -7.07 -33.80 -50.49
N GLY D 353 -6.66 -32.54 -50.34
CA GLY D 353 -5.30 -32.18 -50.70
C GLY D 353 -4.27 -32.86 -49.81
N LEU D 354 -4.51 -32.87 -48.51
CA LEU D 354 -3.54 -33.40 -47.55
C LEU D 354 -3.59 -34.92 -47.39
N LYS D 355 -4.59 -35.58 -47.96
CA LYS D 355 -4.78 -37.01 -47.75
C LYS D 355 -3.48 -37.81 -47.92
N ASP D 356 -2.68 -37.48 -48.93
CA ASP D 356 -1.57 -38.35 -49.29
C ASP D 356 -0.48 -38.37 -48.22
N ARG D 357 -0.28 -37.26 -47.51
CA ARG D 357 0.74 -37.23 -46.47
C ARG D 357 0.48 -38.27 -45.40
N TYR D 358 -0.76 -38.31 -44.89
CA TYR D 358 -1.10 -39.32 -43.89
C TYR D 358 -1.15 -40.71 -44.49
N GLU D 359 -1.66 -40.83 -45.72
CA GLU D 359 -1.67 -42.13 -46.37
C GLU D 359 -0.27 -42.71 -46.52
N VAL D 360 0.74 -41.85 -46.61
CA VAL D 360 2.12 -42.31 -46.68
C VAL D 360 2.69 -42.57 -45.29
N HIS D 361 2.42 -41.67 -44.35
CA HIS D 361 2.91 -41.85 -42.99
C HIS D 361 2.43 -43.17 -42.40
N HIS D 362 1.12 -43.31 -42.25
CA HIS D 362 0.54 -44.58 -41.83
C HIS D 362 0.31 -45.45 -43.07
N GLY D 363 0.87 -46.65 -43.06
CA GLY D 363 0.78 -47.49 -44.24
C GLY D 363 -0.61 -48.05 -44.49
N VAL D 364 -1.59 -47.17 -44.58
CA VAL D 364 -2.98 -47.55 -44.80
C VAL D 364 -3.54 -46.75 -45.97
N ARG D 365 -4.83 -46.91 -46.25
CA ARG D 365 -5.50 -46.15 -47.28
C ARG D 365 -6.72 -45.45 -46.70
N ILE D 366 -7.10 -44.34 -47.32
CA ILE D 366 -8.18 -43.49 -46.80
C ILE D 366 -9.15 -43.19 -47.93
N THR D 367 -10.45 -43.34 -47.64
CA THR D 367 -11.49 -43.23 -48.66
C THR D 367 -12.10 -41.84 -48.67
N ASP D 368 -12.49 -41.40 -49.86
CA ASP D 368 -13.07 -40.08 -50.00
C ASP D 368 -14.38 -39.95 -49.23
N SER D 369 -15.16 -41.03 -49.15
CA SER D 369 -16.36 -40.99 -48.32
C SER D 369 -15.98 -40.77 -46.86
N ALA D 370 -14.88 -41.37 -46.42
CA ALA D 370 -14.42 -41.14 -45.05
C ALA D 370 -14.03 -39.69 -44.84
N LEU D 371 -13.34 -39.08 -45.82
CA LEU D 371 -13.00 -37.66 -45.69
C LEU D 371 -14.24 -36.79 -45.59
N VAL D 372 -15.22 -37.05 -46.45
CA VAL D 372 -16.46 -36.25 -46.44
C VAL D 372 -17.18 -36.42 -45.10
N ALA D 373 -17.27 -37.67 -44.61
CA ALA D 373 -17.95 -37.91 -43.35
C ALA D 373 -17.23 -37.24 -42.20
N ALA D 374 -15.90 -37.20 -42.25
CA ALA D 374 -15.14 -36.50 -41.22
C ALA D 374 -15.44 -35.01 -41.25
N ALA D 375 -15.36 -34.40 -42.43
CA ALA D 375 -15.62 -32.97 -42.54
C ALA D 375 -17.05 -32.61 -42.19
N THR D 376 -17.99 -33.56 -42.28
CA THR D 376 -19.36 -33.26 -41.92
C THR D 376 -19.64 -33.48 -40.44
N LEU D 377 -19.08 -34.55 -39.85
CA LEU D 377 -19.31 -34.81 -38.44
C LEU D 377 -18.55 -33.83 -37.56
N SER D 378 -17.30 -33.52 -37.90
CA SER D 378 -16.52 -32.62 -37.07
C SER D 378 -17.11 -31.22 -37.00
N ASP D 379 -18.18 -30.94 -37.73
CA ASP D 379 -18.85 -29.65 -37.66
C ASP D 379 -20.14 -29.69 -36.86
N ARG D 380 -20.71 -30.87 -36.66
CA ARG D 380 -22.01 -30.99 -36.01
C ARG D 380 -21.93 -31.50 -34.58
N TYR D 381 -20.80 -32.04 -34.15
CA TYR D 381 -20.71 -32.66 -32.84
C TYR D 381 -19.61 -32.11 -31.95
N ILE D 382 -18.53 -31.57 -32.52
CA ILE D 382 -17.49 -30.91 -31.73
C ILE D 382 -17.61 -29.42 -32.05
N THR D 383 -18.40 -28.72 -31.24
CA THR D 383 -18.70 -27.31 -31.48
C THR D 383 -17.93 -26.40 -30.52
N ALA D 384 -16.70 -26.79 -30.17
CA ALA D 384 -15.85 -25.96 -29.34
C ALA D 384 -14.54 -25.60 -30.01
N ARG D 385 -14.11 -26.32 -31.04
CA ARG D 385 -12.91 -26.02 -31.80
C ARG D 385 -13.28 -25.69 -33.24
N PHE D 386 -12.28 -25.45 -34.07
CA PHE D 386 -12.51 -24.92 -35.41
C PHE D 386 -12.05 -25.90 -36.47
N LEU D 387 -12.50 -25.63 -37.70
CA LEU D 387 -12.66 -26.65 -38.73
C LEU D 387 -11.37 -27.19 -39.35
N PRO D 388 -10.50 -26.35 -39.93
CA PRO D 388 -9.43 -26.89 -40.78
C PRO D 388 -8.49 -27.85 -40.07
N ASP D 389 -8.43 -27.82 -38.74
CA ASP D 389 -7.67 -28.81 -37.99
C ASP D 389 -8.53 -29.74 -37.16
N LYS D 390 -9.67 -29.25 -36.67
CA LYS D 390 -10.62 -30.13 -36.00
C LYS D 390 -10.96 -31.33 -36.87
N ALA D 391 -11.03 -31.13 -38.18
CA ALA D 391 -11.30 -32.26 -39.07
C ALA D 391 -10.09 -33.16 -39.23
N ILE D 392 -8.92 -32.57 -39.51
CA ILE D 392 -7.72 -33.35 -39.78
C ILE D 392 -7.35 -34.23 -38.61
N ASP D 393 -7.60 -33.75 -37.39
CA ASP D 393 -7.23 -34.54 -36.21
C ASP D 393 -7.97 -35.87 -36.18
N LEU D 394 -9.23 -35.90 -36.63
CA LEU D 394 -9.99 -37.14 -36.63
C LEU D 394 -9.38 -38.14 -37.60
N VAL D 395 -9.05 -37.69 -38.81
CA VAL D 395 -8.41 -38.58 -39.79
C VAL D 395 -7.14 -39.16 -39.20
N ASP D 396 -6.34 -38.33 -38.54
CA ASP D 396 -5.09 -38.84 -37.96
C ASP D 396 -5.36 -39.86 -36.87
N GLU D 397 -6.34 -39.57 -36.00
CA GLU D 397 -6.67 -40.48 -34.92
C GLU D 397 -7.10 -41.85 -35.47
N ALA D 398 -7.97 -41.84 -36.47
CA ALA D 398 -8.47 -43.10 -37.01
C ALA D 398 -7.37 -43.87 -37.73
N ALA D 399 -6.51 -43.17 -38.48
CA ALA D 399 -5.39 -43.84 -39.12
C ALA D 399 -4.50 -44.52 -38.09
N SER D 400 -4.22 -43.82 -36.99
CA SER D 400 -3.36 -44.40 -35.96
C SER D 400 -4.02 -45.62 -35.31
N ARG D 401 -5.32 -45.53 -35.02
CA ARG D 401 -6.00 -46.67 -34.41
C ARG D 401 -6.00 -47.87 -35.34
N LEU D 402 -6.23 -47.64 -36.63
CA LEU D 402 -6.20 -48.75 -37.58
C LEU D 402 -4.79 -49.35 -37.67
N ARG D 403 -3.77 -48.51 -37.60
CA ARG D 403 -2.40 -49.02 -37.60
C ARG D 403 -2.15 -49.92 -36.41
N MET D 404 -2.54 -49.46 -35.21
CA MET D 404 -2.34 -50.27 -34.02
C MET D 404 -3.12 -51.58 -34.10
N GLU D 405 -4.33 -51.53 -34.67
CA GLU D 405 -5.10 -52.76 -34.83
C GLU D 405 -4.44 -53.72 -35.80
N ILE D 406 -3.81 -53.19 -36.86
CA ILE D 406 -3.10 -54.05 -37.79
C ILE D 406 -1.91 -54.72 -37.11
N ASP D 407 -1.04 -53.91 -36.51
CA ASP D 407 0.15 -54.46 -35.88
C ASP D 407 -0.24 -55.17 -34.58
N SER D 408 0.74 -55.89 -34.01
CA SER D 408 0.64 -56.51 -32.69
C SER D 408 -0.57 -57.44 -32.57
N ARG D 409 -1.10 -57.94 -33.69
CA ARG D 409 -2.24 -58.85 -33.67
C ARG D 409 -2.10 -59.87 -34.79
N PRO D 410 -1.59 -61.07 -34.47
CA PRO D 410 -1.49 -62.16 -35.45
C PRO D 410 -2.85 -62.66 -35.90
N LYS D 530 -9.83 -54.59 -46.81
CA LYS D 530 -10.15 -54.54 -45.39
C LYS D 530 -8.94 -54.09 -44.58
N GLU D 531 -8.08 -53.28 -45.19
CA GLU D 531 -6.96 -52.63 -44.52
C GLU D 531 -6.92 -51.15 -44.85
N GLU D 532 -8.08 -50.49 -44.77
CA GLU D 532 -8.18 -49.06 -45.00
C GLU D 532 -9.29 -48.51 -44.12
N VAL D 533 -9.17 -47.22 -43.78
CA VAL D 533 -10.15 -46.59 -42.91
C VAL D 533 -11.46 -46.42 -43.66
N GLY D 534 -12.57 -46.40 -42.93
CA GLY D 534 -13.86 -46.29 -43.54
C GLY D 534 -14.63 -45.10 -43.03
N PRO D 535 -15.75 -44.77 -43.69
CA PRO D 535 -16.57 -43.63 -43.28
C PRO D 535 -17.37 -43.85 -42.00
N ASP D 536 -17.18 -44.98 -41.31
CA ASP D 536 -17.79 -45.18 -40.01
C ASP D 536 -16.78 -45.29 -38.89
N ASP D 537 -15.50 -45.47 -39.20
CA ASP D 537 -14.47 -45.38 -38.18
C ASP D 537 -14.37 -43.95 -37.65
N ILE D 538 -14.64 -42.96 -38.51
CA ILE D 538 -14.64 -41.57 -38.06
C ILE D 538 -15.78 -41.34 -37.08
N ALA D 539 -16.96 -41.90 -37.38
CA ALA D 539 -18.05 -41.83 -36.43
C ALA D 539 -17.71 -42.56 -35.14
N ASP D 540 -17.01 -43.69 -35.26
CA ASP D 540 -16.54 -44.41 -34.08
C ASP D 540 -15.68 -43.50 -33.21
N VAL D 541 -14.78 -42.73 -33.82
CA VAL D 541 -13.92 -41.83 -33.04
C VAL D 541 -14.76 -40.73 -32.39
N VAL D 542 -15.53 -40.01 -33.20
CA VAL D 542 -16.28 -38.86 -32.70
C VAL D 542 -17.39 -39.27 -31.75
N SER D 543 -17.66 -40.56 -31.62
CA SER D 543 -18.46 -41.07 -30.53
C SER D 543 -17.61 -41.60 -29.37
N ALA D 544 -16.38 -42.01 -29.66
CA ALA D 544 -15.49 -42.49 -28.61
C ALA D 544 -15.12 -41.36 -27.67
N TRP D 545 -15.10 -40.14 -28.18
CA TRP D 545 -15.20 -39.00 -27.26
C TRP D 545 -16.43 -38.17 -27.57
N THR D 546 -16.83 -37.35 -26.60
CA THR D 546 -18.02 -36.52 -26.53
C THR D 546 -19.29 -37.33 -26.26
N GLY D 547 -19.23 -38.66 -26.23
CA GLY D 547 -20.35 -39.46 -25.77
C GLY D 547 -21.54 -39.54 -26.69
N ILE D 548 -21.60 -38.68 -27.69
CA ILE D 548 -22.75 -38.66 -28.61
C ILE D 548 -22.78 -39.96 -29.40
N PRO D 549 -23.92 -40.62 -29.53
CA PRO D 549 -23.96 -41.93 -30.19
C PRO D 549 -24.00 -41.85 -31.70
N ALA D 550 -23.62 -40.70 -32.27
CA ALA D 550 -23.65 -40.48 -33.71
C ALA D 550 -23.01 -41.64 -34.47
N GLY D 551 -23.79 -42.24 -35.36
CA GLY D 551 -23.31 -43.35 -36.16
C GLY D 551 -24.32 -43.70 -37.22
N ARG D 552 -24.14 -44.88 -37.81
CA ARG D 552 -25.03 -45.37 -38.86
C ARG D 552 -25.66 -46.70 -38.47
N LEU D 553 -26.04 -46.85 -37.20
CA LEU D 553 -26.81 -47.99 -36.71
C LEU D 553 -26.07 -49.31 -36.97
N LEU D 554 -24.94 -49.45 -36.29
CA LEU D 554 -24.26 -50.74 -36.27
C LEU D 554 -25.16 -51.79 -35.63
N GLU D 555 -24.82 -53.06 -35.88
CA GLU D 555 -25.68 -54.15 -35.46
C GLU D 555 -25.81 -54.20 -33.94
N GLY D 556 -26.87 -54.86 -33.47
CA GLY D 556 -27.15 -54.93 -32.05
C GLY D 556 -27.92 -53.71 -31.58
N GLU D 557 -27.40 -52.53 -31.94
CA GLU D 557 -28.09 -51.29 -31.64
C GLU D 557 -29.48 -51.26 -32.26
N THR D 558 -29.59 -51.71 -33.51
CA THR D 558 -30.90 -51.75 -34.16
C THR D 558 -31.82 -52.75 -33.48
N ALA D 559 -31.27 -53.88 -33.04
CA ALA D 559 -32.07 -54.85 -32.30
C ALA D 559 -32.61 -54.23 -31.01
N LYS D 560 -31.76 -53.48 -30.30
CA LYS D 560 -32.21 -52.83 -29.07
C LYS D 560 -33.29 -51.80 -29.35
N LEU D 561 -33.10 -51.00 -30.41
CA LEU D 561 -34.08 -49.97 -30.72
C LEU D 561 -35.42 -50.57 -31.11
N LEU D 562 -35.42 -51.55 -32.01
CA LEU D 562 -36.65 -52.27 -32.34
C LEU D 562 -37.28 -52.87 -31.09
N ARG D 563 -36.44 -53.36 -30.18
CA ARG D 563 -36.90 -53.98 -28.94
C ARG D 563 -36.82 -52.95 -27.80
N MET D 564 -37.64 -51.90 -27.93
CA MET D 564 -37.63 -50.83 -26.95
C MET D 564 -38.91 -50.73 -26.16
N GLU D 565 -40.07 -50.64 -26.82
CA GLU D 565 -41.33 -50.49 -26.11
C GLU D 565 -41.50 -51.55 -25.03
N ASP D 566 -41.16 -52.79 -25.32
CA ASP D 566 -41.26 -53.86 -24.34
C ASP D 566 -40.11 -53.85 -23.34
N GLU D 567 -38.89 -53.59 -23.81
CA GLU D 567 -37.76 -53.52 -22.90
C GLU D 567 -37.91 -52.39 -21.88
N LEU D 568 -38.61 -51.32 -22.27
CA LEU D 568 -38.90 -50.25 -21.33
C LEU D 568 -40.10 -50.58 -20.44
N GLY D 569 -40.91 -51.55 -20.84
CA GLY D 569 -42.09 -51.90 -20.05
C GLY D 569 -41.78 -52.63 -18.76
N LYS D 570 -40.61 -53.27 -18.67
CA LYS D 570 -40.25 -54.00 -17.46
C LYS D 570 -40.05 -53.08 -16.27
N ARG D 571 -39.88 -51.77 -16.50
CA ARG D 571 -39.73 -50.80 -15.42
C ARG D 571 -40.92 -49.85 -15.30
N VAL D 572 -41.72 -49.70 -16.36
CA VAL D 572 -42.87 -48.82 -16.34
C VAL D 572 -44.09 -49.63 -16.75
N ILE D 573 -44.78 -50.19 -15.78
CA ILE D 573 -46.06 -50.83 -16.00
C ILE D 573 -47.12 -49.74 -16.12
N GLY D 574 -47.99 -49.89 -17.12
CA GLY D 574 -48.97 -48.86 -17.42
C GLY D 574 -48.45 -47.90 -18.48
N GLN D 575 -49.27 -46.91 -18.82
CA GLN D 575 -48.88 -45.81 -19.69
C GLN D 575 -48.39 -46.32 -21.05
N LYS D 576 -49.31 -46.92 -21.80
CA LYS D 576 -48.95 -47.43 -23.12
C LYS D 576 -48.76 -46.30 -24.12
N ALA D 577 -49.53 -45.22 -23.99
CA ALA D 577 -49.49 -44.15 -24.98
C ALA D 577 -48.18 -43.38 -24.96
N ALA D 578 -47.61 -43.16 -23.79
CA ALA D 578 -46.41 -42.34 -23.66
C ALA D 578 -45.15 -43.02 -24.13
N VAL D 579 -44.94 -44.28 -23.74
CA VAL D 579 -43.71 -44.98 -24.10
C VAL D 579 -43.52 -45.03 -25.61
N THR D 580 -44.61 -45.19 -26.36
CA THR D 580 -44.50 -45.19 -27.81
C THR D 580 -43.96 -43.87 -28.33
N ALA D 581 -44.39 -42.75 -27.73
CA ALA D 581 -43.96 -41.44 -28.21
C ALA D 581 -42.46 -41.24 -28.01
N VAL D 582 -41.98 -41.47 -26.78
CA VAL D 582 -40.56 -41.31 -26.49
C VAL D 582 -39.74 -42.27 -27.34
N SER D 583 -40.22 -43.51 -27.48
CA SER D 583 -39.51 -44.48 -28.30
C SER D 583 -39.40 -44.01 -29.74
N ASP D 584 -40.49 -43.47 -30.29
CA ASP D 584 -40.44 -42.96 -31.65
C ASP D 584 -39.52 -41.77 -31.77
N ALA D 585 -39.43 -40.94 -30.73
CA ALA D 585 -38.50 -39.82 -30.75
C ALA D 585 -37.07 -40.32 -30.85
N VAL D 586 -36.69 -41.25 -29.99
CA VAL D 586 -35.34 -41.80 -30.05
C VAL D 586 -35.08 -42.46 -31.40
N ARG D 587 -36.09 -43.19 -31.91
CA ARG D 587 -35.94 -43.87 -33.19
C ARG D 587 -35.67 -42.89 -34.31
N ARG D 588 -36.50 -41.84 -34.43
CA ARG D 588 -36.27 -40.83 -35.45
C ARG D 588 -34.89 -40.20 -35.29
N SER D 589 -34.53 -39.81 -34.07
CA SER D 589 -33.28 -39.09 -33.86
C SER D 589 -32.09 -39.93 -34.28
N ARG D 590 -32.11 -41.24 -34.01
CA ARG D 590 -30.95 -42.05 -34.33
C ARG D 590 -31.03 -42.70 -35.71
N ALA D 591 -32.17 -42.68 -36.37
CA ALA D 591 -32.27 -43.27 -37.70
C ALA D 591 -31.80 -42.34 -38.79
N GLY D 592 -31.77 -41.03 -38.54
CA GLY D 592 -31.30 -40.08 -39.53
C GLY D 592 -32.34 -39.15 -40.11
N VAL D 593 -33.54 -39.10 -39.53
CA VAL D 593 -34.59 -38.19 -39.98
C VAL D 593 -35.03 -37.35 -38.78
N SER D 594 -34.39 -36.20 -38.60
CA SER D 594 -34.73 -35.27 -37.53
C SER D 594 -33.97 -33.98 -37.77
N ASP D 595 -34.62 -32.86 -37.50
CA ASP D 595 -34.03 -31.55 -37.73
C ASP D 595 -32.76 -31.38 -36.90
N PRO D 596 -31.59 -31.32 -37.54
CA PRO D 596 -30.34 -31.27 -36.78
C PRO D 596 -30.19 -30.08 -35.85
N ASN D 597 -30.99 -29.02 -36.01
CA ASN D 597 -30.91 -27.87 -35.11
C ASN D 597 -32.28 -27.68 -34.46
N ARG D 598 -32.52 -28.49 -33.44
CA ARG D 598 -33.65 -28.44 -32.52
C ARG D 598 -33.41 -29.60 -31.56
N PRO D 599 -33.89 -29.56 -30.32
CA PRO D 599 -33.64 -30.68 -29.42
C PRO D 599 -34.22 -31.98 -29.96
N THR D 600 -33.78 -33.09 -29.36
CA THR D 600 -34.26 -34.40 -29.75
C THR D 600 -35.63 -34.73 -29.16
N GLY D 601 -36.36 -33.72 -28.72
CA GLY D 601 -37.66 -33.91 -28.11
C GLY D 601 -37.85 -33.02 -26.89
N ALA D 602 -39.05 -32.48 -26.72
CA ALA D 602 -39.31 -31.53 -25.65
C ALA D 602 -40.63 -31.87 -24.95
N PHE D 603 -40.83 -33.14 -24.64
CA PHE D 603 -42.11 -33.60 -24.13
C PHE D 603 -42.41 -33.03 -22.75
N MET D 604 -43.68 -32.73 -22.53
CA MET D 604 -44.22 -32.41 -21.21
C MET D 604 -45.43 -33.29 -20.98
N PHE D 605 -45.29 -34.28 -20.11
CA PHE D 605 -46.42 -35.14 -19.76
C PHE D 605 -46.87 -34.83 -18.35
N LEU D 606 -48.18 -34.81 -18.16
CA LEU D 606 -48.78 -34.47 -16.88
C LEU D 606 -50.00 -35.35 -16.65
N GLY D 607 -50.36 -35.52 -15.39
CA GLY D 607 -51.50 -36.33 -15.04
C GLY D 607 -51.71 -36.41 -13.54
N PRO D 608 -52.54 -37.36 -13.10
CA PRO D 608 -52.79 -37.53 -11.66
C PRO D 608 -51.53 -37.81 -10.87
N THR D 609 -51.63 -37.74 -9.55
CA THR D 609 -50.48 -37.91 -8.67
C THR D 609 -50.08 -39.38 -8.59
N GLY D 610 -48.77 -39.61 -8.46
CA GLY D 610 -48.27 -40.96 -8.26
C GLY D 610 -48.64 -41.94 -9.36
N VAL D 611 -48.33 -41.61 -10.61
CA VAL D 611 -48.65 -42.50 -11.71
C VAL D 611 -47.39 -43.04 -12.38
N GLY D 612 -46.25 -42.38 -12.22
CA GLY D 612 -45.02 -42.89 -12.79
C GLY D 612 -44.37 -41.98 -13.80
N LYS D 613 -44.53 -40.67 -13.63
CA LYS D 613 -43.95 -39.71 -14.58
C LYS D 613 -42.44 -39.60 -14.39
N THR D 614 -42.01 -39.17 -13.21
CA THR D 614 -40.59 -39.15 -12.88
C THR D 614 -39.97 -40.53 -13.04
N GLU D 615 -40.73 -41.58 -12.74
CA GLU D 615 -40.19 -42.93 -12.84
C GLU D 615 -40.02 -43.33 -14.30
N LEU D 616 -40.94 -42.90 -15.17
CA LEU D 616 -40.75 -43.13 -16.60
C LEU D 616 -39.51 -42.43 -17.11
N ALA D 617 -39.30 -41.18 -16.69
CA ALA D 617 -38.11 -40.47 -17.11
C ALA D 617 -36.85 -41.18 -16.63
N LYS D 618 -36.83 -41.59 -15.37
CA LYS D 618 -35.67 -42.30 -14.83
C LYS D 618 -35.46 -43.63 -15.54
N ALA D 619 -36.53 -44.33 -15.90
CA ALA D 619 -36.39 -45.59 -16.60
C ALA D 619 -35.84 -45.38 -18.01
N LEU D 620 -36.24 -44.29 -18.66
CA LEU D 620 -35.65 -43.94 -19.94
C LEU D 620 -34.15 -43.72 -19.80
N ALA D 621 -33.76 -42.83 -18.88
CA ALA D 621 -32.34 -42.55 -18.66
C ALA D 621 -31.57 -43.82 -18.33
N ASP D 622 -32.19 -44.72 -17.57
CA ASP D 622 -31.56 -46.00 -17.28
C ASP D 622 -31.47 -46.87 -18.52
N PHE D 623 -32.39 -46.70 -19.47
CA PHE D 623 -32.36 -47.50 -20.69
C PHE D 623 -31.20 -47.10 -21.58
N LEU D 624 -31.11 -45.82 -21.94
CA LEU D 624 -30.11 -45.43 -22.92
C LEU D 624 -28.80 -44.97 -22.29
N PHE D 625 -28.61 -45.20 -20.98
CA PHE D 625 -27.32 -45.02 -20.35
C PHE D 625 -26.89 -46.15 -19.43
N ASP D 626 -27.83 -46.89 -18.84
CA ASP D 626 -27.53 -47.83 -17.75
C ASP D 626 -26.79 -47.13 -16.62
N ASP D 627 -27.22 -45.91 -16.30
CA ASP D 627 -26.66 -45.15 -15.19
C ASP D 627 -27.75 -44.19 -14.73
N GLU D 628 -28.45 -44.56 -13.65
CA GLU D 628 -29.58 -43.78 -13.18
C GLU D 628 -29.17 -42.39 -12.70
N ARG D 629 -27.92 -42.20 -12.30
CA ARG D 629 -27.44 -40.92 -11.79
C ARG D 629 -26.65 -40.15 -12.85
N ALA D 630 -26.89 -40.41 -14.13
CA ALA D 630 -26.22 -39.69 -15.19
C ALA D 630 -27.12 -38.72 -15.93
N MET D 631 -28.25 -38.36 -15.36
CA MET D 631 -29.13 -37.35 -15.92
C MET D 631 -29.13 -36.11 -15.02
N VAL D 632 -29.58 -34.99 -15.59
CA VAL D 632 -29.55 -33.73 -14.88
C VAL D 632 -30.97 -33.29 -14.57
N ARG D 633 -31.45 -33.63 -13.37
CA ARG D 633 -32.77 -33.21 -12.92
C ARG D 633 -32.63 -31.97 -12.06
N ILE D 634 -33.51 -31.00 -12.28
CA ILE D 634 -33.59 -29.81 -11.45
C ILE D 634 -35.01 -29.68 -10.93
N ASP D 635 -35.12 -29.37 -9.65
CA ASP D 635 -36.42 -29.37 -8.95
C ASP D 635 -37.00 -27.97 -9.03
N MET D 636 -37.91 -27.76 -9.98
CA MET D 636 -38.58 -26.48 -10.13
C MET D 636 -39.43 -26.11 -8.92
N SER D 637 -39.53 -26.99 -7.92
CA SER D 637 -40.27 -26.66 -6.70
C SER D 637 -39.55 -25.64 -5.85
N GLU D 638 -38.26 -25.42 -6.08
CA GLU D 638 -37.48 -24.47 -5.29
C GLU D 638 -37.57 -23.04 -5.81
N TYR D 639 -37.93 -22.84 -7.08
CA TYR D 639 -37.79 -21.54 -7.73
C TYR D 639 -39.06 -20.73 -7.62
N GLY D 640 -39.81 -20.89 -6.52
CA GLY D 640 -40.97 -20.05 -6.31
C GLY D 640 -40.65 -18.57 -6.24
N GLU D 641 -39.39 -18.24 -5.96
CA GLU D 641 -38.93 -16.86 -5.92
C GLU D 641 -38.46 -16.44 -7.31
N LYS D 642 -38.58 -15.13 -7.58
CA LYS D 642 -38.19 -14.62 -8.89
C LYS D 642 -36.70 -14.80 -9.13
N HIS D 643 -35.87 -14.27 -8.22
CA HIS D 643 -34.44 -14.12 -8.49
C HIS D 643 -33.69 -15.46 -8.48
N THR D 644 -34.32 -16.53 -8.05
CA THR D 644 -33.55 -17.78 -7.96
C THR D 644 -33.22 -18.37 -9.31
N VAL D 645 -33.52 -17.70 -10.43
CA VAL D 645 -33.20 -18.24 -11.73
C VAL D 645 -31.70 -18.21 -11.99
N ALA D 646 -30.97 -17.36 -11.26
CA ALA D 646 -29.56 -17.16 -11.53
C ALA D 646 -28.72 -18.42 -11.35
N ARG D 647 -29.27 -19.47 -10.74
CA ARG D 647 -28.48 -20.67 -10.51
C ARG D 647 -28.20 -21.42 -11.80
N LEU D 648 -29.11 -21.35 -12.78
CA LEU D 648 -28.96 -22.08 -14.02
C LEU D 648 -28.54 -21.16 -15.17
N ILE D 649 -28.12 -19.95 -14.86
CA ILE D 649 -27.66 -19.01 -15.88
C ILE D 649 -26.26 -18.53 -15.52
N GLY D 650 -26.12 -18.01 -14.31
CA GLY D 650 -24.91 -17.36 -13.87
C GLY D 650 -25.17 -15.94 -13.42
N ALA D 651 -24.08 -15.21 -13.24
CA ALA D 651 -24.25 -13.82 -12.86
C ALA D 651 -23.54 -12.91 -13.85
N PRO D 652 -24.03 -11.69 -14.04
CA PRO D 652 -23.44 -10.79 -15.02
C PRO D 652 -22.04 -10.38 -14.60
N PRO D 653 -21.24 -9.83 -15.52
CA PRO D 653 -19.89 -9.44 -15.17
C PRO D 653 -19.85 -8.30 -14.15
N GLY D 654 -19.13 -8.52 -13.07
CA GLY D 654 -19.05 -7.56 -12.00
C GLY D 654 -19.83 -7.90 -10.76
N TYR D 655 -20.22 -9.15 -10.57
CA TYR D 655 -21.01 -9.56 -9.42
C TYR D 655 -20.39 -10.78 -8.77
N VAL D 656 -20.98 -11.20 -7.65
CA VAL D 656 -20.28 -12.08 -6.70
C VAL D 656 -19.85 -13.37 -7.38
N GLY D 657 -20.81 -14.19 -7.79
CA GLY D 657 -20.44 -15.42 -8.45
C GLY D 657 -20.47 -15.28 -9.95
N TYR D 658 -19.32 -14.98 -10.55
CA TYR D 658 -19.25 -14.74 -11.98
C TYR D 658 -18.37 -15.76 -12.68
N GLU D 659 -17.17 -15.99 -12.17
CA GLU D 659 -16.25 -16.96 -12.74
C GLU D 659 -16.67 -18.40 -12.48
N ALA D 660 -17.71 -18.63 -11.67
CA ALA D 660 -18.16 -19.99 -11.43
C ALA D 660 -19.09 -20.50 -12.52
N GLY D 661 -19.87 -19.61 -13.12
CA GLY D 661 -20.80 -20.01 -14.17
C GLY D 661 -22.18 -20.31 -13.64
N GLY D 662 -22.93 -21.02 -14.47
CA GLY D 662 -24.27 -21.47 -14.12
C GLY D 662 -24.30 -22.97 -13.92
N GLN D 663 -25.13 -23.43 -12.99
CA GLN D 663 -25.19 -24.86 -12.68
C GLN D 663 -25.59 -25.68 -13.90
N LEU D 664 -26.76 -25.38 -14.46
CA LEU D 664 -27.27 -26.16 -15.59
C LEU D 664 -26.33 -26.06 -16.78
N THR D 665 -25.87 -24.86 -17.10
CA THR D 665 -25.01 -24.67 -18.26
C THR D 665 -23.70 -25.43 -18.08
N GLU D 666 -23.13 -25.41 -16.88
CA GLU D 666 -21.91 -26.16 -16.64
C GLU D 666 -22.14 -27.66 -16.76
N ALA D 667 -23.24 -28.15 -16.20
CA ALA D 667 -23.53 -29.58 -16.27
C ALA D 667 -23.77 -30.04 -17.70
N VAL D 668 -24.29 -29.18 -18.57
CA VAL D 668 -24.58 -29.59 -19.93
C VAL D 668 -23.42 -29.33 -20.91
N ARG D 669 -22.54 -28.38 -20.61
CA ARG D 669 -21.43 -28.12 -21.51
C ARG D 669 -20.54 -29.35 -21.67
N ARG D 670 -20.33 -30.08 -20.58
CA ARG D 670 -19.80 -31.43 -20.66
C ARG D 670 -20.97 -32.41 -20.59
N ARG D 671 -20.71 -33.66 -20.98
CA ARG D 671 -21.75 -34.67 -21.11
C ARG D 671 -22.87 -34.13 -22.00
N PRO D 672 -22.62 -33.89 -23.29
CA PRO D 672 -23.68 -33.34 -24.13
C PRO D 672 -24.62 -34.41 -24.66
N TYR D 673 -25.06 -35.32 -23.79
CA TYR D 673 -26.03 -36.33 -24.18
C TYR D 673 -27.02 -36.66 -23.08
N THR D 674 -27.14 -35.83 -22.05
CA THR D 674 -27.91 -36.21 -20.87
C THR D 674 -29.41 -36.12 -21.17
N VAL D 675 -30.23 -36.30 -20.14
CA VAL D 675 -31.68 -36.23 -20.24
C VAL D 675 -32.16 -35.23 -19.20
N VAL D 676 -32.31 -33.98 -19.60
CA VAL D 676 -32.69 -32.91 -18.69
C VAL D 676 -34.10 -33.20 -18.18
N LEU D 677 -34.37 -32.83 -16.93
CA LEU D 677 -35.67 -33.04 -16.32
C LEU D 677 -36.07 -31.79 -15.55
N PHE D 678 -37.36 -31.52 -15.48
CA PHE D 678 -37.90 -30.38 -14.75
C PHE D 678 -38.99 -30.90 -13.82
N ASP D 679 -38.61 -31.30 -12.62
CA ASP D 679 -39.56 -31.84 -11.67
C ASP D 679 -40.66 -30.83 -11.35
N GLU D 680 -41.91 -31.25 -11.58
CA GLU D 680 -43.12 -30.54 -11.16
C GLU D 680 -43.03 -29.04 -11.45
N ILE D 681 -42.98 -28.70 -12.73
CA ILE D 681 -42.88 -27.29 -13.14
C ILE D 681 -44.31 -26.74 -13.12
N GLU D 682 -44.75 -26.43 -11.91
CA GLU D 682 -45.94 -25.61 -11.66
C GLU D 682 -45.73 -24.63 -10.54
N LYS D 683 -44.61 -24.72 -9.81
CA LYS D 683 -44.33 -23.89 -8.65
C LYS D 683 -43.67 -22.58 -9.01
N ALA D 684 -42.58 -22.63 -9.78
CA ALA D 684 -41.87 -21.42 -10.18
C ALA D 684 -42.82 -20.46 -10.88
N HIS D 685 -42.95 -19.26 -10.34
CA HIS D 685 -43.94 -18.33 -10.83
C HIS D 685 -43.59 -17.89 -12.25
N PRO D 686 -44.57 -17.45 -13.03
CA PRO D 686 -44.39 -17.44 -14.49
C PRO D 686 -43.34 -16.44 -14.98
N ASP D 687 -42.10 -16.64 -14.55
CA ASP D 687 -40.96 -15.97 -15.14
C ASP D 687 -39.89 -16.94 -15.60
N VAL D 688 -39.67 -18.03 -14.86
CA VAL D 688 -38.75 -19.06 -15.33
C VAL D 688 -39.23 -19.65 -16.64
N PHE D 689 -40.50 -19.46 -16.99
CA PHE D 689 -41.00 -19.91 -18.28
C PHE D 689 -40.44 -19.07 -19.41
N ASP D 690 -39.64 -18.06 -19.08
CA ASP D 690 -39.07 -17.24 -20.14
C ASP D 690 -37.60 -17.49 -20.34
N VAL D 691 -37.10 -18.65 -19.92
CA VAL D 691 -35.78 -19.12 -20.32
C VAL D 691 -35.89 -20.39 -21.16
N LEU D 692 -36.71 -21.34 -20.69
CA LEU D 692 -37.06 -22.49 -21.52
C LEU D 692 -37.70 -22.07 -22.82
N LEU D 693 -38.39 -20.91 -22.82
CA LEU D 693 -39.05 -20.41 -24.01
C LEU D 693 -38.13 -20.36 -25.22
N GLN D 694 -36.82 -20.22 -25.00
CA GLN D 694 -35.85 -20.28 -26.08
C GLN D 694 -34.79 -21.35 -25.88
N VAL D 695 -34.74 -22.01 -24.72
CA VAL D 695 -34.01 -23.28 -24.64
C VAL D 695 -34.62 -24.28 -25.61
N LEU D 696 -35.94 -24.36 -25.59
CA LEU D 696 -36.67 -25.16 -26.55
C LEU D 696 -36.61 -24.51 -27.94
N ASP D 697 -36.81 -25.33 -28.96
CA ASP D 697 -36.97 -24.90 -30.35
C ASP D 697 -35.66 -24.42 -30.97
N GLU D 698 -34.62 -24.22 -30.16
CA GLU D 698 -33.30 -23.94 -30.70
C GLU D 698 -32.17 -24.67 -30.00
N GLY D 699 -32.35 -25.12 -28.76
CA GLY D 699 -31.25 -25.70 -28.02
C GLY D 699 -30.15 -24.70 -27.75
N ARG D 700 -30.53 -23.45 -27.45
CA ARG D 700 -29.56 -22.40 -27.18
C ARG D 700 -29.69 -21.94 -25.74
N LEU D 701 -28.56 -21.54 -25.16
CA LEU D 701 -28.54 -20.93 -23.85
C LEU D 701 -27.21 -20.20 -23.70
N THR D 702 -27.24 -19.05 -23.04
CA THR D 702 -26.06 -18.21 -22.87
C THR D 702 -25.84 -17.91 -21.40
N ASP D 703 -24.69 -18.33 -20.87
CA ASP D 703 -24.37 -18.18 -19.47
C ASP D 703 -23.72 -16.81 -19.22
N GLY D 704 -23.10 -16.66 -18.04
CA GLY D 704 -22.55 -15.38 -17.66
C GLY D 704 -21.46 -14.88 -18.59
N HIS D 705 -20.44 -15.69 -18.85
CA HIS D 705 -19.30 -15.27 -19.65
C HIS D 705 -19.67 -14.91 -21.08
N GLY D 706 -20.93 -15.03 -21.46
CA GLY D 706 -21.32 -14.78 -22.83
C GLY D 706 -21.17 -15.96 -23.76
N ARG D 707 -20.83 -17.14 -23.24
CA ARG D 707 -20.71 -18.32 -24.07
C ARG D 707 -22.07 -18.75 -24.58
N THR D 708 -22.07 -19.80 -25.40
CA THR D 708 -23.29 -20.43 -25.86
C THR D 708 -23.13 -21.94 -25.73
N VAL D 709 -24.20 -22.61 -25.34
CA VAL D 709 -24.19 -24.06 -25.26
C VAL D 709 -25.27 -24.59 -26.19
N ASP D 710 -25.16 -25.87 -26.53
CA ASP D 710 -26.05 -26.52 -27.47
C ASP D 710 -26.82 -27.62 -26.77
N PHE D 711 -28.15 -27.55 -26.84
CA PHE D 711 -29.01 -28.60 -26.34
C PHE D 711 -29.56 -29.46 -27.48
N ARG D 712 -28.89 -29.48 -28.62
CA ARG D 712 -29.46 -30.06 -29.83
C ARG D 712 -29.61 -31.57 -29.76
N ASN D 713 -28.98 -32.23 -28.80
CA ASN D 713 -29.08 -33.67 -28.69
C ASN D 713 -29.33 -34.10 -27.25
N THR D 714 -30.23 -33.39 -26.58
CA THR D 714 -30.76 -33.75 -25.28
C THR D 714 -32.25 -34.00 -25.40
N ILE D 715 -32.84 -34.59 -24.37
CA ILE D 715 -34.27 -34.86 -24.33
C ILE D 715 -34.84 -34.13 -23.13
N LEU D 716 -35.41 -32.95 -23.36
CA LEU D 716 -36.01 -32.19 -22.26
C LEU D 716 -37.32 -32.85 -21.86
N ILE D 717 -37.54 -32.94 -20.56
CA ILE D 717 -38.71 -33.61 -19.99
C ILE D 717 -39.15 -32.82 -18.77
N LEU D 718 -40.39 -32.38 -18.77
CA LEU D 718 -40.90 -31.54 -17.68
C LEU D 718 -42.28 -32.03 -17.27
N THR D 719 -42.39 -32.55 -16.06
CA THR D 719 -43.64 -33.07 -15.53
C THR D 719 -44.49 -31.92 -15.00
N SER D 720 -45.63 -32.26 -14.39
CA SER D 720 -46.53 -31.29 -13.79
C SER D 720 -47.58 -32.04 -12.99
N ASN D 721 -48.52 -31.29 -12.40
CA ASN D 721 -49.66 -31.89 -11.72
C ASN D 721 -50.95 -31.12 -11.98
N LEU D 722 -51.06 -30.41 -13.09
CA LEU D 722 -52.32 -29.76 -13.43
C LEU D 722 -53.42 -30.81 -13.59
N GLY D 723 -54.66 -30.37 -13.45
CA GLY D 723 -55.74 -31.34 -13.48
C GLY D 723 -56.14 -31.82 -12.11
N SER D 724 -55.53 -32.92 -11.68
CA SER D 724 -55.83 -33.57 -10.41
C SER D 724 -57.26 -34.09 -10.39
N GLY D 725 -57.58 -35.01 -11.28
CA GLY D 725 -58.88 -35.63 -11.30
C GLY D 725 -59.71 -35.27 -12.52
N GLY D 726 -59.62 -34.01 -12.94
CA GLY D 726 -60.41 -33.53 -14.06
C GLY D 726 -60.17 -34.31 -15.33
N SER D 727 -61.16 -34.26 -16.22
CA SER D 727 -61.06 -34.93 -17.50
C SER D 727 -60.02 -34.26 -18.37
N ALA D 728 -59.76 -34.86 -19.54
CA ALA D 728 -58.78 -34.30 -20.47
C ALA D 728 -59.15 -32.90 -20.93
N GLU D 729 -60.43 -32.54 -20.93
CA GLU D 729 -60.85 -31.21 -21.33
C GLU D 729 -61.02 -30.26 -20.15
N GLN D 730 -60.77 -30.71 -18.92
CA GLN D 730 -60.69 -29.83 -17.77
C GLN D 730 -59.26 -29.56 -17.35
N VAL D 731 -58.30 -30.36 -17.83
CA VAL D 731 -56.89 -30.11 -17.61
C VAL D 731 -56.27 -29.38 -18.80
N LEU D 732 -56.76 -29.65 -20.01
CA LEU D 732 -56.33 -28.92 -21.19
C LEU D 732 -56.83 -27.48 -21.17
N ALA D 733 -57.66 -27.11 -20.19
CA ALA D 733 -57.97 -25.72 -19.91
C ALA D 733 -57.01 -25.15 -18.87
N ALA D 734 -56.61 -25.97 -17.90
CA ALA D 734 -55.59 -25.54 -16.95
C ALA D 734 -54.29 -25.20 -17.63
N VAL D 735 -53.85 -26.03 -18.57
CA VAL D 735 -52.61 -25.75 -19.30
C VAL D 735 -52.71 -24.41 -20.01
N ARG D 736 -53.80 -24.20 -20.76
CA ARG D 736 -53.97 -22.94 -21.48
C ARG D 736 -54.02 -21.74 -20.56
N ALA D 737 -54.76 -21.82 -19.46
CA ALA D 737 -54.90 -20.68 -18.56
C ALA D 737 -53.67 -20.47 -17.68
N THR D 738 -52.76 -21.44 -17.63
CA THR D 738 -51.55 -21.26 -16.84
C THR D 738 -50.38 -20.77 -17.69
N PHE D 739 -50.11 -21.45 -18.80
CA PHE D 739 -49.02 -21.05 -19.68
C PHE D 739 -49.52 -20.11 -20.77
N LYS D 740 -48.67 -19.89 -21.76
CA LYS D 740 -48.95 -18.98 -22.85
C LYS D 740 -48.97 -19.71 -24.19
N PRO D 741 -49.56 -19.12 -25.22
CA PRO D 741 -49.46 -19.72 -26.56
C PRO D 741 -48.03 -19.83 -27.06
N GLU D 742 -47.23 -18.77 -26.90
CA GLU D 742 -45.82 -18.82 -27.29
C GLU D 742 -45.07 -19.96 -26.63
N PHE D 743 -45.58 -20.49 -25.51
CA PHE D 743 -44.94 -21.59 -24.82
C PHE D 743 -45.51 -22.94 -25.23
N ILE D 744 -46.83 -23.12 -25.14
CA ILE D 744 -47.43 -24.40 -25.52
C ILE D 744 -47.11 -24.73 -26.97
N ASN D 745 -46.88 -23.71 -27.79
CA ASN D 745 -46.54 -23.94 -29.18
C ASN D 745 -45.14 -24.50 -29.35
N ARG D 746 -44.24 -24.24 -28.40
CA ARG D 746 -42.86 -24.70 -28.52
C ARG D 746 -42.75 -26.20 -28.36
N LEU D 747 -43.18 -26.72 -27.22
CA LEU D 747 -42.94 -28.10 -26.85
C LEU D 747 -43.82 -29.05 -27.67
N ASP D 748 -43.42 -30.32 -27.68
CA ASP D 748 -44.07 -31.35 -28.46
C ASP D 748 -45.35 -31.82 -27.79
N ASP D 749 -45.87 -32.96 -28.25
CA ASP D 749 -47.13 -33.49 -27.77
C ASP D 749 -47.25 -33.41 -26.25
N VAL D 750 -48.42 -33.02 -25.79
CA VAL D 750 -48.71 -32.89 -24.36
C VAL D 750 -49.37 -34.21 -23.95
N LEU D 751 -48.55 -35.16 -23.53
CA LEU D 751 -49.08 -36.47 -23.15
C LEU D 751 -49.85 -36.38 -21.84
N ILE D 752 -51.01 -37.03 -21.80
CA ILE D 752 -51.81 -37.13 -20.59
C ILE D 752 -51.65 -38.54 -20.05
N PHE D 753 -51.50 -38.68 -18.73
CA PHE D 753 -51.30 -39.98 -18.12
C PHE D 753 -52.60 -40.51 -17.54
N GLU D 754 -52.88 -41.79 -17.78
CA GLU D 754 -54.08 -42.43 -17.30
C GLU D 754 -53.97 -42.68 -15.80
N GLY D 755 -55.02 -43.23 -15.20
CA GLY D 755 -54.99 -43.61 -13.81
C GLY D 755 -54.52 -45.06 -13.66
N LEU D 756 -54.07 -45.38 -12.45
CA LEU D 756 -53.59 -46.73 -12.17
C LEU D 756 -54.75 -47.72 -12.30
N ASN D 757 -54.58 -48.70 -13.18
CA ASN D 757 -55.58 -49.75 -13.32
C ASN D 757 -55.60 -50.59 -12.06
N PRO D 758 -56.77 -50.91 -11.50
CA PRO D 758 -56.81 -51.61 -10.21
C PRO D 758 -56.21 -53.02 -10.27
N GLU D 759 -55.93 -53.51 -11.47
CA GLU D 759 -55.43 -54.87 -11.62
C GLU D 759 -53.92 -54.96 -11.55
N GLU D 760 -53.20 -54.11 -12.27
CA GLU D 760 -51.78 -54.27 -12.51
C GLU D 760 -50.92 -54.07 -11.25
N LEU D 761 -51.52 -53.66 -10.13
CA LEU D 761 -50.72 -53.45 -8.93
C LEU D 761 -50.02 -54.71 -8.48
N VAL D 762 -50.51 -55.89 -8.88
CA VAL D 762 -49.77 -57.11 -8.58
C VAL D 762 -48.39 -57.07 -9.21
N ARG D 763 -48.30 -56.62 -10.46
CA ARG D 763 -46.99 -56.50 -11.11
C ARG D 763 -46.15 -55.38 -10.49
N ILE D 764 -46.79 -54.30 -10.02
CA ILE D 764 -46.05 -53.27 -9.31
C ILE D 764 -45.38 -53.85 -8.07
N VAL D 765 -46.15 -54.61 -7.27
CA VAL D 765 -45.60 -55.24 -6.08
C VAL D 765 -44.51 -56.24 -6.48
N ASP D 766 -44.70 -56.91 -7.62
CA ASP D 766 -43.65 -57.78 -8.14
C ASP D 766 -42.35 -57.02 -8.36
N ILE D 767 -42.43 -55.87 -9.03
CA ILE D 767 -41.25 -55.04 -9.26
C ILE D 767 -40.60 -54.68 -7.93
N GLN D 768 -41.41 -54.24 -6.96
CA GLN D 768 -40.86 -53.80 -5.69
C GLN D 768 -40.16 -54.94 -4.95
N LEU D 769 -40.76 -56.13 -4.97
CA LEU D 769 -40.12 -57.28 -4.34
C LEU D 769 -38.85 -57.69 -5.07
N ALA D 770 -38.81 -57.53 -6.39
CA ALA D 770 -37.58 -57.81 -7.13
C ALA D 770 -36.47 -56.85 -6.71
N GLN D 771 -36.80 -55.56 -6.58
CA GLN D 771 -35.80 -54.59 -6.13
C GLN D 771 -35.34 -54.91 -4.71
N LEU D 772 -36.26 -55.34 -3.85
CA LEU D 772 -35.87 -55.71 -2.49
C LEU D 772 -34.93 -56.91 -2.51
N GLY D 773 -35.26 -57.95 -3.28
CA GLY D 773 -34.37 -59.08 -3.40
C GLY D 773 -33.01 -58.70 -3.95
N LYS D 774 -32.98 -57.73 -4.85
CA LYS D 774 -31.70 -57.21 -5.33
C LYS D 774 -30.92 -56.53 -4.22
N ARG D 775 -31.63 -55.83 -3.33
CA ARG D 775 -30.95 -55.29 -2.15
C ARG D 775 -30.45 -56.39 -1.23
N LEU D 776 -31.11 -57.55 -1.24
CA LEU D 776 -30.69 -58.68 -0.41
C LEU D 776 -29.80 -59.63 -1.22
N ALA D 777 -28.62 -59.14 -1.57
CA ALA D 777 -27.66 -59.91 -2.35
C ALA D 777 -26.28 -60.00 -1.72
N GLN D 778 -25.92 -59.09 -0.82
CA GLN D 778 -24.66 -59.23 -0.10
C GLN D 778 -24.69 -60.47 0.79
N ARG D 779 -25.84 -60.72 1.43
CA ARG D 779 -26.12 -61.99 2.06
C ARG D 779 -26.60 -62.97 0.99
N ARG D 780 -27.14 -64.10 1.42
CA ARG D 780 -27.68 -65.08 0.49
C ARG D 780 -29.13 -65.42 0.82
N LEU D 781 -29.94 -64.40 1.06
CA LEU D 781 -31.34 -64.60 1.38
C LEU D 781 -32.20 -64.57 0.13
N GLN D 782 -33.35 -65.24 0.21
CA GLN D 782 -34.39 -65.16 -0.80
C GLN D 782 -35.72 -64.97 -0.09
N LEU D 783 -36.78 -64.82 -0.87
CA LEU D 783 -38.12 -64.68 -0.32
C LEU D 783 -39.06 -65.66 -0.99
N GLN D 784 -40.13 -65.99 -0.28
CA GLN D 784 -41.15 -66.94 -0.72
C GLN D 784 -42.52 -66.28 -0.64
N VAL D 785 -42.61 -65.07 -1.20
CA VAL D 785 -43.81 -64.26 -1.05
C VAL D 785 -45.03 -65.01 -1.54
N SER D 786 -46.07 -65.05 -0.71
CA SER D 786 -47.29 -65.75 -1.05
C SER D 786 -48.25 -64.85 -1.79
N LEU D 787 -49.10 -65.47 -2.61
CA LEU D 787 -50.08 -64.73 -3.40
C LEU D 787 -51.07 -63.94 -2.55
N PRO D 788 -51.63 -64.45 -1.44
CA PRO D 788 -52.52 -63.61 -0.64
C PRO D 788 -51.80 -62.45 0.02
N ALA D 789 -50.55 -62.65 0.43
CA ALA D 789 -49.77 -61.54 0.97
C ALA D 789 -49.56 -60.45 -0.08
N LYS D 790 -49.16 -60.86 -1.29
CA LYS D 790 -49.00 -59.91 -2.38
C LYS D 790 -50.31 -59.19 -2.67
N ARG D 791 -51.42 -59.92 -2.61
CA ARG D 791 -52.72 -59.30 -2.89
C ARG D 791 -53.08 -58.27 -1.84
N TRP D 792 -52.93 -58.62 -0.55
CA TRP D 792 -53.20 -57.65 0.50
C TRP D 792 -52.28 -56.45 0.38
N LEU D 793 -51.03 -56.67 -0.04
CA LEU D 793 -50.11 -55.56 -0.24
C LEU D 793 -50.62 -54.61 -1.31
N ALA D 794 -50.93 -55.15 -2.49
CA ALA D 794 -51.46 -54.31 -3.56
C ALA D 794 -52.82 -53.73 -3.20
N GLN D 795 -53.48 -54.30 -2.19
CA GLN D 795 -54.80 -53.82 -1.79
C GLN D 795 -54.70 -52.68 -0.79
N ARG D 796 -53.68 -52.67 0.06
CA ARG D 796 -53.54 -51.64 1.09
C ARG D 796 -52.35 -50.76 0.75
N GLY D 797 -52.62 -49.47 0.59
CA GLY D 797 -51.58 -48.52 0.23
C GLY D 797 -51.57 -48.14 -1.24
N PHE D 798 -52.76 -47.92 -1.80
CA PHE D 798 -52.86 -47.36 -3.15
C PHE D 798 -54.05 -46.40 -3.25
N ASP D 799 -54.36 -45.69 -2.16
CA ASP D 799 -55.50 -44.79 -2.06
C ASP D 799 -55.67 -43.95 -3.32
N PRO D 800 -56.90 -43.74 -3.78
CA PRO D 800 -57.11 -43.18 -5.13
C PRO D 800 -56.51 -41.81 -5.34
N VAL D 801 -56.13 -41.09 -4.28
CA VAL D 801 -55.67 -39.72 -4.46
C VAL D 801 -54.16 -39.66 -4.61
N TYR D 802 -53.43 -40.67 -4.17
CA TYR D 802 -51.97 -40.61 -4.17
C TYR D 802 -51.31 -41.75 -4.93
N GLY D 803 -52.06 -42.65 -5.53
CA GLY D 803 -51.47 -43.69 -6.34
C GLY D 803 -50.52 -44.57 -5.55
N ALA D 804 -49.54 -45.12 -6.27
CA ALA D 804 -48.62 -46.10 -5.71
C ALA D 804 -47.52 -45.48 -4.87
N ARG D 805 -47.66 -44.22 -4.45
CA ARG D 805 -46.60 -43.60 -3.65
C ARG D 805 -46.47 -44.26 -2.28
N PRO D 806 -47.53 -44.46 -1.49
CA PRO D 806 -47.35 -45.12 -0.19
C PRO D 806 -47.23 -46.63 -0.31
N LEU D 807 -46.27 -47.09 -1.11
CA LEU D 807 -46.01 -48.51 -1.27
C LEU D 807 -44.58 -48.87 -0.90
N ARG D 808 -43.60 -48.05 -1.28
CA ARG D 808 -42.22 -48.33 -0.92
C ARG D 808 -42.03 -48.22 0.59
N ARG D 809 -42.62 -47.20 1.20
CA ARG D 809 -42.51 -47.03 2.65
C ARG D 809 -43.22 -48.16 3.38
N LEU D 810 -44.36 -48.61 2.85
CA LEU D 810 -45.06 -49.75 3.45
C LEU D 810 -44.24 -51.02 3.33
N VAL D 811 -43.67 -51.28 2.16
CA VAL D 811 -42.80 -52.44 1.99
C VAL D 811 -41.66 -52.39 2.99
N GLN D 812 -41.06 -51.21 3.17
CA GLN D 812 -39.98 -51.10 4.15
C GLN D 812 -40.48 -51.45 5.55
N GLN D 813 -41.47 -50.71 6.05
CA GLN D 813 -41.92 -50.89 7.42
C GLN D 813 -42.56 -52.25 7.67
N ALA D 814 -42.88 -53.01 6.62
CA ALA D 814 -43.48 -54.32 6.81
C ALA D 814 -42.55 -55.48 6.51
N ILE D 815 -41.39 -55.25 5.90
CA ILE D 815 -40.48 -56.34 5.63
C ILE D 815 -39.09 -56.05 6.20
N GLY D 816 -38.54 -54.88 5.84
CA GLY D 816 -37.15 -54.62 6.18
C GLY D 816 -36.91 -54.51 7.67
N ASP D 817 -37.73 -53.73 8.37
CA ASP D 817 -37.57 -53.58 9.81
C ASP D 817 -37.89 -54.88 10.54
N GLN D 818 -38.96 -55.57 10.11
CA GLN D 818 -39.31 -56.85 10.70
C GLN D 818 -38.14 -57.84 10.57
N LEU D 819 -37.44 -57.82 9.44
CA LEU D 819 -36.29 -58.69 9.28
C LEU D 819 -35.10 -58.21 10.10
N ALA D 820 -34.91 -56.89 10.21
CA ALA D 820 -33.79 -56.37 10.99
C ALA D 820 -33.91 -56.74 12.46
N LYS D 821 -35.12 -56.61 13.02
CA LYS D 821 -35.33 -57.08 14.39
C LYS D 821 -35.16 -58.59 14.50
N MET D 822 -35.16 -59.29 13.36
CA MET D 822 -35.13 -60.74 13.35
C MET D 822 -33.78 -61.31 12.90
N LEU D 823 -32.82 -60.47 12.52
CA LEU D 823 -31.54 -60.98 12.07
C LEU D 823 -30.41 -60.74 13.06
N LEU D 824 -30.34 -59.54 13.66
CA LEU D 824 -29.33 -59.26 14.66
C LEU D 824 -29.55 -60.03 15.96
N ALA D 825 -30.72 -60.65 16.13
CA ALA D 825 -31.05 -61.40 17.34
C ALA D 825 -31.25 -62.87 17.06
N GLY D 826 -30.42 -63.46 16.19
CA GLY D 826 -30.54 -64.86 15.87
C GLY D 826 -31.82 -65.17 15.11
N GLN D 827 -32.14 -66.46 15.06
CA GLN D 827 -33.37 -67.02 14.51
C GLN D 827 -33.54 -66.72 13.03
N VAL D 828 -32.57 -66.05 12.42
CA VAL D 828 -32.50 -65.84 10.98
C VAL D 828 -31.04 -65.80 10.59
N HIS D 829 -30.68 -66.49 9.50
CA HIS D 829 -29.31 -66.49 9.02
C HIS D 829 -29.31 -66.54 7.49
N ASP D 830 -28.22 -66.06 6.91
CA ASP D 830 -28.12 -65.98 5.47
C ASP D 830 -28.20 -67.37 4.83
N GLY D 831 -28.98 -67.48 3.75
CA GLY D 831 -29.24 -68.74 3.08
C GLY D 831 -30.67 -69.21 3.22
N ASP D 832 -31.34 -68.83 4.32
CA ASP D 832 -32.70 -69.27 4.57
C ASP D 832 -33.67 -68.59 3.61
N THR D 833 -34.40 -69.39 2.84
CA THR D 833 -35.40 -68.86 1.91
C THR D 833 -36.61 -68.42 2.72
N VAL D 834 -36.48 -67.23 3.33
CA VAL D 834 -37.47 -66.68 4.24
C VAL D 834 -38.84 -66.61 3.58
N PRO D 835 -39.84 -67.30 4.13
CA PRO D 835 -41.21 -67.15 3.63
C PRO D 835 -41.99 -66.11 4.41
N VAL D 836 -43.06 -65.62 3.79
CA VAL D 836 -43.94 -64.64 4.41
C VAL D 836 -45.34 -65.24 4.51
N ASN D 837 -46.13 -64.67 5.42
CA ASN D 837 -47.46 -65.19 5.71
C ASN D 837 -48.48 -64.05 5.64
N VAL D 838 -49.74 -64.44 5.74
CA VAL D 838 -50.87 -63.54 5.51
C VAL D 838 -51.74 -63.53 6.76
N SER D 839 -51.10 -63.56 7.93
CA SER D 839 -51.77 -63.61 9.24
C SER D 839 -52.92 -62.63 9.31
N PRO D 840 -53.96 -62.91 10.12
CA PRO D 840 -55.16 -62.04 10.11
C PRO D 840 -54.87 -60.57 10.41
N ASP D 841 -53.87 -60.31 11.25
CA ASP D 841 -53.42 -58.95 11.52
C ASP D 841 -52.49 -58.47 10.41
N ALA D 842 -51.78 -57.36 10.66
CA ALA D 842 -50.77 -56.90 9.71
C ALA D 842 -49.83 -58.04 9.34
N ASP D 843 -49.26 -57.94 8.14
CA ASP D 843 -48.46 -59.03 7.59
C ASP D 843 -47.35 -59.45 8.54
N SER D 844 -47.06 -60.75 8.56
CA SER D 844 -46.03 -61.33 9.39
C SER D 844 -45.26 -62.37 8.57
N LEU D 845 -44.16 -62.85 9.14
CA LEU D 845 -43.36 -63.85 8.48
C LEU D 845 -44.16 -65.14 8.31
N GLN E 159 25.99 -36.56 -26.55
CA GLN E 159 26.57 -37.10 -25.32
C GLN E 159 27.46 -36.07 -24.64
N ALA E 160 27.37 -34.82 -25.11
CA ALA E 160 28.27 -33.77 -24.65
C ALA E 160 27.92 -33.25 -23.26
N LEU E 161 26.65 -33.08 -22.92
CA LEU E 161 26.23 -32.55 -21.63
C LEU E 161 25.25 -33.49 -20.96
N GLN E 162 25.54 -34.78 -20.99
CA GLN E 162 24.70 -35.78 -20.34
C GLN E 162 25.06 -35.90 -18.85
N LYS E 163 25.07 -34.76 -18.14
CA LYS E 163 25.32 -34.76 -16.72
C LYS E 163 24.12 -34.31 -15.89
N TYR E 164 23.07 -33.80 -16.53
CA TYR E 164 21.79 -33.55 -15.86
C TYR E 164 20.71 -34.50 -16.39
N SER E 165 21.12 -35.65 -16.90
CA SER E 165 20.21 -36.56 -17.58
C SER E 165 20.62 -37.99 -17.30
N THR E 166 19.62 -38.82 -16.97
CA THR E 166 19.80 -40.24 -16.76
C THR E 166 19.12 -41.01 -17.90
N ASP E 167 19.67 -42.17 -18.21
CA ASP E 167 19.16 -43.02 -19.28
C ASP E 167 18.21 -44.07 -18.73
N LEU E 168 17.34 -44.57 -19.59
CA LEU E 168 16.39 -45.61 -19.23
C LEU E 168 16.62 -46.92 -19.97
N THR E 169 17.21 -46.88 -21.16
CA THR E 169 17.46 -48.09 -21.92
C THR E 169 18.83 -48.70 -21.63
N ALA E 170 19.84 -47.87 -21.34
CA ALA E 170 21.16 -48.38 -20.99
C ALA E 170 21.08 -49.26 -19.74
N ARG E 171 20.61 -48.70 -18.63
CA ARG E 171 20.43 -49.50 -17.43
C ARG E 171 19.36 -50.56 -17.59
N ALA E 172 18.48 -50.43 -18.58
CA ALA E 172 17.60 -51.54 -18.94
C ALA E 172 18.38 -52.70 -19.53
N ARG E 173 19.46 -52.43 -20.25
CA ARG E 173 20.34 -53.50 -20.74
C ARG E 173 21.03 -54.26 -19.61
N GLU E 174 20.87 -53.81 -18.36
CA GLU E 174 21.38 -54.54 -17.21
C GLU E 174 20.26 -55.08 -16.32
N GLY E 175 19.13 -54.37 -16.24
CA GLY E 175 18.03 -54.83 -15.42
C GLY E 175 18.01 -54.24 -14.03
N LYS E 176 18.52 -53.02 -13.85
CA LYS E 176 18.46 -52.38 -12.55
C LYS E 176 17.10 -51.68 -12.31
N LEU E 177 16.10 -52.02 -13.13
CA LEU E 177 14.75 -51.49 -12.99
C LEU E 177 13.84 -52.57 -12.43
N ASP E 178 12.61 -52.17 -12.12
CA ASP E 178 11.65 -53.14 -11.62
C ASP E 178 10.60 -53.45 -12.69
N PRO E 179 10.25 -54.72 -12.86
CA PRO E 179 9.14 -55.05 -13.77
C PRO E 179 7.83 -54.50 -13.24
N VAL E 180 6.95 -54.12 -14.16
CA VAL E 180 5.79 -53.30 -13.82
C VAL E 180 4.52 -54.03 -14.24
N ILE E 181 4.51 -55.35 -14.02
CA ILE E 181 3.35 -56.17 -14.36
C ILE E 181 2.06 -55.49 -13.90
N GLY E 182 1.08 -55.45 -14.80
CA GLY E 182 -0.08 -54.61 -14.63
C GLY E 182 0.05 -53.31 -15.41
N ARG E 183 -1.09 -52.63 -15.57
CA ARG E 183 -1.16 -51.38 -16.32
C ARG E 183 -0.59 -51.57 -17.73
N ASP E 184 -1.24 -52.45 -18.49
CA ASP E 184 -0.82 -52.69 -19.87
C ASP E 184 -1.70 -51.97 -20.87
N ASN E 185 -2.81 -51.39 -20.42
CA ASN E 185 -3.60 -50.48 -21.25
C ASN E 185 -2.88 -49.17 -21.48
N GLU E 186 -2.34 -48.58 -20.40
CA GLU E 186 -1.71 -47.27 -20.50
C GLU E 186 -0.52 -47.28 -21.45
N ILE E 187 0.25 -48.38 -21.45
CA ILE E 187 1.39 -48.47 -22.34
C ILE E 187 0.93 -48.47 -23.80
N ARG E 188 -0.13 -49.21 -24.10
CA ARG E 188 -0.63 -49.23 -25.47
C ARG E 188 -1.17 -47.87 -25.87
N ARG E 189 -1.88 -47.20 -24.96
CA ARG E 189 -2.37 -45.85 -25.24
C ARG E 189 -1.22 -44.90 -25.55
N VAL E 190 -0.15 -44.98 -24.76
CA VAL E 190 0.98 -44.07 -24.93
C VAL E 190 1.70 -44.35 -26.25
N VAL E 191 1.99 -45.62 -26.54
CA VAL E 191 2.68 -45.93 -27.78
C VAL E 191 1.81 -45.64 -28.99
N GLN E 192 0.48 -45.62 -28.81
CA GLN E 192 -0.38 -45.20 -29.91
C GLN E 192 -0.33 -43.70 -30.12
N VAL E 193 -0.38 -42.92 -29.04
CA VAL E 193 -0.30 -41.47 -29.17
C VAL E 193 1.03 -41.06 -29.78
N LEU E 194 2.13 -41.66 -29.32
CA LEU E 194 3.45 -41.31 -29.81
C LEU E 194 3.69 -41.73 -31.25
N SER E 195 2.71 -42.35 -31.90
CA SER E 195 2.88 -42.83 -33.27
C SER E 195 2.04 -42.05 -34.26
N ARG E 196 1.58 -40.86 -33.88
CA ARG E 196 0.79 -40.04 -34.77
C ARG E 196 1.70 -39.12 -35.57
N ARG E 197 1.11 -38.19 -36.31
CA ARG E 197 1.87 -37.17 -37.02
C ARG E 197 1.72 -35.78 -36.41
N THR E 198 0.54 -35.46 -35.87
CA THR E 198 0.33 -34.21 -35.17
C THR E 198 -0.26 -34.49 -33.80
N LYS E 199 0.00 -33.58 -32.87
CA LYS E 199 -0.46 -33.70 -31.48
C LYS E 199 0.09 -34.95 -30.81
N ASN E 200 1.31 -35.32 -31.15
CA ASN E 200 2.02 -36.42 -30.50
C ASN E 200 2.58 -35.96 -29.16
N ASN E 201 3.57 -36.69 -28.62
CA ASN E 201 4.24 -36.44 -27.35
C ASN E 201 3.23 -36.27 -26.21
N PRO E 202 2.65 -37.36 -25.74
CA PRO E 202 1.61 -37.26 -24.71
C PRO E 202 2.12 -36.77 -23.37
N VAL E 203 1.21 -36.62 -22.41
CA VAL E 203 1.58 -36.21 -21.05
C VAL E 203 0.77 -37.05 -20.07
N LEU E 204 1.45 -37.59 -19.07
CA LEU E 204 0.83 -38.47 -18.09
C LEU E 204 0.27 -37.63 -16.94
N ILE E 205 -1.02 -37.76 -16.69
CA ILE E 205 -1.73 -36.95 -15.71
C ILE E 205 -2.29 -37.88 -14.65
N GLY E 206 -1.85 -37.68 -13.41
CA GLY E 206 -2.35 -38.50 -12.31
C GLY E 206 -1.82 -38.00 -10.99
N GLU E 207 -2.36 -38.57 -9.92
CA GLU E 207 -1.99 -38.19 -8.57
C GLU E 207 -0.51 -38.51 -8.33
N PRO E 208 0.08 -37.97 -7.26
CA PRO E 208 1.46 -38.34 -6.92
C PRO E 208 1.48 -39.69 -6.22
N GLY E 209 2.47 -40.50 -6.57
CA GLY E 209 2.57 -41.84 -6.02
C GLY E 209 1.59 -42.83 -6.63
N VAL E 210 1.53 -42.94 -7.96
CA VAL E 210 0.60 -43.85 -8.60
C VAL E 210 1.26 -44.80 -9.59
N GLY E 211 2.41 -44.43 -10.14
CA GLY E 211 3.08 -45.31 -11.08
C GLY E 211 3.32 -44.72 -12.46
N LYS E 212 3.45 -43.40 -12.55
CA LYS E 212 3.75 -42.78 -13.83
C LYS E 212 5.16 -43.15 -14.29
N THR E 213 6.15 -42.98 -13.41
CA THR E 213 7.49 -43.47 -13.71
C THR E 213 7.47 -44.97 -13.93
N ALA E 214 6.62 -45.69 -13.20
CA ALA E 214 6.51 -47.14 -13.40
C ALA E 214 6.06 -47.45 -14.82
N ILE E 215 5.11 -46.69 -15.35
CA ILE E 215 4.60 -46.90 -16.69
C ILE E 215 5.68 -46.59 -17.73
N VAL E 216 6.38 -45.47 -17.56
CA VAL E 216 7.39 -45.15 -18.56
C VAL E 216 8.53 -46.17 -18.50
N GLU E 217 8.86 -46.70 -17.32
CA GLU E 217 9.89 -47.74 -17.24
C GLU E 217 9.40 -49.04 -17.86
N GLY E 218 8.14 -49.40 -17.66
CA GLY E 218 7.60 -50.57 -18.32
C GLY E 218 7.67 -50.45 -19.83
N LEU E 219 7.38 -49.26 -20.34
CA LEU E 219 7.51 -49.03 -21.78
C LEU E 219 8.97 -49.14 -22.22
N ALA E 220 9.89 -48.62 -21.40
CA ALA E 220 11.31 -48.74 -21.71
C ALA E 220 11.73 -50.19 -21.78
N GLN E 221 11.18 -51.03 -20.89
CA GLN E 221 11.58 -52.43 -20.87
C GLN E 221 10.96 -53.18 -22.04
N ARG E 222 9.71 -52.86 -22.38
CA ARG E 222 9.13 -53.42 -23.60
C ARG E 222 9.91 -52.99 -24.83
N ILE E 223 10.52 -51.80 -24.79
CA ILE E 223 11.39 -51.37 -25.88
C ILE E 223 12.64 -52.24 -25.94
N VAL E 224 13.37 -52.32 -24.82
CA VAL E 224 14.65 -53.03 -24.84
C VAL E 224 14.45 -54.49 -25.18
N ALA E 225 13.30 -55.06 -24.83
CA ALA E 225 12.96 -56.40 -25.30
C ALA E 225 12.67 -56.39 -26.79
N GLY E 226 11.78 -55.50 -27.23
CA GLY E 226 11.37 -55.36 -28.61
C GLY E 226 10.03 -56.00 -28.85
N ASP E 227 8.97 -55.19 -28.75
CA ASP E 227 7.63 -55.62 -29.12
C ASP E 227 6.82 -54.55 -29.84
N VAL E 228 7.24 -53.29 -29.80
CA VAL E 228 6.45 -52.17 -30.32
C VAL E 228 6.58 -52.14 -31.84
N PRO E 229 5.83 -51.29 -32.54
CA PRO E 229 6.09 -51.10 -33.97
C PRO E 229 7.52 -50.67 -34.23
N GLU E 230 8.04 -51.11 -35.36
CA GLU E 230 9.42 -50.80 -35.72
C GLU E 230 9.65 -49.31 -35.92
N SER E 231 8.58 -48.51 -36.04
CA SER E 231 8.73 -47.07 -36.03
C SER E 231 9.36 -46.59 -34.73
N LEU E 232 8.79 -47.02 -33.60
CA LEU E 232 9.31 -46.68 -32.28
C LEU E 232 10.48 -47.55 -31.86
N ARG E 233 10.61 -48.74 -32.44
CA ARG E 233 11.77 -49.59 -32.17
C ARG E 233 13.06 -48.85 -32.49
N ASP E 234 14.15 -49.26 -31.83
CA ASP E 234 15.47 -48.70 -32.05
C ASP E 234 15.50 -47.20 -31.73
N LYS E 235 14.78 -46.82 -30.69
CA LYS E 235 14.75 -45.45 -30.23
C LYS E 235 14.84 -45.42 -28.71
N THR E 236 15.87 -44.76 -28.20
CA THR E 236 16.16 -44.74 -26.78
C THR E 236 15.37 -43.64 -26.08
N ILE E 237 15.47 -43.63 -24.75
CA ILE E 237 14.82 -42.62 -23.92
C ILE E 237 15.86 -42.07 -22.95
N VAL E 238 15.74 -40.79 -22.62
CA VAL E 238 16.62 -40.13 -21.66
C VAL E 238 15.75 -39.35 -20.68
N ALA E 239 16.04 -39.50 -19.39
CA ALA E 239 15.32 -38.76 -18.37
C ALA E 239 15.95 -37.39 -18.16
N LEU E 240 15.32 -36.60 -17.30
CA LEU E 240 15.80 -35.28 -16.91
C LEU E 240 15.37 -35.00 -15.48
N ASP E 241 16.21 -34.28 -14.74
CA ASP E 241 15.86 -33.83 -13.39
C ASP E 241 15.90 -32.31 -13.35
N LEU E 242 14.75 -31.69 -13.07
CA LEU E 242 14.69 -30.23 -13.09
C LEU E 242 15.18 -29.61 -11.79
N GLY E 243 15.04 -30.32 -10.67
CA GLY E 243 15.57 -29.81 -9.41
C GLY E 243 17.08 -29.61 -9.41
N SER E 244 17.76 -29.99 -10.48
CA SER E 244 19.19 -29.76 -10.62
C SER E 244 19.50 -28.50 -11.42
N MET E 245 18.55 -27.97 -12.17
CA MET E 245 18.76 -26.78 -12.99
C MET E 245 18.57 -25.49 -12.21
N VAL E 246 17.59 -25.47 -11.31
CA VAL E 246 17.33 -24.29 -10.50
C VAL E 246 17.89 -24.47 -9.09
N ARG E 252 18.90 -15.22 -10.16
CA ARG E 252 18.04 -16.03 -11.01
C ARG E 252 18.48 -15.96 -12.48
N GLY E 253 18.52 -17.11 -13.13
CA GLY E 253 18.96 -17.21 -14.51
C GLY E 253 19.87 -18.41 -14.72
N GLU E 254 20.32 -18.53 -15.96
CA GLU E 254 21.24 -19.57 -16.43
C GLU E 254 20.54 -20.94 -16.49
N PHE E 255 19.33 -21.00 -15.93
CA PHE E 255 18.47 -22.15 -16.18
C PHE E 255 18.08 -22.20 -17.65
N GLU E 256 17.80 -21.03 -18.24
CA GLU E 256 17.56 -20.97 -19.67
C GLU E 256 18.82 -21.27 -20.46
N GLU E 257 20.00 -20.93 -19.91
CA GLU E 257 21.26 -21.24 -20.59
C GLU E 257 21.49 -22.75 -20.66
N ARG E 258 21.29 -23.45 -19.54
CA ARG E 258 21.43 -24.90 -19.55
C ARG E 258 20.31 -25.56 -20.35
N LEU E 259 19.12 -24.96 -20.34
CA LEU E 259 18.05 -25.43 -21.24
C LEU E 259 18.48 -25.33 -22.69
N LYS E 260 19.11 -24.21 -23.06
CA LYS E 260 19.65 -24.08 -24.41
C LYS E 260 20.67 -25.16 -24.71
N ALA E 261 21.57 -25.42 -23.76
CA ALA E 261 22.59 -26.44 -23.96
C ALA E 261 21.96 -27.80 -24.24
N VAL E 262 21.01 -28.21 -23.40
CA VAL E 262 20.45 -29.55 -23.55
C VAL E 262 19.58 -29.65 -24.80
N LEU E 263 18.81 -28.59 -25.10
CA LEU E 263 17.98 -28.61 -26.30
C LEU E 263 18.84 -28.64 -27.55
N ASP E 264 19.97 -27.93 -27.54
CA ASP E 264 20.87 -27.97 -28.69
C ASP E 264 21.51 -29.36 -28.83
N ASP E 265 21.86 -29.97 -27.70
CA ASP E 265 22.33 -31.36 -27.73
C ASP E 265 21.33 -32.27 -28.41
N ILE E 266 20.07 -32.24 -27.95
CA ILE E 266 19.03 -33.07 -28.55
C ILE E 266 18.88 -32.73 -30.03
N LYS E 267 18.95 -31.44 -30.38
CA LYS E 267 18.71 -31.01 -31.75
C LYS E 267 19.80 -31.52 -32.69
N ASN E 268 21.07 -31.43 -32.28
CA ASN E 268 22.14 -31.88 -33.15
C ASN E 268 22.35 -33.39 -33.07
N SER E 269 21.72 -34.06 -32.09
CA SER E 269 21.69 -35.52 -32.12
C SER E 269 21.11 -36.04 -33.43
N ALA E 270 20.21 -35.27 -34.05
CA ALA E 270 19.72 -35.55 -35.40
C ALA E 270 19.00 -36.90 -35.47
N GLY E 271 18.05 -37.10 -34.57
CA GLY E 271 17.30 -38.35 -34.57
C GLY E 271 15.99 -38.25 -33.83
N GLN E 272 15.50 -39.38 -33.35
CA GLN E 272 14.24 -39.48 -32.60
C GLN E 272 14.51 -40.04 -31.21
N ILE E 273 15.54 -39.51 -30.55
CA ILE E 273 15.90 -39.94 -29.21
C ILE E 273 14.92 -39.28 -28.25
N ILE E 274 13.94 -40.05 -27.78
CA ILE E 274 12.85 -39.51 -26.98
C ILE E 274 13.40 -38.96 -25.67
N THR E 275 12.76 -37.92 -25.16
CA THR E 275 13.09 -37.35 -23.87
C THR E 275 12.06 -37.77 -22.83
N PHE E 276 12.25 -37.28 -21.61
CA PHE E 276 11.31 -37.54 -20.52
C PHE E 276 11.56 -36.50 -19.44
N ILE E 277 10.53 -35.73 -19.11
CA ILE E 277 10.66 -34.57 -18.22
C ILE E 277 9.62 -34.68 -17.13
N ASP E 278 10.06 -34.99 -15.92
CA ASP E 278 9.16 -35.16 -14.79
C ASP E 278 8.72 -33.80 -14.26
N GLU E 279 7.46 -33.71 -13.84
CA GLU E 279 6.87 -32.52 -13.23
C GLU E 279 7.28 -31.23 -13.97
N LEU E 280 7.14 -31.28 -15.30
CA LEU E 280 7.54 -30.14 -16.11
C LEU E 280 6.67 -28.92 -15.89
N HIS E 281 5.70 -28.98 -14.98
CA HIS E 281 4.90 -27.80 -14.66
C HIS E 281 5.74 -26.67 -14.07
N THR E 282 7.01 -26.91 -13.78
CA THR E 282 7.93 -25.83 -13.41
C THR E 282 8.61 -25.25 -14.63
N ILE E 283 8.76 -26.04 -15.70
CA ILE E 283 9.32 -25.52 -16.94
C ILE E 283 8.30 -24.64 -17.66
N VAL E 284 7.08 -25.14 -17.83
CA VAL E 284 6.02 -24.38 -18.49
C VAL E 284 4.76 -24.40 -17.63
N GLY E 297 9.68 -21.95 -21.28
CA GLY E 297 8.34 -21.69 -21.77
C GLY E 297 8.28 -21.50 -23.27
N ASN E 298 8.38 -20.24 -23.71
CA ASN E 298 8.40 -19.92 -25.14
C ASN E 298 9.65 -20.40 -25.84
N MET E 299 10.53 -21.11 -25.13
CA MET E 299 11.81 -21.52 -25.69
C MET E 299 11.77 -22.92 -26.28
N ILE E 300 10.77 -23.72 -25.91
CA ILE E 300 10.65 -25.08 -26.43
C ILE E 300 9.57 -25.22 -27.48
N LYS E 301 8.66 -24.25 -27.60
CA LYS E 301 7.63 -24.35 -28.64
C LYS E 301 8.17 -24.19 -30.05
N PRO E 302 9.04 -23.22 -30.35
CA PRO E 302 9.65 -23.21 -31.68
C PRO E 302 10.46 -24.45 -31.98
N MET E 303 11.02 -25.09 -30.95
CA MET E 303 11.71 -26.36 -31.17
C MET E 303 10.71 -27.48 -31.41
N LEU E 304 9.53 -27.40 -30.78
CA LEU E 304 8.62 -28.53 -30.75
C LEU E 304 7.74 -28.57 -31.99
N ALA E 305 7.28 -27.42 -32.45
CA ALA E 305 6.45 -27.39 -33.64
C ALA E 305 7.33 -27.46 -34.89
N ARG E 306 8.27 -28.39 -34.90
CA ARG E 306 9.08 -28.68 -36.08
C ARG E 306 9.30 -30.16 -36.33
N GLY E 307 9.18 -31.01 -35.32
CA GLY E 307 9.22 -32.45 -35.53
C GLY E 307 10.60 -33.07 -35.48
N GLU E 308 11.39 -32.76 -34.46
CA GLU E 308 12.70 -33.38 -34.33
C GLU E 308 12.89 -33.99 -32.95
N LEU E 309 12.15 -33.48 -31.95
CA LEU E 309 12.23 -33.99 -30.60
C LEU E 309 10.88 -34.52 -30.16
N ARG E 310 10.91 -35.44 -29.19
CA ARG E 310 9.71 -36.04 -28.63
C ARG E 310 9.85 -36.04 -27.11
N LEU E 311 9.07 -35.22 -26.42
CA LEU E 311 9.11 -35.15 -24.97
C LEU E 311 7.89 -35.83 -24.38
N VAL E 312 8.13 -36.65 -23.36
CA VAL E 312 7.07 -37.35 -22.64
C VAL E 312 7.10 -36.86 -21.19
N GLY E 313 6.13 -36.04 -20.83
CA GLY E 313 6.12 -35.43 -19.51
C GLY E 313 5.18 -36.10 -18.53
N ALA E 314 5.00 -35.48 -17.37
CA ALA E 314 4.15 -36.01 -16.33
C ALA E 314 3.93 -34.94 -15.27
N THR E 315 2.73 -34.93 -14.68
CA THR E 315 2.38 -34.00 -13.63
C THR E 315 1.06 -34.47 -13.02
N THR E 316 0.50 -33.68 -12.11
CA THR E 316 -0.77 -33.98 -11.47
C THR E 316 -1.89 -33.21 -12.14
N LEU E 317 -3.12 -33.56 -11.78
CA LEU E 317 -4.29 -33.07 -12.51
C LEU E 317 -4.49 -31.57 -12.31
N ASP E 318 -4.70 -31.15 -11.06
CA ASP E 318 -4.97 -29.74 -10.81
C ASP E 318 -3.77 -28.86 -11.17
N GLU E 319 -2.55 -29.35 -10.89
CA GLU E 319 -1.35 -28.62 -11.27
C GLU E 319 -1.28 -28.40 -12.77
N TYR E 320 -1.49 -29.48 -13.54
CA TYR E 320 -1.54 -29.36 -15.00
C TYR E 320 -2.60 -28.36 -15.42
N ARG E 321 -3.77 -28.41 -14.77
CA ARG E 321 -4.83 -27.46 -15.06
C ARG E 321 -4.41 -26.02 -14.77
N LYS E 322 -3.32 -25.82 -14.04
CA LYS E 322 -2.85 -24.49 -13.69
C LYS E 322 -1.82 -23.96 -14.69
N HIS E 323 -0.70 -24.65 -14.83
CA HIS E 323 0.41 -24.14 -15.60
C HIS E 323 0.29 -24.41 -17.10
N ILE E 324 -0.64 -25.25 -17.53
CA ILE E 324 -0.77 -25.61 -18.94
C ILE E 324 -2.11 -25.19 -19.51
N GLU E 325 -2.84 -24.32 -18.83
CA GLU E 325 -4.11 -23.85 -19.35
C GLU E 325 -4.20 -22.34 -19.43
N LYS E 326 -3.66 -21.61 -18.45
CA LYS E 326 -3.81 -20.17 -18.43
C LYS E 326 -2.73 -19.47 -19.25
N ASP E 327 -1.45 -19.79 -18.97
CA ASP E 327 -0.33 -19.12 -19.60
C ASP E 327 0.30 -19.96 -20.70
N ALA E 328 -0.32 -21.08 -21.07
CA ALA E 328 0.30 -22.00 -22.00
C ALA E 328 0.12 -21.58 -23.46
N ALA E 329 -1.13 -21.54 -23.94
CA ALA E 329 -1.45 -21.49 -25.36
C ALA E 329 -0.75 -22.60 -26.14
N LEU E 330 -0.27 -23.63 -25.44
CA LEU E 330 0.48 -24.73 -25.99
C LEU E 330 -0.29 -26.04 -25.92
N GLU E 331 -1.37 -26.10 -25.14
CA GLU E 331 -2.17 -27.29 -24.91
C GLU E 331 -2.65 -27.93 -26.20
N ARG E 332 -2.58 -27.21 -27.31
CA ARG E 332 -2.90 -27.76 -28.62
C ARG E 332 -1.87 -28.76 -29.11
N ARG E 333 -0.74 -28.90 -28.41
CA ARG E 333 0.28 -29.86 -28.83
C ARG E 333 0.63 -30.82 -27.71
N PHE E 334 -0.27 -31.03 -26.75
CA PHE E 334 -0.08 -31.95 -25.64
C PHE E 334 -1.31 -32.83 -25.50
N GLN E 335 -1.09 -34.14 -25.39
CA GLN E 335 -2.17 -35.10 -25.26
C GLN E 335 -2.18 -35.67 -23.85
N GLN E 336 -3.33 -35.62 -23.20
CA GLN E 336 -3.45 -36.06 -21.82
C GLN E 336 -3.63 -37.57 -21.74
N VAL E 337 -3.09 -38.17 -20.69
CA VAL E 337 -3.27 -39.58 -20.38
C VAL E 337 -3.57 -39.68 -18.90
N TYR E 338 -4.61 -40.45 -18.54
CA TYR E 338 -5.09 -40.50 -17.17
C TYR E 338 -4.73 -41.83 -16.51
N VAL E 339 -4.18 -41.73 -15.29
CA VAL E 339 -3.90 -42.90 -14.45
C VAL E 339 -4.38 -42.55 -13.04
N GLY E 340 -5.61 -42.97 -12.72
CA GLY E 340 -6.20 -42.55 -11.47
C GLY E 340 -5.58 -43.17 -10.23
N GLU E 341 -5.82 -44.46 -10.01
CA GLU E 341 -5.25 -45.17 -8.87
C GLU E 341 -5.56 -46.67 -9.00
N PRO E 342 -4.66 -47.55 -8.63
CA PRO E 342 -4.99 -48.98 -8.58
C PRO E 342 -5.91 -49.26 -7.41
N SER E 343 -6.52 -50.44 -7.46
CA SER E 343 -7.42 -50.85 -6.39
C SER E 343 -6.71 -51.78 -5.41
N VAL E 344 -7.45 -52.22 -4.40
CA VAL E 344 -6.88 -53.10 -3.38
C VAL E 344 -6.39 -54.40 -4.02
N GLU E 345 -7.25 -55.05 -4.80
CA GLU E 345 -6.89 -56.30 -5.45
C GLU E 345 -5.69 -56.13 -6.37
N ASP E 346 -5.54 -54.97 -7.00
CA ASP E 346 -4.41 -54.75 -7.90
C ASP E 346 -3.12 -54.50 -7.14
N THR E 347 -3.15 -53.64 -6.12
CA THR E 347 -1.94 -53.43 -5.34
C THR E 347 -1.53 -54.69 -4.59
N ILE E 348 -2.47 -55.60 -4.32
CA ILE E 348 -2.10 -56.89 -3.75
C ILE E 348 -1.25 -57.68 -4.74
N GLY E 349 -1.69 -57.73 -6.00
CA GLY E 349 -0.87 -58.37 -7.02
C GLY E 349 0.48 -57.70 -7.17
N ILE E 350 0.50 -56.37 -7.07
CA ILE E 350 1.76 -55.63 -7.17
C ILE E 350 2.71 -56.06 -6.05
N LEU E 351 2.22 -56.06 -4.82
CA LEU E 351 3.02 -56.50 -3.69
C LEU E 351 3.54 -57.91 -3.89
N ARG E 352 2.63 -58.86 -4.14
CA ARG E 352 3.05 -60.25 -4.27
C ARG E 352 3.96 -60.47 -5.47
N GLY E 353 3.99 -59.55 -6.43
CA GLY E 353 5.01 -59.59 -7.45
C GLY E 353 6.33 -59.08 -6.92
N LEU E 354 6.29 -58.00 -6.16
CA LEU E 354 7.48 -57.38 -5.61
C LEU E 354 7.71 -57.82 -4.15
N LYS E 355 8.00 -59.11 -3.97
CA LYS E 355 8.24 -59.67 -2.65
C LYS E 355 9.63 -60.25 -2.50
N ASP E 356 10.12 -60.96 -3.53
CA ASP E 356 11.41 -61.63 -3.43
C ASP E 356 12.56 -60.65 -3.23
N ARG E 357 12.50 -59.48 -3.86
CA ARG E 357 13.57 -58.49 -3.74
C ARG E 357 13.87 -58.17 -2.28
N TYR E 358 12.83 -58.03 -1.46
CA TYR E 358 13.05 -57.75 -0.05
C TYR E 358 13.41 -59.02 0.72
N GLU E 359 12.88 -60.17 0.30
CA GLU E 359 13.25 -61.44 0.94
C GLU E 359 14.71 -61.78 0.73
N VAL E 360 15.43 -61.04 -0.11
CA VAL E 360 16.87 -61.11 -0.14
C VAL E 360 17.51 -59.84 0.42
N HIS E 361 16.81 -58.70 0.36
CA HIS E 361 17.34 -57.49 0.98
C HIS E 361 17.51 -57.68 2.48
N HIS E 362 16.39 -57.81 3.21
CA HIS E 362 16.48 -58.29 4.60
C HIS E 362 16.48 -59.81 4.61
N GLY E 363 15.34 -60.40 4.26
CA GLY E 363 15.16 -61.83 4.24
C GLY E 363 14.56 -62.24 5.56
N VAL E 364 13.24 -62.33 5.68
CA VAL E 364 12.66 -62.83 6.92
C VAL E 364 11.66 -63.95 6.62
N ARG E 365 10.50 -63.57 6.10
CA ARG E 365 9.47 -64.40 5.48
C ARG E 365 8.31 -63.46 5.18
N ILE E 366 7.43 -63.89 4.27
CA ILE E 366 6.28 -63.09 3.88
C ILE E 366 5.03 -63.95 3.93
N THR E 367 3.91 -63.35 4.30
CA THR E 367 2.62 -64.02 4.34
C THR E 367 1.57 -63.22 3.58
N ASP E 368 0.79 -63.93 2.76
CA ASP E 368 -0.30 -63.28 2.02
C ASP E 368 -1.25 -62.57 2.97
N SER E 369 -1.45 -63.11 4.17
CA SER E 369 -2.26 -62.42 5.16
C SER E 369 -1.66 -61.06 5.49
N ALA E 370 -0.33 -61.01 5.68
CA ALA E 370 0.33 -59.73 5.94
C ALA E 370 0.17 -58.78 4.77
N LEU E 371 0.36 -59.28 3.55
CA LEU E 371 0.22 -58.41 2.38
C LEU E 371 -1.18 -57.81 2.30
N VAL E 372 -2.21 -58.64 2.38
CA VAL E 372 -3.57 -58.13 2.24
C VAL E 372 -3.92 -57.24 3.42
N ALA E 373 -3.42 -57.54 4.62
CA ALA E 373 -3.69 -56.70 5.77
C ALA E 373 -3.08 -55.32 5.58
N ALA E 374 -1.83 -55.27 5.13
CA ALA E 374 -1.20 -53.99 4.82
C ALA E 374 -2.02 -53.21 3.80
N ALA E 375 -2.43 -53.88 2.72
CA ALA E 375 -3.18 -53.20 1.67
C ALA E 375 -4.47 -52.59 2.22
N THR E 376 -5.32 -53.42 2.82
CA THR E 376 -6.60 -52.93 3.31
C THR E 376 -6.44 -51.87 4.40
N LEU E 377 -5.53 -52.09 5.35
CA LEU E 377 -5.38 -51.15 6.45
C LEU E 377 -4.85 -49.81 5.97
N SER E 378 -3.86 -49.82 5.06
CA SER E 378 -3.37 -48.57 4.50
C SER E 378 -4.49 -47.85 3.76
N ASP E 379 -5.18 -48.56 2.86
CA ASP E 379 -6.29 -47.98 2.13
C ASP E 379 -7.31 -47.34 3.05
N ARG E 380 -7.65 -48.01 4.15
CA ARG E 380 -8.74 -47.53 4.99
C ARG E 380 -8.30 -46.39 5.90
N TYR E 381 -7.12 -46.50 6.51
CA TYR E 381 -6.77 -45.58 7.59
C TYR E 381 -5.66 -44.59 7.27
N ILE E 382 -4.72 -44.92 6.38
CA ILE E 382 -3.72 -43.96 5.96
C ILE E 382 -4.33 -43.20 4.79
N THR E 383 -5.12 -42.18 5.11
CA THR E 383 -5.91 -41.45 4.11
C THR E 383 -5.18 -40.22 3.58
N ALA E 384 -3.85 -40.21 3.65
CA ALA E 384 -3.06 -39.10 3.14
C ALA E 384 -2.30 -39.47 1.88
N ARG E 385 -1.55 -40.57 1.90
CA ARG E 385 -0.81 -41.07 0.76
C ARG E 385 -1.68 -42.02 -0.05
N PHE E 386 -1.11 -42.56 -1.13
CA PHE E 386 -1.87 -43.36 -2.08
C PHE E 386 -1.27 -44.76 -2.18
N LEU E 387 -1.95 -45.60 -2.95
CA LEU E 387 -1.86 -47.05 -2.74
C LEU E 387 -0.53 -47.66 -3.16
N PRO E 388 -0.09 -47.54 -4.42
CA PRO E 388 1.02 -48.41 -4.86
C PRO E 388 2.33 -48.15 -4.15
N ASP E 389 2.57 -46.92 -3.68
CA ASP E 389 3.75 -46.64 -2.88
C ASP E 389 3.47 -46.71 -1.39
N LYS E 390 2.26 -46.38 -0.97
CA LYS E 390 1.89 -46.44 0.44
C LYS E 390 2.01 -47.87 0.98
N ALA E 391 1.53 -48.85 0.22
CA ALA E 391 1.63 -50.23 0.69
C ALA E 391 3.07 -50.69 0.79
N ILE E 392 3.88 -50.38 -0.22
CA ILE E 392 5.28 -50.78 -0.21
C ILE E 392 6.01 -50.14 0.97
N ASP E 393 5.69 -48.88 1.27
CA ASP E 393 6.33 -48.21 2.40
C ASP E 393 6.09 -48.97 3.70
N LEU E 394 4.83 -49.26 4.01
CA LEU E 394 4.51 -49.97 5.25
C LEU E 394 5.15 -51.35 5.27
N VAL E 395 5.09 -52.07 4.15
CA VAL E 395 5.64 -53.43 4.14
C VAL E 395 7.14 -53.39 4.41
N ASP E 396 7.86 -52.50 3.72
CA ASP E 396 9.30 -52.42 3.92
C ASP E 396 9.65 -51.95 5.32
N GLU E 397 8.84 -51.05 5.88
CA GLU E 397 9.10 -50.57 7.24
C GLU E 397 8.95 -51.71 8.25
N ALA E 398 7.88 -52.48 8.13
CA ALA E 398 7.69 -53.61 9.05
C ALA E 398 8.80 -54.65 8.88
N ALA E 399 9.21 -54.90 7.63
CA ALA E 399 10.30 -55.86 7.42
C ALA E 399 11.61 -55.36 8.05
N SER E 400 11.90 -54.07 7.90
CA SER E 400 13.13 -53.54 8.48
C SER E 400 13.07 -53.56 10.01
N ARG E 401 11.90 -53.26 10.57
CA ARG E 401 11.76 -53.32 12.02
C ARG E 401 11.96 -54.74 12.53
N LEU E 402 11.44 -55.73 11.80
CA LEU E 402 11.56 -57.10 12.27
C LEU E 402 12.95 -57.67 11.98
N ARG E 403 13.71 -57.04 11.08
CA ARG E 403 15.11 -57.41 10.94
C ARG E 403 15.94 -56.79 12.06
N MET E 404 15.59 -55.57 12.48
CA MET E 404 16.29 -54.92 13.58
C MET E 404 15.92 -55.51 14.94
N GLU E 405 14.75 -56.14 15.05
CA GLU E 405 14.28 -56.68 16.31
C GLU E 405 15.19 -57.76 16.89
N ILE E 406 16.10 -58.30 16.08
CA ILE E 406 16.93 -59.43 16.52
C ILE E 406 18.08 -58.92 17.38
N ASP E 407 18.06 -57.63 17.71
CA ASP E 407 19.06 -57.05 18.60
C ASP E 407 19.00 -57.68 19.98
N LYS E 530 10.61 -64.94 15.96
CA LYS E 530 9.68 -64.33 15.02
C LYS E 530 10.35 -64.06 13.67
N GLU E 531 10.47 -65.11 12.87
CA GLU E 531 11.13 -65.06 11.57
C GLU E 531 10.14 -64.85 10.42
N GLU E 532 9.06 -64.12 10.67
CA GLU E 532 8.06 -63.87 9.64
C GLU E 532 7.33 -62.58 9.94
N VAL E 533 6.71 -62.01 8.91
CA VAL E 533 5.83 -60.85 9.06
C VAL E 533 4.39 -61.33 8.92
N GLY E 534 3.51 -60.77 9.75
CA GLY E 534 2.14 -61.19 9.78
C GLY E 534 1.19 -60.01 9.98
N PRO E 535 -0.11 -60.30 10.01
CA PRO E 535 -1.09 -59.20 10.13
C PRO E 535 -0.90 -58.34 11.36
N ASP E 536 -0.63 -58.95 12.51
CA ASP E 536 -0.30 -58.17 13.70
C ASP E 536 1.01 -57.44 13.52
N ASP E 537 1.98 -58.09 12.88
CA ASP E 537 3.28 -57.50 12.61
C ASP E 537 3.20 -56.26 11.74
N ILE E 538 2.03 -55.95 11.20
CA ILE E 538 1.80 -54.74 10.43
C ILE E 538 0.82 -53.82 11.13
N ALA E 539 -0.19 -54.38 11.80
CA ALA E 539 -1.11 -53.57 12.58
C ALA E 539 -0.39 -52.81 13.68
N ASP E 540 0.66 -53.40 14.25
CA ASP E 540 1.45 -52.67 15.23
C ASP E 540 2.09 -51.43 14.61
N VAL E 541 2.60 -51.56 13.39
CA VAL E 541 3.21 -50.42 12.71
C VAL E 541 2.15 -49.36 12.40
N VAL E 542 0.98 -49.78 11.94
CA VAL E 542 -0.08 -48.82 11.63
C VAL E 542 -0.54 -48.10 12.90
N SER E 543 -0.59 -48.81 14.02
CA SER E 543 -0.95 -48.18 15.28
C SER E 543 0.10 -47.17 15.70
N ALA E 544 1.37 -47.57 15.69
CA ALA E 544 2.45 -46.64 15.98
C ALA E 544 2.42 -45.43 15.07
N TRP E 545 1.93 -45.59 13.84
CA TRP E 545 1.90 -44.47 12.90
C TRP E 545 0.76 -43.52 13.20
N THR E 546 -0.47 -44.02 13.28
CA THR E 546 -1.62 -43.12 13.38
C THR E 546 -1.85 -42.66 14.82
N GLY E 547 -1.73 -43.57 15.77
CA GLY E 547 -2.05 -43.27 17.16
C GLY E 547 -3.12 -44.20 17.70
N ILE E 548 -3.99 -44.67 16.83
CA ILE E 548 -5.07 -45.59 17.27
C ILE E 548 -4.46 -46.96 17.52
N PRO E 549 -4.74 -47.59 18.65
CA PRO E 549 -4.05 -48.85 18.99
C PRO E 549 -4.44 -49.99 18.07
N ALA E 550 -3.71 -51.09 18.19
CA ALA E 550 -3.92 -52.27 17.36
C ALA E 550 -5.24 -52.95 17.64
N GLY E 551 -5.87 -52.69 18.77
CA GLY E 551 -7.11 -53.36 19.11
C GLY E 551 -8.26 -52.98 18.21
N ARG E 552 -8.62 -51.70 18.21
CA ARG E 552 -9.72 -51.21 17.38
C ARG E 552 -9.44 -51.38 15.90
N LEU E 553 -8.20 -51.62 15.50
CA LEU E 553 -7.86 -51.84 14.10
C LEU E 553 -8.10 -53.29 13.72
N LEU E 554 -9.32 -53.76 13.92
CA LEU E 554 -9.72 -55.12 13.57
C LEU E 554 -11.15 -55.04 13.03
N GLU E 555 -11.83 -56.19 12.97
CA GLU E 555 -13.20 -56.27 12.48
C GLU E 555 -14.06 -55.13 13.01
N GLY E 556 -14.72 -54.43 12.10
CA GLY E 556 -15.39 -53.19 12.43
C GLY E 556 -16.90 -53.25 12.49
N GLU E 557 -17.47 -54.45 12.54
CA GLU E 557 -18.92 -54.59 12.65
C GLU E 557 -19.34 -55.20 13.96
N THR E 558 -18.88 -56.42 14.27
CA THR E 558 -19.36 -57.09 15.48
C THR E 558 -18.72 -56.51 16.73
N ALA E 559 -17.39 -56.50 16.77
CA ALA E 559 -16.67 -55.98 17.94
C ALA E 559 -16.88 -54.49 18.14
N LYS E 560 -17.50 -53.81 17.19
CA LYS E 560 -17.87 -52.40 17.33
C LYS E 560 -19.31 -52.23 17.78
N LEU E 561 -20.24 -52.84 17.05
CA LEU E 561 -21.65 -52.72 17.40
C LEU E 561 -21.98 -53.44 18.69
N LEU E 562 -21.04 -54.22 19.22
CA LEU E 562 -21.20 -54.74 20.57
C LEU E 562 -20.59 -53.84 21.63
N ARG E 563 -19.84 -52.82 21.23
CA ARG E 563 -19.29 -51.84 22.15
C ARG E 563 -20.25 -50.70 22.45
N MET E 564 -21.52 -50.81 22.05
CA MET E 564 -22.51 -49.77 22.27
C MET E 564 -22.93 -49.73 23.73
N GLU E 565 -22.20 -50.45 24.57
CA GLU E 565 -22.44 -50.53 26.00
C GLU E 565 -21.99 -49.27 26.70
N ASP E 566 -21.76 -49.36 28.01
CA ASP E 566 -21.41 -48.25 28.89
C ASP E 566 -20.28 -47.38 28.32
N GLU E 567 -19.58 -47.86 27.28
CA GLU E 567 -18.67 -46.99 26.55
C GLU E 567 -19.32 -45.65 26.21
N LEU E 568 -20.64 -45.66 25.96
CA LEU E 568 -21.39 -44.41 25.96
C LEU E 568 -21.56 -43.89 27.39
N GLY E 569 -22.01 -44.76 28.30
CA GLY E 569 -22.24 -44.37 29.68
C GLY E 569 -20.98 -43.97 30.44
N LYS E 570 -19.82 -44.10 29.79
CA LYS E 570 -18.60 -43.56 30.38
C LYS E 570 -18.58 -42.05 30.29
N ARG E 571 -19.31 -41.48 29.32
CA ARG E 571 -19.42 -40.04 29.15
C ARG E 571 -20.80 -39.52 29.53
N VAL E 572 -21.85 -40.25 29.21
CA VAL E 572 -23.20 -39.90 29.66
C VAL E 572 -23.48 -40.66 30.95
N ILE E 573 -24.36 -40.11 31.77
CA ILE E 573 -24.70 -40.71 33.06
C ILE E 573 -26.21 -40.88 33.13
N GLY E 574 -26.64 -42.06 33.57
CA GLY E 574 -28.06 -42.34 33.53
C GLY E 574 -28.54 -42.45 32.10
N GLN E 575 -29.86 -42.35 31.94
CA GLN E 575 -30.51 -42.39 30.62
C GLN E 575 -30.14 -43.67 29.86
N LYS E 576 -29.86 -44.74 30.62
CA LYS E 576 -29.50 -46.01 30.01
C LYS E 576 -30.56 -46.51 29.04
N ALA E 577 -31.83 -46.22 29.32
CA ALA E 577 -32.89 -46.58 28.38
C ALA E 577 -32.68 -45.88 27.05
N ALA E 578 -32.40 -44.58 27.08
CA ALA E 578 -32.16 -43.84 25.85
C ALA E 578 -30.93 -44.37 25.13
N VAL E 579 -29.87 -44.66 25.87
CA VAL E 579 -28.66 -45.19 25.24
C VAL E 579 -28.95 -46.53 24.59
N THR E 580 -29.75 -47.37 25.23
CA THR E 580 -30.07 -48.67 24.65
C THR E 580 -30.91 -48.52 23.39
N ALA E 581 -31.92 -47.65 23.42
CA ALA E 581 -32.75 -47.44 22.25
C ALA E 581 -31.92 -46.92 21.08
N VAL E 582 -31.08 -45.91 21.34
CA VAL E 582 -30.25 -45.34 20.28
C VAL E 582 -29.27 -46.38 19.75
N SER E 583 -28.71 -47.20 20.64
CA SER E 583 -27.77 -48.22 20.20
C SER E 583 -28.46 -49.24 19.30
N ASP E 584 -29.67 -49.66 19.66
CA ASP E 584 -30.40 -50.58 18.80
C ASP E 584 -30.70 -49.95 17.45
N ALA E 585 -31.06 -48.66 17.46
CA ALA E 585 -31.38 -47.97 16.22
C ALA E 585 -30.16 -47.91 15.31
N VAL E 586 -28.98 -47.64 15.88
CA VAL E 586 -27.78 -47.56 15.04
C VAL E 586 -27.31 -48.95 14.62
N ARG E 587 -27.52 -49.96 15.45
CA ARG E 587 -27.14 -51.32 15.07
C ARG E 587 -27.97 -51.81 13.89
N ARG E 588 -29.30 -51.72 14.02
CA ARG E 588 -30.16 -52.22 12.95
C ARG E 588 -30.06 -51.37 11.68
N SER E 589 -29.60 -50.13 11.78
CA SER E 589 -29.55 -49.27 10.61
C SER E 589 -28.43 -49.67 9.65
N ARG E 590 -27.29 -50.12 10.17
CA ARG E 590 -26.19 -50.55 9.34
C ARG E 590 -26.20 -52.06 9.09
N ALA E 591 -27.36 -52.70 9.21
CA ALA E 591 -27.44 -54.14 8.95
C ALA E 591 -27.17 -54.43 7.48
N GLY E 592 -27.88 -53.75 6.58
CA GLY E 592 -27.73 -53.98 5.16
C GLY E 592 -29.02 -54.34 4.48
N VAL E 593 -30.14 -53.95 5.07
CA VAL E 593 -31.45 -54.17 4.46
C VAL E 593 -32.26 -52.90 4.31
N SER E 594 -31.89 -51.79 4.95
CA SER E 594 -32.60 -50.54 4.77
C SER E 594 -32.23 -49.93 3.42
N ASP E 595 -33.05 -48.98 2.99
CA ASP E 595 -32.84 -48.34 1.70
C ASP E 595 -31.53 -47.55 1.71
N PRO E 596 -30.82 -47.48 0.57
CA PRO E 596 -29.48 -46.86 0.57
C PRO E 596 -29.51 -45.34 0.52
N ASN E 597 -30.67 -44.71 0.64
CA ASN E 597 -30.80 -43.26 0.59
C ASN E 597 -31.64 -42.79 1.77
N ARG E 598 -30.97 -42.62 2.91
CA ARG E 598 -31.61 -42.23 4.16
C ARG E 598 -30.53 -41.86 5.18
N PRO E 599 -30.77 -40.88 6.04
CA PRO E 599 -29.83 -40.61 7.13
C PRO E 599 -29.63 -41.85 7.99
N THR E 600 -28.43 -41.97 8.56
CA THR E 600 -28.12 -43.10 9.43
C THR E 600 -28.91 -43.07 10.74
N GLY E 601 -29.73 -42.04 10.95
CA GLY E 601 -30.59 -41.97 12.11
C GLY E 601 -31.26 -40.62 12.18
N ALA E 602 -32.56 -40.60 12.46
CA ALA E 602 -33.35 -39.37 12.44
C ALA E 602 -34.22 -39.29 13.67
N PHE E 603 -33.63 -39.55 14.83
CA PHE E 603 -34.36 -39.52 16.09
C PHE E 603 -34.14 -38.19 16.79
N MET E 604 -35.04 -37.89 17.73
CA MET E 604 -34.98 -36.65 18.48
C MET E 604 -35.30 -36.93 19.94
N PHE E 605 -34.80 -36.05 20.81
CA PHE E 605 -35.03 -36.18 22.24
C PHE E 605 -35.17 -34.80 22.87
N LEU E 606 -36.13 -34.67 23.76
CA LEU E 606 -36.55 -33.40 24.30
C LEU E 606 -36.72 -33.51 25.81
N GLY E 607 -37.28 -32.46 26.41
CA GLY E 607 -37.60 -32.47 27.81
C GLY E 607 -36.79 -31.46 28.61
N PRO E 608 -36.40 -31.85 29.82
CA PRO E 608 -35.62 -30.93 30.66
C PRO E 608 -34.21 -30.73 30.13
N THR E 609 -33.69 -29.54 30.34
CA THR E 609 -32.34 -29.21 29.91
C THR E 609 -31.33 -29.57 30.99
N GLY E 610 -30.06 -29.35 30.68
CA GLY E 610 -28.98 -29.57 31.64
C GLY E 610 -28.79 -31.00 32.07
N VAL E 611 -29.59 -31.92 31.51
CA VAL E 611 -29.46 -33.34 31.82
C VAL E 611 -28.39 -34.01 30.99
N GLY E 612 -27.81 -33.30 30.02
CA GLY E 612 -26.79 -33.87 29.17
C GLY E 612 -27.33 -34.24 27.79
N LYS E 613 -28.36 -33.52 27.35
CA LYS E 613 -28.94 -33.79 26.03
C LYS E 613 -27.88 -33.74 24.95
N THR E 614 -27.12 -32.64 24.89
CA THR E 614 -26.02 -32.56 23.94
C THR E 614 -24.94 -33.59 24.25
N GLU E 615 -24.61 -33.77 25.54
CA GLU E 615 -23.52 -34.65 25.94
C GLU E 615 -23.66 -36.04 25.33
N LEU E 616 -24.89 -36.56 25.26
CA LEU E 616 -25.11 -37.82 24.55
C LEU E 616 -24.59 -37.75 23.13
N ALA E 617 -24.93 -36.67 22.41
CA ALA E 617 -24.51 -36.55 21.02
C ALA E 617 -23.00 -36.38 20.90
N LYS E 618 -22.41 -35.58 21.78
CA LYS E 618 -20.96 -35.41 21.76
C LYS E 618 -20.24 -36.73 21.98
N ALA E 619 -20.74 -37.56 22.90
CA ALA E 619 -20.13 -38.86 23.10
C ALA E 619 -20.42 -39.80 21.93
N LEU E 620 -21.60 -39.64 21.32
CA LEU E 620 -21.97 -40.50 20.20
C LEU E 620 -21.05 -40.28 19.00
N ALA E 621 -20.87 -39.02 18.61
CA ALA E 621 -19.94 -38.72 17.52
C ALA E 621 -18.52 -39.12 17.87
N ASP E 622 -18.14 -39.01 19.15
CA ASP E 622 -16.81 -39.42 19.57
C ASP E 622 -16.59 -40.90 19.31
N PHE E 623 -17.53 -41.75 19.71
CA PHE E 623 -17.35 -43.18 19.57
C PHE E 623 -17.35 -43.62 18.11
N LEU E 624 -18.22 -43.03 17.30
CA LEU E 624 -18.40 -43.50 15.92
C LEU E 624 -17.36 -42.90 14.97
N PHE E 625 -17.30 -41.58 14.91
CA PHE E 625 -16.42 -40.90 13.97
C PHE E 625 -15.08 -40.51 14.59
N ASP E 626 -14.75 -41.05 15.76
CA ASP E 626 -13.45 -40.87 16.40
C ASP E 626 -13.16 -39.41 16.74
N ASP E 627 -14.20 -38.61 16.94
CA ASP E 627 -14.01 -37.21 17.29
C ASP E 627 -15.30 -36.67 17.87
N GLU E 628 -15.17 -35.87 18.92
CA GLU E 628 -16.30 -35.15 19.49
C GLU E 628 -16.40 -33.73 18.96
N ARG E 629 -15.39 -33.25 18.24
CA ARG E 629 -15.50 -31.97 17.54
C ARG E 629 -16.06 -32.17 16.14
N ALA E 630 -17.17 -32.89 16.05
CA ALA E 630 -17.81 -33.19 14.79
C ALA E 630 -19.24 -32.71 14.70
N MET E 631 -20.03 -32.82 15.78
CA MET E 631 -21.39 -32.32 15.76
C MET E 631 -21.40 -30.83 15.46
N VAL E 632 -22.45 -30.40 14.77
CA VAL E 632 -22.62 -29.00 14.40
C VAL E 632 -24.00 -28.56 14.89
N ARG E 633 -24.02 -27.58 15.79
CA ARG E 633 -25.26 -27.09 16.36
C ARG E 633 -25.69 -25.85 15.58
N ILE E 634 -26.90 -25.89 15.05
CA ILE E 634 -27.49 -24.75 14.35
C ILE E 634 -28.80 -24.43 15.05
N ASP E 635 -28.85 -23.29 15.73
CA ASP E 635 -30.02 -22.94 16.51
C ASP E 635 -31.20 -22.63 15.60
N MET E 636 -32.37 -23.14 15.95
CA MET E 636 -33.60 -22.79 15.24
C MET E 636 -34.28 -21.59 15.90
N SER E 637 -33.51 -20.54 16.14
CA SER E 637 -34.05 -19.30 16.68
C SER E 637 -34.20 -18.20 15.66
N GLU E 638 -33.14 -17.89 14.91
CA GLU E 638 -33.24 -16.88 13.86
C GLU E 638 -34.24 -17.31 12.79
N TYR E 639 -34.46 -18.62 12.66
CA TYR E 639 -35.34 -19.14 11.62
C TYR E 639 -36.80 -19.08 12.06
N GLY E 640 -37.20 -17.89 12.50
CA GLY E 640 -38.57 -17.64 12.89
C GLY E 640 -39.29 -16.77 11.88
N GLU E 641 -38.58 -16.40 10.83
CA GLU E 641 -39.11 -15.55 9.77
C GLU E 641 -39.22 -16.37 8.49
N LYS E 642 -40.19 -15.98 7.65
CA LYS E 642 -40.46 -16.73 6.43
C LYS E 642 -39.28 -16.69 5.47
N HIS E 643 -38.62 -15.54 5.37
CA HIS E 643 -37.56 -15.39 4.37
C HIS E 643 -36.25 -16.04 4.81
N THR E 644 -36.02 -16.14 6.11
CA THR E 644 -34.71 -16.55 6.61
C THR E 644 -34.45 -18.04 6.46
N VAL E 645 -35.39 -18.77 5.84
CA VAL E 645 -35.15 -20.19 5.61
C VAL E 645 -34.08 -20.39 4.56
N ALA E 646 -33.85 -19.39 3.70
CA ALA E 646 -32.79 -19.45 2.72
C ALA E 646 -31.42 -19.17 3.33
N ARG E 647 -31.33 -18.95 4.64
CA ARG E 647 -30.05 -18.72 5.25
C ARG E 647 -29.22 -20.00 5.34
N LEU E 648 -29.86 -21.13 5.60
CA LEU E 648 -29.14 -22.39 5.73
C LEU E 648 -28.84 -23.05 4.40
N ILE E 649 -29.17 -22.38 3.29
CA ILE E 649 -28.77 -22.84 1.96
C ILE E 649 -27.99 -21.74 1.25
N GLY E 650 -28.67 -20.63 0.96
CA GLY E 650 -28.09 -19.48 0.31
C GLY E 650 -28.38 -19.61 -1.16
N ALA E 651 -29.44 -18.97 -1.64
CA ALA E 651 -29.99 -19.43 -2.91
C ALA E 651 -29.22 -18.96 -4.14
N PRO E 652 -29.12 -17.65 -4.40
CA PRO E 652 -28.69 -17.23 -5.72
C PRO E 652 -27.20 -16.95 -5.76
N PRO E 653 -26.58 -17.09 -6.93
CA PRO E 653 -25.25 -16.53 -7.14
C PRO E 653 -25.34 -15.07 -7.56
N GLY E 654 -24.87 -14.17 -6.70
CA GLY E 654 -24.88 -12.76 -7.02
C GLY E 654 -25.65 -11.93 -6.03
N TYR E 655 -26.03 -12.51 -4.91
CA TYR E 655 -26.79 -11.83 -3.88
C TYR E 655 -26.00 -11.85 -2.57
N VAL E 656 -26.63 -11.36 -1.50
CA VAL E 656 -25.91 -11.04 -0.27
C VAL E 656 -25.16 -12.25 0.26
N GLY E 657 -25.89 -13.27 0.69
CA GLY E 657 -25.21 -14.47 1.15
C GLY E 657 -25.10 -15.52 0.07
N TYR E 658 -23.98 -15.50 -0.64
CA TYR E 658 -23.65 -16.57 -1.58
C TYR E 658 -22.33 -17.23 -1.24
N GLU E 659 -21.26 -16.44 -1.08
CA GLU E 659 -19.94 -17.01 -0.82
C GLU E 659 -19.88 -17.74 0.52
N ALA E 660 -20.64 -17.29 1.52
CA ALA E 660 -20.62 -17.96 2.81
C ALA E 660 -21.35 -19.29 2.78
N GLY E 661 -22.15 -19.56 1.75
CA GLY E 661 -22.91 -20.78 1.70
C GLY E 661 -23.96 -20.83 2.79
N GLY E 662 -24.71 -21.94 2.80
CA GLY E 662 -25.70 -22.15 3.83
C GLY E 662 -25.11 -22.67 5.11
N GLN E 663 -25.78 -22.36 6.22
CA GLN E 663 -25.30 -22.80 7.52
C GLN E 663 -25.24 -24.32 7.62
N LEU E 664 -26.20 -25.01 7.00
CA LEU E 664 -26.28 -26.45 7.10
C LEU E 664 -25.39 -27.17 6.09
N THR E 665 -25.45 -26.78 4.82
CA THR E 665 -24.77 -27.52 3.75
C THR E 665 -23.26 -27.34 3.78
N GLU E 666 -22.78 -26.10 3.78
CA GLU E 666 -21.34 -25.85 3.76
C GLU E 666 -20.63 -26.48 4.95
N ALA E 667 -21.36 -26.81 6.01
CA ALA E 667 -20.80 -27.53 7.14
C ALA E 667 -21.06 -29.03 7.06
N VAL E 668 -21.61 -29.51 5.95
CA VAL E 668 -21.89 -30.93 5.76
C VAL E 668 -21.19 -31.47 4.52
N ARG E 669 -21.22 -30.74 3.42
CA ARG E 669 -20.51 -31.16 2.21
C ARG E 669 -19.03 -31.39 2.47
N ARG E 670 -18.46 -30.66 3.43
CA ARG E 670 -17.18 -31.03 4.01
C ARG E 670 -17.46 -31.70 5.35
N ARG E 671 -16.67 -32.72 5.67
CA ARG E 671 -16.91 -33.57 6.82
C ARG E 671 -18.31 -34.18 6.74
N PRO E 672 -18.58 -35.06 5.77
CA PRO E 672 -19.92 -35.67 5.70
C PRO E 672 -20.09 -36.78 6.71
N TYR E 673 -19.69 -36.51 7.96
CA TYR E 673 -19.75 -37.49 9.04
C TYR E 673 -20.26 -36.84 10.32
N THR E 674 -20.78 -35.62 10.23
CA THR E 674 -21.11 -34.84 11.40
C THR E 674 -22.38 -35.38 12.04
N VAL E 675 -22.77 -34.78 13.17
CA VAL E 675 -24.02 -35.11 13.85
C VAL E 675 -24.75 -33.80 14.11
N VAL E 676 -25.65 -33.42 13.21
CA VAL E 676 -26.26 -32.11 13.26
C VAL E 676 -27.25 -32.04 14.42
N LEU E 677 -27.22 -30.94 15.15
CA LEU E 677 -28.18 -30.67 16.22
C LEU E 677 -29.12 -29.55 15.80
N PHE E 678 -30.30 -29.53 16.42
CA PHE E 678 -31.35 -28.58 16.09
C PHE E 678 -32.02 -28.13 17.38
N ASP E 679 -31.57 -27.02 17.94
CA ASP E 679 -32.13 -26.52 19.18
C ASP E 679 -33.52 -25.94 18.93
N GLU E 680 -34.39 -26.08 19.94
CA GLU E 680 -35.76 -25.56 19.93
C GLU E 680 -36.43 -25.72 18.56
N ILE E 681 -36.54 -26.97 18.13
CA ILE E 681 -37.15 -27.28 16.84
C ILE E 681 -38.60 -26.81 16.79
N GLU E 682 -39.20 -26.52 17.94
CA GLU E 682 -40.59 -26.09 17.97
C GLU E 682 -40.78 -24.64 17.53
N LYS E 683 -39.74 -23.80 17.63
CA LYS E 683 -39.86 -22.40 17.27
C LYS E 683 -39.54 -22.13 15.80
N ALA E 684 -38.99 -23.10 15.09
CA ALA E 684 -38.69 -22.92 13.68
C ALA E 684 -39.98 -22.81 12.87
N HIS E 685 -39.97 -21.90 11.90
CA HIS E 685 -41.17 -21.64 11.11
C HIS E 685 -41.60 -22.91 10.38
N PRO E 686 -42.90 -23.08 10.13
CA PRO E 686 -43.35 -24.30 9.44
C PRO E 686 -43.03 -24.28 7.95
N ASP E 687 -41.78 -23.94 7.61
CA ASP E 687 -41.26 -24.10 6.27
C ASP E 687 -39.94 -24.84 6.21
N VAL E 688 -39.10 -24.74 7.24
CA VAL E 688 -37.88 -25.54 7.31
C VAL E 688 -38.22 -27.02 7.41
N PHE E 689 -39.37 -27.35 8.01
CA PHE E 689 -39.77 -28.74 8.10
C PHE E 689 -39.90 -29.39 6.74
N ASP E 690 -40.20 -28.60 5.71
CA ASP E 690 -40.16 -29.12 4.34
C ASP E 690 -38.75 -29.52 3.95
N VAL E 691 -37.77 -28.68 4.27
CA VAL E 691 -36.37 -29.02 4.04
C VAL E 691 -36.03 -30.32 4.76
N LEU E 692 -36.39 -30.42 6.04
CA LEU E 692 -36.09 -31.63 6.80
C LEU E 692 -36.72 -32.85 6.16
N LEU E 693 -37.98 -32.73 5.76
CA LEU E 693 -38.64 -33.80 5.00
C LEU E 693 -37.78 -34.24 3.83
N GLN E 694 -37.37 -33.28 2.99
CA GLN E 694 -36.57 -33.63 1.82
C GLN E 694 -35.28 -34.33 2.24
N VAL E 695 -34.70 -33.93 3.37
CA VAL E 695 -33.49 -34.60 3.88
C VAL E 695 -33.79 -36.07 4.18
N LEU E 696 -34.73 -36.31 5.08
CA LEU E 696 -35.00 -37.67 5.54
C LEU E 696 -36.02 -38.40 4.68
N ASP E 697 -36.25 -37.94 3.45
CA ASP E 697 -36.94 -38.73 2.44
C ASP E 697 -36.04 -39.13 1.28
N GLU E 698 -34.90 -38.46 1.12
CA GLU E 698 -33.91 -38.82 0.12
C GLU E 698 -32.59 -38.21 0.57
N GLY E 699 -31.55 -39.04 0.64
CA GLY E 699 -30.30 -38.61 1.23
C GLY E 699 -29.49 -37.66 0.37
N ARG E 700 -30.07 -36.52 0.01
CA ARG E 700 -29.34 -35.50 -0.74
C ARG E 700 -30.08 -34.19 -0.64
N LEU E 701 -29.36 -33.11 -0.92
CA LEU E 701 -29.91 -31.77 -0.88
C LEU E 701 -29.10 -30.90 -1.82
N THR E 702 -29.62 -29.70 -2.10
CA THR E 702 -29.02 -28.80 -3.07
C THR E 702 -28.72 -27.46 -2.40
N ASP E 703 -27.46 -27.04 -2.47
CA ASP E 703 -27.07 -25.73 -1.98
C ASP E 703 -27.40 -24.68 -3.04
N GLY E 704 -26.86 -23.49 -2.90
CA GLY E 704 -27.08 -22.45 -3.89
C GLY E 704 -26.04 -22.45 -4.99
N HIS E 705 -24.80 -22.80 -4.65
CA HIS E 705 -23.75 -22.86 -5.64
C HIS E 705 -24.13 -23.79 -6.79
N GLY E 706 -24.97 -24.78 -6.52
CA GLY E 706 -25.37 -25.75 -7.51
C GLY E 706 -24.98 -27.16 -7.12
N ARG E 707 -24.09 -27.28 -6.14
CA ARG E 707 -23.59 -28.59 -5.71
C ARG E 707 -24.74 -29.45 -5.19
N THR E 708 -24.42 -30.72 -4.96
CA THR E 708 -25.33 -31.66 -4.31
C THR E 708 -24.64 -32.21 -3.07
N VAL E 709 -25.26 -31.99 -1.92
CA VAL E 709 -24.75 -32.50 -0.65
C VAL E 709 -25.47 -33.80 -0.33
N ASP E 710 -24.75 -34.74 0.28
CA ASP E 710 -25.25 -36.09 0.50
C ASP E 710 -25.39 -36.36 2.00
N PHE E 711 -26.48 -37.01 2.37
CA PHE E 711 -26.85 -37.21 3.77
C PHE E 711 -27.04 -38.68 4.13
N ARG E 712 -26.51 -39.60 3.35
CA ARG E 712 -26.83 -41.01 3.55
C ARG E 712 -25.97 -41.66 4.63
N ASN E 713 -25.02 -40.96 5.22
CA ASN E 713 -24.26 -41.49 6.34
C ASN E 713 -24.05 -40.41 7.41
N THR E 714 -25.10 -39.65 7.71
CA THR E 714 -25.08 -38.68 8.78
C THR E 714 -26.18 -39.02 9.79
N ILE E 715 -26.18 -38.30 10.91
CA ILE E 715 -27.10 -38.56 12.01
C ILE E 715 -27.79 -37.24 12.37
N LEU E 716 -29.11 -37.23 12.36
CA LEU E 716 -29.87 -36.06 12.73
C LEU E 716 -30.33 -36.16 14.18
N ILE E 717 -30.36 -35.02 14.85
CA ILE E 717 -30.80 -34.94 16.25
C ILE E 717 -31.53 -33.62 16.43
N LEU E 718 -32.80 -33.69 16.79
CA LEU E 718 -33.66 -32.51 16.88
C LEU E 718 -34.02 -32.28 18.34
N THR E 719 -33.16 -31.57 19.06
CA THR E 719 -33.43 -31.27 20.46
C THR E 719 -34.63 -30.33 20.58
N SER E 720 -35.09 -30.15 21.82
CA SER E 720 -36.24 -29.30 22.09
C SER E 720 -36.34 -29.07 23.58
N ASN E 721 -37.42 -28.41 23.98
CA ASN E 721 -37.71 -28.17 25.39
C ASN E 721 -39.19 -28.36 25.73
N LEU E 722 -39.96 -28.98 24.83
CA LEU E 722 -41.38 -29.20 25.08
C LEU E 722 -41.56 -30.21 26.21
N GLY E 723 -42.75 -30.18 26.82
CA GLY E 723 -43.07 -31.12 27.88
C GLY E 723 -42.63 -30.64 29.25
N SER E 724 -43.11 -29.46 29.65
CA SER E 724 -42.70 -28.89 30.93
C SER E 724 -43.59 -29.39 32.07
N GLY E 725 -44.83 -29.73 31.77
CA GLY E 725 -45.76 -30.14 32.81
C GLY E 725 -46.10 -31.62 32.81
N GLY E 726 -46.23 -32.21 31.63
CA GLY E 726 -46.62 -33.60 31.52
C GLY E 726 -45.48 -34.59 31.70
N SER E 727 -45.77 -35.75 32.29
CA SER E 727 -44.74 -36.76 32.49
C SER E 727 -44.54 -37.60 31.22
N ALA E 728 -45.56 -38.35 30.84
CA ALA E 728 -45.53 -39.08 29.58
C ALA E 728 -46.87 -39.07 28.86
N GLU E 729 -47.84 -38.27 29.30
CA GLU E 729 -49.20 -38.35 28.81
C GLU E 729 -49.54 -37.21 27.86
N GLN E 730 -49.23 -35.98 28.24
CA GLN E 730 -49.53 -34.82 27.40
C GLN E 730 -48.31 -34.33 26.62
N VAL E 731 -47.10 -34.77 26.99
CA VAL E 731 -45.93 -34.37 26.21
C VAL E 731 -46.01 -34.93 24.79
N LEU E 732 -46.41 -36.19 24.66
CA LEU E 732 -46.55 -36.77 23.33
C LEU E 732 -47.70 -36.13 22.57
N ALA E 733 -48.78 -35.77 23.25
CA ALA E 733 -49.89 -35.10 22.58
C ALA E 733 -49.49 -33.73 22.09
N ALA E 734 -48.70 -33.00 22.88
CA ALA E 734 -48.22 -31.69 22.46
C ALA E 734 -47.25 -31.80 21.29
N VAL E 735 -46.37 -32.82 21.33
CA VAL E 735 -45.48 -33.06 20.19
C VAL E 735 -46.22 -33.45 18.93
N ARG E 736 -47.30 -34.23 19.05
CA ARG E 736 -48.16 -34.54 17.92
C ARG E 736 -48.89 -33.32 17.38
N ALA E 737 -49.42 -32.47 18.27
CA ALA E 737 -50.22 -31.33 17.84
C ALA E 737 -49.39 -30.18 17.29
N THR E 738 -48.25 -29.86 17.90
CA THR E 738 -47.42 -28.76 17.44
C THR E 738 -46.78 -29.04 16.09
N PHE E 739 -46.08 -30.17 15.96
CA PHE E 739 -45.49 -30.56 14.69
C PHE E 739 -46.53 -31.28 13.84
N LYS E 740 -46.21 -31.42 12.55
CA LYS E 740 -47.08 -32.19 11.68
C LYS E 740 -47.05 -33.66 12.07
N PRO E 741 -48.19 -34.26 12.41
CA PRO E 741 -48.16 -35.61 12.98
C PRO E 741 -47.73 -36.68 11.99
N GLU E 742 -47.61 -36.36 10.71
CA GLU E 742 -47.09 -37.33 9.75
C GLU E 742 -45.59 -37.19 9.52
N PHE E 743 -45.05 -35.98 9.67
CA PHE E 743 -43.60 -35.79 9.57
C PHE E 743 -42.88 -36.64 10.61
N ILE E 744 -43.46 -36.77 11.80
CA ILE E 744 -42.88 -37.58 12.87
C ILE E 744 -42.79 -39.05 12.50
N ASN E 745 -43.61 -39.50 11.53
CA ASN E 745 -43.63 -40.93 11.20
C ASN E 745 -42.29 -41.41 10.68
N ARG E 746 -41.64 -40.63 9.81
CA ARG E 746 -40.34 -41.02 9.28
C ARG E 746 -39.22 -40.92 10.31
N LEU E 747 -39.47 -40.30 11.44
CA LEU E 747 -38.49 -40.25 12.52
C LEU E 747 -38.33 -41.63 13.15
N ASP E 748 -37.25 -41.78 13.89
CA ASP E 748 -37.02 -42.97 14.70
C ASP E 748 -37.62 -42.76 16.09
N ASP E 749 -37.23 -43.59 17.06
CA ASP E 749 -37.69 -43.44 18.43
C ASP E 749 -37.62 -41.99 18.88
N VAL E 750 -38.65 -41.57 19.62
CA VAL E 750 -38.83 -40.18 20.00
C VAL E 750 -38.66 -40.08 21.51
N LEU E 751 -37.76 -40.88 22.05
CA LEU E 751 -37.59 -41.01 23.49
C LEU E 751 -37.44 -39.65 24.17
N ILE E 752 -37.89 -39.59 25.42
CA ILE E 752 -37.74 -38.42 26.28
C ILE E 752 -36.69 -38.78 27.33
N PHE E 753 -35.79 -37.83 27.60
CA PHE E 753 -34.79 -38.05 28.64
C PHE E 753 -35.44 -38.03 30.01
N GLU E 754 -35.18 -39.08 30.79
CA GLU E 754 -35.71 -39.18 32.14
C GLU E 754 -34.92 -38.28 33.07
N GLY E 755 -35.61 -37.67 34.02
CA GLY E 755 -35.00 -36.77 34.97
C GLY E 755 -33.85 -37.38 35.74
N LEU E 756 -33.05 -36.54 36.37
CA LEU E 756 -31.91 -37.02 37.15
C LEU E 756 -32.36 -37.35 38.57
N ASN E 757 -32.01 -38.54 39.03
CA ASN E 757 -32.33 -38.96 40.40
C ASN E 757 -31.67 -38.01 41.38
N PRO E 758 -32.37 -37.56 42.43
CA PRO E 758 -31.73 -36.72 43.44
C PRO E 758 -30.46 -37.35 43.99
N GLU E 759 -30.40 -38.68 43.99
CA GLU E 759 -29.15 -39.36 44.23
C GLU E 759 -28.23 -39.27 43.03
N GLU E 760 -28.76 -39.46 41.82
CA GLU E 760 -27.90 -39.55 40.65
C GLU E 760 -27.54 -38.16 40.11
N LEU E 761 -27.12 -37.28 41.00
CA LEU E 761 -26.26 -36.16 40.64
C LEU E 761 -24.85 -36.37 41.13
N VAL E 762 -24.68 -37.28 42.10
CA VAL E 762 -23.37 -37.61 42.63
C VAL E 762 -22.50 -38.23 41.55
N ARG E 763 -23.09 -39.00 40.63
CA ARG E 763 -22.29 -39.61 39.58
C ARG E 763 -21.78 -38.57 38.59
N ILE E 764 -22.64 -37.64 38.17
CA ILE E 764 -22.22 -36.59 37.25
C ILE E 764 -21.17 -35.71 37.91
N VAL E 765 -21.44 -35.26 39.14
CA VAL E 765 -20.45 -34.44 39.83
C VAL E 765 -19.19 -35.25 40.12
N ASP E 766 -19.30 -36.58 40.19
CA ASP E 766 -18.14 -37.41 40.47
C ASP E 766 -17.24 -37.51 39.25
N ILE E 767 -17.83 -37.69 38.07
CA ILE E 767 -17.06 -37.58 36.84
C ILE E 767 -16.44 -36.19 36.75
N GLN E 768 -17.19 -35.17 37.16
CA GLN E 768 -16.66 -33.82 37.17
C GLN E 768 -15.41 -33.70 38.05
N LEU E 769 -15.46 -34.30 39.25
CA LEU E 769 -14.32 -34.26 40.15
C LEU E 769 -13.15 -35.07 39.63
N ALA E 770 -13.42 -36.27 39.10
CA ALA E 770 -12.37 -37.06 38.48
C ALA E 770 -11.68 -36.28 37.36
N GLN E 771 -12.44 -35.48 36.63
CA GLN E 771 -11.85 -34.61 35.62
C GLN E 771 -11.00 -33.52 36.26
N LEU E 772 -11.62 -32.69 37.10
CA LEU E 772 -10.91 -31.55 37.67
C LEU E 772 -9.71 -31.94 38.51
N GLY E 773 -9.60 -33.20 38.92
CA GLY E 773 -8.38 -33.66 39.55
C GLY E 773 -7.16 -33.53 38.64
N LYS E 774 -7.38 -33.56 37.33
CA LYS E 774 -6.28 -33.38 36.39
C LYS E 774 -5.81 -31.93 36.33
N ARG E 775 -6.67 -30.99 36.72
CA ARG E 775 -6.38 -29.58 36.54
C ARG E 775 -5.04 -29.19 37.17
N LEU E 776 -4.89 -29.41 38.47
CA LEU E 776 -3.64 -29.06 39.15
C LEU E 776 -2.66 -30.24 39.18
N ALA E 777 -2.41 -30.82 38.02
CA ALA E 777 -1.36 -31.82 37.89
C ALA E 777 0.00 -31.20 37.65
N GLN E 778 0.06 -29.88 37.47
CA GLN E 778 1.33 -29.20 37.26
C GLN E 778 2.11 -29.07 38.56
N ARG E 779 1.44 -29.14 39.71
CA ARG E 779 2.08 -29.10 41.01
C ARG E 779 1.73 -30.30 41.87
N ARG E 780 1.01 -31.29 41.33
CA ARG E 780 0.72 -32.55 41.99
C ARG E 780 -0.02 -32.38 43.32
N LEU E 781 -0.83 -31.33 43.44
CA LEU E 781 -1.57 -31.11 44.67
C LEU E 781 -2.90 -31.88 44.63
N GLN E 782 -2.96 -32.97 45.38
CA GLN E 782 -4.13 -33.82 45.39
C GLN E 782 -5.30 -33.12 46.09
N LEU E 783 -6.49 -33.73 45.98
CA LEU E 783 -7.72 -33.11 46.45
C LEU E 783 -8.45 -34.06 47.39
N GLN E 784 -9.38 -33.49 48.17
CA GLN E 784 -10.14 -34.22 49.18
C GLN E 784 -11.52 -34.58 48.64
N VAL E 785 -12.15 -35.58 49.24
CA VAL E 785 -13.52 -35.96 48.93
C VAL E 785 -14.25 -36.23 50.24
N SER E 786 -15.52 -35.84 50.30
CA SER E 786 -16.34 -36.04 51.48
C SER E 786 -17.79 -35.91 51.08
N LEU E 787 -18.57 -36.97 51.30
CA LEU E 787 -19.97 -36.97 50.88
C LEU E 787 -20.75 -35.72 51.29
N PRO E 788 -20.62 -35.19 52.52
CA PRO E 788 -21.32 -33.93 52.81
C PRO E 788 -20.94 -32.80 51.86
N ALA E 789 -19.65 -32.65 51.55
CA ALA E 789 -19.23 -31.58 50.66
C ALA E 789 -19.69 -31.83 49.23
N LYS E 790 -19.52 -33.06 48.75
CA LYS E 790 -19.87 -33.37 47.36
C LYS E 790 -21.37 -33.26 47.12
N ARG E 791 -22.18 -33.71 48.09
CA ARG E 791 -23.62 -33.57 47.93
C ARG E 791 -24.09 -32.16 48.20
N TRP E 792 -23.31 -31.37 48.93
CA TRP E 792 -23.55 -29.94 49.07
C TRP E 792 -23.57 -29.22 47.73
N LEU E 793 -22.87 -29.74 46.73
CA LEU E 793 -22.92 -29.13 45.40
C LEU E 793 -24.27 -29.32 44.73
N ALA E 794 -24.96 -30.43 45.03
CA ALA E 794 -26.19 -30.75 44.31
C ALA E 794 -27.28 -29.72 44.58
N GLN E 795 -27.71 -29.63 45.85
CA GLN E 795 -28.82 -28.74 46.20
C GLN E 795 -28.48 -27.27 46.04
N ARG E 796 -27.21 -26.92 45.83
CA ARG E 796 -26.83 -25.53 45.65
C ARG E 796 -26.30 -25.25 44.25
N GLY E 797 -26.33 -26.22 43.35
CA GLY E 797 -25.86 -25.97 42.00
C GLY E 797 -26.80 -26.51 40.95
N PHE E 798 -27.85 -27.22 41.37
CA PHE E 798 -28.82 -27.71 40.40
C PHE E 798 -29.53 -26.53 39.72
N ASP E 799 -30.32 -25.77 40.49
CA ASP E 799 -31.10 -24.66 39.97
C ASP E 799 -31.94 -25.15 38.79
N PRO E 800 -33.02 -25.88 39.05
CA PRO E 800 -33.67 -26.67 37.99
C PRO E 800 -34.40 -25.86 36.92
N VAL E 801 -33.71 -24.90 36.31
CA VAL E 801 -34.17 -24.34 35.04
C VAL E 801 -33.12 -24.47 33.93
N TYR E 802 -31.83 -24.59 34.28
CA TYR E 802 -30.77 -24.83 33.31
C TYR E 802 -30.02 -26.12 33.61
N GLY E 803 -30.60 -26.99 34.43
CA GLY E 803 -30.01 -28.29 34.70
C GLY E 803 -28.67 -28.25 35.39
N ALA E 804 -27.60 -28.56 34.66
CA ALA E 804 -26.28 -28.68 35.27
C ALA E 804 -25.23 -27.89 34.50
N ARG E 805 -25.64 -26.84 33.82
CA ARG E 805 -24.65 -26.01 33.12
C ARG E 805 -23.74 -25.24 34.06
N PRO E 806 -24.24 -24.58 35.11
CA PRO E 806 -23.31 -23.88 36.02
C PRO E 806 -22.50 -24.81 36.92
N LEU E 807 -22.87 -26.09 37.01
CA LEU E 807 -22.20 -27.01 37.93
C LEU E 807 -20.71 -27.18 37.63
N ARG E 808 -20.26 -26.73 36.47
CA ARG E 808 -18.81 -26.70 36.25
C ARG E 808 -18.21 -25.42 36.78
N ARG E 809 -18.76 -24.27 36.39
CA ARG E 809 -18.21 -22.99 36.85
C ARG E 809 -18.44 -22.82 38.34
N LEU E 810 -19.66 -23.11 38.82
CA LEU E 810 -19.99 -22.95 40.24
C LEU E 810 -18.94 -23.56 41.16
N VAL E 811 -18.46 -24.75 40.82
CA VAL E 811 -17.47 -25.41 41.67
C VAL E 811 -16.05 -25.00 41.27
N GLN E 812 -15.79 -24.80 39.97
CA GLN E 812 -14.42 -24.52 39.56
C GLN E 812 -13.96 -23.17 40.08
N GLN E 813 -14.78 -22.12 39.90
CA GLN E 813 -14.38 -20.82 40.40
C GLN E 813 -14.23 -20.85 41.91
N ALA E 814 -15.19 -21.45 42.61
CA ALA E 814 -15.14 -21.51 44.06
C ALA E 814 -13.84 -22.16 44.53
N ILE E 815 -13.66 -23.44 44.22
CA ILE E 815 -12.51 -24.17 44.76
C ILE E 815 -11.21 -23.57 44.23
N GLY E 816 -11.08 -23.45 42.91
CA GLY E 816 -9.88 -22.91 42.31
C GLY E 816 -9.47 -21.56 42.84
N ASP E 817 -10.33 -20.53 42.72
CA ASP E 817 -9.95 -19.18 43.12
C ASP E 817 -10.01 -18.95 44.62
N GLN E 818 -10.58 -19.87 45.39
CA GLN E 818 -10.51 -19.79 46.84
C GLN E 818 -9.24 -20.43 47.36
N LEU E 819 -8.68 -21.38 46.60
CA LEU E 819 -7.39 -21.96 46.97
C LEU E 819 -6.22 -21.27 46.29
N ALA E 820 -6.48 -20.48 45.25
CA ALA E 820 -5.44 -19.88 44.43
C ALA E 820 -4.52 -18.96 45.24
N LYS E 821 -4.98 -18.52 46.40
CA LYS E 821 -4.14 -17.70 47.26
C LYS E 821 -3.24 -18.56 48.14
N MET E 822 -3.79 -19.69 48.62
CA MET E 822 -2.95 -20.67 49.29
C MET E 822 -1.86 -21.18 48.35
N LEU E 823 -2.20 -21.37 47.08
CA LEU E 823 -1.25 -21.90 46.11
C LEU E 823 -0.07 -20.97 45.87
N LEU E 824 -0.15 -19.71 46.33
CA LEU E 824 0.96 -18.77 46.25
C LEU E 824 1.57 -18.45 47.60
N ALA E 825 0.79 -18.50 48.68
CA ALA E 825 1.30 -18.23 50.03
C ALA E 825 2.01 -19.44 50.62
N GLY E 826 1.36 -20.60 50.60
CA GLY E 826 1.95 -21.82 51.13
C GLY E 826 0.87 -22.79 51.58
N GLN E 827 1.05 -23.34 52.78
CA GLN E 827 0.06 -24.13 53.50
C GLN E 827 -0.24 -25.47 52.83
N VAL E 828 0.28 -25.71 51.63
CA VAL E 828 0.03 -26.96 50.91
C VAL E 828 1.31 -27.32 50.16
N HIS E 829 1.53 -28.63 50.00
CA HIS E 829 2.55 -29.15 49.10
C HIS E 829 1.99 -30.41 48.47
N ASP E 830 2.74 -31.03 47.57
CA ASP E 830 2.14 -32.00 46.67
C ASP E 830 1.97 -33.37 47.29
N GLY E 831 1.38 -33.44 48.48
CA GLY E 831 0.92 -34.69 49.05
C GLY E 831 -0.33 -34.47 49.87
N ASP E 832 -0.78 -33.22 49.92
CA ASP E 832 -1.82 -32.80 50.85
C ASP E 832 -3.19 -32.98 50.22
N THR E 833 -4.09 -33.63 50.96
CA THR E 833 -5.47 -33.85 50.52
C THR E 833 -6.27 -32.57 50.37
N VAL E 834 -5.72 -31.41 50.74
CA VAL E 834 -6.43 -30.13 50.84
C VAL E 834 -7.83 -30.36 51.41
N PRO E 835 -7.93 -30.67 52.70
CA PRO E 835 -9.24 -30.99 53.28
C PRO E 835 -10.16 -29.79 53.31
N VAL E 836 -11.16 -29.78 52.44
CA VAL E 836 -12.16 -28.73 52.40
C VAL E 836 -13.38 -29.21 53.15
N ASN E 837 -13.99 -28.32 53.92
CA ASN E 837 -15.09 -28.70 54.79
C ASN E 837 -16.29 -27.81 54.49
N VAL E 838 -17.43 -28.17 55.08
CA VAL E 838 -18.66 -27.41 54.94
C VAL E 838 -18.79 -26.53 56.18
N SER E 839 -18.32 -25.30 56.08
CA SER E 839 -18.44 -24.35 57.18
C SER E 839 -19.91 -24.10 57.49
N PRO E 840 -20.21 -23.48 58.65
CA PRO E 840 -21.61 -23.24 59.03
C PRO E 840 -22.51 -22.72 57.92
N ASP E 841 -21.98 -21.86 57.05
CA ASP E 841 -22.77 -21.29 55.95
C ASP E 841 -22.28 -21.74 54.58
N ALA E 842 -21.01 -21.53 54.27
CA ALA E 842 -20.53 -21.75 52.92
C ALA E 842 -19.32 -22.68 52.91
N ASP E 843 -18.65 -22.80 51.77
CA ASP E 843 -17.52 -23.71 51.62
C ASP E 843 -16.22 -22.92 51.71
N SER E 844 -15.73 -22.78 52.94
CA SER E 844 -14.34 -22.40 53.18
C SER E 844 -13.51 -23.68 53.20
N LEU E 845 -12.22 -23.56 53.48
CA LEU E 845 -11.38 -24.74 53.58
C LEU E 845 -11.77 -25.59 54.79
N GLN F 159 41.08 -42.93 0.97
CA GLN F 159 42.09 -42.66 1.98
C GLN F 159 42.62 -41.24 1.87
N ALA F 160 42.33 -40.59 0.74
CA ALA F 160 42.74 -39.22 0.49
C ALA F 160 41.68 -38.21 0.94
N LEU F 161 40.84 -38.59 1.89
CA LEU F 161 39.81 -37.71 2.46
C LEU F 161 40.10 -37.37 3.91
N GLN F 162 41.19 -37.88 4.48
CA GLN F 162 41.45 -37.73 5.90
C GLN F 162 41.67 -36.28 6.30
N LYS F 163 42.02 -35.40 5.37
CA LYS F 163 42.30 -34.02 5.76
C LYS F 163 41.09 -33.11 5.56
N TYR F 164 40.49 -33.13 4.38
CA TYR F 164 39.28 -32.35 4.14
C TYR F 164 38.11 -32.79 5.01
N SER F 165 38.19 -33.99 5.58
CA SER F 165 37.15 -34.50 6.46
C SER F 165 37.79 -35.15 7.67
N THR F 166 37.22 -34.88 8.85
CA THR F 166 37.72 -35.47 10.09
C THR F 166 37.20 -36.90 10.18
N ASP F 167 37.32 -37.51 11.36
CA ASP F 167 36.93 -38.90 11.52
C ASP F 167 36.01 -39.05 12.72
N LEU F 168 35.15 -40.07 12.64
CA LEU F 168 34.40 -40.54 13.80
C LEU F 168 34.61 -42.03 14.04
N THR F 169 35.58 -42.64 13.37
CA THR F 169 35.97 -44.02 13.68
C THR F 169 37.19 -44.06 14.60
N ALA F 170 38.12 -43.13 14.41
CA ALA F 170 39.24 -42.96 15.33
C ALA F 170 38.81 -42.42 16.68
N ARG F 171 37.94 -41.42 16.68
CA ARG F 171 37.42 -40.88 17.94
C ARG F 171 36.59 -41.91 18.68
N ALA F 172 35.90 -42.80 17.96
CA ALA F 172 35.15 -43.87 18.60
C ALA F 172 36.04 -44.73 19.48
N ARG F 173 37.13 -45.25 18.92
CA ARG F 173 38.05 -46.07 19.71
C ARG F 173 38.77 -45.23 20.76
N GLU F 174 39.25 -44.03 20.39
CA GLU F 174 40.01 -43.21 21.32
C GLU F 174 39.12 -42.66 22.43
N GLY F 175 37.82 -42.91 22.36
CA GLY F 175 36.94 -42.80 23.51
C GLY F 175 36.48 -41.41 23.88
N LYS F 176 37.06 -40.35 23.31
CA LYS F 176 36.65 -38.99 23.66
C LYS F 176 35.37 -38.68 22.90
N LEU F 177 34.33 -38.34 23.64
CA LEU F 177 33.02 -38.13 23.04
C LEU F 177 32.20 -37.22 23.96
N ASP F 178 31.42 -36.33 23.34
CA ASP F 178 30.55 -35.47 24.10
C ASP F 178 29.52 -36.33 24.84
N PRO F 179 29.10 -35.92 26.03
CA PRO F 179 28.16 -36.72 26.81
C PRO F 179 26.85 -36.94 26.05
N VAL F 180 26.46 -38.19 25.92
CA VAL F 180 25.23 -38.58 25.26
C VAL F 180 24.37 -39.31 26.27
N ILE F 181 23.06 -39.04 26.26
CA ILE F 181 22.12 -39.65 27.17
C ILE F 181 20.74 -39.64 26.52
N GLY F 182 19.99 -40.73 26.70
CA GLY F 182 18.68 -40.84 26.11
C GLY F 182 18.73 -40.98 24.60
N ARG F 183 17.57 -40.77 23.97
CA ARG F 183 17.39 -40.81 22.53
C ARG F 183 17.79 -42.16 21.92
N ASP F 184 17.89 -43.20 22.76
CA ASP F 184 18.26 -44.53 22.26
C ASP F 184 17.20 -45.09 21.32
N ASN F 185 15.92 -44.80 21.60
CA ASN F 185 14.88 -45.17 20.66
C ASN F 185 15.05 -44.45 19.33
N GLU F 186 15.53 -43.20 19.38
CA GLU F 186 15.78 -42.46 18.15
C GLU F 186 16.95 -43.07 17.37
N ILE F 187 17.99 -43.51 18.06
CA ILE F 187 19.10 -44.19 17.39
C ILE F 187 18.62 -45.50 16.77
N ARG F 188 17.76 -46.22 17.48
CA ARG F 188 17.21 -47.46 16.94
C ARG F 188 16.38 -47.17 15.69
N ARG F 189 15.56 -46.12 15.72
CA ARG F 189 14.82 -45.72 14.53
C ARG F 189 15.76 -45.38 13.39
N VAL F 190 16.86 -44.68 13.69
CA VAL F 190 17.82 -44.30 12.67
C VAL F 190 18.41 -45.53 12.00
N VAL F 191 18.86 -46.50 12.79
CA VAL F 191 19.46 -47.68 12.17
C VAL F 191 18.40 -48.50 11.44
N GLN F 192 17.17 -48.54 11.97
CA GLN F 192 16.11 -49.30 11.31
C GLN F 192 15.78 -48.72 9.94
N VAL F 193 15.74 -47.39 9.83
CA VAL F 193 15.45 -46.79 8.53
C VAL F 193 16.69 -46.81 7.64
N LEU F 194 17.89 -46.87 8.23
CA LEU F 194 19.09 -47.01 7.42
C LEU F 194 19.15 -48.38 6.75
N SER F 195 18.69 -49.42 7.44
CA SER F 195 18.68 -50.77 6.85
C SER F 195 17.35 -51.00 6.13
N ARG F 196 17.16 -50.25 5.05
CA ARG F 196 15.99 -50.37 4.20
C ARG F 196 16.45 -50.39 2.75
N ARG F 197 15.50 -50.53 1.83
CA ARG F 197 15.79 -50.44 0.41
C ARG F 197 15.35 -49.12 -0.21
N THR F 198 14.20 -48.61 0.20
CA THR F 198 13.71 -47.32 -0.28
C THR F 198 13.52 -46.38 0.89
N LYS F 199 13.68 -45.08 0.61
CA LYS F 199 13.54 -44.02 1.62
C LYS F 199 14.45 -44.24 2.81
N ASN F 200 15.67 -44.70 2.55
CA ASN F 200 16.69 -44.88 3.59
C ASN F 200 17.33 -43.54 3.92
N ASN F 201 18.49 -43.58 4.58
CA ASN F 201 19.40 -42.49 4.91
C ASN F 201 18.66 -41.21 5.30
N PRO F 202 18.06 -41.18 6.49
CA PRO F 202 17.20 -40.05 6.86
C PRO F 202 17.97 -38.78 7.16
N VAL F 203 17.25 -37.78 7.63
CA VAL F 203 17.84 -36.52 8.08
C VAL F 203 17.25 -36.22 9.45
N LEU F 204 17.83 -35.24 10.15
CA LEU F 204 17.35 -34.84 11.45
C LEU F 204 16.64 -33.50 11.37
N ILE F 205 15.46 -33.42 11.98
CA ILE F 205 14.64 -32.22 12.01
C ILE F 205 14.51 -31.76 13.46
N GLY F 206 14.57 -30.45 13.68
CA GLY F 206 14.46 -29.90 15.01
C GLY F 206 14.70 -28.41 15.08
N GLU F 207 15.38 -27.97 16.13
CA GLU F 207 15.71 -26.57 16.34
C GLU F 207 17.08 -26.48 16.98
N PRO F 208 17.72 -25.31 16.90
CA PRO F 208 19.04 -25.16 17.53
C PRO F 208 18.99 -25.46 19.02
N GLY F 209 19.79 -26.43 19.43
CA GLY F 209 19.81 -26.87 20.81
C GLY F 209 19.20 -28.23 21.08
N VAL F 210 19.02 -29.06 20.05
CA VAL F 210 18.60 -30.45 20.27
C VAL F 210 19.76 -31.33 20.68
N GLY F 211 20.90 -31.21 20.00
CA GLY F 211 21.98 -32.16 20.17
C GLY F 211 21.89 -33.22 19.10
N LYS F 212 21.76 -32.81 17.84
CA LYS F 212 21.70 -33.75 16.73
C LYS F 212 23.08 -34.27 16.34
N THR F 213 24.09 -33.38 16.35
CA THR F 213 25.46 -33.85 16.31
C THR F 213 25.71 -34.85 17.42
N ALA F 214 25.15 -34.58 18.61
CA ALA F 214 25.24 -35.55 19.70
C ALA F 214 24.48 -36.82 19.40
N ILE F 215 23.37 -36.73 18.66
CA ILE F 215 22.62 -37.92 18.27
C ILE F 215 23.49 -38.82 17.41
N VAL F 216 24.12 -38.24 16.38
CA VAL F 216 24.96 -39.07 15.52
C VAL F 216 26.21 -39.51 16.25
N GLU F 217 26.66 -38.75 17.25
CA GLU F 217 27.82 -39.15 18.04
C GLU F 217 27.49 -40.36 18.91
N GLY F 218 26.34 -40.35 19.58
CA GLY F 218 25.88 -41.53 20.29
C GLY F 218 25.65 -42.70 19.37
N LEU F 219 25.14 -42.44 18.17
CA LEU F 219 25.01 -43.49 17.18
C LEU F 219 26.37 -44.13 16.88
N ALA F 220 27.40 -43.31 16.71
CA ALA F 220 28.73 -43.82 16.43
C ALA F 220 29.29 -44.59 17.61
N GLN F 221 29.05 -44.11 18.83
CA GLN F 221 29.56 -44.80 20.01
C GLN F 221 28.90 -46.16 20.16
N ARG F 222 27.60 -46.23 19.87
CA ARG F 222 26.90 -47.52 19.95
C ARG F 222 27.31 -48.43 18.80
N ILE F 223 27.67 -47.85 17.65
CA ILE F 223 28.20 -48.65 16.55
C ILE F 223 29.52 -49.30 16.95
N VAL F 224 30.42 -48.51 17.55
CA VAL F 224 31.73 -49.05 17.89
C VAL F 224 31.62 -50.00 19.08
N ALA F 225 30.63 -49.82 19.95
CA ALA F 225 30.41 -50.78 21.02
C ALA F 225 29.86 -52.09 20.47
N GLY F 226 28.83 -52.02 19.64
CA GLY F 226 28.27 -53.16 18.94
C GLY F 226 26.88 -53.54 19.41
N ASP F 227 25.88 -53.01 18.70
CA ASP F 227 24.48 -53.42 18.81
C ASP F 227 23.83 -53.36 17.43
N VAL F 228 24.60 -53.62 16.38
CA VAL F 228 24.23 -53.31 15.01
C VAL F 228 23.67 -54.56 14.31
N PRO F 229 22.94 -54.42 13.21
CA PRO F 229 22.57 -55.58 12.41
C PRO F 229 23.74 -56.13 11.63
N GLU F 230 23.48 -57.12 10.76
CA GLU F 230 24.57 -57.85 10.14
C GLU F 230 25.29 -57.03 9.08
N SER F 231 24.64 -56.01 8.52
CA SER F 231 25.21 -55.23 7.43
C SER F 231 25.94 -53.98 7.91
N LEU F 232 26.40 -53.94 9.15
CA LEU F 232 26.93 -52.73 9.77
C LEU F 232 28.24 -53.00 10.50
N ARG F 233 29.21 -53.61 9.81
CA ARG F 233 30.48 -53.93 10.47
C ARG F 233 31.24 -52.65 10.79
N ASP F 234 30.69 -51.88 11.72
CA ASP F 234 31.17 -50.59 12.22
C ASP F 234 30.97 -49.47 11.21
N LYS F 235 30.74 -49.84 9.94
CA LYS F 235 30.23 -48.94 8.90
C LYS F 235 31.04 -47.67 8.74
N THR F 236 32.10 -47.51 9.54
CA THR F 236 33.02 -46.38 9.54
C THR F 236 32.35 -45.07 9.14
N ILE F 237 31.30 -44.67 9.88
CA ILE F 237 30.60 -43.43 9.53
C ILE F 237 31.54 -42.24 9.72
N VAL F 238 31.41 -41.27 8.83
CA VAL F 238 32.31 -40.12 8.79
C VAL F 238 31.47 -38.86 8.51
N ALA F 239 32.15 -37.73 8.43
CA ALA F 239 31.52 -36.45 8.12
C ALA F 239 32.22 -35.79 6.94
N LEU F 240 31.55 -34.78 6.38
CA LEU F 240 32.10 -34.00 5.27
C LEU F 240 32.15 -32.54 5.73
N ASP F 241 33.36 -32.07 5.99
CA ASP F 241 33.56 -30.73 6.56
C ASP F 241 33.15 -29.65 5.58
N LEU F 242 32.18 -28.82 5.96
CA LEU F 242 31.85 -27.63 5.20
C LEU F 242 32.88 -26.53 5.35
N GLY F 243 33.88 -26.74 6.21
CA GLY F 243 35.03 -25.86 6.29
C GLY F 243 36.08 -26.26 5.28
N SER F 244 35.68 -27.09 4.31
CA SER F 244 36.53 -27.50 3.21
C SER F 244 36.23 -26.67 1.95
N MET F 245 35.92 -25.39 2.14
CA MET F 245 35.61 -24.51 1.03
C MET F 245 36.43 -23.23 1.11
N PHE F 255 37.60 -25.00 -8.42
CA PHE F 255 36.85 -25.27 -7.19
C PHE F 255 36.14 -26.61 -7.25
N GLU F 256 35.25 -26.78 -8.23
CA GLU F 256 34.44 -27.98 -8.32
C GLU F 256 35.24 -29.21 -8.71
N GLU F 257 36.53 -29.07 -9.02
CA GLU F 257 37.34 -30.21 -9.42
C GLU F 257 37.72 -31.11 -8.24
N ARG F 258 38.07 -30.52 -7.10
CA ARG F 258 38.40 -31.31 -5.92
C ARG F 258 37.23 -32.17 -5.46
N LEU F 259 36.01 -31.66 -5.55
CA LEU F 259 34.85 -32.39 -5.04
C LEU F 259 34.66 -33.73 -5.74
N LYS F 260 35.01 -33.83 -7.03
CA LYS F 260 34.89 -35.11 -7.72
C LYS F 260 35.75 -36.18 -7.06
N ALA F 261 37.03 -35.88 -6.82
CA ALA F 261 37.91 -36.86 -6.18
C ALA F 261 37.56 -37.04 -4.70
N VAL F 262 37.05 -36.00 -4.05
CA VAL F 262 36.61 -36.14 -2.66
C VAL F 262 35.45 -37.10 -2.56
N LEU F 263 34.55 -37.10 -3.55
CA LEU F 263 33.41 -38.01 -3.51
C LEU F 263 33.74 -39.34 -4.17
N ASP F 264 34.87 -39.44 -4.86
CA ASP F 264 35.28 -40.70 -5.46
C ASP F 264 35.55 -41.77 -4.42
N ASP F 265 36.12 -41.38 -3.26
CA ASP F 265 36.37 -42.37 -2.22
C ASP F 265 35.06 -42.89 -1.64
N ILE F 266 34.07 -42.02 -1.51
CA ILE F 266 32.76 -42.46 -1.02
C ILE F 266 32.07 -43.34 -2.04
N LYS F 267 32.14 -42.99 -3.32
CA LYS F 267 31.51 -43.79 -4.37
C LYS F 267 32.17 -45.16 -4.48
N ASN F 268 33.49 -45.20 -4.65
CA ASN F 268 34.20 -46.46 -4.86
C ASN F 268 34.17 -47.35 -3.62
N SER F 269 33.83 -46.81 -2.46
CA SER F 269 33.65 -47.62 -1.28
C SER F 269 32.51 -48.61 -1.47
N ALA F 270 32.41 -49.56 -0.54
CA ALA F 270 31.35 -50.56 -0.54
C ALA F 270 30.16 -50.09 0.29
N GLY F 271 29.95 -48.79 0.34
CA GLY F 271 29.02 -48.23 1.31
C GLY F 271 29.51 -48.43 2.73
N GLN F 272 30.82 -48.44 2.93
CA GLN F 272 31.41 -48.72 4.23
C GLN F 272 32.06 -47.49 4.86
N ILE F 273 32.18 -46.39 4.13
CA ILE F 273 32.69 -45.13 4.68
C ILE F 273 31.62 -44.06 4.49
N ILE F 274 30.36 -44.46 4.62
CA ILE F 274 29.21 -43.57 4.52
C ILE F 274 29.44 -42.31 5.35
N THR F 275 28.98 -41.17 4.84
CA THR F 275 29.27 -39.88 5.43
C THR F 275 28.03 -39.27 6.09
N PHE F 276 28.27 -38.24 6.91
CA PHE F 276 27.22 -37.53 7.63
C PHE F 276 27.41 -36.03 7.33
N ILE F 277 26.56 -35.49 6.47
CA ILE F 277 26.68 -34.09 6.10
C ILE F 277 25.91 -33.24 7.10
N ASP F 278 26.61 -32.75 8.13
CA ASP F 278 25.99 -31.88 9.11
C ASP F 278 25.48 -30.61 8.45
N GLU F 279 24.19 -30.36 8.58
CA GLU F 279 23.56 -29.14 8.07
C GLU F 279 23.66 -29.04 6.54
N LEU F 280 23.14 -30.07 5.87
CA LEU F 280 23.13 -30.11 4.41
C LEU F 280 22.00 -29.29 3.81
N HIS F 281 21.32 -28.47 4.62
CA HIS F 281 20.18 -27.67 4.17
C HIS F 281 20.46 -26.90 2.88
N THR F 282 21.59 -26.19 2.81
CA THR F 282 21.87 -25.30 1.70
C THR F 282 22.64 -25.95 0.56
N ILE F 283 23.23 -27.12 0.80
CA ILE F 283 23.93 -27.83 -0.27
C ILE F 283 22.98 -28.13 -1.42
N VAL F 284 21.68 -28.14 -1.16
CA VAL F 284 20.69 -28.40 -2.18
C VAL F 284 19.73 -27.21 -2.29
N ASN F 298 22.79 -31.01 -8.98
CA ASN F 298 23.95 -30.48 -9.68
C ASN F 298 25.11 -31.47 -9.69
N MET F 299 25.60 -31.83 -8.51
CA MET F 299 26.72 -32.76 -8.38
C MET F 299 26.37 -34.01 -7.59
N ILE F 300 25.72 -33.88 -6.45
CA ILE F 300 25.46 -35.03 -5.59
C ILE F 300 24.14 -35.72 -5.92
N LYS F 301 23.28 -35.08 -6.73
CA LYS F 301 22.01 -35.72 -7.06
C LYS F 301 22.20 -36.98 -7.89
N PRO F 302 22.90 -36.97 -9.03
CA PRO F 302 23.15 -38.23 -9.73
C PRO F 302 24.04 -39.17 -8.94
N MET F 303 25.02 -38.64 -8.21
CA MET F 303 25.86 -39.46 -7.35
C MET F 303 25.07 -40.18 -6.28
N LEU F 304 23.88 -39.69 -5.92
CA LEU F 304 23.01 -40.38 -4.98
C LEU F 304 21.98 -41.27 -5.68
N ALA F 305 21.62 -40.93 -6.93
CA ALA F 305 20.59 -41.68 -7.64
C ALA F 305 20.83 -43.19 -7.66
N ARG F 306 22.07 -43.64 -7.53
CA ARG F 306 22.37 -45.07 -7.61
C ARG F 306 22.31 -45.77 -6.26
N GLY F 307 22.29 -45.02 -5.15
CA GLY F 307 22.21 -45.64 -3.84
C GLY F 307 23.53 -46.20 -3.36
N GLU F 308 24.51 -45.33 -3.17
CA GLU F 308 25.84 -45.72 -2.72
C GLU F 308 26.31 -44.97 -1.48
N LEU F 309 25.95 -43.71 -1.33
CA LEU F 309 26.29 -42.91 -0.15
C LEU F 309 25.01 -42.53 0.58
N ARG F 310 25.09 -42.54 1.91
CA ARG F 310 23.91 -42.27 2.72
C ARG F 310 23.70 -40.77 2.92
N LEU F 311 24.78 -40.05 3.25
CA LEU F 311 24.75 -38.60 3.49
C LEU F 311 23.62 -38.23 4.46
N VAL F 312 23.57 -38.97 5.56
CA VAL F 312 22.68 -38.63 6.66
C VAL F 312 22.99 -37.21 7.12
N GLY F 313 21.96 -36.42 7.38
CA GLY F 313 22.17 -35.03 7.70
C GLY F 313 21.53 -34.59 9.01
N ALA F 314 21.47 -33.27 9.21
CA ALA F 314 20.81 -32.72 10.39
C ALA F 314 20.44 -31.27 10.08
N THR F 315 19.14 -30.99 10.00
CA THR F 315 18.66 -29.65 9.65
C THR F 315 17.49 -29.32 10.56
N THR F 316 16.76 -28.27 10.21
CA THR F 316 15.61 -27.82 10.97
C THR F 316 14.36 -27.80 10.11
N LEU F 317 13.21 -27.58 10.76
CA LEU F 317 11.93 -27.69 10.08
C LEU F 317 11.73 -26.58 9.05
N ASP F 318 12.11 -25.36 9.40
CA ASP F 318 11.95 -24.25 8.46
C ASP F 318 12.77 -24.49 7.20
N GLU F 319 14.01 -24.97 7.35
CA GLU F 319 14.86 -25.19 6.19
C GLU F 319 14.37 -26.40 5.38
N TYR F 320 13.83 -27.41 6.05
CA TYR F 320 13.20 -28.51 5.33
C TYR F 320 12.03 -27.99 4.49
N ARG F 321 11.22 -27.10 5.05
CA ARG F 321 10.00 -26.68 4.39
C ARG F 321 10.25 -25.67 3.29
N LYS F 322 11.31 -24.87 3.40
CA LYS F 322 11.56 -23.86 2.38
C LYS F 322 12.54 -24.38 1.32
N HIS F 323 13.39 -25.34 1.68
CA HIS F 323 14.40 -25.83 0.75
C HIS F 323 13.95 -27.09 0.03
N ILE F 324 13.64 -28.15 0.79
CA ILE F 324 13.53 -29.49 0.21
C ILE F 324 12.11 -30.04 0.29
N GLU F 325 11.11 -29.16 0.31
CA GLU F 325 9.73 -29.61 0.45
C GLU F 325 9.03 -29.86 -0.87
N LYS F 326 9.08 -28.93 -1.82
CA LYS F 326 8.31 -29.05 -3.05
C LYS F 326 8.97 -29.96 -4.08
N ASP F 327 10.29 -30.07 -4.08
CA ASP F 327 11.01 -30.89 -5.05
C ASP F 327 10.66 -32.35 -4.80
N ALA F 328 9.96 -32.95 -5.76
CA ALA F 328 9.63 -34.37 -5.70
C ALA F 328 10.78 -35.26 -6.13
N ALA F 329 11.89 -34.68 -6.57
CA ALA F 329 13.03 -35.49 -7.00
C ALA F 329 13.79 -36.07 -5.82
N LEU F 330 13.86 -35.35 -4.70
CA LEU F 330 14.64 -35.76 -3.55
C LEU F 330 13.80 -36.21 -2.36
N GLU F 331 12.50 -35.94 -2.36
CA GLU F 331 11.65 -36.41 -1.27
C GLU F 331 11.35 -37.90 -1.37
N ARG F 332 11.98 -38.62 -2.30
CA ARG F 332 11.91 -40.07 -2.38
C ARG F 332 13.07 -40.75 -1.66
N ARG F 333 13.98 -39.98 -1.06
CA ARG F 333 15.18 -40.52 -0.44
C ARG F 333 15.46 -39.85 0.90
N PHE F 334 14.42 -39.40 1.59
CA PHE F 334 14.62 -38.70 2.86
C PHE F 334 13.36 -38.88 3.70
N GLN F 335 13.49 -39.63 4.80
CA GLN F 335 12.39 -39.88 5.72
C GLN F 335 12.70 -39.17 7.03
N GLN F 336 12.01 -38.05 7.28
CA GLN F 336 12.31 -37.22 8.43
C GLN F 336 12.07 -37.96 9.74
N VAL F 337 12.81 -37.56 10.78
CA VAL F 337 12.70 -38.15 12.11
C VAL F 337 12.65 -37.01 13.12
N TYR F 338 11.49 -36.80 13.73
CA TYR F 338 11.32 -35.69 14.66
C TYR F 338 11.94 -36.01 16.01
N VAL F 339 12.30 -34.96 16.74
CA VAL F 339 13.00 -35.07 18.00
C VAL F 339 12.29 -34.24 19.06
N GLY F 340 12.37 -34.68 20.32
CA GLY F 340 11.73 -33.97 21.41
C GLY F 340 12.70 -33.15 22.24
N GLU F 341 12.45 -31.85 22.33
CA GLU F 341 13.33 -30.91 23.03
C GLU F 341 13.35 -31.11 24.55
N PRO F 342 12.24 -30.89 25.26
CA PRO F 342 12.33 -30.79 26.73
C PRO F 342 12.58 -32.16 27.36
N SER F 343 13.70 -32.27 28.07
CA SER F 343 14.09 -33.51 28.71
C SER F 343 14.72 -33.24 30.08
N VAL F 344 14.05 -32.41 30.88
CA VAL F 344 14.56 -31.86 32.14
C VAL F 344 15.33 -32.90 32.97
N GLU F 345 14.71 -34.06 33.16
CA GLU F 345 15.31 -35.12 33.99
C GLU F 345 16.66 -35.59 33.46
N ASP F 346 16.87 -35.56 32.15
CA ASP F 346 18.16 -35.89 31.57
C ASP F 346 19.06 -34.69 31.38
N THR F 347 18.50 -33.50 31.20
CA THR F 347 19.30 -32.29 31.22
C THR F 347 20.02 -32.14 32.55
N ILE F 348 19.44 -32.68 33.63
CA ILE F 348 20.16 -32.72 34.90
C ILE F 348 21.50 -33.42 34.74
N GLY F 349 21.50 -34.66 34.25
CA GLY F 349 22.74 -35.36 34.02
C GLY F 349 23.61 -34.72 32.95
N ILE F 350 22.98 -34.06 31.97
CA ILE F 350 23.73 -33.34 30.94
C ILE F 350 24.56 -32.24 31.58
N LEU F 351 23.93 -31.41 32.42
CA LEU F 351 24.66 -30.42 33.20
C LEU F 351 25.73 -31.08 34.04
N ARG F 352 25.41 -32.21 34.67
CA ARG F 352 26.40 -32.94 35.44
C ARG F 352 27.63 -33.26 34.61
N GLY F 353 27.42 -33.63 33.35
CA GLY F 353 28.52 -33.95 32.45
C GLY F 353 29.20 -32.74 31.85
N LEU F 354 28.56 -31.57 31.89
CA LEU F 354 29.15 -30.35 31.36
C LEU F 354 29.50 -29.31 32.43
N LYS F 355 29.03 -29.49 33.66
CA LYS F 355 29.36 -28.55 34.73
C LYS F 355 30.87 -28.36 34.88
N ASP F 356 31.65 -29.40 34.62
CA ASP F 356 33.09 -29.34 34.86
C ASP F 356 33.76 -28.29 33.97
N ARG F 357 33.32 -28.18 32.71
CA ARG F 357 33.98 -27.28 31.77
C ARG F 357 33.76 -25.82 32.10
N TYR F 358 32.83 -25.50 33.01
CA TYR F 358 32.56 -24.12 33.38
C TYR F 358 33.06 -23.79 34.78
N GLU F 359 33.42 -24.79 35.58
CA GLU F 359 34.03 -24.54 36.87
C GLU F 359 35.52 -24.24 36.77
N VAL F 360 36.11 -24.31 35.57
CA VAL F 360 37.52 -24.02 35.41
C VAL F 360 37.74 -22.54 35.09
N HIS F 361 37.04 -22.02 34.08
CA HIS F 361 37.08 -20.59 33.82
C HIS F 361 36.50 -19.82 34.99
N HIS F 362 35.22 -20.01 35.25
CA HIS F 362 34.59 -19.38 36.41
C HIS F 362 34.91 -20.19 37.65
N GLY F 363 35.69 -19.60 38.55
CA GLY F 363 36.00 -20.26 39.80
C GLY F 363 34.82 -20.22 40.75
N VAL F 364 33.74 -20.92 40.39
CA VAL F 364 32.47 -20.85 41.11
C VAL F 364 31.94 -22.26 41.33
N ARG F 365 30.94 -22.35 42.21
CA ARG F 365 30.25 -23.59 42.52
C ARG F 365 28.80 -23.47 42.09
N ILE F 366 28.41 -24.21 41.06
CA ILE F 366 27.02 -24.30 40.63
C ILE F 366 26.41 -25.52 41.31
N THR F 367 25.79 -25.30 42.46
CA THR F 367 25.26 -26.37 43.29
C THR F 367 24.20 -27.16 42.53
N ASP F 368 23.90 -28.35 43.07
CA ASP F 368 22.80 -29.16 42.56
C ASP F 368 21.49 -28.36 42.54
N SER F 369 21.32 -27.48 43.52
CA SER F 369 20.18 -26.56 43.50
C SER F 369 20.18 -25.72 42.22
N ALA F 370 21.36 -25.23 41.83
CA ALA F 370 21.44 -24.44 40.60
C ALA F 370 21.19 -25.31 39.36
N LEU F 371 21.69 -26.55 39.38
CA LEU F 371 21.40 -27.46 38.27
C LEU F 371 19.91 -27.63 38.09
N VAL F 372 19.22 -28.07 39.15
CA VAL F 372 17.80 -28.35 39.04
C VAL F 372 16.99 -27.06 38.95
N ALA F 373 17.60 -25.91 39.22
CA ALA F 373 16.91 -24.65 39.03
C ALA F 373 16.94 -24.24 37.56
N ALA F 374 18.12 -24.27 36.95
CA ALA F 374 18.22 -24.06 35.52
C ALA F 374 17.35 -25.06 34.75
N ALA F 375 17.22 -26.27 35.30
CA ALA F 375 16.41 -27.29 34.64
C ALA F 375 14.92 -26.97 34.68
N THR F 376 14.41 -26.43 35.78
CA THR F 376 12.97 -26.32 35.99
C THR F 376 12.44 -24.90 36.13
N LEU F 377 13.14 -23.88 35.62
CA LEU F 377 12.63 -22.52 35.67
C LEU F 377 12.43 -21.90 34.29
N SER F 378 13.46 -21.95 33.45
CA SER F 378 13.46 -21.23 32.18
C SER F 378 12.63 -21.90 31.10
N ASP F 379 11.99 -23.03 31.36
CA ASP F 379 11.30 -23.77 30.29
C ASP F 379 9.99 -23.08 29.90
N ARG F 380 9.10 -22.87 30.87
CA ARG F 380 7.78 -22.33 30.56
C ARG F 380 7.81 -20.84 30.26
N TYR F 381 8.73 -20.10 30.88
CA TYR F 381 8.74 -18.64 30.76
C TYR F 381 9.64 -18.17 29.62
N ILE F 382 10.91 -18.60 29.61
CA ILE F 382 11.82 -18.25 28.51
C ILE F 382 11.64 -19.35 27.46
N THR F 383 10.57 -19.22 26.68
CA THR F 383 10.38 -20.07 25.51
C THR F 383 10.69 -19.26 24.24
N ALA F 384 11.96 -18.86 24.14
CA ALA F 384 12.50 -18.21 22.96
C ALA F 384 13.72 -18.94 22.43
N ARG F 385 14.59 -19.39 23.32
CA ARG F 385 15.56 -20.43 23.04
C ARG F 385 15.02 -21.74 23.62
N PHE F 386 15.85 -22.77 23.62
CA PHE F 386 15.39 -24.11 23.94
C PHE F 386 16.20 -24.71 25.09
N LEU F 387 15.58 -25.64 25.81
CA LEU F 387 16.08 -26.09 27.11
C LEU F 387 17.54 -26.55 27.10
N PRO F 388 17.98 -27.48 26.25
CA PRO F 388 19.36 -27.97 26.35
C PRO F 388 20.42 -26.91 26.08
N ASP F 389 20.14 -25.89 25.28
CA ASP F 389 21.12 -24.82 25.07
C ASP F 389 20.81 -23.53 25.81
N LYS F 390 19.53 -23.17 25.99
CA LYS F 390 19.22 -22.01 26.83
C LYS F 390 19.60 -22.28 28.27
N ALA F 391 19.55 -23.53 28.71
CA ALA F 391 19.99 -23.87 30.06
C ALA F 391 21.50 -23.84 30.18
N ILE F 392 22.22 -24.15 29.10
CA ILE F 392 23.67 -24.02 29.12
C ILE F 392 24.07 -22.56 29.15
N ASP F 393 23.40 -21.72 28.35
CA ASP F 393 23.72 -20.30 28.33
C ASP F 393 23.26 -19.62 29.62
N LEU F 394 22.20 -20.12 30.25
CA LEU F 394 21.77 -19.59 31.54
C LEU F 394 22.83 -19.78 32.59
N VAL F 395 23.31 -21.02 32.75
CA VAL F 395 24.36 -21.27 33.74
C VAL F 395 25.64 -20.57 33.35
N ASP F 396 25.90 -20.42 32.04
CA ASP F 396 27.11 -19.72 31.61
C ASP F 396 27.06 -18.25 32.02
N GLU F 397 25.97 -17.57 31.72
CA GLU F 397 25.82 -16.18 32.11
C GLU F 397 25.74 -16.02 33.61
N ALA F 398 25.19 -17.03 34.31
CA ALA F 398 25.12 -16.94 35.76
C ALA F 398 26.52 -17.05 36.38
N ALA F 399 27.34 -17.96 35.85
CA ALA F 399 28.72 -18.08 36.33
C ALA F 399 29.52 -16.83 35.99
N SER F 400 29.28 -16.26 34.81
CA SER F 400 29.93 -15.00 34.46
C SER F 400 29.51 -13.88 35.40
N ARG F 401 28.20 -13.81 35.70
CA ARG F 401 27.70 -12.80 36.62
C ARG F 401 28.30 -12.98 38.02
N LEU F 402 28.47 -14.23 38.45
CA LEU F 402 29.03 -14.48 39.77
C LEU F 402 30.51 -14.11 39.82
N ARG F 403 31.28 -14.56 38.84
CA ARG F 403 32.69 -14.17 38.78
C ARG F 403 32.83 -12.65 38.64
N MET F 404 31.82 -12.00 38.07
CA MET F 404 31.83 -10.55 38.01
C MET F 404 31.62 -9.94 39.38
N GLU F 405 30.50 -10.26 40.03
CA GLU F 405 30.17 -9.71 41.34
C GLU F 405 31.16 -10.14 42.42
N ILE F 406 32.04 -11.10 42.13
CA ILE F 406 33.09 -11.47 43.08
C ILE F 406 33.94 -10.27 43.47
N ASP F 407 34.12 -9.33 42.54
CA ASP F 407 35.05 -8.22 42.77
C ASP F 407 34.48 -7.24 43.79
N SER F 408 35.16 -6.10 43.92
CA SER F 408 34.90 -5.11 44.96
C SER F 408 33.43 -4.91 45.27
N ARG F 409 32.64 -4.56 44.26
CA ARG F 409 31.24 -4.23 44.48
C ARG F 409 30.33 -5.21 43.75
N PRO F 410 29.43 -5.91 44.45
CA PRO F 410 28.50 -6.85 43.82
C PRO F 410 27.35 -6.14 43.12
N LYS F 530 27.95 -13.41 48.09
CA LYS F 530 27.72 -14.81 47.74
C LYS F 530 28.98 -15.41 47.11
N GLU F 531 29.13 -16.74 47.22
CA GLU F 531 30.33 -17.41 46.74
C GLU F 531 30.00 -18.60 45.84
N GLU F 532 28.73 -18.83 45.55
CA GLU F 532 28.35 -19.95 44.69
C GLU F 532 26.98 -19.65 44.08
N VAL F 533 26.76 -20.18 42.88
CA VAL F 533 25.49 -19.99 42.21
C VAL F 533 24.42 -20.81 42.94
N GLY F 534 23.29 -20.18 43.23
CA GLY F 534 22.19 -20.85 43.86
C GLY F 534 20.89 -20.61 43.11
N PRO F 535 19.78 -20.53 43.83
CA PRO F 535 18.50 -20.24 43.19
C PRO F 535 18.23 -18.77 42.94
N ASP F 536 19.25 -17.90 43.03
CA ASP F 536 19.05 -16.46 42.90
C ASP F 536 19.56 -15.91 41.58
N ASP F 537 20.84 -16.14 41.25
CA ASP F 537 21.40 -15.60 40.02
C ASP F 537 20.74 -16.22 38.80
N ILE F 538 20.25 -17.45 38.91
CA ILE F 538 19.52 -18.08 37.82
C ILE F 538 18.27 -17.27 37.48
N ALA F 539 17.40 -17.05 38.48
CA ALA F 539 16.23 -16.21 38.27
C ALA F 539 16.62 -14.81 37.79
N ASP F 540 17.72 -14.28 38.31
CA ASP F 540 18.23 -12.99 37.82
C ASP F 540 18.40 -13.01 36.31
N VAL F 541 19.10 -14.02 35.79
CA VAL F 541 19.29 -14.09 34.34
C VAL F 541 17.98 -14.38 33.64
N VAL F 542 17.04 -15.06 34.29
CA VAL F 542 15.73 -15.28 33.70
C VAL F 542 15.04 -13.94 33.46
N SER F 543 15.20 -12.99 34.39
CA SER F 543 14.54 -11.70 34.25
C SER F 543 15.10 -10.90 33.08
N ALA F 544 16.42 -10.91 32.90
CA ALA F 544 17.08 -10.09 31.90
C ALA F 544 16.95 -10.63 30.48
N TRP F 545 16.06 -11.59 30.24
CA TRP F 545 15.89 -12.17 28.92
C TRP F 545 14.45 -12.00 28.46
N THR F 546 14.28 -11.34 27.31
CA THR F 546 12.99 -11.13 26.66
C THR F 546 12.00 -10.36 27.52
N GLY F 547 12.45 -9.81 28.65
CA GLY F 547 11.63 -8.92 29.44
C GLY F 547 10.61 -9.57 30.36
N ILE F 548 10.20 -10.80 30.05
CA ILE F 548 9.17 -11.46 30.88
C ILE F 548 9.79 -11.82 32.22
N PRO F 549 9.24 -11.34 33.34
CA PRO F 549 9.82 -11.66 34.64
C PRO F 549 9.36 -13.00 35.17
N ALA F 550 10.32 -13.82 35.66
CA ALA F 550 10.02 -15.15 36.17
C ALA F 550 11.14 -15.57 37.12
N GLY F 551 10.80 -15.64 38.41
CA GLY F 551 11.73 -16.10 39.42
C GLY F 551 11.00 -16.84 40.53
N ARG F 552 11.63 -16.85 41.71
CA ARG F 552 10.97 -17.35 42.90
C ARG F 552 9.89 -16.36 43.34
N LEU F 553 10.33 -15.18 43.76
CA LEU F 553 9.42 -14.10 44.11
C LEU F 553 10.29 -12.85 44.28
N LEU F 554 9.81 -11.72 43.77
CA LEU F 554 10.62 -10.49 43.83
C LEU F 554 10.43 -9.80 45.18
N GLU F 555 9.70 -10.46 46.09
CA GLU F 555 9.56 -10.04 47.48
C GLU F 555 8.86 -8.70 47.63
N GLY F 556 8.46 -8.07 46.52
CA GLY F 556 7.68 -6.86 46.58
C GLY F 556 6.50 -6.91 45.62
N GLU F 557 6.51 -7.91 44.73
CA GLU F 557 5.47 -8.10 43.74
C GLU F 557 4.29 -8.90 44.29
N THR F 558 4.50 -9.65 45.38
CA THR F 558 3.41 -10.43 45.95
C THR F 558 2.37 -9.53 46.59
N ALA F 559 2.80 -8.37 47.11
CA ALA F 559 1.89 -7.40 47.69
C ALA F 559 1.05 -6.67 46.64
N LYS F 560 1.69 -6.12 45.60
CA LYS F 560 0.94 -5.45 44.53
C LYS F 560 -0.08 -6.38 43.90
N LEU F 561 0.32 -7.64 43.65
CA LEU F 561 -0.61 -8.58 43.02
C LEU F 561 -1.80 -8.88 43.91
N LEU F 562 -1.60 -8.98 45.22
CA LEU F 562 -2.72 -9.10 46.13
C LEU F 562 -3.59 -7.85 46.14
N ARG F 563 -3.05 -6.71 45.72
CA ARG F 563 -3.71 -5.43 45.80
C ARG F 563 -4.14 -4.90 44.43
N MET F 564 -4.21 -5.76 43.42
CA MET F 564 -4.48 -5.29 42.06
C MET F 564 -5.86 -4.67 41.96
N GLU F 565 -6.88 -5.33 42.51
CA GLU F 565 -8.24 -4.80 42.43
C GLU F 565 -8.33 -3.40 43.01
N ASP F 566 -7.83 -3.20 44.23
CA ASP F 566 -7.88 -1.90 44.87
C ASP F 566 -7.04 -0.87 44.13
N GLU F 567 -5.84 -1.25 43.70
CA GLU F 567 -4.97 -0.31 43.01
C GLU F 567 -5.55 0.12 41.66
N LEU F 568 -6.28 -0.77 40.98
CA LEU F 568 -6.82 -0.45 39.67
C LEU F 568 -8.14 0.34 39.77
N GLY F 569 -8.79 0.31 40.92
CA GLY F 569 -10.02 1.05 41.12
C GLY F 569 -9.85 2.56 41.15
N LYS F 570 -8.63 3.06 41.25
CA LYS F 570 -8.40 4.50 41.24
C LYS F 570 -8.26 5.05 39.83
N ARG F 571 -8.09 4.19 38.84
CA ARG F 571 -8.07 4.60 37.44
C ARG F 571 -9.28 4.10 36.66
N VAL F 572 -9.83 2.94 37.01
CA VAL F 572 -11.11 2.48 36.47
C VAL F 572 -12.12 2.51 37.62
N ILE F 573 -13.33 2.97 37.32
CA ILE F 573 -14.34 3.22 38.33
C ILE F 573 -15.57 2.37 38.01
N GLY F 574 -16.08 1.67 39.01
CA GLY F 574 -17.19 0.77 38.81
C GLY F 574 -16.73 -0.56 38.26
N GLN F 575 -17.68 -1.28 37.67
CA GLN F 575 -17.43 -2.56 37.04
C GLN F 575 -16.77 -3.54 38.02
N LYS F 576 -17.49 -3.85 39.09
CA LYS F 576 -16.97 -4.75 40.12
C LYS F 576 -16.72 -6.15 39.55
N ALA F 577 -17.72 -6.71 38.85
CA ALA F 577 -17.53 -8.00 38.23
C ALA F 577 -16.38 -7.98 37.25
N ALA F 578 -16.27 -6.92 36.46
CA ALA F 578 -15.19 -6.82 35.48
C ALA F 578 -13.82 -6.78 36.14
N VAL F 579 -13.66 -6.00 37.21
CA VAL F 579 -12.35 -5.93 37.86
C VAL F 579 -12.03 -7.24 38.55
N THR F 580 -13.02 -7.88 39.18
CA THR F 580 -12.78 -9.19 39.77
C THR F 580 -12.29 -10.18 38.72
N ALA F 581 -12.97 -10.22 37.56
CA ALA F 581 -12.62 -11.20 36.54
C ALA F 581 -11.26 -10.90 35.92
N VAL F 582 -10.96 -9.61 35.68
CA VAL F 582 -9.68 -9.28 35.05
C VAL F 582 -8.54 -9.45 36.04
N SER F 583 -8.82 -9.35 37.34
CA SER F 583 -7.79 -9.58 38.34
C SER F 583 -7.51 -11.07 38.52
N ASP F 584 -8.56 -11.89 38.62
CA ASP F 584 -8.38 -13.32 38.81
C ASP F 584 -7.65 -13.96 37.64
N ALA F 585 -7.55 -13.26 36.52
CA ALA F 585 -6.96 -13.79 35.31
C ALA F 585 -5.44 -13.76 35.30
N VAL F 586 -4.82 -12.75 35.89
CA VAL F 586 -3.37 -12.60 35.89
C VAL F 586 -2.74 -13.29 37.10
N ARG F 587 -3.44 -13.27 38.24
CA ARG F 587 -2.92 -13.93 39.44
C ARG F 587 -2.87 -15.44 39.24
N ARG F 588 -3.87 -16.00 38.56
CA ARG F 588 -3.85 -17.41 38.22
C ARG F 588 -2.82 -17.75 37.16
N SER F 589 -2.03 -16.77 36.72
CA SER F 589 -0.96 -17.00 35.75
C SER F 589 0.41 -16.78 36.36
N ARG F 590 0.64 -15.64 37.00
CA ARG F 590 1.91 -15.32 37.63
C ARG F 590 2.34 -16.35 38.67
N ALA F 591 1.40 -17.18 39.15
CA ALA F 591 1.73 -18.20 40.14
C ALA F 591 2.04 -19.55 39.52
N GLY F 592 1.77 -19.71 38.22
CA GLY F 592 2.01 -20.98 37.55
C GLY F 592 0.83 -21.92 37.53
N VAL F 593 -0.39 -21.41 37.69
CA VAL F 593 -1.58 -22.25 37.74
C VAL F 593 -2.12 -22.45 36.33
N SER F 594 -1.89 -21.47 35.45
CA SER F 594 -2.52 -21.45 34.14
C SER F 594 -1.94 -22.54 33.23
N ASP F 595 -2.67 -22.81 32.15
CA ASP F 595 -2.34 -23.92 31.26
C ASP F 595 -1.17 -23.52 30.34
N PRO F 596 -0.28 -24.45 30.02
CA PRO F 596 0.97 -24.06 29.33
C PRO F 596 0.82 -23.71 27.87
N ASN F 597 -0.18 -24.23 27.16
CA ASN F 597 -0.36 -23.92 25.73
C ASN F 597 -1.64 -23.11 25.60
N ARG F 598 -1.52 -21.82 25.84
CA ARG F 598 -2.61 -20.86 25.78
C ARG F 598 -2.03 -19.46 26.02
N PRO F 599 -2.60 -18.41 25.43
CA PRO F 599 -2.23 -17.06 25.84
C PRO F 599 -2.59 -16.82 27.30
N THR F 600 -1.65 -16.23 28.04
CA THR F 600 -1.84 -16.05 29.47
C THR F 600 -3.00 -15.13 29.81
N GLY F 601 -3.67 -14.57 28.82
CA GLY F 601 -4.92 -13.85 29.01
C GLY F 601 -5.57 -13.57 27.68
N ALA F 602 -6.84 -13.92 27.54
CA ALA F 602 -7.54 -13.70 26.27
C ALA F 602 -9.04 -13.70 26.55
N PHE F 603 -9.66 -12.53 26.42
CA PHE F 603 -11.11 -12.41 26.51
C PHE F 603 -11.52 -11.13 25.82
N MET F 604 -12.82 -11.00 25.61
CA MET F 604 -13.40 -9.86 24.92
C MET F 604 -14.64 -9.40 25.67
N PHE F 605 -14.82 -8.10 25.79
CA PHE F 605 -16.00 -7.56 26.43
C PHE F 605 -16.61 -6.45 25.58
N LEU F 606 -17.84 -6.08 25.95
CA LEU F 606 -18.63 -5.13 25.18
C LEU F 606 -19.75 -4.59 26.06
N GLY F 607 -20.64 -3.83 25.45
CA GLY F 607 -21.78 -3.28 26.14
C GLY F 607 -22.14 -1.89 25.66
N PRO F 608 -22.67 -1.06 26.56
CA PRO F 608 -23.00 0.32 26.19
C PRO F 608 -21.75 1.19 26.15
N THR F 609 -21.88 2.33 25.48
CA THR F 609 -20.75 3.21 25.23
C THR F 609 -20.51 4.13 26.41
N GLY F 610 -19.28 4.66 26.48
CA GLY F 610 -18.93 5.61 27.52
C GLY F 610 -18.87 5.04 28.91
N VAL F 611 -18.45 3.78 29.06
CA VAL F 611 -18.47 3.10 30.34
C VAL F 611 -17.07 2.71 30.80
N GLY F 612 -16.11 2.58 29.88
CA GLY F 612 -14.76 2.28 30.28
C GLY F 612 -14.14 1.09 29.56
N LYS F 613 -14.76 0.65 28.46
CA LYS F 613 -14.28 -0.52 27.75
C LYS F 613 -12.84 -0.39 27.27
N THR F 614 -12.39 0.82 26.96
CA THR F 614 -11.00 1.08 26.60
C THR F 614 -10.17 1.52 27.79
N GLU F 615 -10.74 2.32 28.67
CA GLU F 615 -10.02 2.81 29.84
C GLU F 615 -9.52 1.66 30.71
N LEU F 616 -10.31 0.59 30.83
CA LEU F 616 -9.88 -0.55 31.65
C LEU F 616 -8.63 -1.20 31.05
N ALA F 617 -8.64 -1.46 29.74
CA ALA F 617 -7.47 -2.05 29.10
C ALA F 617 -6.27 -1.12 29.19
N LYS F 618 -6.50 0.19 29.10
CA LYS F 618 -5.39 1.14 29.19
C LYS F 618 -4.80 1.13 30.59
N ALA F 619 -5.64 1.05 31.62
CA ALA F 619 -5.13 0.92 32.97
C ALA F 619 -4.40 -0.40 33.17
N LEU F 620 -4.85 -1.45 32.48
CA LEU F 620 -4.14 -2.73 32.55
C LEU F 620 -2.75 -2.60 31.96
N ALA F 621 -2.63 -1.92 30.82
CA ALA F 621 -1.30 -1.66 30.26
C ALA F 621 -0.49 -0.72 31.15
N ASP F 622 -1.16 0.12 31.93
CA ASP F 622 -0.47 1.05 32.82
C ASP F 622 0.14 0.35 34.03
N PHE F 623 -0.61 -0.57 34.67
CA PHE F 623 -0.17 -1.13 35.94
C PHE F 623 0.85 -2.25 35.77
N LEU F 624 1.12 -2.70 34.55
CA LEU F 624 2.09 -3.75 34.31
C LEU F 624 3.40 -3.26 33.70
N PHE F 625 3.37 -2.17 32.94
CA PHE F 625 4.56 -1.63 32.32
C PHE F 625 4.92 -0.23 32.81
N ASP F 626 4.12 0.36 33.69
CA ASP F 626 4.34 1.67 34.30
C ASP F 626 4.20 2.82 33.31
N ASP F 627 3.97 2.54 32.03
CA ASP F 627 3.71 3.58 31.05
C ASP F 627 2.63 3.11 30.10
N GLU F 628 1.95 4.05 29.45
CA GLU F 628 0.85 3.71 28.56
C GLU F 628 1.32 3.27 27.18
N ARG F 629 2.43 3.82 26.69
CA ARG F 629 2.87 3.53 25.33
C ARG F 629 3.35 2.08 25.15
N ALA F 630 3.51 1.33 26.24
CA ALA F 630 4.02 -0.04 26.14
C ALA F 630 2.94 -1.05 25.77
N MET F 631 1.82 -0.59 25.24
CA MET F 631 0.75 -1.46 24.77
C MET F 631 0.78 -1.51 23.25
N VAL F 632 0.57 -2.71 22.70
CA VAL F 632 0.37 -2.85 21.26
C VAL F 632 -1.11 -2.65 21.00
N ARG F 633 -1.45 -1.68 20.16
CA ARG F 633 -2.84 -1.34 19.84
C ARG F 633 -2.98 -1.30 18.33
N ILE F 634 -3.84 -2.15 17.79
CA ILE F 634 -4.23 -2.09 16.38
C ILE F 634 -5.75 -2.09 16.31
N ASP F 635 -6.31 -1.17 15.54
CA ASP F 635 -7.75 -0.96 15.46
C ASP F 635 -8.29 -1.75 14.28
N MET F 636 -9.24 -2.65 14.57
CA MET F 636 -9.81 -3.53 13.56
C MET F 636 -10.86 -2.83 12.71
N SER F 637 -10.89 -1.50 12.73
CA SER F 637 -11.88 -0.75 11.99
C SER F 637 -11.53 -0.60 10.51
N GLU F 638 -10.25 -0.50 10.18
CA GLU F 638 -9.83 -0.27 8.81
C GLU F 638 -9.89 -1.55 7.97
N TYR F 639 -9.99 -2.71 8.61
CA TYR F 639 -10.03 -3.99 7.90
C TYR F 639 -11.44 -4.27 7.39
N GLY F 640 -11.85 -3.48 6.40
CA GLY F 640 -13.16 -3.61 5.79
C GLY F 640 -13.20 -4.47 4.55
N GLU F 641 -12.06 -4.94 4.05
CA GLU F 641 -11.98 -5.79 2.87
C GLU F 641 -11.23 -7.06 3.19
N LYS F 642 -11.32 -8.02 2.26
CA LYS F 642 -10.70 -9.32 2.48
C LYS F 642 -9.18 -9.22 2.46
N HIS F 643 -8.62 -8.61 1.41
CA HIS F 643 -7.19 -8.72 1.16
C HIS F 643 -6.34 -7.89 2.11
N THR F 644 -6.87 -7.35 3.20
CA THR F 644 -6.06 -6.63 4.18
C THR F 644 -5.47 -7.55 5.25
N VAL F 645 -5.46 -8.86 5.01
CA VAL F 645 -4.84 -9.79 5.95
C VAL F 645 -3.32 -9.63 5.92
N ALA F 646 -2.75 -9.33 4.75
CA ALA F 646 -1.31 -9.17 4.62
C ALA F 646 -0.79 -7.88 5.25
N ARG F 647 -1.68 -7.02 5.74
CA ARG F 647 -1.23 -5.80 6.41
C ARG F 647 -0.68 -6.11 7.79
N LEU F 648 -1.19 -7.16 8.44
CA LEU F 648 -0.69 -7.61 9.74
C LEU F 648 0.09 -8.91 9.62
N ILE F 649 0.37 -9.35 8.41
CA ILE F 649 1.13 -10.57 8.18
C ILE F 649 2.38 -10.37 7.34
N GLY F 650 2.42 -9.39 6.45
CA GLY F 650 3.53 -9.19 5.56
C GLY F 650 3.38 -9.96 4.26
N ALA F 651 3.77 -9.30 3.16
CA ALA F 651 3.56 -9.91 1.86
C ALA F 651 4.62 -10.98 1.59
N PRO F 652 4.25 -12.07 0.95
CA PRO F 652 5.17 -13.18 0.75
C PRO F 652 6.32 -12.78 -0.16
N PRO F 653 7.41 -13.54 -0.15
CA PRO F 653 8.54 -13.23 -1.05
C PRO F 653 8.12 -13.16 -2.50
N GLY F 654 8.46 -12.04 -3.14
CA GLY F 654 8.21 -11.86 -4.56
C GLY F 654 7.33 -10.68 -4.91
N TYR F 655 6.87 -9.90 -3.94
CA TYR F 655 5.98 -8.78 -4.18
C TYR F 655 6.67 -7.47 -3.79
N VAL F 656 5.92 -6.37 -3.87
CA VAL F 656 6.52 -5.05 -3.69
C VAL F 656 6.92 -4.81 -2.24
N GLY F 657 5.94 -4.80 -1.35
CA GLY F 657 6.27 -4.61 0.06
C GLY F 657 6.59 -5.94 0.71
N TYR F 658 7.88 -6.24 0.78
CA TYR F 658 8.35 -7.57 1.16
C TYR F 658 9.20 -7.54 2.43
N GLU F 659 10.12 -6.58 2.54
CA GLU F 659 10.94 -6.47 3.73
C GLU F 659 10.23 -5.70 4.85
N ALA F 660 9.08 -5.10 4.56
CA ALA F 660 8.40 -4.28 5.56
C ALA F 660 7.86 -5.09 6.73
N GLY F 661 7.54 -6.35 6.52
CA GLY F 661 7.00 -7.16 7.60
C GLY F 661 5.60 -6.76 8.01
N GLY F 662 4.97 -7.55 8.87
CA GLY F 662 3.61 -7.28 9.28
C GLY F 662 3.48 -6.11 10.23
N GLN F 663 2.37 -6.08 10.97
CA GLN F 663 2.11 -5.01 11.93
C GLN F 663 1.82 -5.60 13.30
N LEU F 664 1.45 -6.88 13.34
CA LEU F 664 1.22 -7.62 14.58
C LEU F 664 2.31 -8.64 14.85
N THR F 665 2.59 -9.53 13.89
CA THR F 665 3.56 -10.58 14.11
C THR F 665 4.96 -10.01 14.30
N GLU F 666 5.30 -8.96 13.55
CA GLU F 666 6.60 -8.33 13.74
C GLU F 666 6.74 -7.64 15.08
N ALA F 667 5.65 -7.06 15.61
CA ALA F 667 5.72 -6.41 16.90
C ALA F 667 5.67 -7.38 18.05
N VAL F 668 5.15 -8.60 17.84
CA VAL F 668 5.13 -9.58 18.91
C VAL F 668 6.34 -10.52 18.85
N ARG F 669 6.99 -10.65 17.69
CA ARG F 669 8.16 -11.53 17.60
C ARG F 669 9.24 -11.14 18.59
N ARG F 670 9.62 -9.86 18.61
CA ARG F 670 10.61 -9.35 19.55
C ARG F 670 9.87 -8.64 20.67
N ARG F 671 10.34 -8.84 21.90
CA ARG F 671 9.67 -8.40 23.12
C ARG F 671 8.28 -9.02 23.19
N PRO F 672 8.19 -10.35 23.37
CA PRO F 672 6.88 -11.01 23.33
C PRO F 672 6.18 -11.05 24.67
N TYR F 673 5.94 -9.90 25.28
CA TYR F 673 5.20 -9.88 26.54
C TYR F 673 4.13 -8.80 26.60
N THR F 674 4.08 -7.88 25.64
CA THR F 674 3.16 -6.74 25.72
C THR F 674 1.72 -7.23 25.54
N VAL F 675 0.77 -6.32 25.71
CA VAL F 675 -0.65 -6.61 25.58
C VAL F 675 -1.15 -6.00 24.27
N VAL F 676 -1.89 -6.78 23.50
CA VAL F 676 -2.40 -6.35 22.20
C VAL F 676 -3.88 -6.01 22.36
N LEU F 677 -4.27 -4.86 21.82
CA LEU F 677 -5.65 -4.37 21.92
C LEU F 677 -6.29 -4.40 20.54
N PHE F 678 -7.32 -5.23 20.38
CA PHE F 678 -8.07 -5.34 19.14
C PHE F 678 -9.33 -4.48 19.29
N ASP F 679 -9.17 -3.18 19.08
CA ASP F 679 -10.29 -2.26 19.20
C ASP F 679 -11.29 -2.51 18.08
N GLU F 680 -12.58 -2.58 18.44
CA GLU F 680 -13.67 -2.76 17.48
C GLU F 680 -13.42 -3.99 16.60
N ILE F 681 -13.42 -5.16 17.27
CA ILE F 681 -13.20 -6.41 16.56
C ILE F 681 -14.39 -6.76 15.68
N GLU F 682 -15.56 -6.18 15.97
CA GLU F 682 -16.76 -6.53 15.19
C GLU F 682 -16.67 -6.01 13.76
N LYS F 683 -15.82 -5.02 13.49
CA LYS F 683 -15.76 -4.38 12.19
C LYS F 683 -14.92 -5.13 11.18
N ALA F 684 -13.96 -5.93 11.63
CA ALA F 684 -13.04 -6.57 10.70
C ALA F 684 -13.77 -7.58 9.81
N HIS F 685 -13.17 -7.83 8.66
CA HIS F 685 -13.70 -8.82 7.73
C HIS F 685 -13.71 -10.19 8.40
N PRO F 686 -14.79 -10.97 8.28
CA PRO F 686 -14.84 -12.25 8.97
C PRO F 686 -13.92 -13.30 8.35
N ASP F 687 -12.66 -12.90 8.14
CA ASP F 687 -11.57 -13.81 7.81
C ASP F 687 -10.40 -13.69 8.78
N VAL F 688 -10.14 -12.48 9.29
CA VAL F 688 -9.18 -12.31 10.37
C VAL F 688 -9.66 -13.06 11.61
N PHE F 689 -10.96 -13.22 11.78
CA PHE F 689 -11.48 -14.05 12.86
C PHE F 689 -10.96 -15.48 12.73
N ASP F 690 -10.72 -15.94 11.50
CA ASP F 690 -10.15 -17.27 11.32
C ASP F 690 -8.69 -17.33 11.72
N VAL F 691 -7.92 -16.27 11.53
CA VAL F 691 -6.56 -16.19 12.06
C VAL F 691 -6.56 -16.24 13.58
N LEU F 692 -7.44 -15.44 14.20
CA LEU F 692 -7.55 -15.46 15.65
C LEU F 692 -8.02 -16.82 16.15
N LEU F 693 -8.82 -17.53 15.35
CA LEU F 693 -9.17 -18.91 15.65
C LEU F 693 -7.92 -19.77 15.84
N GLN F 694 -6.98 -19.69 14.91
CA GLN F 694 -5.72 -20.41 15.09
C GLN F 694 -4.97 -19.91 16.31
N VAL F 695 -4.96 -18.60 16.51
CA VAL F 695 -4.23 -18.02 17.64
C VAL F 695 -4.69 -18.63 18.95
N LEU F 696 -6.00 -18.74 19.14
CA LEU F 696 -6.52 -19.29 20.39
C LEU F 696 -6.33 -20.81 20.41
N ASP F 697 -5.95 -21.33 21.59
CA ASP F 697 -5.78 -22.75 21.90
C ASP F 697 -4.61 -23.39 21.17
N GLU F 698 -3.93 -22.68 20.29
CA GLU F 698 -2.71 -23.18 19.66
C GLU F 698 -1.47 -22.41 20.07
N GLY F 699 -1.49 -21.09 19.93
CA GLY F 699 -0.45 -20.25 20.47
C GLY F 699 0.67 -19.88 19.53
N ARG F 700 0.43 -19.84 18.23
CA ARG F 700 1.45 -19.45 17.26
C ARG F 700 0.78 -19.25 15.92
N LEU F 701 1.42 -18.45 15.07
CA LEU F 701 0.92 -18.22 13.71
C LEU F 701 2.11 -18.00 12.79
N THR F 702 1.89 -18.26 11.51
CA THR F 702 2.91 -18.10 10.49
C THR F 702 2.60 -16.88 9.64
N ASP F 703 3.67 -16.18 9.25
CA ASP F 703 3.57 -15.03 8.38
C ASP F 703 4.26 -15.35 7.05
N GLY F 704 4.30 -14.35 6.16
CA GLY F 704 4.65 -14.61 4.77
C GLY F 704 5.99 -15.29 4.56
N HIS F 705 7.00 -14.92 5.35
CA HIS F 705 8.33 -15.45 5.16
C HIS F 705 8.47 -16.91 5.57
N GLY F 706 7.53 -17.44 6.33
CA GLY F 706 7.54 -18.83 6.75
C GLY F 706 8.02 -19.07 8.16
N ARG F 707 8.32 -18.02 8.91
CA ARG F 707 8.74 -18.19 10.29
C ARG F 707 7.52 -18.32 11.20
N THR F 708 7.77 -18.78 12.42
CA THR F 708 6.72 -18.99 13.43
C THR F 708 7.08 -18.18 14.67
N VAL F 709 6.10 -17.45 15.20
CA VAL F 709 6.27 -16.68 16.42
C VAL F 709 5.32 -17.20 17.48
N ASP F 710 5.60 -16.90 18.74
CA ASP F 710 4.84 -17.44 19.85
C ASP F 710 3.98 -16.39 20.53
N PHE F 711 2.86 -16.83 21.09
CA PHE F 711 1.87 -15.98 21.74
C PHE F 711 1.41 -16.60 23.05
N ARG F 712 2.27 -17.40 23.69
CA ARG F 712 1.88 -18.12 24.90
C ARG F 712 2.17 -17.37 26.19
N ASN F 713 2.59 -16.11 26.11
CA ASN F 713 2.88 -15.31 27.30
C ASN F 713 2.29 -13.92 27.24
N THR F 714 1.45 -13.64 26.24
CA THR F 714 0.86 -12.32 26.08
C THR F 714 -0.58 -12.31 26.52
N ILE F 715 -1.17 -11.11 26.49
CA ILE F 715 -2.58 -10.91 26.84
C ILE F 715 -3.31 -10.48 25.58
N LEU F 716 -4.54 -10.96 25.43
CA LEU F 716 -5.34 -10.68 24.25
C LEU F 716 -6.62 -9.96 24.66
N ILE F 717 -6.80 -8.74 24.17
CA ILE F 717 -7.97 -7.92 24.47
C ILE F 717 -8.69 -7.61 23.17
N LEU F 718 -9.98 -7.91 23.13
CA LEU F 718 -10.85 -7.61 22.00
C LEU F 718 -12.07 -6.90 22.54
N THR F 719 -12.61 -5.95 21.77
CA THR F 719 -13.75 -5.18 22.22
C THR F 719 -14.70 -4.88 21.07
N SER F 720 -15.92 -4.49 21.42
CA SER F 720 -16.96 -4.13 20.46
C SER F 720 -18.11 -3.52 21.25
N ASN F 721 -19.20 -3.23 20.54
CA ASN F 721 -20.42 -2.73 21.16
C ASN F 721 -21.64 -3.38 20.53
N LEU F 722 -21.58 -4.69 20.29
CA LEU F 722 -22.68 -5.39 19.64
C LEU F 722 -24.01 -5.13 20.33
N GLY F 723 -25.02 -4.83 19.53
CA GLY F 723 -26.34 -4.53 20.05
C GLY F 723 -26.45 -3.13 20.60
N SER F 724 -25.86 -2.90 21.77
CA SER F 724 -25.84 -1.62 22.49
C SER F 724 -27.22 -1.22 23.00
N GLY F 725 -28.26 -1.95 22.68
CA GLY F 725 -29.60 -1.65 23.17
C GLY F 725 -30.25 -2.84 23.84
N GLY F 726 -29.76 -4.04 23.54
CA GLY F 726 -30.29 -5.24 24.17
C GLY F 726 -29.78 -5.40 25.59
N SER F 727 -30.69 -5.73 26.50
CA SER F 727 -30.31 -5.84 27.89
C SER F 727 -29.31 -6.98 28.11
N ALA F 728 -29.78 -8.22 27.99
CA ALA F 728 -28.86 -9.36 28.05
C ALA F 728 -29.06 -10.41 26.97
N GLU F 729 -30.29 -10.77 26.62
CA GLU F 729 -30.52 -11.89 25.71
C GLU F 729 -30.31 -11.50 24.27
N GLN F 730 -30.75 -10.30 23.89
CA GLN F 730 -30.48 -9.81 22.54
C GLN F 730 -28.98 -9.81 22.25
N VAL F 731 -28.20 -9.23 23.15
CA VAL F 731 -26.76 -9.15 22.93
C VAL F 731 -26.12 -10.54 23.03
N LEU F 732 -26.65 -11.40 23.89
CA LEU F 732 -26.13 -12.76 23.98
C LEU F 732 -26.28 -13.49 22.65
N ALA F 733 -27.51 -13.51 22.12
CA ALA F 733 -27.74 -14.15 20.83
C ALA F 733 -26.95 -13.46 19.72
N ALA F 734 -26.77 -12.14 19.82
CA ALA F 734 -26.03 -11.42 18.79
C ALA F 734 -24.57 -11.84 18.75
N VAL F 735 -23.93 -11.92 19.93
CA VAL F 735 -22.54 -12.32 19.96
C VAL F 735 -22.39 -13.80 19.62
N ARG F 736 -23.42 -14.60 19.90
CA ARG F 736 -23.36 -16.01 19.50
C ARG F 736 -23.54 -16.18 18.00
N ALA F 737 -24.25 -15.26 17.35
CA ALA F 737 -24.56 -15.37 15.94
C ALA F 737 -23.55 -14.69 15.03
N THR F 738 -22.89 -13.62 15.49
CA THR F 738 -21.91 -12.91 14.67
C THR F 738 -20.60 -13.66 14.56
N PHE F 739 -20.13 -14.26 15.66
CA PHE F 739 -18.99 -15.15 15.66
C PHE F 739 -19.47 -16.57 15.88
N LYS F 740 -18.85 -17.50 15.17
CA LYS F 740 -19.30 -18.88 15.21
C LYS F 740 -19.10 -19.47 16.61
N PRO F 741 -19.91 -20.45 17.02
CA PRO F 741 -19.74 -21.02 18.36
C PRO F 741 -18.46 -21.82 18.55
N GLU F 742 -17.74 -22.11 17.48
CA GLU F 742 -16.47 -22.82 17.58
C GLU F 742 -15.28 -21.88 17.80
N PHE F 743 -15.50 -20.56 17.69
CA PHE F 743 -14.50 -19.56 18.00
C PHE F 743 -14.70 -18.96 19.39
N ILE F 744 -15.96 -18.67 19.77
CA ILE F 744 -16.28 -18.24 21.11
C ILE F 744 -16.08 -19.35 22.13
N ASN F 745 -15.97 -20.60 21.68
CA ASN F 745 -15.81 -21.72 22.60
C ASN F 745 -14.53 -21.59 23.41
N ARG F 746 -13.42 -21.29 22.74
CA ARG F 746 -12.10 -21.24 23.35
C ARG F 746 -11.93 -20.09 24.34
N LEU F 747 -12.67 -19.00 24.18
CA LEU F 747 -12.42 -17.76 24.90
C LEU F 747 -12.61 -17.93 26.40
N ASP F 748 -12.14 -16.94 27.14
CA ASP F 748 -12.45 -16.79 28.56
C ASP F 748 -13.85 -16.21 28.68
N ASP F 749 -14.21 -15.72 29.87
CA ASP F 749 -15.50 -15.07 30.02
C ASP F 749 -15.59 -13.86 29.12
N VAL F 750 -16.71 -13.77 28.40
CA VAL F 750 -17.06 -12.59 27.61
C VAL F 750 -17.80 -11.63 28.52
N LEU F 751 -17.16 -10.53 28.88
CA LEU F 751 -17.65 -9.65 29.92
C LEU F 751 -18.65 -8.65 29.35
N ILE F 752 -19.43 -8.05 30.24
CA ILE F 752 -20.44 -7.07 29.88
C ILE F 752 -20.32 -5.93 30.87
N PHE F 753 -20.28 -4.70 30.38
CA PHE F 753 -20.22 -3.54 31.26
C PHE F 753 -21.61 -2.98 31.47
N GLU F 754 -21.85 -2.49 32.69
CA GLU F 754 -23.22 -2.26 33.14
C GLU F 754 -23.70 -0.85 32.88
N GLY F 755 -22.81 0.14 32.95
CA GLY F 755 -23.23 1.51 32.78
C GLY F 755 -23.02 2.35 34.03
N LEU F 756 -23.07 3.67 33.89
CA LEU F 756 -22.79 4.56 34.99
C LEU F 756 -24.06 4.92 35.76
N ASN F 757 -23.87 5.32 37.01
CA ASN F 757 -24.94 5.66 37.94
C ASN F 757 -24.58 6.95 38.67
N PRO F 758 -25.51 7.55 39.44
CA PRO F 758 -25.15 8.83 40.10
C PRO F 758 -24.01 8.72 41.08
N GLU F 759 -24.02 7.73 41.98
CA GLU F 759 -22.97 7.63 42.98
C GLU F 759 -21.60 7.36 42.37
N GLU F 760 -21.57 6.89 41.13
CA GLU F 760 -20.33 6.53 40.46
C GLU F 760 -19.69 7.69 39.72
N LEU F 761 -20.38 8.82 39.60
CA LEU F 761 -19.91 9.92 38.77
C LEU F 761 -19.12 10.97 39.54
N VAL F 762 -19.34 11.11 40.85
CA VAL F 762 -18.59 12.09 41.62
C VAL F 762 -17.10 11.73 41.62
N ARG F 763 -16.79 10.44 41.74
CA ARG F 763 -15.40 10.01 41.68
C ARG F 763 -14.80 10.26 40.30
N ILE F 764 -15.58 10.06 39.24
CA ILE F 764 -15.11 10.38 37.90
C ILE F 764 -14.80 11.86 37.79
N VAL F 765 -15.67 12.71 38.32
CA VAL F 765 -15.43 14.14 38.30
C VAL F 765 -14.14 14.48 39.04
N ASP F 766 -13.92 13.83 40.18
CA ASP F 766 -12.69 14.07 40.93
C ASP F 766 -11.47 13.68 40.12
N ILE F 767 -11.55 12.54 39.41
CA ILE F 767 -10.43 12.11 38.59
C ILE F 767 -10.16 13.12 37.48
N GLN F 768 -11.22 13.58 36.80
CA GLN F 768 -11.04 14.53 35.71
C GLN F 768 -10.45 15.84 36.23
N LEU F 769 -10.86 16.26 37.41
CA LEU F 769 -10.34 17.51 37.95
C LEU F 769 -8.87 17.37 38.34
N ALA F 770 -8.51 16.24 38.96
CA ALA F 770 -7.09 16.00 39.24
C ALA F 770 -6.27 15.96 37.96
N GLN F 771 -6.83 15.38 36.89
CA GLN F 771 -6.14 15.35 35.62
C GLN F 771 -5.94 16.76 35.05
N LEU F 772 -6.98 17.58 35.12
CA LEU F 772 -6.86 18.96 34.64
C LEU F 772 -5.83 19.73 35.45
N GLY F 773 -5.74 19.44 36.75
CA GLY F 773 -4.70 20.04 37.56
C GLY F 773 -3.31 19.63 37.10
N LYS F 774 -3.11 18.32 36.92
CA LYS F 774 -1.84 17.83 36.38
C LYS F 774 -1.50 18.51 35.07
N ARG F 775 -2.50 18.77 34.23
CA ARG F 775 -2.26 19.41 32.94
C ARG F 775 -1.84 20.86 33.12
N LEU F 776 -2.71 21.67 33.73
CA LEU F 776 -2.36 23.07 33.91
C LEU F 776 -1.63 23.28 35.24
N ALA F 777 -0.69 22.41 35.55
CA ALA F 777 0.30 22.66 36.59
C ALA F 777 1.55 23.32 36.05
N GLN F 778 1.82 23.21 34.75
CA GLN F 778 3.05 23.74 34.16
C GLN F 778 2.98 25.23 33.90
N ARG F 779 1.81 25.84 34.03
CA ARG F 779 1.71 27.29 34.21
C ARG F 779 1.43 27.63 35.66
N ARG F 780 1.44 26.63 36.54
CA ARG F 780 1.30 26.80 37.98
C ARG F 780 0.04 27.59 38.33
N LEU F 781 -1.10 27.02 37.94
CA LEU F 781 -2.42 27.59 38.20
C LEU F 781 -3.28 26.57 38.93
N GLN F 782 -2.72 25.98 39.98
CA GLN F 782 -3.43 24.95 40.73
C GLN F 782 -4.83 25.43 41.13
N LEU F 783 -5.78 24.51 41.07
CA LEU F 783 -7.19 24.83 41.14
C LEU F 783 -7.68 24.89 42.58
N GLN F 784 -8.81 25.58 42.76
CA GLN F 784 -9.52 25.60 44.02
C GLN F 784 -11.01 25.49 43.69
N VAL F 785 -11.58 24.30 43.88
CA VAL F 785 -12.93 24.01 43.47
C VAL F 785 -13.74 23.59 44.70
N SER F 786 -15.01 23.96 44.72
CA SER F 786 -15.88 23.69 45.85
C SER F 786 -16.70 22.42 45.61
N LEU F 787 -16.99 21.72 46.71
CA LEU F 787 -17.83 20.53 46.65
C LEU F 787 -19.20 20.80 46.03
N PRO F 788 -19.87 21.93 46.26
CA PRO F 788 -21.08 22.23 45.49
C PRO F 788 -20.86 22.17 43.98
N ALA F 789 -19.78 22.77 43.48
CA ALA F 789 -19.51 22.71 42.05
C ALA F 789 -19.21 21.28 41.60
N LYS F 790 -18.48 20.53 42.42
CA LYS F 790 -18.23 19.12 42.11
C LYS F 790 -19.52 18.36 41.91
N ARG F 791 -20.42 18.42 42.89
CA ARG F 791 -21.69 17.71 42.78
C ARG F 791 -22.54 18.27 41.64
N TRP F 792 -22.43 19.57 41.38
CA TRP F 792 -23.19 20.16 40.28
C TRP F 792 -22.77 19.57 38.94
N LEU F 793 -21.47 19.45 38.72
CA LEU F 793 -20.98 18.83 37.49
C LEU F 793 -21.40 17.37 37.42
N ALA F 794 -21.20 16.63 38.52
CA ALA F 794 -21.54 15.21 38.54
C ALA F 794 -23.02 14.96 38.31
N GLN F 795 -23.87 15.91 38.70
CA GLN F 795 -25.31 15.81 38.44
C GLN F 795 -25.65 16.21 37.01
N ARG F 796 -25.15 17.34 36.55
CA ARG F 796 -25.50 17.87 35.23
C ARG F 796 -25.08 16.92 34.13
N GLY F 797 -23.82 16.50 34.13
CA GLY F 797 -23.43 15.52 33.13
C GLY F 797 -23.65 14.11 33.62
N PHE F 798 -24.83 13.55 33.32
CA PHE F 798 -25.20 12.23 33.84
C PHE F 798 -25.84 11.29 32.84
N ASP F 799 -26.43 11.80 31.74
CA ASP F 799 -27.35 11.07 30.87
C ASP F 799 -26.90 9.63 30.63
N PRO F 800 -27.70 8.64 30.99
CA PRO F 800 -27.26 7.25 30.90
C PRO F 800 -27.41 6.63 29.52
N VAL F 801 -27.03 7.35 28.48
CA VAL F 801 -26.94 6.77 27.15
C VAL F 801 -25.58 7.00 26.49
N TYR F 802 -24.83 8.02 26.91
CA TYR F 802 -23.50 8.27 26.38
C TYR F 802 -22.39 7.98 27.38
N GLY F 803 -22.69 7.94 28.66
CA GLY F 803 -21.68 7.62 29.67
C GLY F 803 -20.89 8.85 30.09
N ALA F 804 -19.56 8.72 30.11
CA ALA F 804 -18.69 9.73 30.72
C ALA F 804 -18.22 10.82 29.77
N ARG F 805 -18.27 10.58 28.46
CA ARG F 805 -17.85 11.61 27.51
C ARG F 805 -18.58 12.94 27.66
N PRO F 806 -19.90 12.99 27.88
CA PRO F 806 -20.52 14.29 28.12
C PRO F 806 -19.95 15.00 29.32
N LEU F 807 -19.40 14.25 30.28
CA LEU F 807 -18.81 14.89 31.45
C LEU F 807 -17.52 15.61 31.07
N ARG F 808 -16.68 14.99 30.24
CA ARG F 808 -15.50 15.70 29.73
C ARG F 808 -15.91 16.92 28.92
N ARG F 809 -16.94 16.77 28.08
CA ARG F 809 -17.40 17.91 27.30
C ARG F 809 -17.84 19.06 28.19
N LEU F 810 -18.60 18.74 29.24
CA LEU F 810 -19.09 19.78 30.14
C LEU F 810 -17.95 20.41 30.93
N VAL F 811 -17.00 19.60 31.41
CA VAL F 811 -15.85 20.14 32.13
C VAL F 811 -15.12 21.15 31.26
N GLN F 812 -14.79 20.76 30.03
CA GLN F 812 -14.11 21.66 29.12
C GLN F 812 -14.93 22.94 28.92
N GLN F 813 -16.15 22.79 28.40
CA GLN F 813 -16.94 23.96 28.01
C GLN F 813 -17.29 24.85 29.19
N ALA F 814 -17.23 24.32 30.42
CA ALA F 814 -17.60 25.10 31.59
C ALA F 814 -16.43 25.79 32.26
N ILE F 815 -15.31 25.10 32.47
CA ILE F 815 -14.13 25.68 33.08
C ILE F 815 -13.20 26.26 32.03
N GLY F 816 -12.72 25.43 31.11
CA GLY F 816 -11.67 25.85 30.20
C GLY F 816 -12.07 27.05 29.37
N ASP F 817 -13.36 27.19 29.07
CA ASP F 817 -13.82 28.36 28.34
C ASP F 817 -13.42 29.64 29.06
N GLN F 818 -13.93 29.84 30.27
CA GLN F 818 -13.64 31.07 30.99
C GLN F 818 -12.16 31.16 31.36
N LEU F 819 -11.55 30.03 31.69
CA LEU F 819 -10.15 30.04 32.11
C LEU F 819 -9.25 30.51 30.96
N ALA F 820 -9.46 29.99 29.76
CA ALA F 820 -8.71 30.43 28.60
C ALA F 820 -9.09 31.82 28.15
N LYS F 821 -10.32 32.26 28.43
CA LYS F 821 -10.68 33.65 28.16
C LYS F 821 -9.87 34.59 29.03
N MET F 822 -9.76 34.27 30.32
CA MET F 822 -9.02 35.14 31.24
C MET F 822 -7.52 35.06 31.00
N LEU F 823 -6.97 33.87 30.80
CA LEU F 823 -5.53 33.68 30.82
C LEU F 823 -4.82 34.44 29.71
N LEU F 824 -5.53 34.85 28.67
CA LEU F 824 -4.94 35.60 27.58
C LEU F 824 -5.22 37.09 27.67
N ALA F 825 -6.10 37.52 28.56
CA ALA F 825 -6.34 38.93 28.81
C ALA F 825 -5.60 39.43 30.04
N GLY F 826 -4.75 38.60 30.62
CA GLY F 826 -4.01 38.96 31.81
C GLY F 826 -4.76 38.59 33.09
N GLN F 827 -4.30 39.21 34.18
CA GLN F 827 -4.90 39.26 35.51
C GLN F 827 -5.02 37.89 36.17
N VAL F 828 -4.61 36.81 35.52
CA VAL F 828 -4.64 35.48 36.12
C VAL F 828 -3.25 34.86 35.94
N HIS F 829 -2.23 35.70 35.98
CA HIS F 829 -0.87 35.31 35.63
C HIS F 829 -0.39 34.13 36.47
N ASP F 830 0.74 33.56 36.05
CA ASP F 830 1.31 32.33 36.60
C ASP F 830 1.45 32.38 38.11
N GLY F 831 1.51 31.21 38.75
CA GLY F 831 1.55 31.15 40.19
C GLY F 831 0.29 31.73 40.80
N ASP F 832 -0.84 31.05 40.60
CA ASP F 832 -2.11 31.59 41.06
C ASP F 832 -3.04 30.43 41.38
N THR F 833 -4.05 30.73 42.21
CA THR F 833 -5.04 29.74 42.61
C THR F 833 -6.42 30.33 42.40
N VAL F 834 -7.17 29.79 41.45
CA VAL F 834 -8.47 30.32 41.05
C VAL F 834 -9.54 29.57 41.82
N PRO F 835 -10.52 30.27 42.39
CA PRO F 835 -11.69 29.59 42.96
C PRO F 835 -12.85 29.52 41.98
N VAL F 836 -13.74 28.57 42.24
CA VAL F 836 -14.96 28.43 41.46
C VAL F 836 -16.13 28.24 42.42
N ASN F 837 -17.28 28.79 42.03
CA ASN F 837 -18.46 28.77 42.87
C ASN F 837 -19.70 28.64 41.99
N VAL F 838 -20.69 27.89 42.48
CA VAL F 838 -21.89 27.64 41.71
C VAL F 838 -22.73 28.91 41.63
N SER F 839 -22.73 29.54 40.46
CA SER F 839 -23.66 30.61 40.13
C SER F 839 -25.02 30.01 39.82
N PRO F 840 -26.10 30.82 39.88
CA PRO F 840 -27.44 30.31 39.56
C PRO F 840 -27.52 29.34 38.39
N ASP F 841 -26.87 29.65 37.27
CA ASP F 841 -26.83 28.77 36.12
C ASP F 841 -25.42 28.28 35.80
N ALA F 842 -24.49 29.20 35.58
CA ALA F 842 -23.10 28.86 35.31
C ALA F 842 -22.35 28.72 36.63
N ASP F 843 -21.02 28.72 36.56
CA ASP F 843 -20.18 28.78 37.76
C ASP F 843 -19.05 29.78 37.51
N SER F 844 -19.10 30.91 38.20
CA SER F 844 -18.12 31.95 38.00
C SER F 844 -16.77 31.56 38.60
N LEU F 845 -15.75 32.35 38.32
CA LEU F 845 -14.41 32.07 38.81
C LEU F 845 -13.93 33.14 39.79
N MET G 1 88.79 57.56 69.74
CA MET G 1 88.42 56.16 69.90
C MET G 1 87.59 55.90 71.18
N ALA G 2 87.74 56.76 72.20
CA ALA G 2 87.01 56.61 73.47
C ALA G 2 85.49 56.72 73.32
N ARG G 3 85.04 57.56 72.39
CA ARG G 3 83.62 57.76 72.18
C ARG G 3 82.95 56.50 71.57
N ALA G 4 81.68 56.31 71.93
CA ALA G 4 80.86 55.17 71.47
C ALA G 4 79.41 55.47 71.83
N VAL G 5 78.49 54.77 71.21
CA VAL G 5 77.09 55.05 71.46
C VAL G 5 76.56 54.43 72.72
N GLY G 6 75.56 55.08 73.28
CA GLY G 6 74.88 54.65 74.46
C GLY G 6 73.50 54.31 74.11
N ILE G 7 73.03 53.21 74.56
CA ILE G 7 71.78 52.80 74.18
C ILE G 7 70.85 52.55 75.25
N ASP G 8 69.74 53.20 75.17
CA ASP G 8 68.73 53.03 76.05
C ASP G 8 67.84 52.03 75.53
N LEU G 9 68.11 50.79 75.86
CA LEU G 9 67.31 49.74 75.36
C LEU G 9 66.08 49.63 76.21
N GLY G 10 65.10 50.46 75.90
CA GLY G 10 63.89 50.54 76.67
C GLY G 10 62.82 49.41 76.36
N THR G 11 61.82 49.28 77.31
CA THR G 11 60.72 48.25 77.22
C THR G 11 59.81 48.51 76.07
N THR G 12 59.41 49.78 75.93
CA THR G 12 58.55 50.18 74.86
C THR G 12 59.21 51.06 73.84
N ASN G 13 60.25 51.77 74.26
CA ASN G 13 60.97 52.68 73.36
C ASN G 13 62.50 52.72 73.60
N SER G 14 63.29 52.49 72.55
CA SER G 14 64.73 52.56 72.66
C SER G 14 65.33 53.82 72.01
N VAL G 15 66.38 54.30 72.58
CA VAL G 15 67.02 55.55 72.15
C VAL G 15 68.57 55.40 72.08
N VAL G 16 69.17 55.94 71.02
CA VAL G 16 70.65 55.92 70.88
C VAL G 16 71.26 57.32 70.97
N SER G 17 72.35 57.44 71.71
CA SER G 17 73.07 58.69 71.86
C SER G 17 74.51 58.48 71.56
N VAL G 18 75.16 59.49 71.07
CA VAL G 18 76.54 59.37 70.74
C VAL G 18 77.38 60.62 71.16
N LEU G 19 78.57 60.39 71.71
CA LEU G 19 79.40 61.55 72.10
C LEU G 19 80.09 62.12 70.88
N GLU G 20 79.87 63.40 70.66
CA GLU G 20 80.47 64.14 69.58
C GLU G 20 81.33 65.20 70.16
N GLY G 21 82.58 64.90 70.32
CA GLY G 21 83.51 65.84 70.93
C GLY G 21 83.28 65.94 72.41
N GLY G 22 82.67 64.93 72.98
CA GLY G 22 82.33 64.92 74.39
C GLY G 22 80.86 65.32 74.64
N ASP G 23 80.16 65.78 73.61
CA ASP G 23 78.79 66.22 73.71
C ASP G 23 77.82 65.18 73.24
N PRO G 24 77.07 64.54 74.09
CA PRO G 24 76.14 63.49 73.77
C PRO G 24 74.98 64.04 72.95
N VAL G 25 74.83 63.50 71.78
CA VAL G 25 73.82 63.91 70.85
C VAL G 25 72.94 62.70 70.52
N VAL G 26 71.63 62.85 70.61
CA VAL G 26 70.79 61.71 70.35
C VAL G 26 70.57 61.48 68.87
N VAL G 27 70.90 60.28 68.47
CA VAL G 27 70.81 59.77 67.11
C VAL G 27 69.35 59.56 66.64
N ALA G 28 69.03 60.14 65.46
CA ALA G 28 67.69 59.96 64.84
C ALA G 28 67.57 58.66 64.04
N ASN G 29 66.39 58.07 64.08
CA ASN G 29 66.05 56.87 63.36
C ASN G 29 65.86 57.22 61.92
N SER G 30 65.91 56.23 61.08
CA SER G 30 65.65 56.37 59.67
C SER G 30 64.22 56.80 59.42
N GLU G 31 63.38 56.54 60.37
CA GLU G 31 61.98 56.86 60.39
C GLU G 31 61.69 58.35 60.72
N GLY G 32 62.74 59.12 61.07
CA GLY G 32 62.59 60.54 61.37
C GLY G 32 62.33 60.86 62.82
N SER G 33 62.58 59.92 63.71
CA SER G 33 62.37 60.17 65.11
C SER G 33 63.53 59.63 65.93
N ARG G 34 63.87 60.34 66.95
CA ARG G 34 64.97 59.96 67.81
C ARG G 34 64.57 58.87 68.77
N THR G 35 63.28 58.60 68.85
CA THR G 35 62.77 57.57 69.71
C THR G 35 62.23 56.38 68.86
N THR G 36 62.79 55.15 69.11
CA THR G 36 62.43 53.93 68.34
C THR G 36 61.58 52.97 69.14
N PRO G 37 60.39 52.69 68.74
CA PRO G 37 59.54 51.75 69.38
C PRO G 37 60.33 50.44 69.50
N SER G 38 60.38 49.89 70.70
CA SER G 38 61.11 48.61 70.98
C SER G 38 60.26 47.39 70.57
N ILE G 39 59.87 47.37 69.27
CA ILE G 39 59.00 46.33 68.69
C ILE G 39 59.61 45.69 67.51
N VAL G 40 59.67 44.39 67.52
CA VAL G 40 60.22 43.70 66.42
C VAL G 40 59.06 42.73 65.78
N ALA G 41 58.72 42.99 64.49
CA ALA G 41 57.62 42.23 63.81
C ALA G 41 58.14 41.49 62.57
N PHE G 42 57.59 40.33 62.34
CA PHE G 42 57.96 39.56 61.15
C PHE G 42 56.75 39.54 60.24
N ALA G 43 56.79 40.37 59.19
CA ALA G 43 55.69 40.43 58.24
C ALA G 43 55.60 39.17 57.55
N ARG G 44 54.38 38.83 57.10
CA ARG G 44 54.11 37.52 56.48
C ARG G 44 54.63 37.38 55.03
N ASN G 45 55.93 37.54 54.91
CA ASN G 45 56.73 37.41 53.73
C ASN G 45 58.17 37.24 54.08
N GLY G 46 58.48 37.10 55.38
CA GLY G 46 59.84 36.98 55.83
C GLY G 46 60.54 38.35 55.97
N GLU G 47 59.78 39.38 56.30
CA GLU G 47 60.37 40.73 56.39
C GLU G 47 60.46 41.25 57.88
N VAL G 48 61.66 41.62 58.28
CA VAL G 48 61.89 42.09 59.64
C VAL G 48 61.61 43.56 59.78
N LEU G 49 60.64 43.89 60.60
CA LEU G 49 60.27 45.22 60.84
C LEU G 49 60.68 45.62 62.27
N VAL G 50 61.47 46.64 62.40
CA VAL G 50 61.87 47.07 63.74
C VAL G 50 61.53 48.56 63.91
N GLY G 51 60.80 48.88 64.99
CA GLY G 51 60.43 50.29 65.23
C GLY G 51 58.97 50.59 64.86
N GLN G 52 58.74 51.78 64.26
CA GLN G 52 57.37 52.24 63.95
C GLN G 52 56.55 51.40 63.00
N PRO G 53 57.06 50.79 61.93
CA PRO G 53 56.30 49.95 61.03
C PRO G 53 55.96 48.59 61.69
N ALA G 54 56.70 48.21 62.71
CA ALA G 54 56.37 47.04 63.46
C ALA G 54 55.19 47.38 64.31
N LYS G 55 55.22 48.61 64.85
CA LYS G 55 54.12 49.16 65.67
C LYS G 55 52.85 49.31 64.83
N ASN G 56 53.02 49.80 63.63
CA ASN G 56 51.91 50.02 62.69
C ASN G 56 51.20 48.74 62.30
N GLN G 57 51.95 47.68 62.12
CA GLN G 57 51.35 46.42 61.75
C GLN G 57 51.03 45.52 62.90
N ALA G 58 51.41 45.92 64.16
CA ALA G 58 51.28 45.09 65.35
C ALA G 58 49.88 44.56 65.60
N VAL G 59 48.89 45.39 65.39
CA VAL G 59 47.52 45.00 65.63
C VAL G 59 46.99 43.98 64.69
N THR G 60 47.55 43.86 63.51
CA THR G 60 47.10 42.88 62.56
C THR G 60 48.03 41.71 62.50
N ASN G 61 49.27 41.96 62.86
CA ASN G 61 50.30 40.95 62.83
C ASN G 61 50.73 40.55 64.16
N VAL G 62 49.82 40.52 65.11
CA VAL G 62 50.16 40.15 66.47
C VAL G 62 50.73 38.76 66.53
N ASP G 63 50.35 37.96 65.57
CA ASP G 63 50.82 36.61 65.38
C ASP G 63 52.36 36.51 65.32
N ARG G 64 52.99 37.53 64.77
CA ARG G 64 54.44 37.54 64.64
C ARG G 64 55.05 38.86 65.13
N THR G 65 54.38 39.54 66.07
CA THR G 65 54.89 40.79 66.55
C THR G 65 55.23 40.68 67.99
N VAL G 66 56.44 41.04 68.32
CA VAL G 66 56.87 40.97 69.66
C VAL G 66 57.07 42.35 70.22
N ARG G 67 56.31 42.64 71.23
CA ARG G 67 56.39 43.89 71.89
C ARG G 67 56.76 43.68 73.37
N SER G 68 57.66 44.52 73.88
CA SER G 68 58.16 44.47 75.27
C SER G 68 58.89 43.17 75.59
N VAL G 69 59.73 42.70 74.65
CA VAL G 69 60.51 41.46 74.85
C VAL G 69 61.44 41.57 75.98
N LYS G 70 61.80 42.78 76.32
CA LYS G 70 62.65 43.12 77.40
C LYS G 70 62.22 42.52 78.71
N ARG G 71 60.93 42.36 78.88
CA ARG G 71 60.35 41.75 80.03
C ARG G 71 60.74 40.29 80.26
N HIS G 72 61.33 39.65 79.25
CA HIS G 72 61.73 38.27 79.35
C HIS G 72 63.19 37.98 79.10
N MET G 73 64.05 38.99 79.17
CA MET G 73 65.45 38.82 78.82
C MET G 73 66.20 37.76 79.61
N GLY G 74 65.93 37.64 80.88
CA GLY G 74 66.66 36.67 81.71
C GLY G 74 66.09 35.26 81.65
N SER G 75 65.09 35.04 80.81
CA SER G 75 64.48 33.74 80.70
C SER G 75 64.87 33.03 79.42
N ASP G 76 64.26 31.88 79.22
CA ASP G 76 64.45 31.07 78.03
C ASP G 76 63.38 31.39 76.98
N TRP G 77 62.68 32.52 77.17
CA TRP G 77 61.61 32.99 76.29
C TRP G 77 62.06 33.10 74.83
N SER G 78 61.25 32.49 73.95
CA SER G 78 61.50 32.56 72.52
C SER G 78 60.23 32.43 71.75
N ILE G 79 60.19 33.07 70.60
CA ILE G 79 59.03 33.02 69.78
C ILE G 79 59.34 32.32 68.48
N GLU G 80 58.64 31.24 68.21
CA GLU G 80 58.91 30.46 67.02
C GLU G 80 58.21 31.04 65.83
N ILE G 81 58.99 31.67 64.95
CA ILE G 81 58.44 32.27 63.78
C ILE G 81 59.06 31.70 62.55
N ASP G 82 58.24 31.01 61.80
CA ASP G 82 58.60 30.42 60.53
C ASP G 82 59.83 29.63 60.51
N GLY G 83 60.01 28.78 61.50
CA GLY G 83 61.14 27.93 61.54
C GLY G 83 62.23 28.33 62.45
N LYS G 84 62.23 29.50 62.97
CA LYS G 84 63.26 29.89 63.83
C LYS G 84 62.76 30.52 65.12
N LYS G 85 63.22 30.00 66.20
CA LYS G 85 62.88 30.55 67.48
C LYS G 85 63.76 31.72 67.74
N TYR G 86 63.15 32.85 68.08
CA TYR G 86 63.87 34.05 68.37
C TYR G 86 63.86 34.31 69.84
N THR G 87 64.97 34.12 70.44
CA THR G 87 65.09 34.24 71.85
C THR G 87 65.06 35.73 72.23
N ALA G 88 64.77 36.03 73.53
CA ALA G 88 64.70 37.44 73.95
C ALA G 88 66.00 38.24 73.62
N PRO G 89 67.22 37.67 73.78
CA PRO G 89 68.47 38.23 73.31
C PRO G 89 68.43 38.52 71.85
N GLU G 90 67.95 37.56 71.03
CA GLU G 90 67.89 37.77 69.60
C GLU G 90 66.90 38.81 69.18
N ILE G 91 65.76 38.88 69.85
CA ILE G 91 64.76 39.82 69.49
C ILE G 91 65.18 41.21 69.84
N SER G 92 65.74 41.38 71.05
CA SER G 92 66.25 42.67 71.43
C SER G 92 67.47 43.05 70.59
N ALA G 93 68.19 42.02 70.04
CA ALA G 93 69.30 42.29 69.17
C ALA G 93 68.86 42.88 67.91
N ARG G 94 67.64 42.59 67.50
CA ARG G 94 67.11 43.16 66.28
C ARG G 94 66.81 44.64 66.46
N ILE G 95 66.52 45.06 67.69
CA ILE G 95 66.32 46.41 67.98
C ILE G 95 67.56 47.08 67.90
N LEU G 96 68.60 46.47 68.54
CA LEU G 96 69.92 47.00 68.59
C LEU G 96 70.51 47.12 67.28
N MET G 97 70.16 46.17 66.40
CA MET G 97 70.59 46.08 65.05
C MET G 97 70.12 47.27 64.27
N LYS G 98 68.79 47.56 64.37
CA LYS G 98 68.17 48.75 63.71
C LYS G 98 68.73 49.99 64.24
N LEU G 99 68.90 50.05 65.46
CA LEU G 99 69.40 51.17 66.09
C LEU G 99 70.90 51.43 65.63
N LYS G 100 71.67 50.30 65.49
CA LYS G 100 73.05 50.34 65.04
C LYS G 100 73.12 50.88 63.66
N ARG G 101 72.25 50.34 62.79
CA ARG G 101 72.22 50.70 61.39
C ARG G 101 71.91 52.19 61.21
N ASP G 102 70.98 52.72 62.01
CA ASP G 102 70.66 54.13 61.90
C ASP G 102 71.75 54.99 62.43
N ALA G 103 72.43 54.53 63.50
CA ALA G 103 73.53 55.26 64.03
C ALA G 103 74.64 55.29 63.09
N GLU G 104 74.81 54.19 62.33
CA GLU G 104 75.86 54.13 61.32
C GLU G 104 75.62 55.11 60.26
N ALA G 105 74.35 55.21 59.82
CA ALA G 105 73.97 56.12 58.78
C ALA G 105 74.12 57.54 59.21
N TYR G 106 73.75 57.80 60.44
CA TYR G 106 73.80 59.08 61.08
C TYR G 106 75.21 59.62 61.19
N LEU G 107 76.07 58.78 61.70
CA LEU G 107 77.41 59.11 61.92
C LEU G 107 78.31 58.95 60.73
N GLY G 108 77.98 58.05 59.82
CA GLY G 108 78.79 57.81 58.67
C GLY G 108 79.95 56.94 59.04
N GLU G 109 79.76 56.10 60.00
CA GLU G 109 80.82 55.21 60.48
C GLU G 109 80.27 54.03 61.19
N ASP G 110 81.06 53.01 61.34
CA ASP G 110 80.62 51.85 62.00
C ASP G 110 81.01 51.82 63.45
N ILE G 111 80.07 52.08 64.33
CA ILE G 111 80.33 52.03 65.72
C ILE G 111 80.12 50.59 66.21
N THR G 112 81.20 49.96 66.71
CA THR G 112 81.08 48.58 67.20
C THR G 112 80.96 48.51 68.67
N ASP G 113 81.49 49.43 69.34
CA ASP G 113 81.44 49.43 70.75
C ASP G 113 80.16 50.19 71.30
N ALA G 114 79.57 49.69 72.45
CA ALA G 114 78.35 50.42 73.04
C ALA G 114 78.03 50.10 74.53
N VAL G 115 77.50 51.12 75.22
CA VAL G 115 76.98 50.92 76.59
C VAL G 115 75.64 50.84 76.48
N ILE G 116 75.10 49.80 76.99
CA ILE G 116 73.72 49.61 76.94
C ILE G 116 73.15 49.54 78.31
N THR G 117 72.09 50.28 78.53
CA THR G 117 71.54 50.30 79.89
C THR G 117 70.43 49.29 80.14
N THR G 118 70.31 48.94 81.41
CA THR G 118 69.29 48.02 81.89
C THR G 118 68.72 48.56 83.17
N PRO G 119 67.57 48.27 83.51
CA PRO G 119 66.94 48.64 84.74
C PRO G 119 67.78 48.13 85.89
N ALA G 120 67.80 48.88 86.95
CA ALA G 120 68.58 48.55 88.13
C ALA G 120 68.16 47.22 88.76
N TYR G 121 66.91 46.82 88.57
CA TYR G 121 66.43 45.57 89.15
C TYR G 121 66.72 44.37 88.28
N PHE G 122 67.37 44.56 87.13
CA PHE G 122 67.73 43.42 86.36
C PHE G 122 68.89 42.77 87.07
N ASN G 123 68.88 41.44 87.08
CA ASN G 123 69.96 40.66 87.66
C ASN G 123 70.96 40.43 86.63
N ASP G 124 72.00 39.73 86.98
CA ASP G 124 73.07 39.52 86.08
C ASP G 124 72.73 38.62 84.92
N ALA G 125 71.75 37.73 85.08
CA ALA G 125 71.33 36.89 83.97
C ALA G 125 70.70 37.69 82.93
N GLN G 126 69.91 38.66 83.36
CA GLN G 126 69.23 39.57 82.52
C GLN G 126 70.27 40.53 81.83
N ARG G 127 71.32 40.89 82.57
CA ARG G 127 72.37 41.71 82.01
C ARG G 127 73.18 40.91 81.01
N GLN G 128 73.37 39.61 81.28
CA GLN G 128 74.11 38.77 80.38
C GLN G 128 73.32 38.60 79.07
N ALA G 129 71.97 38.51 79.19
CA ALA G 129 71.11 38.37 78.04
C ALA G 129 71.23 39.60 77.20
N THR G 130 71.37 40.77 77.88
CA THR G 130 71.55 42.06 77.19
C THR G 130 72.90 42.07 76.46
N LYS G 131 73.93 41.49 77.09
CA LYS G 131 75.27 41.42 76.49
C LYS G 131 75.25 40.61 75.32
N ASP G 132 74.52 39.50 75.41
CA ASP G 132 74.38 38.56 74.35
C ASP G 132 73.63 39.19 73.15
N ALA G 133 72.64 39.99 73.46
CA ALA G 133 71.86 40.67 72.45
C ALA G 133 72.73 41.62 71.70
N GLY G 134 73.62 42.28 72.44
CA GLY G 134 74.57 43.17 71.85
C GLY G 134 75.50 42.49 70.90
N GLN G 135 76.04 41.35 71.34
CA GLN G 135 76.97 40.59 70.51
C GLN G 135 76.30 40.01 69.29
N ILE G 136 75.05 39.62 69.43
CA ILE G 136 74.26 39.14 68.33
C ILE G 136 74.11 40.28 67.27
N ALA G 137 73.90 41.53 67.76
CA ALA G 137 73.73 42.70 66.89
C ALA G 137 75.06 43.26 66.33
N GLY G 138 76.21 42.65 66.71
CA GLY G 138 77.51 43.11 66.24
C GLY G 138 78.05 44.18 67.12
N LEU G 139 77.48 44.32 68.31
CA LEU G 139 77.93 45.29 69.24
C LEU G 139 78.76 44.68 70.24
N ASN G 140 79.77 45.36 70.58
CA ASN G 140 80.67 44.96 71.56
C ASN G 140 80.30 45.73 72.84
N VAL G 141 79.49 45.07 73.73
CA VAL G 141 79.05 45.77 74.93
C VAL G 141 80.18 46.04 75.80
N LEU G 142 80.46 47.27 75.92
CA LEU G 142 81.51 47.76 76.72
C LEU G 142 81.24 47.58 78.18
N ARG G 143 80.00 47.86 78.54
CA ARG G 143 79.53 47.80 79.91
C ARG G 143 78.01 47.99 79.92
N ILE G 144 77.38 47.45 80.94
CA ILE G 144 76.00 47.69 81.13
C ILE G 144 75.85 48.55 82.32
N VAL G 145 75.09 49.58 82.14
CA VAL G 145 74.81 50.60 83.13
C VAL G 145 73.45 50.60 83.51
N ASN G 146 73.18 50.75 84.75
CA ASN G 146 71.87 50.77 85.17
C ASN G 146 71.17 52.09 84.67
N GLU G 147 69.91 51.99 84.30
CA GLU G 147 69.21 53.13 83.72
C GLU G 147 69.17 54.37 84.66
N PRO G 148 68.92 54.22 85.98
CA PRO G 148 69.01 55.28 87.00
C PRO G 148 70.42 55.91 87.04
N THR G 149 71.46 55.06 86.91
CA THR G 149 72.87 55.48 86.89
C THR G 149 73.08 56.37 85.73
N ALA G 150 72.59 55.94 84.57
CA ALA G 150 72.75 56.68 83.35
C ALA G 150 72.03 57.95 83.41
N ALA G 151 70.84 57.95 84.03
CA ALA G 151 70.08 59.15 84.10
C ALA G 151 70.81 60.25 84.87
N ALA G 152 71.48 59.85 85.97
CA ALA G 152 72.24 60.79 86.76
C ALA G 152 73.47 61.28 85.97
N LEU G 153 74.05 60.37 85.15
CA LEU G 153 75.21 60.72 84.32
C LEU G 153 74.83 61.71 83.25
N ALA G 154 73.62 61.63 82.75
CA ALA G 154 73.15 62.48 81.71
C ALA G 154 73.12 63.91 82.10
N TYR G 155 72.81 64.18 83.34
CA TYR G 155 72.74 65.55 83.78
C TYR G 155 74.10 66.04 84.34
N GLY G 156 75.15 65.17 84.26
CA GLY G 156 76.48 65.56 84.71
C GLY G 156 76.52 65.72 86.14
N LEU G 157 75.84 64.83 86.88
CA LEU G 157 75.75 65.03 88.31
C LEU G 157 76.97 64.62 89.10
N ASP G 158 77.95 65.46 89.05
CA ASP G 158 79.17 65.29 89.77
C ASP G 158 79.24 66.40 90.78
N LYS G 159 78.75 66.13 91.97
CA LYS G 159 78.71 67.09 93.02
C LYS G 159 80.06 67.40 93.47
N GLY G 160 80.31 68.62 93.80
CA GLY G 160 81.59 69.04 94.22
C GLY G 160 82.01 68.39 95.53
N GLU G 161 81.05 67.90 96.30
CA GLU G 161 81.27 67.20 97.56
C GLU G 161 81.27 65.66 97.35
N LYS G 162 81.25 65.23 96.08
CA LYS G 162 81.19 63.82 95.64
C LYS G 162 79.89 63.16 96.03
N GLU G 163 79.75 62.86 97.28
CA GLU G 163 78.56 62.22 97.83
C GLU G 163 77.27 62.99 97.47
N GLN G 164 76.33 62.30 96.81
CA GLN G 164 75.08 62.97 96.42
C GLN G 164 73.87 61.99 96.40
N ARG G 165 72.71 62.48 96.80
CA ARG G 165 71.50 61.66 96.85
C ARG G 165 70.54 61.97 95.67
N ILE G 166 70.32 60.96 94.81
CA ILE G 166 69.51 61.14 93.60
C ILE G 166 68.15 60.37 93.61
N LEU G 167 67.06 61.05 93.30
CA LEU G 167 65.84 60.31 93.06
C LEU G 167 65.55 60.26 91.68
N VAL G 168 65.55 59.08 91.12
CA VAL G 168 65.25 58.92 89.79
C VAL G 168 63.84 58.31 89.63
N PHE G 169 62.96 59.07 89.01
CA PHE G 169 61.58 58.62 88.79
C PHE G 169 61.40 58.28 87.35
N ASP G 170 61.36 56.99 87.03
CA ASP G 170 61.21 56.54 85.71
C ASP G 170 59.71 56.10 85.30
N LEU G 171 58.98 57.00 84.56
CA LEU G 171 57.63 56.62 84.03
C LEU G 171 57.68 56.48 82.55
N GLY G 172 57.94 55.29 82.12
CA GLY G 172 58.04 54.99 80.78
C GLY G 172 56.74 54.61 80.24
N GLY G 173 56.77 53.92 79.13
CA GLY G 173 55.59 53.50 78.48
C GLY G 173 54.91 52.39 79.20
N GLY G 174 55.59 51.29 79.34
CA GLY G 174 54.98 50.17 79.98
C GLY G 174 55.52 49.87 81.41
N THR G 175 56.52 50.63 81.89
CA THR G 175 57.08 50.34 83.23
C THR G 175 57.32 51.60 84.10
N PHE G 176 57.34 51.37 85.40
CA PHE G 176 57.55 52.36 86.40
C PHE G 176 58.65 51.93 87.34
N ASP G 177 59.76 52.70 87.38
CA ASP G 177 60.89 52.38 88.24
C ASP G 177 61.39 53.50 89.07
N VAL G 178 61.27 53.37 90.29
CA VAL G 178 61.69 54.31 91.21
C VAL G 178 63.09 53.94 91.79
N SER G 179 64.04 54.89 91.84
CA SER G 179 65.31 54.48 92.40
C SER G 179 66.06 55.65 93.20
N LEU G 180 66.60 55.31 94.40
CA LEU G 180 67.40 56.31 95.16
C LEU G 180 68.85 55.89 94.95
N LEU G 181 69.68 56.87 94.55
CA LEU G 181 71.07 56.58 94.20
C LEU G 181 72.10 57.36 95.13
N GLU G 182 73.31 56.79 95.26
CA GLU G 182 74.41 57.49 95.97
C GLU G 182 75.57 57.72 95.00
N ILE G 183 75.88 58.98 94.76
CA ILE G 183 76.93 59.27 93.82
C ILE G 183 78.31 59.42 94.53
N GLY G 184 79.37 58.88 93.90
CA GLY G 184 80.75 59.00 94.44
C GLY G 184 81.75 58.92 93.32
N GLU G 185 82.46 60.01 93.12
CA GLU G 185 83.50 60.13 92.11
C GLU G 185 83.07 59.71 90.70
N GLY G 186 81.85 60.09 90.31
CA GLY G 186 81.33 59.77 88.98
C GLY G 186 80.56 58.44 88.92
N VAL G 187 80.61 57.67 90.00
CA VAL G 187 79.93 56.38 90.05
C VAL G 187 78.56 56.57 90.73
N VAL G 188 77.50 56.12 90.07
CA VAL G 188 76.18 56.35 90.65
C VAL G 188 75.60 54.98 91.09
N GLU G 189 75.75 54.68 92.40
CA GLU G 189 75.32 53.38 92.94
C GLU G 189 73.87 53.35 93.39
N VAL G 190 73.27 52.20 93.29
CA VAL G 190 71.88 52.00 93.67
C VAL G 190 71.74 51.72 95.17
N ARG G 191 70.79 52.42 95.82
CA ARG G 191 70.53 52.17 97.25
C ARG G 191 69.18 51.56 97.47
N ALA G 192 68.18 51.93 96.69
CA ALA G 192 66.91 51.28 96.82
C ALA G 192 66.03 51.47 95.59
N THR G 193 65.25 50.45 95.28
CA THR G 193 64.34 50.50 94.15
C THR G 193 63.00 50.03 94.48
N SER G 194 62.06 50.46 93.68
CA SER G 194 60.68 50.05 93.79
C SER G 194 59.95 50.53 92.59
N GLY G 195 58.69 50.19 92.45
CA GLY G 195 57.98 50.63 91.27
C GLY G 195 56.70 49.84 90.99
N ASP G 196 56.32 49.84 89.74
CA ASP G 196 55.15 49.08 89.22
C ASP G 196 55.45 48.64 87.77
N ASN G 197 55.74 47.35 87.59
CA ASN G 197 56.15 46.82 86.28
C ASN G 197 55.06 46.83 85.24
N HIS G 198 53.86 47.18 85.63
CA HIS G 198 52.78 47.22 84.67
C HIS G 198 52.15 48.64 84.53
N LEU G 199 52.73 49.66 85.22
CA LEU G 199 52.23 51.03 85.08
C LEU G 199 53.10 51.91 84.23
N GLY G 200 52.50 52.58 83.31
CA GLY G 200 53.23 53.50 82.49
C GLY G 200 52.27 54.38 81.53
N GLY G 201 52.89 54.99 80.51
CA GLY G 201 52.19 55.87 79.50
C GLY G 201 51.22 55.15 78.69
N ASP G 202 51.39 53.88 78.56
CA ASP G 202 50.47 53.06 77.86
C ASP G 202 49.12 53.00 78.51
N ASP G 203 49.09 53.09 79.86
CA ASP G 203 47.84 53.03 80.58
C ASP G 203 47.18 54.40 80.63
N TRP G 204 48.01 55.46 80.66
CA TRP G 204 47.49 56.80 80.60
C TRP G 204 46.88 57.06 79.28
N ASP G 205 47.47 56.49 78.20
CA ASP G 205 46.89 56.65 76.87
C ASP G 205 45.71 55.85 76.74
N GLN G 206 45.73 54.65 77.36
CA GLN G 206 44.64 53.76 77.27
C GLN G 206 43.40 54.32 77.90
N ARG G 207 43.55 55.08 79.00
CA ARG G 207 42.40 55.65 79.63
C ARG G 207 41.83 56.74 78.79
N VAL G 208 42.69 57.44 78.01
CA VAL G 208 42.20 58.43 77.10
C VAL G 208 41.38 57.76 75.98
N VAL G 209 41.87 56.56 75.49
CA VAL G 209 41.16 55.80 74.44
C VAL G 209 39.87 55.35 74.93
N ASP G 210 39.86 54.84 76.20
CA ASP G 210 38.65 54.33 76.86
C ASP G 210 37.62 55.42 76.95
N TRP G 211 38.05 56.58 77.29
CA TRP G 211 37.21 57.72 77.37
C TRP G 211 36.63 58.05 76.04
N LEU G 212 37.45 58.00 74.99
CA LEU G 212 36.99 58.30 73.67
C LEU G 212 35.95 57.32 73.21
N VAL G 213 36.16 56.05 73.51
CA VAL G 213 35.23 55.02 73.14
C VAL G 213 33.97 55.12 73.89
N ASP G 214 34.06 55.40 75.17
CA ASP G 214 32.94 55.56 75.99
C ASP G 214 32.08 56.71 75.61
N LYS G 215 32.70 57.84 75.18
CA LYS G 215 31.93 58.99 74.79
C LYS G 215 31.33 58.80 73.39
N PHE G 216 32.09 58.06 72.49
CA PHE G 216 31.64 57.77 71.13
C PHE G 216 30.48 56.96 71.17
N LYS G 217 30.55 55.92 72.00
CA LYS G 217 29.48 55.00 72.25
C LYS G 217 28.37 55.65 72.94
N GLY G 218 28.65 56.52 73.82
CA GLY G 218 27.65 57.17 74.50
C GLY G 218 26.74 57.92 73.54
N THR G 219 27.34 58.52 72.53
CA THR G 219 26.61 59.23 71.52
C THR G 219 25.98 58.29 70.41
N SER G 220 26.77 57.31 69.90
CA SER G 220 26.35 56.44 68.77
C SER G 220 25.92 54.98 69.13
N GLY G 221 26.30 54.50 70.30
CA GLY G 221 25.98 53.14 70.73
C GLY G 221 26.91 52.09 70.06
N ILE G 222 28.09 52.54 69.62
CA ILE G 222 29.03 51.65 68.89
C ILE G 222 30.28 51.27 69.66
N ASP G 223 30.53 49.96 69.71
CA ASP G 223 31.71 49.39 70.35
C ASP G 223 32.96 49.47 69.47
N LEU G 224 33.68 50.59 69.56
CA LEU G 224 34.89 50.79 68.75
C LEU G 224 36.00 49.82 68.98
N THR G 225 35.96 49.11 70.09
CA THR G 225 36.97 48.12 70.42
C THR G 225 36.92 46.93 69.56
N LYS G 226 35.87 46.78 68.79
CA LYS G 226 35.72 45.67 67.90
C LYS G 226 36.33 45.93 66.55
N ASP G 227 36.73 47.18 66.27
CA ASP G 227 37.37 47.52 65.02
C ASP G 227 38.80 47.92 65.27
N LYS G 228 39.72 47.07 64.86
CA LYS G 228 41.12 47.27 65.09
C LYS G 228 41.69 48.53 64.50
N MET G 229 41.12 49.01 63.40
CA MET G 229 41.63 50.20 62.75
C MET G 229 41.15 51.40 63.52
N ALA G 230 39.93 51.28 64.07
CA ALA G 230 39.39 52.31 64.89
C ALA G 230 40.26 52.47 66.07
N MET G 231 40.66 51.33 66.65
CA MET G 231 41.47 51.31 67.83
C MET G 231 42.94 51.81 67.59
N GLN G 232 43.48 51.62 66.38
CA GLN G 232 44.83 52.07 66.15
C GLN G 232 44.91 53.53 66.08
N ARG G 233 43.95 54.19 65.36
CA ARG G 233 43.95 55.63 65.30
C ARG G 233 43.46 56.25 66.65
N LEU G 234 42.63 55.52 67.40
CA LEU G 234 42.26 56.01 68.70
C LEU G 234 43.48 56.11 69.57
N ARG G 235 44.39 55.12 69.44
CA ARG G 235 45.66 55.17 70.22
C ARG G 235 46.56 56.34 69.73
N GLU G 236 46.64 56.55 68.43
CA GLU G 236 47.41 57.69 67.90
C GLU G 236 46.88 59.03 68.45
N ALA G 237 45.52 59.17 68.41
CA ALA G 237 44.81 60.34 68.89
C ALA G 237 45.04 60.53 70.38
N ALA G 238 45.04 59.43 71.12
CA ALA G 238 45.24 59.44 72.56
C ALA G 238 46.59 59.84 72.91
N GLU G 239 47.56 59.36 72.18
CA GLU G 239 48.93 59.67 72.42
C GLU G 239 49.17 61.12 72.30
N LYS G 240 48.69 61.67 71.18
CA LYS G 240 48.85 63.07 70.85
C LYS G 240 47.97 63.95 71.77
N ALA G 241 46.86 63.41 72.25
CA ALA G 241 46.00 64.14 73.13
C ALA G 241 46.73 64.39 74.45
N LYS G 242 47.46 63.34 74.92
CA LYS G 242 48.24 63.44 76.14
C LYS G 242 49.34 64.38 75.97
N ILE G 243 49.96 64.35 74.82
CA ILE G 243 51.04 65.23 74.51
C ILE G 243 50.63 66.66 74.49
N GLU G 244 49.51 66.94 73.91
CA GLU G 244 49.02 68.28 73.88
C GLU G 244 48.68 68.79 75.26
N LEU G 245 48.16 67.89 76.13
CA LEU G 245 47.79 68.26 77.46
C LEU G 245 48.96 68.35 78.41
N SER G 246 50.17 68.16 77.90
CA SER G 246 51.33 68.35 78.71
C SER G 246 51.62 69.83 78.85
N SER G 247 50.94 70.67 78.04
CA SER G 247 51.10 72.11 78.11
C SER G 247 49.81 72.81 77.95
N SER G 248 48.90 72.24 77.20
CA SER G 248 47.60 72.80 77.01
C SER G 248 46.59 72.32 78.06
N GLN G 249 45.56 73.15 78.31
CA GLN G 249 44.47 72.78 79.21
C GLN G 249 43.38 72.08 78.48
N SER G 250 43.50 71.97 77.19
CA SER G 250 42.50 71.35 76.37
C SER G 250 43.05 70.85 75.05
N THR G 251 42.49 69.75 74.57
CA THR G 251 42.87 69.20 73.29
C THR G 251 41.68 68.63 72.56
N SER G 252 41.73 68.71 71.28
CA SER G 252 40.66 68.26 70.43
C SER G 252 40.99 66.93 69.66
N ILE G 253 40.05 65.93 69.76
CA ILE G 253 40.19 64.65 69.06
C ILE G 253 39.27 64.64 67.86
N ASN G 254 39.84 64.42 66.71
CA ASN G 254 39.08 64.45 65.48
C ASN G 254 39.32 63.23 64.59
N LEU G 255 38.44 62.26 64.69
CA LEU G 255 38.50 61.06 63.89
C LEU G 255 37.18 60.85 63.23
N PRO G 256 36.99 61.38 62.06
CA PRO G 256 35.80 61.28 61.26
C PRO G 256 35.64 60.00 60.65
N TYR G 257 34.37 59.65 60.41
CA TYR G 257 33.97 58.43 59.78
C TYR G 257 34.69 57.27 60.25
N ILE G 258 34.69 57.03 61.53
CA ILE G 258 35.46 55.96 62.04
C ILE G 258 35.07 54.61 61.59
N THR G 259 33.88 54.21 62.00
CA THR G 259 33.34 52.85 61.70
C THR G 259 31.86 52.93 61.24
N VAL G 260 31.24 51.80 61.13
CA VAL G 260 29.90 51.75 60.56
C VAL G 260 28.74 51.38 61.59
N ASP G 261 27.73 52.29 61.73
CA ASP G 261 26.56 52.00 62.61
C ASP G 261 25.42 51.40 61.80
N ALA G 262 24.31 51.10 62.46
CA ALA G 262 23.16 50.47 61.85
C ALA G 262 22.55 51.28 60.74
N ASP G 263 22.57 52.59 60.87
CA ASP G 263 21.94 53.44 59.87
C ASP G 263 22.94 54.07 58.87
N LYS G 264 24.19 53.61 58.86
CA LYS G 264 25.23 54.22 57.99
C LYS G 264 25.31 55.71 58.11
N ASN G 265 25.19 56.22 59.33
CA ASN G 265 25.24 57.65 59.52
C ASN G 265 26.63 58.06 59.75
N PRO G 266 27.02 59.17 59.30
CA PRO G 266 28.27 59.74 59.50
C PRO G 266 28.64 59.76 61.01
N LEU G 267 29.73 59.05 61.34
CA LEU G 267 30.22 58.95 62.70
C LEU G 267 31.49 59.61 62.82
N PHE G 268 31.41 60.87 63.18
CA PHE G 268 32.57 61.68 63.39
C PHE G 268 32.92 61.83 64.86
N LEU G 269 34.06 61.28 65.25
CA LEU G 269 34.48 61.47 66.64
C LEU G 269 35.03 62.90 66.77
N ASP G 270 34.32 63.70 67.49
CA ASP G 270 34.71 65.09 67.76
C ASP G 270 34.62 65.31 69.27
N GLU G 271 35.76 65.14 69.97
CA GLU G 271 35.75 65.26 71.44
C GLU G 271 36.76 66.29 72.01
N GLN G 272 36.33 66.97 73.06
CA GLN G 272 37.19 67.93 73.73
C GLN G 272 37.64 67.32 75.09
N LEU G 273 38.94 67.01 75.18
CA LEU G 273 39.46 66.46 76.42
C LEU G 273 40.22 67.59 77.21
N THR G 274 39.67 67.97 78.36
CA THR G 274 40.37 69.03 79.14
C THR G 274 41.44 68.36 79.96
N ARG G 275 42.44 69.14 80.38
CA ARG G 275 43.52 68.59 81.20
C ARG G 275 42.97 68.19 82.57
N ALA G 276 41.94 68.94 83.03
CA ALA G 276 41.28 68.63 84.29
C ALA G 276 40.58 67.27 84.19
N GLU G 277 39.89 67.00 83.04
CA GLU G 277 39.21 65.73 82.80
C GLU G 277 40.19 64.62 82.65
N PHE G 278 41.29 64.92 82.00
CA PHE G 278 42.33 64.02 81.79
C PHE G 278 42.84 63.52 83.12
N GLN G 279 43.06 64.48 84.08
CA GLN G 279 43.49 64.12 85.47
C GLN G 279 42.37 63.34 86.21
N ARG G 280 41.12 63.73 86.03
CA ARG G 280 40.02 63.03 86.70
C ARG G 280 40.01 61.60 86.37
N ILE G 281 40.39 61.32 85.16
CA ILE G 281 40.50 60.01 84.64
C ILE G 281 41.83 59.27 85.07
N THR G 282 42.96 59.91 84.78
CA THR G 282 44.26 59.34 84.96
C THR G 282 44.80 59.32 86.32
N GLN G 283 44.21 60.04 87.24
CA GLN G 283 44.69 60.02 88.60
C GLN G 283 44.47 58.70 89.28
N ASP G 284 43.65 57.84 88.69
CA ASP G 284 43.51 56.51 89.19
C ASP G 284 44.84 55.73 89.09
N LEU G 285 45.66 56.14 88.11
CA LEU G 285 46.94 55.57 87.81
C LEU G 285 48.08 56.40 88.40
N LEU G 286 47.91 57.74 88.46
CA LEU G 286 48.94 58.62 89.07
C LEU G 286 49.10 58.31 90.53
N ASP G 287 48.00 57.99 91.19
CA ASP G 287 48.03 57.64 92.59
C ASP G 287 48.73 56.36 92.87
N ARG G 288 48.89 55.49 91.87
CA ARG G 288 49.56 54.25 92.04
C ARG G 288 51.02 54.43 92.21
N THR G 289 51.53 55.62 91.87
CA THR G 289 52.93 55.84 91.98
C THR G 289 53.39 56.25 93.31
N ARG G 290 52.48 56.83 94.12
CA ARG G 290 52.83 57.37 95.39
C ARG G 290 53.41 56.37 96.37
N LYS G 291 52.78 55.22 96.47
CA LYS G 291 53.23 54.16 97.36
C LYS G 291 54.72 53.69 97.15
N PRO G 292 55.17 53.27 95.92
CA PRO G 292 56.56 52.88 95.58
C PRO G 292 57.56 54.10 95.72
N PHE G 293 57.10 55.31 95.55
CA PHE G 293 58.00 56.43 95.76
C PHE G 293 58.38 56.50 97.19
N GLN G 294 57.39 56.27 98.04
CA GLN G 294 57.54 56.27 99.43
C GLN G 294 58.25 55.10 99.91
N SER G 295 58.07 53.94 99.26
CA SER G 295 58.75 52.71 99.70
C SER G 295 60.33 52.80 99.52
N VAL G 296 60.76 53.51 98.53
CA VAL G 296 62.21 53.75 98.35
C VAL G 296 62.73 54.68 99.41
N ILE G 297 61.95 55.74 99.70
CA ILE G 297 62.29 56.69 100.74
C ILE G 297 62.42 56.02 102.07
N ALA G 298 61.45 55.15 102.36
CA ALA G 298 61.40 54.37 103.58
C ALA G 298 62.53 53.33 103.67
N ASP G 299 62.81 52.64 102.57
CA ASP G 299 63.82 51.62 102.57
C ASP G 299 65.23 52.17 102.81
N THR G 300 65.49 53.41 102.33
CA THR G 300 66.80 54.01 102.57
C THR G 300 66.87 54.79 103.95
N GLY G 301 65.66 55.24 104.46
CA GLY G 301 65.63 56.04 105.71
C GLY G 301 66.09 57.46 105.42
N ILE G 302 65.88 57.88 104.21
CA ILE G 302 66.33 59.21 103.75
C ILE G 302 65.11 60.08 103.42
N SER G 303 64.93 61.18 104.16
CA SER G 303 63.78 62.06 103.91
C SER G 303 63.97 62.84 102.59
N VAL G 304 62.90 63.47 102.11
CA VAL G 304 62.96 64.22 100.85
C VAL G 304 63.80 65.43 100.97
N SER G 305 63.96 65.92 102.17
CA SER G 305 64.76 67.06 102.45
C SER G 305 66.23 66.75 102.35
N GLU G 306 66.58 65.46 102.33
CA GLU G 306 67.94 64.99 102.22
C GLU G 306 68.30 64.62 100.80
N ILE G 307 67.36 64.81 99.86
CA ILE G 307 67.65 64.52 98.46
C ILE G 307 68.26 65.72 97.78
N ASP G 308 69.46 65.53 97.20
CA ASP G 308 70.16 66.59 96.52
C ASP G 308 69.65 66.86 95.13
N HIS G 309 69.13 65.86 94.46
CA HIS G 309 68.72 66.08 93.10
C HIS G 309 67.71 65.05 92.61
N VAL G 310 66.73 65.53 91.80
CA VAL G 310 65.69 64.65 91.22
C VAL G 310 65.75 64.64 89.79
N VAL G 311 65.73 63.47 89.25
CA VAL G 311 65.79 63.24 87.87
C VAL G 311 64.51 62.55 87.35
N LEU G 312 63.86 63.16 86.35
CA LEU G 312 62.65 62.53 85.81
C LEU G 312 62.95 61.97 84.43
N VAL G 313 62.67 60.70 84.24
CA VAL G 313 62.88 60.13 82.97
C VAL G 313 61.66 59.39 82.57
N GLY G 314 61.50 59.23 81.26
CA GLY G 314 60.27 58.70 80.69
C GLY G 314 59.43 59.88 80.25
N GLY G 315 58.97 59.89 79.02
CA GLY G 315 58.21 61.02 78.46
C GLY G 315 56.97 61.34 79.13
N SER G 316 56.41 60.45 79.81
CA SER G 316 55.20 60.70 80.49
C SER G 316 55.41 61.68 81.68
N THR G 317 56.67 61.85 82.11
CA THR G 317 57.00 62.76 83.19
C THR G 317 56.90 64.22 82.72
N ARG G 318 56.74 64.43 81.41
CA ARG G 318 56.56 65.76 80.85
C ARG G 318 55.19 66.31 81.26
N MET G 319 54.27 65.43 81.66
CA MET G 319 52.95 65.89 82.09
C MET G 319 53.06 66.68 83.42
N PRO G 320 52.23 67.79 83.57
CA PRO G 320 52.11 68.70 84.74
C PRO G 320 51.42 67.99 85.88
N ALA G 321 50.66 66.97 85.56
CA ALA G 321 50.03 66.15 86.56
C ALA G 321 51.12 65.38 87.32
N VAL G 322 52.08 64.82 86.53
CA VAL G 322 53.24 64.10 87.11
C VAL G 322 54.18 65.10 87.81
N THR G 323 54.41 66.24 87.19
CA THR G 323 55.33 67.23 87.73
C THR G 323 54.92 67.74 89.02
N ASP G 324 53.65 68.10 89.14
CA ASP G 324 53.13 68.59 90.36
C ASP G 324 53.12 67.50 91.42
N LEU G 325 52.89 66.23 91.01
CA LEU G 325 52.89 65.13 91.93
C LEU G 325 54.25 65.02 92.53
N VAL G 326 55.30 65.12 91.65
CA VAL G 326 56.72 65.10 92.05
C VAL G 326 57.02 66.24 93.02
N LYS G 327 56.46 67.38 92.79
CA LYS G 327 56.66 68.47 93.68
C LYS G 327 56.12 68.13 95.11
N GLU G 328 54.99 67.47 95.17
CA GLU G 328 54.45 67.05 96.48
C GLU G 328 55.35 65.98 97.10
N LEU G 329 55.77 65.05 96.28
CA LEU G 329 56.58 63.94 96.64
C LEU G 329 57.93 64.26 97.11
N THR G 330 58.50 65.29 96.62
CA THR G 330 59.81 65.66 96.96
C THR G 330 59.88 66.93 97.79
N GLY G 331 58.72 67.43 98.28
CA GLY G 331 58.72 68.63 99.09
C GLY G 331 59.06 69.89 98.31
N GLY G 332 58.84 69.87 97.00
CA GLY G 332 59.10 70.99 96.17
C GLY G 332 60.47 70.95 95.56
N LYS G 333 61.28 69.93 95.92
CA LYS G 333 62.64 69.80 95.37
C LYS G 333 62.64 69.46 93.88
N GLU G 334 63.30 70.40 93.19
CA GLU G 334 62.88 70.64 91.79
C GLU G 334 63.64 69.70 90.88
N PRO G 335 62.98 68.98 89.99
CA PRO G 335 63.54 68.07 89.03
C PRO G 335 64.29 68.84 87.97
N ASN G 336 65.42 68.29 87.55
CA ASN G 336 66.29 68.92 86.59
C ASN G 336 65.85 68.75 85.18
N LYS G 337 65.55 69.85 84.55
CA LYS G 337 65.15 69.88 83.16
C LYS G 337 66.31 70.29 82.27
N GLY G 338 66.20 70.00 80.99
CA GLY G 338 67.27 70.34 80.04
C GLY G 338 67.59 69.14 79.08
N VAL G 339 67.27 67.93 79.51
CA VAL G 339 67.45 66.73 78.64
C VAL G 339 66.10 66.06 78.52
N ASN G 340 65.71 65.76 77.29
CA ASN G 340 64.43 65.10 77.05
C ASN G 340 64.37 63.80 77.87
N PRO G 341 63.38 63.64 78.76
CA PRO G 341 63.15 62.53 79.68
C PRO G 341 63.28 61.15 79.02
N ASP G 342 62.95 61.05 77.75
CA ASP G 342 63.05 59.75 77.06
C ASP G 342 64.42 59.48 76.58
N GLU G 343 65.19 60.52 76.45
CA GLU G 343 66.50 60.45 75.95
C GLU G 343 67.54 60.45 77.01
N VAL G 344 67.20 60.89 78.20
CA VAL G 344 68.09 60.99 79.31
C VAL G 344 68.94 59.86 79.53
N VAL G 345 68.38 58.66 79.60
CA VAL G 345 69.15 57.52 79.87
C VAL G 345 70.16 57.23 78.82
N ALA G 346 69.77 57.39 77.55
CA ALA G 346 70.67 57.16 76.44
C ALA G 346 71.83 58.09 76.50
N VAL G 347 71.56 59.37 76.93
CA VAL G 347 72.58 60.37 77.05
C VAL G 347 73.62 59.98 78.03
N GLY G 348 73.17 59.42 79.17
CA GLY G 348 74.07 58.99 80.21
C GLY G 348 74.90 57.87 79.81
N ALA G 349 74.34 56.98 79.00
CA ALA G 349 75.00 55.85 78.56
C ALA G 349 76.08 56.19 77.69
N ALA G 350 75.84 57.18 76.83
CA ALA G 350 76.85 57.66 75.89
C ALA G 350 77.99 58.27 76.62
N LEU G 351 77.69 58.97 77.65
CA LEU G 351 78.66 59.58 78.43
C LEU G 351 79.55 58.55 79.06
N GLN G 352 78.92 57.50 79.68
CA GLN G 352 79.70 56.39 80.30
C GLN G 352 80.55 55.62 79.24
N ALA G 353 80.05 55.52 78.03
CA ALA G 353 80.79 54.86 77.03
C ALA G 353 82.17 55.61 76.82
N GLY G 354 82.13 56.98 76.80
CA GLY G 354 83.38 57.84 76.70
C GLY G 354 84.25 57.76 78.02
N VAL G 355 83.58 57.76 79.18
CA VAL G 355 84.26 57.72 80.47
C VAL G 355 84.94 56.42 80.70
N LEU G 356 84.24 55.38 80.38
CA LEU G 356 84.66 54.06 80.49
C LEU G 356 85.91 53.73 79.64
N LYS G 357 85.89 54.12 78.34
CA LYS G 357 87.02 53.83 77.44
C LYS G 357 88.16 54.85 77.60
N UNK H 1 48.66 -9.10 -12.80
CA UNK H 1 48.34 -9.08 -14.22
C UNK H 1 46.87 -9.38 -14.45
N UNK H 2 46.13 -9.57 -13.37
CA UNK H 2 44.70 -9.86 -13.44
C UNK H 2 43.89 -8.65 -13.00
N UNK H 3 42.57 -8.79 -13.11
CA UNK H 3 41.64 -7.77 -12.66
C UNK H 3 40.40 -8.44 -12.08
N UNK H 4 39.42 -7.63 -11.66
CA UNK H 4 38.18 -8.14 -11.10
C UNK H 4 36.95 -7.79 -11.94
N UNK H 5 36.79 -6.53 -12.31
CA UNK H 5 35.72 -6.08 -13.21
C UNK H 5 34.34 -6.44 -12.62
N UNK H 6 34.03 -5.82 -11.48
CA UNK H 6 32.73 -6.01 -10.85
C UNK H 6 31.62 -5.59 -11.80
N UNK H 7 30.45 -6.20 -11.64
CA UNK H 7 29.34 -6.03 -12.57
C UNK H 7 28.09 -5.56 -11.84
N UNK H 8 27.17 -4.97 -12.59
CA UNK H 8 25.90 -4.49 -12.06
C UNK H 8 24.75 -5.13 -12.83
N UNK H 9 23.83 -5.76 -12.10
CA UNK H 9 22.72 -6.50 -12.68
C UNK H 9 21.40 -5.87 -12.28
N UNK H 10 20.52 -5.66 -13.25
CA UNK H 10 19.22 -5.06 -12.99
C UNK H 10 18.25 -6.09 -12.41
N UNK H 11 17.19 -5.58 -11.77
CA UNK H 11 16.24 -6.42 -11.07
C UNK H 11 14.82 -6.05 -11.48
N UNK H 12 13.91 -7.02 -11.41
CA UNK H 12 12.50 -6.84 -11.72
C UNK H 12 11.68 -7.20 -10.48
N UNK H 13 10.37 -6.93 -10.54
CA UNK H 13 9.48 -7.20 -9.43
C UNK H 13 8.08 -7.50 -9.97
N UNK H 14 7.13 -7.70 -9.05
CA UNK H 14 5.77 -8.03 -9.40
C UNK H 14 4.81 -7.36 -8.43
N UNK H 15 3.63 -6.98 -8.93
CA UNK H 15 2.59 -6.34 -8.12
C UNK H 15 1.24 -6.89 -8.51
N UNK H 16 0.51 -7.45 -7.56
CA UNK H 16 -0.80 -8.03 -7.83
C UNK H 16 -1.86 -6.92 -7.89
N UNK H 17 -3.12 -7.33 -8.04
CA UNK H 17 -4.23 -6.38 -8.13
C UNK H 17 -5.53 -7.12 -7.84
N UNK H 18 -6.23 -6.74 -6.78
CA UNK H 18 -7.46 -7.42 -6.39
C UNK H 18 -8.64 -6.86 -7.17
N UNK H 19 -9.83 -7.37 -6.85
CA UNK H 19 -11.07 -6.98 -7.50
C UNK H 19 -12.13 -6.73 -6.45
N UNK H 20 -13.31 -6.29 -6.89
CA UNK H 20 -14.35 -5.80 -5.98
C UNK H 20 -15.48 -6.77 -5.74
N UNK H 21 -16.13 -7.26 -6.80
CA UNK H 21 -17.21 -8.25 -6.70
C UNK H 21 -18.39 -7.71 -5.88
N UNK H 22 -19.05 -6.70 -6.45
CA UNK H 22 -20.25 -6.13 -5.83
C UNK H 22 -21.35 -7.19 -5.71
N UNK H 23 -22.38 -6.86 -4.92
CA UNK H 23 -23.46 -7.78 -4.59
C UNK H 23 -24.80 -7.09 -4.83
N UNK H 24 -25.78 -7.84 -5.36
CA UNK H 24 -27.01 -7.23 -5.82
C UNK H 24 -27.98 -6.91 -4.68
N UNK H 25 -27.78 -7.51 -3.51
CA UNK H 25 -28.47 -7.13 -2.27
C UNK H 25 -30.00 -7.21 -2.41
N UNK H 26 -30.47 -8.43 -2.63
CA UNK H 26 -31.90 -8.69 -2.63
C UNK H 26 -32.20 -10.13 -2.25
PG AGS I . 22.38 4.73 14.53
S1G AGS I . 21.72 5.89 13.12
O2G AGS I . 23.94 4.73 14.54
O3G AGS I . 21.88 3.27 14.29
PB AGS I . 22.92 5.68 16.97
O1B AGS I . 24.25 5.13 16.66
O2B AGS I . 22.37 5.26 18.34
O3B AGS I . 21.86 5.22 15.90
PA AGS I . 23.96 7.78 18.18
O1A AGS I . 25.35 7.90 17.68
O2A AGS I . 23.80 6.79 19.34
O3A AGS I . 23.00 7.25 17.07
O5' AGS I . 23.44 9.19 18.58
C5' AGS I . 22.95 9.43 19.91
C4' AGS I . 23.11 10.90 20.21
O4' AGS I . 22.56 11.17 21.51
C3' AGS I . 24.56 11.37 20.29
O3' AGS I . 24.63 12.77 20.05
C2' AGS I . 24.92 11.03 21.73
O2' AGS I . 25.92 11.91 22.23
C1' AGS I . 23.60 11.27 22.46
N9 AGS I . 23.34 10.28 23.51
C8 AGS I . 22.50 9.21 23.42
N7 AGS I . 22.45 8.48 24.51
C5 AGS I . 23.32 9.13 25.38
C6 AGS I . 23.71 8.86 26.70
N6 AGS I . 23.27 7.82 27.41
N1 AGS I . 24.61 9.71 27.27
C2 AGS I . 25.06 10.74 26.56
N3 AGS I . 24.76 11.09 25.31
C4 AGS I . 23.87 10.24 24.77
PG AGS J . -25.00 23.31 0.69
S1G AGS J . -25.35 23.58 -1.21
O2G AGS J . -23.78 22.37 0.88
O3G AGS J . -26.25 22.69 1.37
PB AGS J . -23.18 25.16 1.28
O1B AGS J . -22.28 24.03 0.96
O2B AGS J . -22.89 25.84 2.63
O3B AGS J . -24.67 24.67 1.35
PA AGS J . -22.84 27.75 0.90
O1A AGS J . -21.54 27.84 1.56
O2A AGS J . -24.04 27.96 1.83
O3A AGS J . -23.04 26.34 0.26
O5' AGS J . -22.86 28.76 -0.30
C5' AGS J . -21.77 29.67 -0.47
C4' AGS J . -22.16 30.65 -1.56
O4' AGS J . -23.34 31.36 -1.14
C3' AGS J . -21.14 31.74 -1.82
O3' AGS J . -21.31 32.26 -3.14
C2' AGS J . -21.45 32.76 -0.75
O2' AGS J . -21.19 34.10 -1.19
C1' AGS J . -22.96 32.59 -0.54
N9 AGS J . -23.38 32.54 0.86
C8 AGS J . -24.23 31.63 1.42
N7 AGS J . -24.43 31.80 2.70
C5 AGS J . -23.65 32.91 3.01
C6 AGS J . -23.42 33.60 4.21
N6 AGS J . -23.99 33.26 5.38
N1 AGS J . -22.58 34.66 4.18
C2 AGS J . -22.02 34.99 3.01
N3 AGS J . -22.16 34.42 1.82
C4 AGS J . -22.99 33.38 1.89
PG AGS K . 13.61 21.44 -8.73
S1G AGS K . 12.94 20.92 -10.47
O2G AGS K . 15.14 21.69 -8.80
O3G AGS K . 13.31 20.32 -7.70
PB AGS K . 13.83 24.01 -8.05
O1B AGS K . 15.22 23.59 -7.76
O2B AGS K . 13.18 24.84 -6.93
O3B AGS K . 12.91 22.75 -8.28
PA AGS K . 14.76 26.20 -9.14
O1A AGS K . 16.16 25.79 -9.34
O2A AGS K . 14.45 26.78 -7.77
O3A AGS K . 13.81 24.96 -9.29
O5' AGS K . 14.34 27.18 -10.29
C5' AGS K . 13.15 27.94 -10.19
C4' AGS K . 13.16 28.97 -11.29
O4' AGS K . 12.55 30.18 -10.80
C3' AGS K . 14.54 29.39 -11.74
O3' AGS K . 14.48 29.95 -13.05
C2' AGS K . 14.90 30.45 -10.71
O2' AGS K . 15.83 31.39 -11.24
C1' AGS K . 13.55 31.12 -10.46
N9 AGS K . 13.34 31.52 -9.07
C8 AGS K . 12.64 30.83 -8.12
N7 AGS K . 12.61 31.42 -6.94
C5 AGS K . 13.34 32.59 -7.14
C6 AGS K . 13.67 33.65 -6.30
N6 AGS K . 13.30 33.72 -5.01
N1 AGS K . 14.41 34.66 -6.81
C2 AGS K . 14.78 34.59 -8.10
N3 AGS K . 14.53 33.64 -8.99
C4 AGS K . 13.80 32.66 -8.45
PG AGS L . -35.11 13.37 -26.92
S1G AGS L . -35.80 11.80 -27.86
O2G AGS L . -33.57 13.21 -26.72
O3G AGS L . -35.81 13.50 -25.54
PB AGS L . -34.14 15.28 -28.49
O1B AGS L . -32.91 15.02 -27.72
O2B AGS L . -34.47 16.77 -28.69
O3B AGS L . -35.38 14.64 -27.76
PA AGS L . -33.04 15.50 -30.89
O1A AGS L . -31.75 14.82 -31.07
O2A AGS L . -32.95 16.90 -30.29
O3A AGS L . -34.00 14.71 -29.94
O5' AGS L . -33.76 15.54 -32.28
C5' AGS L . -33.28 16.46 -33.25
C4' AGS L . -33.45 15.85 -34.62
O4' AGS L . -34.71 16.30 -35.18
C3' AGS L . -32.43 16.31 -35.63
O3' AGS L . -32.37 15.41 -36.74
C2' AGS L . -32.97 17.68 -36.05
O2' AGS L . -32.69 17.98 -37.41
C1' AGS L . -34.48 17.53 -35.85
N9 AGS L . -35.11 18.58 -35.07
C8 AGS L . -36.09 18.41 -34.12
N7 AGS L . -36.48 19.53 -33.55
C5 AGS L . -35.72 20.50 -34.18
C6 AGS L . -35.66 21.89 -34.03
N6 AGS L . -36.42 22.57 -33.17
N1 AGS L . -34.79 22.58 -34.81
C2 AGS L . -34.03 21.89 -35.67
N3 AGS L . -33.99 20.57 -35.90
C4 AGS L . -34.86 19.93 -35.11
PG AGS M . -42.68 -16.43 -31.92
S1G AGS M . -43.20 -18.03 -30.93
O2G AGS M . -41.15 -16.21 -31.77
O3G AGS M . -43.44 -15.20 -31.36
PB AGS M . -41.84 -16.79 -34.46
O1B AGS M . -40.57 -16.28 -33.90
O2B AGS M . -42.29 -16.06 -35.72
O3B AGS M . -43.02 -16.62 -33.42
PA AGS M . -40.91 -18.54 -36.23
O1A AGS M . -39.60 -19.16 -35.97
O2A AGS M . -40.84 -17.17 -36.92
O3A AGS M . -41.69 -18.28 -34.89
O5' AGS M . -41.79 -19.56 -37.03
C5' AGS M . -41.81 -20.93 -36.65
C4' AGS M . -41.62 -21.78 -37.89
O4' AGS M . -42.79 -21.71 -38.70
C3' AGS M . -40.48 -21.33 -38.80
O3' AGS M . -39.25 -21.90 -38.37
C2' AGS M . -40.93 -21.90 -40.15
O2' AGS M . -40.61 -23.29 -40.25
C1' AGS M . -42.44 -21.76 -40.08
N9 AGS M . -42.96 -20.55 -40.71
C8 AGS M . -43.77 -19.60 -40.15
N7 AGS M . -44.09 -18.63 -40.96
C5 AGS M . -43.44 -18.94 -42.13
C6 AGS M . -43.39 -18.31 -43.39
N6 AGS M . -44.00 -17.16 -43.66
N1 AGS M . -42.65 -18.90 -44.36
C2 AGS M . -42.02 -20.04 -44.08
N3 AGS M . -42.01 -20.74 -42.95
C4 AGS M . -42.74 -20.14 -42.00
PG AGS N . 3.99 7.97 -33.75
S1G AGS N . 4.00 6.22 -34.61
O2G AGS N . 5.45 8.50 -33.62
O3G AGS N . 3.36 7.85 -32.33
PB AGS N . 3.95 9.88 -35.60
O1B AGS N . 5.38 9.95 -35.22
O2B AGS N . 3.25 11.23 -35.64
O3B AGS N . 3.16 8.98 -34.58
PA AGS N . 4.44 10.23 -38.17
O1A AGS N . 5.89 10.00 -38.29
O2A AGS N . 4.02 11.65 -37.81
O3A AGS N . 3.82 9.32 -37.06
O5' AGS N . 3.77 9.77 -39.51
C5' AGS N . 2.49 10.31 -39.89
C4' AGS N . 2.33 10.07 -41.37
O4' AGS N . 1.58 11.15 -41.95
C3' AGS N . 3.64 10.03 -42.14
O3' AGS N . 3.48 9.27 -43.33
C2' AGS N . 3.87 11.51 -42.46
O2' AGS N . 4.65 11.68 -43.63
C1' AGS N . 2.44 11.99 -42.71
N9 AGS N . 2.19 13.36 -42.32
C8 AGS N . 1.66 13.81 -41.15
N7 AGS N . 1.54 15.11 -41.07
C5 AGS N . 2.03 15.56 -42.28
C6 AGS N . 2.17 16.84 -42.83
N6 AGS N . 1.83 17.96 -42.19
N1 AGS N . 2.70 16.94 -44.08
C2 AGS N . 3.05 15.82 -44.72
N3 AGS N . 2.95 14.55 -44.31
C4 AGS N . 2.44 14.48 -43.07
PG AGS O . -2.31 -21.36 -33.86
S1G AGS O . -2.87 -22.62 -32.49
O2G AGS O . -0.78 -21.47 -34.12
O3G AGS O . -2.64 -19.91 -33.39
PB AGS O . -2.19 -21.95 -36.45
O1B AGS O . -0.88 -21.25 -36.37
O2B AGS O . -3.03 -21.55 -37.67
O3B AGS O . -3.05 -21.63 -35.18
PA AGS O . -1.54 -24.01 -38.00
O1A AGS O . -0.07 -24.10 -38.12
O2A AGS O . -2.20 -23.05 -39.00
O3A AGS O . -1.97 -23.49 -36.59
O5' AGS O . -2.15 -25.44 -38.13
C5' AGS O . -3.36 -25.65 -38.88
C4' AGS O . -3.36 -27.07 -39.36
O4' AGS O . -4.26 -27.19 -40.47
C3' AGS O . -2.01 -27.57 -39.87
O3' AGS O . -1.91 -28.97 -39.75
C2' AGS O . -2.05 -27.13 -41.33
O2' AGS O . -1.24 -27.96 -42.15
C1' AGS O . -3.54 -27.33 -41.68
N9 AGS O . -4.05 -26.36 -42.62
C8 AGS O . -4.86 -25.29 -42.35
N7 AGS O . -5.19 -24.58 -43.40
C5 AGS O . -4.53 -25.22 -44.44
C6 AGS O . -4.46 -24.96 -45.82
N6 AGS O . -5.09 -23.94 -46.42
N1 AGS O . -3.72 -25.80 -46.59
C2 AGS O . -3.10 -26.82 -45.99
N3 AGS O . -3.09 -27.16 -44.71
C4 AGS O . -3.83 -26.32 -43.98
PG AGS P . -45.77 -37.00 -8.45
S1G AGS P . -45.95 -37.18 -6.51
O2G AGS P . -44.37 -36.44 -8.79
O3G AGS P . -46.86 -36.03 -8.97
PB AGS P . -44.65 -39.14 -9.65
O1B AGS P . -43.48 -38.23 -9.69
O2B AGS P . -45.00 -39.68 -11.04
O3B AGS P . -45.94 -38.40 -9.13
PA AGS P . -43.25 -41.42 -9.32
O1A AGS P . -41.95 -41.25 -8.63
O2A AGS P . -43.18 -41.19 -10.83
O3A AGS P . -44.33 -40.41 -8.78
O5' AGS P . -43.80 -42.86 -8.97
C5' AGS P . -44.34 -43.15 -7.67
C4' AGS P . -44.25 -44.63 -7.43
O4' AGS P . -45.22 -45.32 -8.25
C3' AGS P . -42.89 -45.24 -7.74
O3' AGS P . -42.47 -46.12 -6.70
C2' AGS P . -43.13 -46.01 -9.05
O2' AGS P . -42.31 -47.17 -9.12
C1' AGS P . -44.60 -46.40 -8.91
N9 AGS P . -45.29 -46.63 -10.17
C8 AGS P . -46.49 -46.08 -10.57
N7 AGS P . -46.89 -46.48 -11.75
C5 AGS P . -45.89 -47.35 -12.17
C6 AGS P . -45.72 -48.10 -13.34
N6 AGS P . -46.58 -48.11 -14.36
N1 AGS P . -44.61 -48.87 -13.43
C2 AGS P . -43.74 -48.87 -12.41
N3 AGS P . -43.80 -48.21 -11.27
C4 AGS P . -44.90 -47.45 -11.20
PG AGS Q . 5.56 -39.98 -8.35
S1G AGS Q . 5.50 -38.08 -7.92
O2G AGS Q . 6.14 -40.77 -7.14
O3G AGS Q . 6.48 -40.22 -9.59
PB AGS Q . 3.99 -42.05 -9.03
O1B AGS Q . 4.20 -42.24 -10.48
O2B AGS Q . 2.61 -42.51 -8.54
O3B AGS Q . 4.13 -40.53 -8.65
PA AGS Q . 6.34 -43.42 -8.91
O1A AGS Q . 7.43 -42.42 -8.89
O2A AGS Q . 5.92 -43.84 -10.33
O3A AGS Q . 5.04 -42.89 -8.21
O5' AGS Q . 6.78 -44.67 -8.05
C5' AGS Q . 5.87 -45.28 -7.12
C4' AGS Q . 6.44 -46.59 -6.66
O4' AGS Q . 5.46 -47.63 -6.81
C3' AGS Q . 7.68 -47.07 -7.42
O3' AGS Q . 8.57 -47.75 -6.55
C2' AGS Q . 7.09 -48.01 -8.47
O2' AGS Q . 8.02 -49.01 -8.87
C1' AGS Q . 5.94 -48.63 -7.68
N9 AGS Q . 4.84 -49.11 -8.51
C8 AGS Q . 3.61 -48.53 -8.65
N7 AGS Q . 2.81 -49.17 -9.47
C5 AGS Q . 3.56 -50.24 -9.90
C6 AGS Q . 3.29 -51.31 -10.77
N6 AGS Q . 2.12 -51.46 -11.41
N1 AGS Q . 4.26 -52.21 -10.98
C2 AGS Q . 5.43 -52.06 -10.34
N3 AGS Q . 5.80 -51.10 -9.50
C4 AGS Q . 4.82 -50.22 -9.31
PB ADP R . -27.57 -27.66 27.96
O1B ADP R . -27.69 -28.37 26.63
O2B ADP R . -27.21 -26.19 27.90
O3B ADP R . -28.68 -28.00 28.91
PA ADP R . -25.93 -29.87 28.33
O1A ADP R . -27.20 -30.65 28.50
O2A ADP R . -25.16 -29.93 27.04
O3A ADP R . -26.27 -28.33 28.62
O5' ADP R . -24.91 -30.20 29.54
C5' ADP R . -24.87 -29.35 30.67
C4' ADP R . -23.59 -29.61 31.46
O4' ADP R . -23.84 -30.54 32.52
C3' ADP R . -22.50 -30.18 30.57
O3' ADP R . -21.46 -29.22 30.38
C2' ADP R . -21.96 -31.38 31.32
O2' ADP R . -20.64 -31.09 31.79
C1' ADP R . -22.88 -31.59 32.51
N9 ADP R . -23.64 -32.85 32.33
C8 ADP R . -24.98 -32.94 32.33
N7 ADP R . -25.39 -34.22 32.14
C5 ADP R . -24.28 -34.98 32.03
C6 ADP R . -24.00 -36.41 31.81
N6 ADP R . -25.02 -37.30 31.69
N1 ADP R . -22.71 -36.79 31.74
C2 ADP R . -21.70 -35.90 31.86
N3 ADP R . -21.89 -34.59 32.05
C4 ADP R . -23.14 -34.07 32.15
PG AGS S . -16.27 3.32 23.47
S1G AGS S . -16.70 5.05 22.67
O2G AGS S . -14.77 3.00 23.26
O3G AGS S . -17.12 2.20 22.77
PB AGS S . -15.40 3.28 26.01
O1B AGS S . -14.40 2.29 25.56
O2B AGS S . -15.98 2.97 27.39
O3B AGS S . -16.60 3.33 24.98
PA AGS S . -13.27 4.78 26.72
O1A AGS S . -13.00 3.61 27.57
O2A AGS S . -12.32 4.96 25.54
O3A AGS S . -14.73 4.70 26.12
O5' AGS S . -13.27 6.07 27.63
C5' AGS S . -14.50 6.70 28.00
C4' AGS S . -14.17 8.04 28.60
O4' AGS S . -14.82 8.15 29.89
C3' AGS S . -12.70 8.27 28.89
O3' AGS S . -12.41 9.67 28.92
C2' AGS S . -12.53 7.65 30.27
O2' AGS S . -11.50 8.29 31.01
C1' AGS S . -13.89 7.92 30.93
N9 AGS S . -14.38 6.82 31.73
C8 AGS S . -15.52 6.08 31.53
N7 AGS S . -15.72 5.14 32.42
C5 AGS S . -14.63 5.26 33.27
C6 AGS S . -14.26 4.56 34.43
N6 AGS S . -14.95 3.55 34.95
N1 AGS S . -13.11 4.94 35.05
C2 AGS S . -12.41 5.95 34.53
N3 AGS S . -12.67 6.69 33.45
C4 AGS S . -13.81 6.29 32.86
PB ADP T . 22.21 -28.51 17.79
O1B ADP T . 21.78 -29.94 18.04
O2B ADP T . 21.09 -27.51 17.82
O3B ADP T . 23.15 -28.37 16.63
PA ADP T . 24.61 -28.66 19.20
O1A ADP T . 24.59 -30.16 19.36
O2A ADP T . 25.41 -28.04 18.08
O3A ADP T . 23.08 -28.14 19.09
O5' ADP T . 25.15 -28.01 20.57
C5' ADP T . 25.03 -28.69 21.80
C4' ADP T . 26.43 -28.90 22.36
O4' ADP T . 26.35 -29.48 23.67
C3' ADP T . 27.23 -29.84 21.48
O3' ADP T . 28.44 -29.21 21.04
C2' ADP T . 27.57 -31.04 22.34
O2' ADP T . 28.99 -31.15 22.49
C1' ADP T . 26.93 -30.78 23.69
N9 ADP T . 25.80 -31.73 23.89
C8 ADP T . 24.84 -32.00 23.00
N7 ADP T . 23.95 -32.91 23.49
C5 ADP T . 24.36 -33.22 24.73
C6 ADP T . 23.88 -34.12 25.80
N6 ADP T . 22.76 -34.87 25.64
N1 ADP T . 24.59 -34.17 26.94
C2 ADP T . 25.70 -33.42 27.12
N3 ADP T . 26.19 -32.59 26.19
C4 ADP T . 25.58 -32.45 24.99
#